data_8FQL
#
_entry.id   8FQL
#
_entity_poly.entity_id   1
_entity_poly.type   'polypeptide(L)'
_entity_poly.pdbx_seq_one_letter_code
;MEEPKYTIDLRTNNGWWARLKSWFVGGRLVTPNQGSQTGPVSAHGYLGDSSINDERILQISTVWRCVSLISTLTACLPLD
VFETDQNDNRKKVDLSNPLARLLRYSPNQYMTAQEFREAMTMQLCFYGNAYALVDRNSAGDVISLLPLQSANMDVKLVGK
KVVYRYQRDSEYADFSQKEIFHLKGFGFTGLVGLSPIAFACKSAGVAVAMEDQQRDFFANGAKSPQILSTGEKVLTEQQR
SQVEENFKEIAGGPVKKRLWILEAGFSTSAIGVTPQDAEMMASRKFQVSELARFFGVPPHLVGDVEKSTSWGSGIEQQNL
GFLQYTLQPYISRWENSIQRWLIPSKDVGRLHAEHNLDGLLRGDSASRAAFMKAMGESGLRTINEMRRTDNMPPLPGGDV
AMRQAQYVPITDLGTNKEPRNNGA
;
_entity_poly.pdbx_strand_id   A,B,C,D,E,F,G,H,I,J,K,L
#
# COMPACT_ATOMS: atom_id res chain seq x y z
N ILE A 52 -23.62 -9.19 -40.16
CA ILE A 52 -23.95 -8.42 -38.94
C ILE A 52 -25.15 -7.49 -39.17
N ASN A 53 -25.90 -7.15 -38.13
CA ASN A 53 -27.05 -6.24 -38.21
C ASN A 53 -27.23 -5.41 -36.93
N ASP A 54 -28.00 -4.33 -37.06
CA ASP A 54 -28.16 -3.32 -36.02
C ASP A 54 -28.78 -3.87 -34.74
N GLU A 55 -29.73 -4.79 -34.85
CA GLU A 55 -30.36 -5.39 -33.68
C GLU A 55 -29.37 -6.28 -32.92
N ARG A 56 -28.61 -7.11 -33.63
CA ARG A 56 -27.59 -7.96 -33.01
C ARG A 56 -26.53 -7.13 -32.32
N ILE A 57 -26.23 -5.95 -32.85
CA ILE A 57 -25.34 -4.98 -32.21
C ILE A 57 -26.00 -4.39 -30.97
N LEU A 58 -27.23 -3.91 -31.08
CA LEU A 58 -27.92 -3.29 -29.96
C LEU A 58 -28.13 -4.26 -28.80
N GLN A 59 -28.16 -5.56 -29.04
CA GLN A 59 -28.17 -6.58 -27.99
C GLN A 59 -26.90 -6.62 -27.12
N ILE A 60 -25.83 -5.89 -27.44
CA ILE A 60 -24.67 -5.77 -26.57
C ILE A 60 -24.96 -4.85 -25.38
N SER A 61 -24.73 -5.31 -24.15
CA SER A 61 -25.14 -4.58 -22.95
C SER A 61 -24.58 -3.16 -22.90
N THR A 62 -23.33 -2.98 -23.33
CA THR A 62 -22.68 -1.68 -23.40
C THR A 62 -23.48 -0.72 -24.27
N VAL A 63 -23.81 -1.16 -25.47
CA VAL A 63 -24.43 -0.30 -26.47
C VAL A 63 -25.80 0.11 -25.99
N TRP A 64 -26.57 -0.87 -25.51
CA TRP A 64 -27.87 -0.63 -24.89
C TRP A 64 -27.76 0.43 -23.81
N ARG A 65 -26.79 0.28 -22.90
CA ARG A 65 -26.64 1.18 -21.77
C ARG A 65 -26.28 2.58 -22.21
N CYS A 66 -25.34 2.73 -23.14
CA CYS A 66 -24.90 4.05 -23.57
C CYS A 66 -26.06 4.86 -24.12
N VAL A 67 -26.79 4.25 -25.06
CA VAL A 67 -27.93 4.90 -25.69
C VAL A 67 -28.98 5.20 -24.65
N SER A 68 -29.28 4.23 -23.78
CA SER A 68 -30.24 4.44 -22.71
C SER A 68 -29.86 5.67 -21.92
N LEU A 69 -28.63 5.70 -21.41
CA LEU A 69 -28.18 6.75 -20.53
C LEU A 69 -28.38 8.12 -21.17
N ILE A 70 -27.75 8.35 -22.32
CA ILE A 70 -27.70 9.69 -22.88
C ILE A 70 -29.10 10.17 -23.22
N SER A 71 -29.83 9.37 -23.98
CA SER A 71 -31.15 9.76 -24.43
C SER A 71 -32.06 10.02 -23.24
N THR A 72 -31.96 9.20 -22.21
CA THR A 72 -32.80 9.35 -21.05
C THR A 72 -32.46 10.61 -20.30
N LEU A 73 -31.18 10.84 -20.01
CA LEU A 73 -30.77 11.97 -19.19
C LEU A 73 -31.19 13.27 -19.82
N THR A 74 -30.93 13.45 -21.11
CA THR A 74 -31.36 14.70 -21.73
C THR A 74 -32.87 14.80 -21.84
N ALA A 75 -33.59 13.69 -21.93
CA ALA A 75 -35.05 13.72 -21.88
C ALA A 75 -35.56 14.04 -20.47
N CYS A 76 -34.80 13.77 -19.42
CA CYS A 76 -35.19 14.07 -18.05
C CYS A 76 -35.05 15.54 -17.68
N LEU A 77 -34.19 16.29 -18.37
CA LEU A 77 -33.99 17.71 -18.07
C LEU A 77 -35.29 18.51 -18.27
N PRO A 78 -35.60 19.50 -17.41
CA PRO A 78 -36.59 20.52 -17.73
C PRO A 78 -36.14 21.34 -18.94
N LEU A 79 -37.08 21.70 -19.79
CA LEU A 79 -36.90 22.58 -20.95
C LEU A 79 -37.94 23.68 -20.93
N ASP A 80 -37.48 24.91 -21.07
CA ASP A 80 -38.26 26.12 -20.87
C ASP A 80 -38.05 27.08 -22.04
N VAL A 81 -38.91 28.08 -22.17
CA VAL A 81 -38.74 29.19 -23.11
C VAL A 81 -38.88 30.49 -22.37
N PHE A 82 -38.00 31.43 -22.69
CA PHE A 82 -38.07 32.79 -22.24
C PHE A 82 -38.42 33.72 -23.38
N GLU A 83 -39.39 34.58 -23.13
CA GLU A 83 -39.40 35.85 -23.81
C GLU A 83 -38.40 36.76 -23.09
N THR A 84 -37.83 37.69 -23.83
CA THR A 84 -36.70 38.48 -23.38
C THR A 84 -36.95 39.92 -23.74
N ASP A 85 -36.80 40.83 -22.77
CA ASP A 85 -36.94 42.26 -23.02
C ASP A 85 -35.67 42.85 -23.69
N GLN A 86 -35.80 44.03 -24.28
CA GLN A 86 -34.67 44.76 -24.89
C GLN A 86 -33.53 45.10 -23.90
N ASN A 87 -33.81 45.21 -22.60
CA ASN A 87 -32.83 45.34 -21.53
C ASN A 87 -32.31 43.98 -21.02
N ASP A 88 -32.58 42.90 -21.75
CA ASP A 88 -32.12 41.53 -21.52
C ASP A 88 -32.67 40.86 -20.23
N ASN A 89 -33.79 41.32 -19.70
CA ASN A 89 -34.52 40.61 -18.66
C ASN A 89 -35.26 39.41 -19.25
N ARG A 90 -35.12 38.24 -18.62
CA ARG A 90 -35.91 37.05 -18.97
C ARG A 90 -37.33 37.13 -18.43
N LYS A 91 -38.24 36.44 -19.11
CA LYS A 91 -39.61 36.19 -18.68
C LYS A 91 -40.01 34.80 -19.19
N LYS A 92 -40.05 33.82 -18.31
CA LYS A 92 -40.41 32.45 -18.70
C LYS A 92 -41.86 32.43 -19.15
N VAL A 93 -42.14 31.83 -20.31
CA VAL A 93 -43.46 31.86 -20.94
C VAL A 93 -44.36 30.71 -20.49
N ASP A 94 -45.67 30.92 -20.59
CA ASP A 94 -46.72 30.02 -20.10
C ASP A 94 -47.21 29.01 -21.15
N LEU A 95 -47.87 27.93 -20.71
CA LEU A 95 -48.48 26.90 -21.57
C LEU A 95 -49.64 27.40 -22.46
N SER A 96 -50.06 28.65 -22.30
CA SER A 96 -50.93 29.33 -23.25
C SER A 96 -50.22 29.67 -24.56
N ASN A 97 -48.90 29.88 -24.55
CA ASN A 97 -48.13 30.10 -25.76
C ASN A 97 -48.05 28.80 -26.59
N PRO A 98 -48.37 28.82 -27.90
CA PRO A 98 -48.45 27.60 -28.69
C PRO A 98 -47.15 26.83 -28.76
N LEU A 99 -46.02 27.52 -28.99
CA LEU A 99 -44.72 26.88 -29.06
C LEU A 99 -44.36 26.24 -27.73
N ALA A 100 -44.54 26.95 -26.63
CA ALA A 100 -44.28 26.40 -25.31
C ALA A 100 -45.15 25.17 -25.04
N ARG A 101 -46.44 25.25 -25.37
CA ARG A 101 -47.36 24.13 -25.20
C ARG A 101 -46.90 22.92 -26.00
N LEU A 102 -46.49 23.15 -27.25
CA LEU A 102 -45.99 22.12 -28.14
C LEU A 102 -44.77 21.44 -27.54
N LEU A 103 -43.80 22.24 -27.08
CA LEU A 103 -42.55 21.74 -26.53
C LEU A 103 -42.72 21.05 -25.18
N ARG A 104 -43.62 21.55 -24.33
CA ARG A 104 -43.64 21.19 -22.91
C ARG A 104 -44.82 20.30 -22.53
N TYR A 105 -46.01 20.53 -23.09
CA TYR A 105 -47.17 19.69 -22.81
C TYR A 105 -47.34 18.56 -23.82
N SER A 106 -47.40 18.87 -25.11
CA SER A 106 -47.79 17.89 -26.13
C SER A 106 -47.21 18.17 -27.51
N PRO A 107 -46.32 17.29 -28.03
CA PRO A 107 -45.81 17.40 -29.38
C PRO A 107 -46.79 16.88 -30.45
N ASN A 108 -47.70 15.99 -30.08
CA ASN A 108 -48.70 15.38 -30.95
C ASN A 108 -49.75 14.63 -30.14
N GLN A 109 -50.86 14.25 -30.77
CA GLN A 109 -51.96 13.53 -30.14
C GLN A 109 -51.69 12.04 -29.84
N TYR A 110 -50.42 11.64 -29.70
CA TYR A 110 -50.00 10.29 -29.32
C TYR A 110 -48.96 10.26 -28.19
N MET A 111 -48.35 11.39 -27.83
CA MET A 111 -47.12 11.41 -27.03
C MET A 111 -47.05 12.51 -25.99
N THR A 112 -46.15 12.27 -25.06
CA THR A 112 -45.63 13.20 -24.05
C THR A 112 -44.42 13.94 -24.61
N ALA A 113 -44.13 15.14 -24.11
CA ALA A 113 -42.92 15.85 -24.48
C ALA A 113 -41.65 15.03 -24.21
N GLN A 114 -41.47 14.57 -22.96
CA GLN A 114 -40.34 13.73 -22.53
C GLN A 114 -40.12 12.57 -23.50
N GLU A 115 -41.20 11.84 -23.71
CA GLU A 115 -41.29 10.65 -24.54
C GLU A 115 -40.88 10.89 -25.99
N PHE A 116 -41.28 12.03 -26.54
CA PHE A 116 -40.82 12.45 -27.85
C PHE A 116 -39.34 12.80 -27.86
N ARG A 117 -38.86 13.61 -26.91
CA ARG A 117 -37.45 14.02 -26.88
C ARG A 117 -36.53 12.81 -26.79
N GLU A 118 -36.94 11.85 -25.97
CA GLU A 118 -36.25 10.57 -25.80
C GLU A 118 -36.11 9.87 -27.15
N ALA A 119 -37.23 9.63 -27.83
CA ALA A 119 -37.26 8.93 -29.09
C ALA A 119 -36.38 9.61 -30.15
N MET A 120 -36.48 10.94 -30.25
CA MET A 120 -35.66 11.71 -31.17
C MET A 120 -34.17 11.52 -30.87
N THR A 121 -33.81 11.63 -29.60
CA THR A 121 -32.41 11.54 -29.20
C THR A 121 -31.84 10.14 -29.44
N MET A 122 -32.62 9.08 -29.22
CA MET A 122 -32.19 7.73 -29.53
C MET A 122 -31.76 7.62 -30.99
N GLN A 123 -32.57 8.08 -31.93
CA GLN A 123 -32.18 8.07 -33.33
C GLN A 123 -30.93 8.93 -33.57
N LEU A 124 -30.89 10.12 -32.98
CA LEU A 124 -29.78 11.03 -33.19
C LEU A 124 -28.45 10.39 -32.77
N CYS A 125 -28.41 9.69 -31.64
CA CYS A 125 -27.23 8.91 -31.27
C CYS A 125 -27.00 7.74 -32.21
N PHE A 126 -28.00 6.89 -32.41
CA PHE A 126 -27.79 5.61 -33.08
C PHE A 126 -27.42 5.77 -34.57
N TYR A 127 -28.04 6.73 -35.25
CA TYR A 127 -27.87 6.96 -36.69
C TYR A 127 -27.15 8.27 -37.02
N GLY A 128 -26.70 9.03 -36.03
CA GLY A 128 -26.07 10.35 -36.24
C GLY A 128 -27.05 11.43 -36.74
N ASN A 129 -28.31 11.07 -36.93
CA ASN A 129 -29.33 11.89 -37.55
C ASN A 129 -30.69 11.51 -36.98
N ALA A 130 -31.60 12.46 -36.91
CA ALA A 130 -32.99 12.21 -36.56
C ALA A 130 -33.89 13.20 -37.29
N TYR A 131 -35.11 12.77 -37.60
CA TYR A 131 -36.04 13.53 -38.44
C TYR A 131 -37.43 13.49 -37.83
N ALA A 132 -38.12 14.62 -37.85
CA ALA A 132 -39.54 14.68 -37.59
C ALA A 132 -40.24 15.39 -38.74
N LEU A 133 -41.42 14.89 -39.10
CA LEU A 133 -42.36 15.65 -39.88
C LEU A 133 -42.93 16.77 -39.02
N VAL A 134 -42.83 17.99 -39.53
CA VAL A 134 -43.44 19.19 -38.96
C VAL A 134 -44.89 19.33 -39.44
N ASP A 135 -45.75 19.91 -38.62
CA ASP A 135 -47.03 20.43 -39.09
C ASP A 135 -47.37 21.78 -38.45
N ARG A 136 -48.11 22.61 -39.20
CA ARG A 136 -48.43 24.00 -38.88
C ARG A 136 -49.85 24.37 -39.32
N ASN A 137 -50.48 25.26 -38.57
CA ASN A 137 -51.87 25.69 -38.80
C ASN A 137 -52.01 26.65 -40.00
N SER A 138 -53.22 27.16 -40.24
CA SER A 138 -53.51 28.16 -41.27
C SER A 138 -52.77 29.49 -41.06
N ALA A 139 -52.44 29.86 -39.83
CA ALA A 139 -51.56 30.99 -39.53
C ALA A 139 -50.07 30.70 -39.86
N GLY A 140 -49.72 29.45 -40.17
CA GLY A 140 -48.37 28.99 -40.44
C GLY A 140 -47.56 28.67 -39.17
N ASP A 141 -48.18 28.74 -38.01
CA ASP A 141 -47.55 28.42 -36.72
C ASP A 141 -47.60 26.91 -36.45
N VAL A 142 -46.51 26.34 -35.93
CA VAL A 142 -46.42 24.89 -35.74
C VAL A 142 -47.40 24.38 -34.69
N ILE A 143 -47.92 23.17 -34.94
CA ILE A 143 -48.95 22.52 -34.14
C ILE A 143 -48.70 21.02 -33.93
N SER A 144 -47.77 20.40 -34.68
CA SER A 144 -47.42 19.01 -34.42
C SER A 144 -45.99 18.67 -34.83
N LEU A 145 -45.42 17.67 -34.17
CA LEU A 145 -44.18 17.01 -34.54
C LEU A 145 -44.36 15.51 -34.43
N LEU A 146 -43.87 14.78 -35.43
CA LEU A 146 -43.95 13.32 -35.47
C LEU A 146 -42.63 12.73 -35.97
N PRO A 147 -41.98 11.81 -35.22
CA PRO A 147 -40.73 11.20 -35.64
C PRO A 147 -40.85 10.36 -36.92
N LEU A 148 -39.76 10.24 -37.66
CA LEU A 148 -39.62 9.47 -38.89
C LEU A 148 -38.39 8.55 -38.80
N GLN A 149 -38.38 7.41 -39.47
CA GLN A 149 -37.24 6.49 -39.39
C GLN A 149 -36.00 7.04 -40.12
N SER A 150 -34.91 7.29 -39.40
CA SER A 150 -33.63 7.67 -40.02
C SER A 150 -33.13 6.61 -41.00
N ALA A 151 -33.48 5.33 -40.80
CA ALA A 151 -33.17 4.25 -41.73
C ALA A 151 -33.95 4.33 -43.07
N ASN A 152 -35.08 5.02 -43.12
CA ASN A 152 -35.90 5.18 -44.32
C ASN A 152 -35.66 6.53 -45.00
N MET A 153 -35.22 7.52 -44.23
CA MET A 153 -34.89 8.84 -44.74
C MET A 153 -33.60 8.83 -45.56
N ASP A 154 -33.55 9.70 -46.55
CA ASP A 154 -32.36 10.15 -47.26
C ASP A 154 -32.48 11.66 -47.51
N VAL A 155 -31.35 12.38 -47.50
CA VAL A 155 -31.33 13.79 -47.88
C VAL A 155 -30.38 13.98 -49.04
N LYS A 156 -30.83 14.64 -50.11
CA LYS A 156 -30.01 14.92 -51.30
C LYS A 156 -30.16 16.36 -51.76
N LEU A 157 -29.06 16.95 -52.20
CA LEU A 157 -29.08 18.20 -52.96
C LEU A 157 -29.68 17.95 -54.34
N VAL A 158 -30.53 18.87 -54.80
CA VAL A 158 -31.33 18.75 -56.03
C VAL A 158 -31.38 20.13 -56.67
N GLY A 159 -30.51 20.35 -57.67
CA GLY A 159 -30.06 21.71 -57.98
C GLY A 159 -29.44 22.36 -56.74
N LYS A 160 -29.63 23.66 -56.55
CA LYS A 160 -29.24 24.36 -55.31
C LYS A 160 -30.16 24.05 -54.11
N LYS A 161 -31.35 23.47 -54.37
CA LYS A 161 -32.32 23.05 -53.34
C LYS A 161 -31.89 21.73 -52.68
N VAL A 162 -32.65 21.30 -51.68
CA VAL A 162 -32.50 19.99 -51.04
C VAL A 162 -33.83 19.25 -50.96
N VAL A 163 -33.78 17.93 -51.05
CA VAL A 163 -34.93 17.05 -50.88
C VAL A 163 -34.65 16.00 -49.83
N TYR A 164 -35.56 15.91 -48.88
CA TYR A 164 -35.68 14.81 -47.96
C TYR A 164 -36.52 13.74 -48.63
N ARG A 165 -35.85 12.75 -49.22
CA ARG A 165 -36.48 11.54 -49.73
C ARG A 165 -36.78 10.63 -48.56
N TYR A 166 -38.04 10.33 -48.30
CA TYR A 166 -38.42 9.33 -47.32
C TYR A 166 -39.03 8.10 -47.99
N GLN A 167 -38.39 6.94 -47.81
CA GLN A 167 -38.97 5.67 -48.19
C GLN A 167 -40.08 5.28 -47.21
N ARG A 168 -41.32 5.66 -47.49
CA ARG A 168 -42.47 5.13 -46.74
C ARG A 168 -42.86 3.78 -47.33
N ASP A 169 -42.52 2.71 -46.64
CA ASP A 169 -42.91 1.35 -46.97
C ASP A 169 -42.45 0.91 -48.37
N SER A 170 -43.26 1.11 -49.40
CA SER A 170 -42.98 0.79 -50.80
C SER A 170 -43.17 2.02 -51.69
N GLU A 171 -43.08 3.21 -51.10
CA GLU A 171 -43.25 4.52 -51.71
C GLU A 171 -42.13 5.45 -51.26
N TYR A 172 -41.95 6.53 -52.02
CA TYR A 172 -40.71 7.31 -52.00
C TYR A 172 -41.07 8.79 -51.97
N ALA A 173 -41.62 9.20 -50.82
CA ALA A 173 -42.05 10.56 -50.59
C ALA A 173 -40.86 11.52 -50.60
N ASP A 174 -41.14 12.78 -50.89
CA ASP A 174 -40.15 13.85 -50.97
C ASP A 174 -40.62 15.07 -50.19
N PHE A 175 -39.72 15.71 -49.46
CA PHE A 175 -40.05 16.83 -48.61
C PHE A 175 -38.98 17.91 -48.61
N SER A 176 -39.41 19.11 -48.25
CA SER A 176 -38.64 20.33 -48.18
C SER A 176 -37.98 20.53 -46.83
N GLN A 177 -36.97 21.39 -46.80
CA GLN A 177 -36.44 21.97 -45.57
C GLN A 177 -37.51 22.71 -44.75
N LYS A 178 -38.61 23.13 -45.38
CA LYS A 178 -39.73 23.81 -44.74
C LYS A 178 -40.56 22.91 -43.82
N GLU A 179 -40.50 21.59 -43.98
CA GLU A 179 -41.41 20.67 -43.29
C GLU A 179 -40.75 19.47 -42.59
N ILE A 180 -39.42 19.32 -42.70
CA ILE A 180 -38.66 18.30 -41.99
C ILE A 180 -37.72 18.97 -41.00
N PHE A 181 -37.75 18.57 -39.72
CA PHE A 181 -36.99 19.27 -38.68
C PHE A 181 -35.48 18.96 -38.70
N HIS A 182 -35.11 17.70 -38.93
CA HIS A 182 -33.73 17.21 -39.11
C HIS A 182 -32.66 17.70 -38.10
N LEU A 183 -32.44 16.96 -37.02
CA LEU A 183 -31.47 17.35 -35.97
C LEU A 183 -29.99 17.25 -36.37
N LYS A 184 -29.64 16.57 -37.47
CA LYS A 184 -28.36 16.70 -38.19
C LYS A 184 -27.10 16.73 -37.30
N GLY A 185 -26.65 15.58 -36.84
CA GLY A 185 -25.49 15.45 -35.94
C GLY A 185 -24.11 15.64 -36.61
N PHE A 186 -23.07 15.21 -35.90
CA PHE A 186 -21.64 15.31 -36.24
C PHE A 186 -21.28 14.74 -37.63
N GLY A 187 -20.70 15.54 -38.53
CA GLY A 187 -20.25 15.06 -39.84
C GLY A 187 -19.55 16.10 -40.73
N PHE A 188 -18.70 15.66 -41.66
CA PHE A 188 -17.83 16.54 -42.46
C PHE A 188 -18.56 17.51 -43.39
N THR A 189 -19.72 17.14 -43.92
CA THR A 189 -20.44 17.96 -44.91
C THR A 189 -21.16 19.16 -44.31
N GLY A 190 -21.50 19.10 -43.02
CA GLY A 190 -22.47 20.02 -42.41
C GLY A 190 -23.92 19.82 -42.89
N LEU A 191 -24.16 18.82 -43.73
CA LEU A 191 -25.47 18.49 -44.30
C LEU A 191 -26.10 17.25 -43.65
N VAL A 192 -25.30 16.28 -43.23
CA VAL A 192 -25.76 15.07 -42.54
C VAL A 192 -24.70 14.59 -41.55
N GLY A 193 -25.13 13.88 -40.50
CA GLY A 193 -24.22 13.29 -39.53
C GLY A 193 -23.69 11.92 -39.97
N LEU A 194 -22.50 11.54 -39.53
CA LEU A 194 -21.91 10.22 -39.70
C LEU A 194 -22.61 9.22 -38.79
N SER A 195 -23.21 8.17 -39.36
CA SER A 195 -24.01 7.22 -38.60
C SER A 195 -23.12 6.31 -37.75
N PRO A 196 -23.07 6.44 -36.40
CA PRO A 196 -21.98 5.85 -35.62
C PRO A 196 -21.96 4.33 -35.69
N ILE A 197 -23.14 3.72 -35.75
CA ILE A 197 -23.33 2.29 -35.94
C ILE A 197 -22.55 1.77 -37.14
N ALA A 198 -22.44 2.55 -38.22
CA ALA A 198 -21.72 2.13 -39.41
C ALA A 198 -20.22 1.99 -39.16
N PHE A 199 -19.65 2.83 -38.30
CA PHE A 199 -18.22 2.80 -38.00
C PHE A 199 -17.90 1.78 -36.92
N ALA A 200 -18.75 1.70 -35.90
CA ALA A 200 -18.59 0.78 -34.78
C ALA A 200 -18.66 -0.70 -35.17
N CYS A 201 -19.16 -1.04 -36.37
CA CYS A 201 -19.44 -2.41 -36.76
C CYS A 201 -18.27 -3.40 -36.58
N LYS A 202 -17.01 -2.96 -36.76
CA LYS A 202 -15.87 -3.87 -36.63
C LYS A 202 -15.60 -4.28 -35.20
N SER A 203 -15.43 -3.32 -34.30
CA SER A 203 -15.24 -3.64 -32.89
C SER A 203 -16.46 -4.39 -32.33
N ALA A 204 -17.66 -4.01 -32.73
CA ALA A 204 -18.85 -4.78 -32.40
C ALA A 204 -18.75 -6.22 -32.92
N GLY A 205 -18.26 -6.40 -34.14
CA GLY A 205 -17.98 -7.71 -34.71
C GLY A 205 -17.06 -8.54 -33.83
N VAL A 206 -15.99 -7.93 -33.33
CA VAL A 206 -15.07 -8.60 -32.40
C VAL A 206 -15.82 -9.02 -31.14
N ALA A 207 -16.60 -8.11 -30.58
CA ALA A 207 -17.32 -8.39 -29.36
C ALA A 207 -18.28 -9.55 -29.53
N VAL A 208 -19.11 -9.54 -30.58
CA VAL A 208 -20.05 -10.63 -30.79
C VAL A 208 -19.33 -11.93 -31.11
N ALA A 209 -18.18 -11.90 -31.79
CA ALA A 209 -17.42 -13.12 -32.02
C ALA A 209 -17.02 -13.76 -30.70
N MET A 210 -16.52 -12.95 -29.76
CA MET A 210 -16.18 -13.44 -28.43
C MET A 210 -17.40 -13.92 -27.67
N GLU A 211 -18.46 -13.13 -27.66
CA GLU A 211 -19.67 -13.45 -26.93
C GLU A 211 -20.27 -14.78 -27.40
N ASP A 212 -20.38 -14.96 -28.71
CA ASP A 212 -20.83 -16.21 -29.30
C ASP A 212 -19.91 -17.37 -28.91
N GLN A 213 -18.60 -17.19 -29.01
CA GLN A 213 -17.67 -18.23 -28.64
C GLN A 213 -17.80 -18.61 -27.17
N GLN A 214 -17.94 -17.61 -26.30
CA GLN A 214 -18.08 -17.80 -24.87
C GLN A 214 -19.32 -18.60 -24.55
N ARG A 215 -20.48 -18.24 -25.15
CA ARG A 215 -21.71 -19.02 -25.03
C ARG A 215 -21.43 -20.45 -25.44
N ASP A 216 -20.94 -20.61 -26.65
CA ASP A 216 -20.91 -21.92 -27.27
C ASP A 216 -19.97 -22.85 -26.53
N PHE A 217 -18.92 -22.34 -25.93
CA PHE A 217 -18.02 -23.17 -25.14
C PHE A 217 -18.74 -23.83 -23.96
N PHE A 218 -19.48 -23.06 -23.16
CA PHE A 218 -20.25 -23.66 -22.08
C PHE A 218 -21.45 -24.45 -22.58
N ALA A 219 -22.05 -24.03 -23.69
CA ALA A 219 -23.14 -24.80 -24.30
C ALA A 219 -22.68 -26.20 -24.71
N ASN A 220 -21.46 -26.34 -25.22
CA ASN A 220 -20.85 -27.63 -25.54
C ASN A 220 -20.18 -28.27 -24.31
N GLY A 221 -20.82 -28.17 -23.15
CA GLY A 221 -20.39 -28.82 -21.92
C GLY A 221 -18.96 -28.50 -21.47
N ALA A 222 -18.37 -27.39 -21.93
CA ALA A 222 -16.97 -27.05 -21.71
C ALA A 222 -15.99 -28.18 -22.09
N LYS A 223 -16.29 -28.94 -23.15
CA LYS A 223 -15.41 -29.94 -23.75
C LYS A 223 -14.80 -29.38 -25.04
N SER A 224 -13.49 -29.48 -25.20
CA SER A 224 -12.78 -28.88 -26.33
C SER A 224 -12.97 -29.65 -27.64
N PRO A 225 -12.83 -28.99 -28.81
CA PRO A 225 -12.85 -29.65 -30.11
C PRO A 225 -11.72 -30.66 -30.27
N GLN A 226 -11.92 -31.65 -31.14
CA GLN A 226 -11.01 -32.80 -31.27
C GLN A 226 -10.80 -33.21 -32.73
N ILE A 227 -9.63 -33.78 -33.04
CA ILE A 227 -9.45 -34.55 -34.26
C ILE A 227 -10.03 -35.96 -34.08
N LEU A 228 -10.92 -36.36 -34.98
CA LEU A 228 -11.40 -37.72 -35.12
C LEU A 228 -10.37 -38.52 -35.93
N SER A 229 -9.24 -38.80 -35.29
CA SER A 229 -8.19 -39.62 -35.86
C SER A 229 -8.23 -41.04 -35.30
N THR A 230 -8.25 -42.02 -36.21
CA THR A 230 -8.80 -43.36 -36.06
C THR A 230 -7.85 -44.47 -36.52
N GLY A 231 -6.54 -44.20 -36.52
CA GLY A 231 -5.54 -45.21 -36.92
C GLY A 231 -5.44 -45.47 -38.43
N GLU A 232 -4.93 -46.66 -38.77
CA GLU A 232 -4.33 -46.98 -40.07
C GLU A 232 -5.13 -47.99 -40.90
N LYS A 233 -6.44 -48.11 -40.67
CA LYS A 233 -7.33 -49.05 -41.35
C LYS A 233 -8.53 -48.36 -42.02
N VAL A 234 -8.99 -48.90 -43.14
CA VAL A 234 -10.27 -48.56 -43.75
C VAL A 234 -11.45 -48.91 -42.83
N LEU A 235 -12.53 -48.13 -42.92
CA LEU A 235 -13.81 -48.39 -42.27
C LEU A 235 -14.93 -48.42 -43.32
N THR A 236 -15.97 -49.21 -43.12
CA THR A 236 -17.18 -49.20 -43.96
C THR A 236 -17.94 -47.88 -43.79
N GLU A 237 -18.78 -47.52 -44.75
CA GLU A 237 -19.61 -46.31 -44.63
C GLU A 237 -20.55 -46.38 -43.42
N GLN A 238 -20.96 -47.58 -43.02
CA GLN A 238 -21.72 -47.78 -41.80
C GLN A 238 -20.85 -47.55 -40.57
N GLN A 239 -19.64 -48.14 -40.49
CA GLN A 239 -18.71 -47.87 -39.39
C GLN A 239 -18.42 -46.36 -39.26
N ARG A 240 -18.23 -45.68 -40.39
CA ARG A 240 -18.10 -44.23 -40.47
C ARG A 240 -19.35 -43.54 -39.90
N SER A 241 -20.54 -43.97 -40.27
CA SER A 241 -21.78 -43.48 -39.67
C SER A 241 -21.84 -43.75 -38.17
N GLN A 242 -21.32 -44.88 -37.70
CA GLN A 242 -21.32 -45.22 -36.27
C GLN A 242 -20.28 -44.43 -35.49
N VAL A 243 -19.45 -43.61 -36.13
CA VAL A 243 -18.75 -42.56 -35.39
C VAL A 243 -19.78 -41.63 -34.72
N GLU A 244 -20.93 -41.41 -35.35
CA GLU A 244 -22.01 -40.63 -34.76
C GLU A 244 -22.68 -41.37 -33.60
N GLU A 245 -22.42 -42.67 -33.45
CA GLU A 245 -23.00 -43.49 -32.40
C GLU A 245 -22.02 -43.61 -31.23
N ASN A 246 -20.78 -43.99 -31.51
CA ASN A 246 -19.73 -44.07 -30.51
C ASN A 246 -19.35 -42.70 -29.95
N PHE A 247 -19.46 -41.65 -30.76
CA PHE A 247 -18.88 -40.34 -30.47
C PHE A 247 -19.90 -39.21 -30.72
N LYS A 248 -19.43 -38.05 -31.18
CA LYS A 248 -20.13 -36.74 -31.28
C LYS A 248 -20.77 -36.19 -30.00
N GLU A 249 -20.73 -36.91 -28.88
CA GLU A 249 -21.29 -36.47 -27.58
C GLU A 249 -20.36 -35.52 -26.80
N ILE A 250 -19.63 -34.67 -27.52
CA ILE A 250 -18.91 -33.53 -26.97
C ILE A 250 -19.81 -32.28 -26.82
N ALA A 251 -20.95 -32.20 -27.53
CA ALA A 251 -21.94 -31.15 -27.31
C ALA A 251 -22.75 -31.32 -26.01
N GLY A 252 -23.32 -32.51 -25.81
CA GLY A 252 -24.24 -32.78 -24.69
C GLY A 252 -23.55 -32.92 -23.33
N GLY A 253 -24.36 -33.01 -22.28
CA GLY A 253 -23.92 -33.13 -20.89
C GLY A 253 -23.57 -34.55 -20.40
N PRO A 254 -24.49 -35.53 -20.43
CA PRO A 254 -24.49 -36.65 -19.48
C PRO A 254 -23.61 -37.86 -19.85
N VAL A 255 -22.98 -37.87 -21.02
CA VAL A 255 -22.43 -39.10 -21.63
C VAL A 255 -21.06 -39.52 -21.07
N LYS A 256 -20.73 -39.14 -19.84
CA LYS A 256 -19.38 -39.18 -19.23
C LYS A 256 -18.69 -40.55 -19.36
N LYS A 257 -19.49 -41.60 -19.23
CA LYS A 257 -19.11 -43.01 -19.27
C LYS A 257 -18.58 -43.52 -20.62
N ARG A 258 -19.18 -43.09 -21.73
CA ARG A 258 -19.23 -43.90 -22.97
C ARG A 258 -18.76 -43.25 -24.27
N LEU A 259 -17.97 -42.18 -24.20
CA LEU A 259 -17.07 -41.88 -25.30
C LEU A 259 -16.02 -43.01 -25.31
N TRP A 260 -16.11 -43.98 -26.23
CA TRP A 260 -15.28 -45.20 -26.20
C TRP A 260 -14.81 -45.72 -27.57
N ILE A 261 -13.62 -46.30 -27.60
CA ILE A 261 -12.85 -46.56 -28.83
C ILE A 261 -12.83 -48.04 -29.21
N LEU A 262 -13.07 -48.29 -30.49
CA LEU A 262 -13.04 -49.59 -31.16
C LEU A 262 -11.66 -50.25 -31.08
N GLU A 263 -11.60 -51.56 -31.39
CA GLU A 263 -10.36 -52.37 -31.34
C GLU A 263 -9.22 -51.87 -32.25
N ALA A 264 -9.52 -50.98 -33.20
CA ALA A 264 -8.53 -50.25 -33.99
C ALA A 264 -7.66 -49.28 -33.15
N GLY A 265 -8.01 -49.00 -31.90
CA GLY A 265 -7.21 -48.25 -30.93
C GLY A 265 -7.18 -46.73 -31.13
N PHE A 266 -7.31 -46.26 -32.39
CA PHE A 266 -7.46 -44.86 -32.79
C PHE A 266 -6.33 -43.93 -32.26
N SER A 267 -6.48 -42.63 -32.46
CA SER A 267 -5.39 -41.66 -32.22
C SER A 267 -5.89 -40.26 -31.83
N THR A 268 -7.18 -40.09 -31.56
CA THR A 268 -7.86 -38.79 -31.40
C THR A 268 -7.23 -37.86 -30.36
N SER A 269 -7.27 -36.54 -30.55
CA SER A 269 -6.70 -35.55 -29.64
C SER A 269 -7.36 -34.15 -29.75
N ALA A 270 -7.17 -33.29 -28.75
CA ALA A 270 -7.79 -31.96 -28.69
C ALA A 270 -7.11 -30.92 -29.58
N ILE A 271 -7.87 -29.92 -30.08
CA ILE A 271 -7.37 -28.88 -30.99
C ILE A 271 -7.77 -27.44 -30.65
N GLY A 272 -8.53 -27.20 -29.57
CA GLY A 272 -8.83 -25.84 -29.07
C GLY A 272 -7.76 -25.31 -28.12
N VAL A 273 -7.57 -24.00 -28.05
CA VAL A 273 -6.52 -23.39 -27.21
C VAL A 273 -6.80 -23.39 -25.70
N THR A 274 -8.06 -23.61 -25.30
CA THR A 274 -8.59 -23.38 -23.95
C THR A 274 -8.69 -21.90 -23.55
N PRO A 275 -9.84 -21.41 -23.08
CA PRO A 275 -10.02 -20.03 -22.61
C PRO A 275 -9.17 -19.65 -21.40
N GLN A 276 -8.35 -20.56 -20.89
CA GLN A 276 -7.22 -20.25 -20.03
C GLN A 276 -6.12 -19.43 -20.73
N ASP A 277 -6.21 -19.21 -22.05
CA ASP A 277 -5.35 -18.28 -22.77
C ASP A 277 -5.36 -16.87 -22.15
N ALA A 278 -4.31 -16.08 -22.41
CA ALA A 278 -4.14 -14.75 -21.80
C ALA A 278 -4.94 -13.63 -22.50
N GLU A 279 -5.84 -13.94 -23.43
CA GLU A 279 -6.82 -12.97 -23.92
C GLU A 279 -8.08 -13.04 -23.08
N MET A 280 -8.69 -14.23 -22.97
CA MET A 280 -10.13 -14.38 -22.77
C MET A 280 -10.82 -13.29 -21.94
N MET A 281 -10.68 -13.30 -20.62
CA MET A 281 -11.42 -12.37 -19.78
C MET A 281 -11.03 -10.92 -20.02
N ALA A 282 -9.73 -10.63 -20.04
CA ALA A 282 -9.25 -9.28 -20.29
C ALA A 282 -9.74 -8.76 -21.64
N SER A 283 -9.89 -9.63 -22.62
CA SER A 283 -10.42 -9.27 -23.92
C SER A 283 -11.83 -8.73 -23.82
N ARG A 284 -12.69 -9.43 -23.09
CA ARG A 284 -14.08 -9.02 -22.89
C ARG A 284 -14.11 -7.65 -22.24
N LYS A 285 -13.40 -7.49 -21.14
CA LYS A 285 -13.31 -6.22 -20.42
C LYS A 285 -12.85 -5.11 -21.34
N PHE A 286 -11.75 -5.32 -22.06
CA PHE A 286 -11.18 -4.31 -22.93
C PHE A 286 -12.18 -3.82 -23.98
N GLN A 287 -12.92 -4.73 -24.62
CA GLN A 287 -13.89 -4.41 -25.66
C GLN A 287 -15.01 -3.50 -25.16
N VAL A 288 -15.32 -3.49 -23.87
CA VAL A 288 -16.31 -2.53 -23.36
C VAL A 288 -15.86 -1.11 -23.65
N SER A 289 -14.59 -0.82 -23.44
CA SER A 289 -14.07 0.53 -23.70
C SER A 289 -14.18 0.90 -25.18
N GLU A 290 -13.92 -0.06 -26.06
CA GLU A 290 -13.98 0.17 -27.49
C GLU A 290 -15.35 0.63 -27.93
N LEU A 291 -16.39 -0.04 -27.45
CA LEU A 291 -17.75 0.34 -27.81
C LEU A 291 -18.14 1.65 -27.14
N ALA A 292 -17.78 1.83 -25.87
CA ALA A 292 -18.06 3.07 -25.17
C ALA A 292 -17.49 4.29 -25.89
N ARG A 293 -16.30 4.17 -26.50
CA ARG A 293 -15.67 5.29 -27.20
C ARG A 293 -16.46 5.80 -28.39
N PHE A 294 -17.34 5.00 -29.02
CA PHE A 294 -18.19 5.55 -30.06
C PHE A 294 -19.21 6.55 -29.54
N PHE A 295 -19.62 6.40 -28.27
CA PHE A 295 -20.60 7.26 -27.63
C PHE A 295 -19.97 8.29 -26.69
N GLY A 296 -18.72 8.09 -26.28
CA GLY A 296 -17.98 9.03 -25.45
C GLY A 296 -18.44 9.08 -24.00
N VAL A 297 -18.72 7.91 -23.41
CA VAL A 297 -19.18 7.80 -22.03
C VAL A 297 -18.04 7.30 -21.13
N PRO A 298 -17.74 7.98 -20.01
CA PRO A 298 -16.75 7.53 -19.03
C PRO A 298 -17.04 6.13 -18.48
N PRO A 299 -16.14 5.14 -18.60
CA PRO A 299 -16.47 3.73 -18.36
C PRO A 299 -16.93 3.39 -16.96
N HIS A 300 -16.56 4.18 -15.95
CA HIS A 300 -17.06 3.95 -14.61
C HIS A 300 -18.57 4.21 -14.51
N LEU A 301 -19.12 5.14 -15.30
CA LEU A 301 -20.57 5.30 -15.43
C LEU A 301 -21.20 4.11 -16.14
N VAL A 302 -20.45 3.43 -17.00
CA VAL A 302 -20.84 2.18 -17.68
C VAL A 302 -20.70 0.97 -16.75
N GLY A 303 -20.27 1.18 -15.50
CA GLY A 303 -20.24 0.16 -14.45
C GLY A 303 -18.98 -0.71 -14.44
N ASP A 304 -17.91 -0.29 -15.11
CA ASP A 304 -16.67 -1.07 -15.13
C ASP A 304 -15.74 -0.78 -13.95
N VAL A 305 -15.06 -1.83 -13.48
CA VAL A 305 -13.80 -1.81 -12.73
C VAL A 305 -13.75 -0.78 -11.59
N GLU A 306 -13.23 0.42 -11.82
CA GLU A 306 -12.95 1.40 -10.77
C GLU A 306 -13.30 2.83 -11.21
N LYS A 307 -13.73 3.62 -10.22
CA LYS A 307 -14.32 4.96 -10.39
C LYS A 307 -13.25 6.06 -10.31
N SER A 308 -13.58 7.27 -10.78
CA SER A 308 -12.57 8.30 -11.06
C SER A 308 -11.76 8.74 -9.84
N THR A 309 -10.46 8.41 -9.85
CA THR A 309 -9.54 8.69 -8.74
C THR A 309 -9.05 10.14 -8.65
N SER A 310 -8.97 10.85 -9.78
CA SER A 310 -8.04 11.99 -9.94
C SER A 310 -8.56 13.14 -10.81
N TRP A 311 -9.87 13.43 -10.74
CA TRP A 311 -10.47 14.65 -11.31
C TRP A 311 -11.49 15.35 -10.40
N GLY A 312 -11.45 15.03 -9.10
CA GLY A 312 -12.47 15.41 -8.11
C GLY A 312 -13.29 14.20 -7.69
N SER A 313 -13.42 13.98 -6.38
CA SER A 313 -14.15 12.85 -5.81
C SER A 313 -15.64 13.13 -5.64
N GLY A 314 -16.05 14.37 -5.40
CA GLY A 314 -17.44 14.72 -5.12
C GLY A 314 -18.37 14.52 -6.31
N ILE A 315 -19.60 14.09 -6.03
CA ILE A 315 -20.61 13.77 -7.04
C ILE A 315 -20.81 14.91 -8.04
N GLU A 316 -20.80 16.14 -7.56
CA GLU A 316 -20.94 17.33 -8.38
C GLU A 316 -19.85 17.41 -9.45
N GLN A 317 -18.61 17.05 -9.10
CA GLN A 317 -17.53 17.04 -10.08
C GLN A 317 -17.70 15.91 -11.08
N GLN A 318 -18.26 14.76 -10.68
CA GLN A 318 -18.61 13.73 -11.65
C GLN A 318 -19.61 14.29 -12.66
N ASN A 319 -20.61 15.01 -12.17
CA ASN A 319 -21.65 15.57 -13.02
C ASN A 319 -21.09 16.64 -13.95
N LEU A 320 -20.24 17.53 -13.47
CA LEU A 320 -19.58 18.51 -14.33
C LEU A 320 -18.75 17.82 -15.41
N GLY A 321 -17.97 16.81 -15.05
CA GLY A 321 -17.20 16.06 -16.02
C GLY A 321 -18.10 15.49 -17.11
N PHE A 322 -19.15 14.79 -16.70
CA PHE A 322 -20.07 14.20 -17.64
C PHE A 322 -20.78 15.24 -18.51
N LEU A 323 -21.12 16.39 -17.94
CA LEU A 323 -21.74 17.46 -18.68
C LEU A 323 -20.79 18.00 -19.73
N GLN A 324 -19.65 18.52 -19.29
CA GLN A 324 -18.73 19.28 -20.12
C GLN A 324 -18.10 18.44 -21.20
N TYR A 325 -17.89 17.14 -20.96
CA TYR A 325 -17.22 16.27 -21.91
C TYR A 325 -18.16 15.31 -22.64
N THR A 326 -19.44 15.23 -22.29
CA THR A 326 -20.35 14.29 -22.95
C THR A 326 -21.72 14.88 -23.25
N LEU A 327 -22.44 15.43 -22.28
CA LEU A 327 -23.84 15.82 -22.52
C LEU A 327 -23.98 17.12 -23.31
N GLN A 328 -23.16 18.12 -23.01
CA GLN A 328 -23.30 19.48 -23.52
C GLN A 328 -23.66 19.60 -25.02
N PRO A 329 -23.07 18.83 -25.93
CA PRO A 329 -23.29 19.06 -27.35
C PRO A 329 -24.73 18.81 -27.77
N TYR A 330 -25.37 17.82 -27.16
CA TYR A 330 -26.76 17.51 -27.45
C TYR A 330 -27.67 18.65 -27.04
N ILE A 331 -27.37 19.25 -25.90
CA ILE A 331 -28.11 20.38 -25.39
C ILE A 331 -28.05 21.52 -26.42
N SER A 332 -26.84 21.80 -26.90
CA SER A 332 -26.62 22.78 -27.95
C SER A 332 -27.43 22.44 -29.20
N ARG A 333 -27.34 21.20 -29.70
CA ARG A 333 -28.05 20.81 -30.93
C ARG A 333 -29.54 21.05 -30.83
N TRP A 334 -30.19 20.64 -29.73
CA TRP A 334 -31.61 20.89 -29.54
C TRP A 334 -31.91 22.40 -29.57
N GLU A 335 -31.31 23.14 -28.64
CA GLU A 335 -31.62 24.56 -28.47
C GLU A 335 -31.35 25.34 -29.76
N ASN A 336 -30.23 25.07 -30.41
CA ASN A 336 -29.88 25.71 -31.67
C ASN A 336 -30.85 25.34 -32.78
N SER A 337 -31.22 24.07 -32.93
CA SER A 337 -32.14 23.68 -34.00
C SER A 337 -33.49 24.37 -33.85
N ILE A 338 -33.99 24.44 -32.62
CA ILE A 338 -35.24 25.11 -32.34
C ILE A 338 -35.16 26.57 -32.76
N GLN A 339 -34.08 27.25 -32.37
CA GLN A 339 -33.86 28.65 -32.70
C GLN A 339 -33.64 28.89 -34.20
N ARG A 340 -33.10 27.91 -34.92
CA ARG A 340 -32.76 28.04 -36.35
C ARG A 340 -33.92 27.79 -37.28
N TRP A 341 -34.86 26.93 -36.89
CA TRP A 341 -35.92 26.47 -37.78
C TRP A 341 -37.33 26.73 -37.25
N LEU A 342 -37.55 26.68 -35.94
CA LEU A 342 -38.89 26.74 -35.38
C LEU A 342 -39.28 28.15 -34.94
N ILE A 343 -38.39 28.85 -34.23
CA ILE A 343 -38.62 30.25 -33.89
C ILE A 343 -38.50 31.08 -35.18
N PRO A 344 -39.51 31.87 -35.57
CA PRO A 344 -39.43 32.74 -36.74
C PRO A 344 -38.39 33.86 -36.57
N SER A 345 -37.83 34.33 -37.68
CA SER A 345 -36.73 35.31 -37.70
C SER A 345 -37.04 36.60 -36.93
N LYS A 346 -38.27 37.11 -37.05
CA LYS A 346 -38.74 38.31 -36.35
C LYS A 346 -38.73 38.19 -34.81
N ASP A 347 -38.70 36.97 -34.28
CA ASP A 347 -38.71 36.68 -32.86
C ASP A 347 -37.34 36.26 -32.30
N VAL A 348 -36.34 36.11 -33.17
CA VAL A 348 -34.96 35.84 -32.77
C VAL A 348 -34.47 36.94 -31.83
N GLY A 349 -33.81 36.55 -30.74
CA GLY A 349 -33.38 37.46 -29.67
C GLY A 349 -34.50 37.87 -28.71
N ARG A 350 -35.77 37.80 -29.12
CA ARG A 350 -36.90 37.97 -28.21
C ARG A 350 -37.22 36.67 -27.49
N LEU A 351 -37.39 35.60 -28.26
CA LEU A 351 -37.71 34.28 -27.75
C LEU A 351 -36.46 33.41 -27.71
N HIS A 352 -36.34 32.63 -26.64
CA HIS A 352 -35.16 31.84 -26.37
C HIS A 352 -35.52 30.56 -25.61
N ALA A 353 -35.32 29.39 -26.21
CA ALA A 353 -35.51 28.11 -25.54
C ALA A 353 -34.24 27.66 -24.80
N GLU A 354 -34.38 27.14 -23.58
CA GLU A 354 -33.26 26.59 -22.81
C GLU A 354 -33.66 25.43 -21.90
N HIS A 355 -32.75 24.47 -21.76
CA HIS A 355 -32.81 23.48 -20.69
C HIS A 355 -32.40 24.07 -19.34
N ASN A 356 -32.78 23.40 -18.25
CA ASN A 356 -32.29 23.69 -16.89
C ASN A 356 -31.28 22.62 -16.44
N LEU A 357 -30.10 23.04 -15.97
CA LEU A 357 -28.99 22.17 -15.56
C LEU A 357 -29.03 21.75 -14.08
N ASP A 358 -29.83 22.42 -13.26
CA ASP A 358 -29.74 22.27 -11.80
C ASP A 358 -30.05 20.85 -11.32
N GLY A 359 -30.89 20.13 -12.04
CA GLY A 359 -31.19 18.72 -11.74
C GLY A 359 -29.94 17.84 -11.73
N LEU A 360 -28.91 18.17 -12.51
CA LEU A 360 -27.60 17.54 -12.46
C LEU A 360 -26.68 18.27 -11.49
N LEU A 361 -26.61 19.60 -11.56
CA LEU A 361 -25.64 20.36 -10.76
C LEU A 361 -25.97 20.39 -9.26
N ARG A 362 -27.09 19.80 -8.85
CA ARG A 362 -27.50 19.63 -7.46
C ARG A 362 -26.36 19.10 -6.58
N GLY A 363 -25.97 19.89 -5.58
CA GLY A 363 -25.06 19.47 -4.50
C GLY A 363 -25.77 18.75 -3.35
N ASP A 364 -25.00 18.26 -2.40
CA ASP A 364 -25.55 17.73 -1.15
C ASP A 364 -26.03 18.83 -0.20
N SER A 365 -26.69 18.42 0.87
CA SER A 365 -27.24 19.27 1.91
C SER A 365 -26.20 20.25 2.46
N ALA A 366 -25.01 19.77 2.81
CA ALA A 366 -23.98 20.60 3.40
C ALA A 366 -23.52 21.67 2.42
N SER A 367 -23.18 21.29 1.20
CA SER A 367 -22.69 22.22 0.20
C SER A 367 -23.76 23.22 -0.16
N ARG A 368 -25.01 22.78 -0.39
CA ARG A 368 -26.07 23.72 -0.77
C ARG A 368 -26.40 24.70 0.36
N ALA A 369 -26.39 24.25 1.62
CA ALA A 369 -26.58 25.14 2.74
C ALA A 369 -25.48 26.21 2.78
N ALA A 370 -24.22 25.81 2.71
CA ALA A 370 -23.10 26.74 2.69
C ALA A 370 -23.21 27.73 1.53
N PHE A 371 -23.53 27.23 0.34
CA PHE A 371 -23.73 28.05 -0.85
C PHE A 371 -24.79 29.12 -0.63
N MET A 372 -25.99 28.74 -0.18
CA MET A 372 -27.05 29.71 0.06
C MET A 372 -26.65 30.74 1.10
N LYS A 373 -26.00 30.31 2.19
CA LYS A 373 -25.52 31.26 3.20
C LYS A 373 -24.53 32.27 2.62
N ALA A 374 -23.65 31.82 1.74
CA ALA A 374 -22.73 32.68 1.02
C ALA A 374 -23.39 33.60 -0.01
N MET A 375 -24.65 33.38 -0.38
CA MET A 375 -25.42 34.36 -1.15
C MET A 375 -26.27 35.27 -0.28
N GLY A 376 -26.68 34.78 0.89
CA GLY A 376 -27.44 35.52 1.88
C GLY A 376 -26.61 36.65 2.46
N GLU A 377 -25.51 36.33 3.15
CA GLU A 377 -24.40 37.27 3.25
C GLU A 377 -23.77 37.44 1.87
N SER A 378 -23.03 38.52 1.64
CA SER A 378 -22.80 39.13 0.31
C SER A 378 -24.06 39.71 -0.34
N GLY A 379 -25.22 39.09 -0.16
CA GLY A 379 -26.48 39.62 -0.66
C GLY A 379 -26.68 39.40 -2.17
N LEU A 380 -26.07 38.36 -2.72
CA LEU A 380 -26.29 37.95 -4.11
C LEU A 380 -27.71 37.41 -4.39
N ARG A 381 -28.50 37.08 -3.37
CA ARG A 381 -29.94 36.81 -3.50
C ARG A 381 -30.73 37.35 -2.33
N THR A 382 -31.98 37.65 -2.59
CA THR A 382 -33.06 37.74 -1.60
C THR A 382 -33.44 36.36 -1.09
N ILE A 383 -34.04 36.31 0.10
CA ILE A 383 -34.65 35.07 0.59
C ILE A 383 -35.72 34.59 -0.37
N ASN A 384 -36.50 35.49 -0.96
CA ASN A 384 -37.56 35.12 -1.89
C ASN A 384 -37.04 34.37 -3.10
N GLU A 385 -35.96 34.84 -3.73
CA GLU A 385 -35.36 34.12 -4.84
C GLU A 385 -34.96 32.71 -4.41
N MET A 386 -34.25 32.59 -3.30
CA MET A 386 -33.81 31.27 -2.82
C MET A 386 -34.99 30.38 -2.49
N ARG A 387 -36.02 30.90 -1.81
CA ARG A 387 -37.26 30.18 -1.55
C ARG A 387 -38.01 29.78 -2.80
N ARG A 388 -37.87 30.52 -3.90
CA ARG A 388 -38.48 30.13 -5.16
C ARG A 388 -37.81 28.87 -5.71
N THR A 389 -36.51 28.68 -5.48
CA THR A 389 -35.77 27.54 -6.03
C THR A 389 -36.34 26.21 -5.53
N ASP A 390 -36.79 26.16 -4.29
CA ASP A 390 -37.44 25.02 -3.66
C ASP A 390 -38.92 25.28 -3.39
N ASN A 391 -39.53 26.19 -4.16
CA ASN A 391 -40.96 26.51 -4.18
C ASN A 391 -41.61 26.79 -2.81
N MET A 392 -40.82 27.22 -1.82
CA MET A 392 -41.32 27.68 -0.53
C MET A 392 -42.16 28.97 -0.69
N PRO A 393 -43.15 29.21 0.17
CA PRO A 393 -43.88 30.48 0.18
C PRO A 393 -42.95 31.67 0.43
N PRO A 394 -43.12 32.79 -0.27
CA PRO A 394 -42.33 34.01 -0.08
C PRO A 394 -42.65 34.72 1.24
N LEU A 395 -41.77 35.66 1.62
CA LEU A 395 -41.81 36.48 2.84
C LEU A 395 -41.26 37.89 2.56
N PRO A 396 -41.48 38.91 3.41
CA PRO A 396 -40.84 40.22 3.24
C PRO A 396 -39.32 40.13 3.10
N GLY A 397 -38.78 40.63 1.99
CA GLY A 397 -37.35 40.59 1.65
C GLY A 397 -37.04 41.12 0.25
N ILE B 52 -34.62 -20.78 -24.51
CA ILE B 52 -34.64 -19.83 -23.36
C ILE B 52 -36.02 -19.20 -23.20
N ASN B 53 -36.42 -18.84 -21.97
CA ASN B 53 -37.71 -18.21 -21.70
C ASN B 53 -37.64 -17.20 -20.56
N ASP B 54 -38.63 -16.32 -20.49
CA ASP B 54 -38.64 -15.18 -19.58
C ASP B 54 -38.54 -15.58 -18.11
N GLU B 55 -39.18 -16.68 -17.71
CA GLU B 55 -39.13 -17.14 -16.33
C GLU B 55 -37.74 -17.67 -15.97
N ARG B 56 -37.10 -18.44 -16.86
CA ARG B 56 -35.73 -18.88 -16.65
C ARG B 56 -34.79 -17.70 -16.55
N ILE B 57 -35.03 -16.64 -17.33
CA ILE B 57 -34.23 -15.40 -17.22
C ILE B 57 -34.50 -14.75 -15.86
N LEU B 58 -35.75 -14.65 -15.44
CA LEU B 58 -36.09 -14.06 -14.16
C LEU B 58 -35.50 -14.82 -12.98
N GLN B 59 -35.23 -16.11 -13.13
CA GLN B 59 -34.52 -16.89 -12.11
C GLN B 59 -33.03 -16.52 -11.95
N ILE B 60 -32.45 -15.61 -12.73
CA ILE B 60 -31.11 -15.08 -12.48
C ILE B 60 -31.13 -14.04 -11.35
N SER B 61 -30.35 -14.25 -10.28
CA SER B 61 -30.41 -13.41 -9.06
C SER B 61 -30.26 -11.91 -9.35
N THR B 62 -29.36 -11.57 -10.27
CA THR B 62 -29.08 -10.20 -10.66
C THR B 62 -30.31 -9.53 -11.23
N VAL B 63 -31.00 -10.22 -12.13
CA VAL B 63 -32.21 -9.71 -12.77
C VAL B 63 -33.29 -9.50 -11.73
N TRP B 64 -33.52 -10.52 -10.91
CA TRP B 64 -34.47 -10.46 -9.81
C TRP B 64 -34.20 -9.25 -8.92
N ARG B 65 -32.95 -9.05 -8.50
CA ARG B 65 -32.59 -7.94 -7.64
C ARG B 65 -32.86 -6.60 -8.31
N CYS B 66 -32.42 -6.40 -9.54
CA CYS B 66 -32.59 -5.12 -10.22
C CYS B 66 -34.06 -4.73 -10.30
N VAL B 67 -34.88 -5.65 -10.80
CA VAL B 67 -36.31 -5.41 -10.94
C VAL B 67 -36.91 -5.11 -9.58
N SER B 68 -36.58 -5.92 -8.58
CA SER B 68 -37.06 -5.70 -7.23
C SER B 68 -36.73 -4.31 -6.76
N LEU B 69 -35.45 -3.93 -6.86
CA LEU B 69 -34.97 -2.69 -6.31
C LEU B 69 -35.71 -1.50 -6.93
N ILE B 70 -35.65 -1.36 -8.25
CA ILE B 70 -36.13 -0.17 -8.93
C ILE B 70 -37.61 0.03 -8.64
N SER B 71 -38.40 -1.01 -8.90
CA SER B 71 -39.84 -0.95 -8.73
C SER B 71 -40.21 -0.65 -7.29
N THR B 72 -39.56 -1.32 -6.34
CA THR B 72 -39.92 -1.17 -4.95
C THR B 72 -39.54 0.21 -4.45
N LEU B 73 -38.38 0.73 -4.83
CA LEU B 73 -37.96 2.04 -4.40
C LEU B 73 -38.93 3.09 -4.87
N THR B 74 -39.26 3.11 -6.16
CA THR B 74 -40.23 4.10 -6.62
C THR B 74 -41.60 3.88 -6.01
N ALA B 75 -41.94 2.66 -5.59
CA ALA B 75 -43.19 2.40 -4.89
C ALA B 75 -43.15 2.88 -3.43
N CYS B 76 -41.98 3.00 -2.81
CA CYS B 76 -41.85 3.50 -1.44
C CYS B 76 -42.01 5.01 -1.35
N LEU B 77 -41.73 5.75 -2.42
CA LEU B 77 -41.76 7.22 -2.36
C LEU B 77 -43.17 7.74 -2.04
N PRO B 78 -43.31 8.78 -1.20
CA PRO B 78 -44.56 9.51 -1.10
C PRO B 78 -44.90 10.15 -2.44
N LEU B 79 -46.16 10.08 -2.87
CA LEU B 79 -46.67 10.79 -4.03
C LEU B 79 -47.74 11.79 -3.58
N ASP B 80 -47.52 13.05 -3.90
CA ASP B 80 -48.36 14.15 -3.49
C ASP B 80 -48.99 14.85 -4.69
N VAL B 81 -50.16 15.42 -4.46
CA VAL B 81 -50.93 16.16 -5.46
C VAL B 81 -51.18 17.56 -4.95
N PHE B 82 -51.15 18.53 -5.84
CA PHE B 82 -51.15 19.93 -5.53
C PHE B 82 -52.14 20.68 -6.38
N GLU B 83 -52.82 21.62 -5.74
CA GLU B 83 -53.45 22.72 -6.42
C GLU B 83 -52.53 23.92 -6.31
N THR B 84 -52.36 24.59 -7.43
CA THR B 84 -51.39 25.66 -7.62
C THR B 84 -52.17 26.94 -7.76
N ASP B 85 -51.96 27.89 -6.86
CA ASP B 85 -52.61 29.19 -6.94
C ASP B 85 -52.03 30.03 -8.10
N GLN B 86 -52.79 31.03 -8.56
CA GLN B 86 -52.37 31.96 -9.61
C GLN B 86 -51.10 32.77 -9.27
N ASN B 87 -50.82 33.04 -7.99
CA ASN B 87 -49.57 33.64 -7.51
C ASN B 87 -48.41 32.62 -7.42
N ASP B 88 -48.62 31.40 -7.91
CA ASP B 88 -47.67 30.29 -7.96
C ASP B 88 -47.26 29.74 -6.58
N ASN B 89 -48.23 29.57 -5.68
CA ASN B 89 -48.08 28.86 -4.41
C ASN B 89 -48.71 27.46 -4.48
N ARG B 90 -48.01 26.43 -4.01
CA ARG B 90 -48.56 25.08 -3.87
C ARG B 90 -49.44 24.98 -2.63
N LYS B 91 -50.61 24.36 -2.79
CA LYS B 91 -51.37 23.72 -1.72
C LYS B 91 -51.39 22.23 -1.99
N LYS B 92 -50.89 21.42 -1.05
CA LYS B 92 -51.10 19.97 -1.12
C LYS B 92 -52.58 19.67 -0.88
N VAL B 93 -53.18 18.80 -1.68
CA VAL B 93 -54.61 18.47 -1.61
C VAL B 93 -54.88 17.24 -0.72
N ASP B 94 -56.13 17.09 -0.27
CA ASP B 94 -56.56 16.03 0.67
C ASP B 94 -57.22 14.82 -0.02
N LEU B 95 -57.38 13.73 0.73
CA LEU B 95 -58.10 12.51 0.32
C LEU B 95 -59.59 12.70 0.03
N SER B 96 -60.12 13.92 0.19
CA SER B 96 -61.41 14.32 -0.32
C SER B 96 -61.41 14.49 -1.85
N ASN B 97 -60.29 14.86 -2.45
CA ASN B 97 -60.20 15.00 -3.89
C ASN B 97 -60.26 13.62 -4.56
N PRO B 98 -61.06 13.41 -5.62
CA PRO B 98 -61.25 12.09 -6.21
C PRO B 98 -59.95 11.47 -6.75
N LEU B 99 -59.19 12.23 -7.52
CA LEU B 99 -57.93 11.77 -8.08
C LEU B 99 -56.90 11.50 -6.98
N ALA B 100 -56.77 12.40 -6.02
CA ALA B 100 -55.85 12.22 -4.91
C ALA B 100 -56.19 10.95 -4.11
N ARG B 101 -57.47 10.67 -3.88
CA ARG B 101 -57.89 9.44 -3.22
C ARG B 101 -57.57 8.21 -4.06
N LEU B 102 -57.86 8.28 -5.36
CA LEU B 102 -57.58 7.20 -6.29
C LEU B 102 -56.10 6.83 -6.26
N LEU B 103 -55.25 7.85 -6.28
CA LEU B 103 -53.80 7.71 -6.26
C LEU B 103 -53.28 7.26 -4.91
N ARG B 104 -53.53 8.06 -3.87
CA ARG B 104 -52.85 7.93 -2.59
C ARG B 104 -53.50 6.91 -1.67
N TYR B 105 -54.82 6.73 -1.75
CA TYR B 105 -55.53 5.80 -0.87
C TYR B 105 -55.85 4.47 -1.55
N SER B 106 -56.55 4.49 -2.69
CA SER B 106 -57.03 3.24 -3.31
C SER B 106 -57.27 3.36 -4.82
N PRO B 107 -56.55 2.58 -5.65
CA PRO B 107 -56.74 2.56 -7.09
C PRO B 107 -57.97 1.75 -7.54
N ASN B 108 -58.39 0.76 -6.74
CA ASN B 108 -59.48 -0.15 -7.05
C ASN B 108 -59.86 -0.97 -5.82
N GLN B 109 -60.97 -1.69 -5.92
CA GLN B 109 -61.49 -2.53 -4.83
C GLN B 109 -60.66 -3.79 -4.48
N TYR B 110 -59.41 -3.91 -4.95
CA TYR B 110 -58.55 -5.06 -4.64
C TYR B 110 -57.16 -4.69 -4.12
N MET B 111 -56.72 -3.44 -4.27
CA MET B 111 -55.31 -3.11 -4.12
C MET B 111 -55.04 -1.89 -3.26
N THR B 112 -53.82 -1.86 -2.75
CA THR B 112 -53.15 -0.72 -2.15
C THR B 112 -52.57 0.18 -3.22
N ALA B 113 -52.36 1.46 -2.94
CA ALA B 113 -51.64 2.35 -3.84
C ALA B 113 -50.20 1.89 -4.10
N GLN B 114 -49.44 1.61 -3.04
CA GLN B 114 -48.05 1.14 -3.12
C GLN B 114 -47.95 -0.05 -4.06
N GLU B 115 -48.74 -1.06 -3.74
CA GLU B 115 -48.89 -2.30 -4.47
C GLU B 115 -49.16 -2.08 -5.96
N PHE B 116 -50.09 -1.17 -6.28
CA PHE B 116 -50.38 -0.85 -7.66
C PHE B 116 -49.18 -0.22 -8.37
N ARG B 117 -48.54 0.79 -7.77
CA ARG B 117 -47.40 1.44 -8.43
C ARG B 117 -46.26 0.47 -8.67
N GLU B 118 -46.00 -0.39 -7.70
CA GLU B 118 -45.01 -1.44 -7.81
C GLU B 118 -45.33 -2.33 -9.03
N ALA B 119 -46.54 -2.87 -9.08
CA ALA B 119 -46.96 -3.78 -10.13
C ALA B 119 -46.82 -3.17 -11.52
N MET B 120 -47.26 -1.93 -11.69
CA MET B 120 -47.09 -1.19 -12.94
C MET B 120 -45.62 -1.09 -13.32
N THR B 121 -44.79 -0.71 -12.36
CA THR B 121 -43.38 -0.47 -12.63
C THR B 121 -42.64 -1.74 -13.00
N MET B 122 -42.97 -2.88 -12.39
CA MET B 122 -42.38 -4.16 -12.81
C MET B 122 -42.58 -4.40 -14.30
N GLN B 123 -43.81 -4.26 -14.79
CA GLN B 123 -44.04 -4.44 -16.22
C GLN B 123 -43.31 -3.39 -17.05
N LEU B 124 -43.29 -2.15 -16.59
CA LEU B 124 -42.59 -1.09 -17.31
C LEU B 124 -41.12 -1.44 -17.48
N CYS B 125 -40.44 -1.92 -16.45
CA CYS B 125 -39.06 -2.34 -16.56
C CYS B 125 -38.90 -3.59 -17.42
N PHE B 126 -39.74 -4.59 -17.19
CA PHE B 126 -39.53 -5.91 -17.77
C PHE B 126 -39.88 -5.94 -19.26
N TYR B 127 -40.99 -5.32 -19.64
CA TYR B 127 -41.52 -5.30 -20.99
C TYR B 127 -41.31 -3.96 -21.70
N GLY B 128 -40.67 -3.00 -21.06
CA GLY B 128 -40.57 -1.63 -21.59
C GLY B 128 -41.91 -0.89 -21.61
N ASN B 129 -43.00 -1.52 -21.18
CA ASN B 129 -44.36 -1.01 -21.29
C ASN B 129 -45.23 -1.61 -20.18
N ALA B 130 -46.20 -0.84 -19.72
CA ALA B 130 -47.22 -1.29 -18.79
C ALA B 130 -48.55 -0.63 -19.15
N TYR B 131 -49.66 -1.32 -18.93
CA TYR B 131 -50.98 -0.88 -19.33
C TYR B 131 -51.97 -1.07 -18.19
N ALA B 132 -52.85 -0.11 -17.98
CA ALA B 132 -53.96 -0.25 -17.05
C ALA B 132 -55.25 0.18 -17.73
N LEU B 133 -56.31 -0.56 -17.46
CA LEU B 133 -57.67 -0.11 -17.71
C LEU B 133 -57.94 1.09 -16.82
N VAL B 134 -58.49 2.13 -17.44
CA VAL B 134 -58.98 3.35 -16.79
C VAL B 134 -60.50 3.31 -16.75
N ASP B 135 -61.08 3.59 -15.60
CA ASP B 135 -62.53 3.71 -15.43
C ASP B 135 -62.91 5.08 -14.87
N ARG B 136 -64.06 5.61 -15.27
CA ARG B 136 -64.51 6.97 -14.96
C ARG B 136 -66.03 7.07 -14.78
N ASN B 137 -66.48 8.01 -13.96
CA ASN B 137 -67.90 8.23 -13.66
C ASN B 137 -68.64 8.97 -14.79
N SER B 138 -69.92 9.24 -14.59
CA SER B 138 -70.77 10.02 -15.50
C SER B 138 -70.26 11.44 -15.74
N ALA B 139 -69.64 12.08 -14.75
CA ALA B 139 -68.99 13.38 -14.89
C ALA B 139 -67.63 13.31 -15.63
N GLY B 140 -67.17 12.11 -15.98
CA GLY B 140 -65.91 11.85 -16.69
C GLY B 140 -64.68 11.72 -15.78
N ASP B 141 -64.83 11.93 -14.48
CA ASP B 141 -63.75 11.80 -13.50
C ASP B 141 -63.39 10.34 -13.28
N VAL B 142 -62.11 10.02 -13.23
CA VAL B 142 -61.65 8.64 -13.02
C VAL B 142 -62.02 8.12 -11.64
N ILE B 143 -62.36 6.84 -11.56
CA ILE B 143 -62.84 6.16 -10.35
C ILE B 143 -62.18 4.80 -10.12
N SER B 144 -61.53 4.20 -11.12
CA SER B 144 -60.74 2.99 -10.92
C SER B 144 -59.60 2.88 -11.93
N LEU B 145 -58.53 2.20 -11.51
CA LEU B 145 -57.42 1.77 -12.35
C LEU B 145 -57.14 0.30 -12.10
N LEU B 146 -56.85 -0.44 -13.16
CA LEU B 146 -56.62 -1.88 -13.07
C LEU B 146 -55.53 -2.31 -14.07
N PRO B 147 -54.36 -2.78 -13.60
CA PRO B 147 -53.28 -3.25 -14.46
C PRO B 147 -53.68 -4.41 -15.35
N LEU B 148 -53.04 -4.48 -16.51
CA LEU B 148 -53.27 -5.48 -17.56
C LEU B 148 -51.93 -6.11 -17.94
N GLN B 149 -51.87 -7.42 -18.14
CA GLN B 149 -50.62 -8.10 -18.49
C GLN B 149 -50.11 -7.66 -19.86
N SER B 150 -48.94 -7.04 -19.93
CA SER B 150 -48.37 -6.48 -21.15
C SER B 150 -48.19 -7.50 -22.26
N ALA B 151 -47.86 -8.75 -21.91
CA ALA B 151 -47.65 -9.81 -22.90
C ALA B 151 -48.90 -10.10 -23.76
N ASN B 152 -50.09 -9.84 -23.23
CA ASN B 152 -51.36 -10.00 -23.95
C ASN B 152 -51.76 -8.77 -24.77
N MET B 153 -51.09 -7.63 -24.56
CA MET B 153 -51.43 -6.40 -25.25
C MET B 153 -50.81 -6.35 -26.64
N ASP B 154 -51.55 -5.80 -27.59
CA ASP B 154 -51.02 -5.20 -28.82
C ASP B 154 -51.59 -3.79 -28.98
N VAL B 155 -50.82 -2.89 -29.60
CA VAL B 155 -51.31 -1.57 -29.98
C VAL B 155 -51.13 -1.39 -31.47
N LYS B 156 -52.22 -1.13 -32.18
CA LYS B 156 -52.22 -0.95 -33.64
C LYS B 156 -52.93 0.33 -34.02
N LEU B 157 -52.30 1.11 -34.90
CA LEU B 157 -52.91 2.29 -35.49
C LEU B 157 -54.00 1.89 -36.50
N VAL B 158 -55.03 2.72 -36.61
CA VAL B 158 -56.25 2.48 -37.39
C VAL B 158 -56.62 3.79 -38.07
N GLY B 159 -56.15 3.97 -39.31
CA GLY B 159 -56.08 5.31 -39.90
C GLY B 159 -55.27 6.23 -38.99
N LYS B 160 -55.82 7.42 -38.69
CA LYS B 160 -55.23 8.36 -37.72
C LYS B 160 -55.36 7.89 -36.25
N LYS B 161 -56.28 6.96 -35.95
CA LYS B 161 -56.62 6.49 -34.60
C LYS B 161 -55.64 5.42 -34.10
N VAL B 162 -55.77 5.02 -32.83
CA VAL B 162 -55.03 3.88 -32.23
C VAL B 162 -55.96 2.95 -31.47
N VAL B 163 -55.74 1.65 -31.61
CA VAL B 163 -56.46 0.61 -30.88
C VAL B 163 -55.50 -0.23 -30.07
N TYR B 164 -55.73 -0.24 -28.77
CA TYR B 164 -55.19 -1.20 -27.85
C TYR B 164 -55.98 -2.50 -27.99
N ARG B 165 -55.42 -3.43 -28.74
CA ARG B 165 -55.91 -4.79 -28.99
C ARG B 165 -55.45 -5.69 -27.85
N TYR B 166 -56.32 -5.96 -26.89
CA TYR B 166 -55.96 -6.84 -25.77
C TYR B 166 -56.46 -8.26 -25.99
N GLN B 167 -55.52 -9.19 -26.17
CA GLN B 167 -55.83 -10.61 -26.29
C GLN B 167 -56.10 -11.19 -24.90
N ARG B 168 -57.35 -11.15 -24.45
CA ARG B 168 -57.78 -11.92 -23.30
C ARG B 168 -58.11 -13.34 -23.76
N ASP B 169 -57.22 -14.28 -23.46
CA ASP B 169 -57.33 -15.71 -23.82
C ASP B 169 -57.46 -15.94 -25.33
N SER B 170 -58.67 -15.92 -25.89
CA SER B 170 -58.97 -16.04 -27.32
C SER B 170 -59.96 -14.97 -27.78
N GLU B 171 -60.11 -13.92 -26.98
CA GLU B 171 -61.03 -12.81 -27.16
C GLU B 171 -60.26 -11.50 -27.23
N TYR B 172 -60.78 -10.55 -28.00
CA TYR B 172 -60.03 -9.38 -28.44
C TYR B 172 -60.72 -8.12 -27.94
N ALA B 173 -60.37 -7.75 -26.72
CA ALA B 173 -60.91 -6.58 -26.07
C ALA B 173 -60.17 -5.34 -26.59
N ASP B 174 -60.86 -4.53 -27.38
CA ASP B 174 -60.26 -3.45 -28.16
C ASP B 174 -60.61 -2.10 -27.58
N PHE B 175 -59.62 -1.24 -27.39
CA PHE B 175 -59.78 -0.01 -26.61
C PHE B 175 -59.10 1.20 -27.22
N SER B 176 -59.61 2.37 -26.88
CA SER B 176 -59.10 3.68 -27.28
C SER B 176 -58.02 4.19 -26.32
N GLN B 177 -57.34 5.24 -26.76
CA GLN B 177 -56.41 6.01 -25.92
C GLN B 177 -57.07 6.61 -24.67
N LYS B 178 -58.40 6.72 -24.62
CA LYS B 178 -59.16 7.34 -23.52
C LYS B 178 -59.46 6.40 -22.35
N GLU B 179 -59.17 5.10 -22.48
CA GLU B 179 -59.50 4.11 -21.46
C GLU B 179 -58.35 3.13 -21.14
N ILE B 180 -57.20 3.28 -21.78
CA ILE B 180 -55.96 2.57 -21.45
C ILE B 180 -54.86 3.57 -21.14
N PHE B 181 -54.18 3.43 -20.00
CA PHE B 181 -53.22 4.44 -19.53
C PHE B 181 -51.86 4.42 -20.26
N HIS B 182 -51.29 3.23 -20.48
CA HIS B 182 -50.03 2.97 -21.19
C HIS B 182 -48.81 3.83 -20.80
N LEU B 183 -47.99 3.36 -19.85
CA LEU B 183 -46.83 4.11 -19.36
C LEU B 183 -45.63 4.20 -20.33
N LYS B 184 -45.56 3.35 -21.35
CA LYS B 184 -44.72 3.51 -22.56
C LYS B 184 -43.27 3.97 -22.30
N GLY B 185 -42.36 3.03 -22.10
CA GLY B 185 -40.94 3.29 -21.81
C GLY B 185 -40.09 3.68 -23.03
N PHE B 186 -38.77 3.63 -22.83
CA PHE B 186 -37.69 3.96 -23.78
C PHE B 186 -37.82 3.25 -25.14
N GLY B 187 -37.90 3.98 -26.25
CA GLY B 187 -37.99 3.40 -27.59
C GLY B 187 -38.01 4.42 -28.74
N PHE B 188 -37.59 4.00 -29.94
CA PHE B 188 -37.39 4.89 -31.10
C PHE B 188 -38.66 5.52 -31.69
N THR B 189 -39.82 4.87 -31.56
CA THR B 189 -41.04 5.27 -32.28
C THR B 189 -41.88 6.30 -31.55
N GLY B 190 -41.72 6.43 -30.23
CA GLY B 190 -42.68 7.14 -29.38
C GLY B 190 -44.04 6.43 -29.24
N LEU B 191 -44.21 5.23 -29.81
CA LEU B 191 -45.44 4.45 -29.78
C LEU B 191 -45.37 3.26 -28.83
N VAL B 192 -44.18 2.70 -28.59
CA VAL B 192 -43.92 1.69 -27.56
C VAL B 192 -42.49 1.79 -27.05
N GLY B 193 -42.24 1.36 -25.82
CA GLY B 193 -40.90 1.09 -25.34
C GLY B 193 -40.35 -0.23 -25.90
N LEU B 194 -39.04 -0.32 -26.07
CA LEU B 194 -38.32 -1.55 -26.39
C LEU B 194 -38.31 -2.46 -25.17
N SER B 195 -38.66 -3.72 -25.34
CA SER B 195 -38.81 -4.67 -24.23
C SER B 195 -37.45 -5.20 -23.78
N PRO B 196 -36.88 -4.80 -22.62
CA PRO B 196 -35.46 -5.01 -22.37
C PRO B 196 -35.08 -6.48 -22.29
N ILE B 197 -35.99 -7.29 -21.75
CA ILE B 197 -35.88 -8.75 -21.74
C ILE B 197 -35.56 -9.31 -23.13
N ALA B 198 -36.15 -8.76 -24.19
CA ALA B 198 -35.95 -9.25 -25.53
C ALA B 198 -34.51 -9.03 -26.01
N PHE B 199 -33.84 -8.00 -25.52
CA PHE B 199 -32.46 -7.70 -25.88
C PHE B 199 -31.47 -8.46 -25.00
N ALA B 200 -31.76 -8.57 -23.72
CA ALA B 200 -30.90 -9.23 -22.75
C ALA B 200 -30.72 -10.74 -23.00
N CYS B 201 -31.57 -11.34 -23.84
CA CYS B 201 -31.63 -12.78 -24.06
C CYS B 201 -30.26 -13.43 -24.34
N LYS B 202 -29.33 -12.77 -25.03
CA LYS B 202 -28.04 -13.37 -25.38
C LYS B 202 -27.09 -13.47 -24.19
N SER B 203 -26.85 -12.36 -23.49
CA SER B 203 -26.00 -12.40 -22.30
C SER B 203 -26.61 -13.32 -21.24
N ALA B 204 -27.94 -13.29 -21.08
CA ALA B 204 -28.63 -14.25 -20.23
C ALA B 204 -28.33 -15.68 -20.68
N GLY B 205 -28.38 -15.95 -21.98
CA GLY B 205 -28.02 -17.25 -22.55
C GLY B 205 -26.63 -17.70 -22.13
N VAL B 206 -25.65 -16.81 -22.18
CA VAL B 206 -24.30 -17.11 -21.69
C VAL B 206 -24.36 -17.47 -20.22
N ALA B 207 -25.04 -16.65 -19.42
CA ALA B 207 -25.07 -16.83 -17.99
C ALA B 207 -25.68 -18.18 -17.61
N VAL B 208 -26.82 -18.54 -18.18
CA VAL B 208 -27.44 -19.82 -17.86
C VAL B 208 -26.60 -20.99 -18.37
N ALA B 209 -25.87 -20.83 -19.48
CA ALA B 209 -24.99 -21.89 -19.94
C ALA B 209 -23.90 -22.16 -18.90
N MET B 210 -23.27 -21.11 -18.39
CA MET B 210 -22.28 -21.26 -17.32
C MET B 210 -22.90 -21.87 -16.08
N GLU B 211 -24.04 -21.35 -15.66
CA GLU B 211 -24.67 -21.77 -14.42
C GLU B 211 -25.04 -23.24 -14.46
N ASP B 212 -25.61 -23.68 -15.58
CA ASP B 212 -25.93 -25.08 -15.79
C ASP B 212 -24.67 -25.94 -15.76
N GLN B 213 -23.62 -25.52 -16.46
CA GLN B 213 -22.36 -26.25 -16.47
C GLN B 213 -21.81 -26.37 -15.05
N GLN B 214 -21.80 -25.25 -14.32
CA GLN B 214 -21.30 -25.18 -12.96
C GLN B 214 -22.07 -26.13 -12.05
N ARG B 215 -23.41 -26.12 -12.13
CA ARG B 215 -24.26 -27.07 -11.41
C ARG B 215 -23.80 -28.48 -11.73
N ASP B 216 -23.83 -28.80 -13.01
CA ASP B 216 -23.76 -30.18 -13.43
C ASP B 216 -22.40 -30.78 -13.12
N PHE B 217 -21.33 -30.02 -13.22
CA PHE B 217 -20.02 -30.47 -12.83
C PHE B 217 -19.97 -30.95 -11.37
N PHE B 218 -20.49 -30.13 -10.45
CA PHE B 218 -20.60 -30.53 -9.05
C PHE B 218 -21.62 -31.64 -8.84
N ALA B 219 -22.70 -31.67 -9.62
CA ALA B 219 -23.66 -32.76 -9.56
C ALA B 219 -23.04 -34.10 -9.98
N ASN B 220 -22.07 -34.08 -10.90
CA ASN B 220 -21.26 -35.24 -11.28
C ASN B 220 -20.14 -35.52 -10.27
N GLY B 221 -20.18 -34.90 -9.09
CA GLY B 221 -19.18 -35.08 -8.06
C GLY B 221 -17.78 -34.69 -8.49
N ALA B 222 -17.64 -33.82 -9.49
CA ALA B 222 -16.36 -33.45 -10.09
C ALA B 222 -15.52 -34.64 -10.62
N LYS B 223 -16.15 -35.78 -10.89
CA LYS B 223 -15.55 -36.87 -11.68
C LYS B 223 -15.42 -36.37 -13.12
N SER B 224 -14.21 -36.32 -13.65
CA SER B 224 -13.98 -35.86 -15.03
C SER B 224 -14.43 -36.91 -16.06
N PRO B 225 -14.99 -36.50 -17.21
CA PRO B 225 -15.35 -37.44 -18.28
C PRO B 225 -14.11 -38.06 -18.90
N GLN B 226 -14.15 -39.37 -19.17
CA GLN B 226 -13.04 -40.12 -19.77
C GLN B 226 -13.35 -40.52 -21.21
N ILE B 227 -12.41 -40.29 -22.11
CA ILE B 227 -12.34 -41.05 -23.34
C ILE B 227 -11.82 -42.44 -22.99
N LEU B 228 -12.67 -43.43 -23.18
CA LEU B 228 -12.33 -44.84 -23.06
C LEU B 228 -11.51 -45.25 -24.28
N SER B 229 -10.24 -44.87 -24.27
CA SER B 229 -9.20 -45.47 -25.12
C SER B 229 -8.83 -46.85 -24.59
N THR B 230 -8.66 -47.80 -25.52
CA THR B 230 -8.81 -49.23 -25.25
C THR B 230 -7.55 -50.02 -25.61
N GLY B 231 -7.62 -50.86 -26.65
CA GLY B 231 -6.69 -51.93 -27.03
C GLY B 231 -7.35 -52.84 -28.08
N GLU B 232 -6.63 -53.84 -28.61
CA GLU B 232 -7.01 -54.54 -29.86
C GLU B 232 -7.52 -55.99 -29.70
N LYS B 233 -7.77 -56.46 -28.48
CA LYS B 233 -8.42 -57.76 -28.22
C LYS B 233 -9.83 -57.80 -28.81
N VAL B 234 -10.27 -58.97 -29.30
CA VAL B 234 -11.69 -59.21 -29.59
C VAL B 234 -12.56 -58.94 -28.37
N LEU B 235 -13.46 -57.96 -28.47
CA LEU B 235 -14.46 -57.70 -27.46
C LEU B 235 -15.78 -58.32 -27.92
N THR B 236 -16.36 -59.19 -27.10
CA THR B 236 -17.72 -59.67 -27.37
C THR B 236 -18.70 -58.51 -27.28
N GLU B 237 -19.87 -58.62 -27.88
CA GLU B 237 -20.89 -57.57 -27.80
C GLU B 237 -21.41 -57.42 -26.35
N GLN B 238 -21.41 -58.50 -25.57
CA GLN B 238 -21.63 -58.44 -24.12
C GLN B 238 -20.56 -57.60 -23.44
N GLN B 239 -19.29 -57.85 -23.72
CA GLN B 239 -18.18 -57.07 -23.18
C GLN B 239 -18.35 -55.60 -23.52
N ARG B 240 -18.61 -55.28 -24.79
CA ARG B 240 -18.90 -53.90 -25.25
C ARG B 240 -20.09 -53.28 -24.50
N SER B 241 -21.11 -54.08 -24.18
CA SER B 241 -22.28 -53.65 -23.42
C SER B 241 -22.02 -53.42 -21.93
N GLN B 242 -20.89 -53.87 -21.36
CA GLN B 242 -20.69 -53.74 -19.92
C GLN B 242 -20.60 -52.29 -19.45
N VAL B 243 -20.08 -51.35 -20.25
CA VAL B 243 -20.08 -49.93 -19.86
C VAL B 243 -21.50 -49.45 -19.54
N GLU B 244 -22.46 -49.76 -20.41
CA GLU B 244 -23.86 -49.45 -20.21
C GLU B 244 -24.45 -50.24 -19.03
N GLU B 245 -24.17 -51.54 -18.97
CA GLU B 245 -24.73 -52.43 -17.95
C GLU B 245 -24.25 -52.08 -16.55
N ASN B 246 -22.98 -51.69 -16.42
CA ASN B 246 -22.32 -51.46 -15.15
C ASN B 246 -22.73 -50.14 -14.51
N PHE B 247 -22.68 -49.04 -15.27
CA PHE B 247 -22.45 -47.72 -14.67
C PHE B 247 -23.69 -46.87 -14.44
N LYS B 248 -23.89 -45.85 -15.28
CA LYS B 248 -24.65 -44.60 -15.06
C LYS B 248 -24.31 -43.78 -13.78
N GLU B 249 -23.70 -44.37 -12.75
CA GLU B 249 -23.20 -43.66 -11.56
C GLU B 249 -21.87 -42.91 -11.76
N ILE B 250 -21.14 -43.11 -12.87
CA ILE B 250 -19.98 -42.27 -13.24
C ILE B 250 -20.43 -40.81 -13.43
N ALA B 251 -21.53 -40.60 -14.16
CA ALA B 251 -22.23 -39.31 -14.21
C ALA B 251 -23.07 -39.04 -12.93
N GLY B 252 -23.65 -40.10 -12.36
CA GLY B 252 -24.38 -40.07 -11.08
C GLY B 252 -23.49 -39.94 -9.84
N GLY B 253 -23.85 -40.66 -8.78
CA GLY B 253 -23.44 -40.35 -7.41
C GLY B 253 -22.31 -41.20 -6.84
N PRO B 254 -22.64 -42.15 -5.93
CA PRO B 254 -21.74 -42.60 -4.87
C PRO B 254 -20.58 -43.49 -5.30
N VAL B 255 -20.61 -44.09 -6.49
CA VAL B 255 -19.62 -45.09 -6.90
C VAL B 255 -18.24 -44.46 -7.09
N LYS B 256 -17.32 -44.69 -6.15
CA LYS B 256 -15.95 -44.12 -6.18
C LYS B 256 -14.90 -44.99 -6.89
N LYS B 257 -15.14 -46.31 -6.92
CA LYS B 257 -14.09 -47.32 -7.17
C LYS B 257 -14.50 -48.48 -8.06
N ARG B 258 -15.80 -48.77 -8.16
CA ARG B 258 -16.35 -49.89 -8.96
C ARG B 258 -16.28 -49.68 -10.47
N LEU B 259 -15.48 -48.72 -10.94
CA LEU B 259 -15.44 -48.31 -12.34
C LEU B 259 -14.54 -49.23 -13.15
N TRP B 260 -15.04 -50.43 -13.45
CA TRP B 260 -14.35 -51.51 -14.17
C TRP B 260 -13.82 -51.13 -15.56
N ILE B 261 -12.80 -51.86 -16.01
CA ILE B 261 -12.56 -52.10 -17.45
C ILE B 261 -13.26 -53.39 -17.91
N LEU B 262 -13.23 -53.63 -19.23
CA LEU B 262 -13.28 -54.98 -19.80
C LEU B 262 -11.87 -55.60 -19.80
N GLU B 263 -11.79 -56.92 -19.88
CA GLU B 263 -10.58 -57.77 -19.81
C GLU B 263 -9.53 -57.54 -20.94
N ALA B 264 -9.04 -56.32 -21.12
CA ALA B 264 -8.00 -55.94 -22.07
C ALA B 264 -7.08 -54.81 -21.55
N GLY B 265 -7.05 -54.57 -20.24
CA GLY B 265 -6.22 -53.55 -19.57
C GLY B 265 -6.67 -52.09 -19.78
N PHE B 266 -6.82 -51.67 -21.03
CA PHE B 266 -7.23 -50.32 -21.47
C PHE B 266 -6.31 -49.16 -21.07
N SER B 267 -6.56 -48.01 -21.69
CA SER B 267 -5.58 -46.93 -21.87
C SER B 267 -6.23 -45.54 -21.86
N THR B 268 -7.27 -45.36 -21.03
CA THR B 268 -8.18 -44.19 -21.01
C THR B 268 -7.50 -42.87 -20.68
N SER B 269 -8.14 -41.75 -21.00
CA SER B 269 -7.73 -40.41 -20.55
C SER B 269 -8.93 -39.45 -20.43
N ALA B 270 -8.76 -38.31 -19.77
CA ALA B 270 -9.84 -37.36 -19.52
C ALA B 270 -10.14 -36.44 -20.72
N ILE B 271 -11.32 -35.81 -20.74
CA ILE B 271 -11.80 -34.95 -21.84
C ILE B 271 -11.97 -33.48 -21.42
N GLY B 272 -12.62 -33.19 -20.29
CA GLY B 272 -13.00 -31.82 -19.90
C GLY B 272 -11.84 -30.92 -19.51
N VAL B 273 -12.00 -29.60 -19.61
CA VAL B 273 -10.91 -28.63 -19.41
C VAL B 273 -10.55 -28.33 -17.95
N THR B 274 -11.37 -28.77 -16.98
CA THR B 274 -11.31 -28.35 -15.57
C THR B 274 -11.70 -26.89 -15.36
N PRO B 275 -12.42 -26.50 -14.29
CA PRO B 275 -12.66 -25.09 -13.98
C PRO B 275 -11.41 -24.29 -13.57
N GLN B 276 -10.21 -24.85 -13.77
CA GLN B 276 -9.00 -24.07 -14.00
C GLN B 276 -9.14 -23.13 -15.20
N ASP B 277 -10.12 -23.36 -16.08
CA ASP B 277 -10.70 -22.32 -16.89
C ASP B 277 -11.19 -21.17 -15.99
N ALA B 278 -10.39 -20.11 -15.94
CA ALA B 278 -10.61 -18.95 -15.11
C ALA B 278 -11.98 -18.33 -15.31
N GLU B 279 -12.56 -18.45 -16.51
CA GLU B 279 -13.90 -17.95 -16.78
C GLU B 279 -14.92 -18.51 -15.79
N MET B 280 -14.77 -19.78 -15.41
CA MET B 280 -15.74 -20.45 -14.56
C MET B 280 -15.81 -19.84 -13.16
N MET B 281 -14.84 -18.99 -12.80
CA MET B 281 -15.02 -18.01 -11.75
C MET B 281 -15.19 -16.60 -12.30
N ALA B 282 -14.15 -16.05 -12.90
CA ALA B 282 -14.09 -14.64 -13.25
C ALA B 282 -15.25 -14.21 -14.15
N SER B 283 -15.63 -15.05 -15.11
CA SER B 283 -16.67 -14.71 -16.04
C SER B 283 -18.04 -14.67 -15.39
N ARG B 284 -18.28 -15.48 -14.36
CA ARG B 284 -19.50 -15.40 -13.57
C ARG B 284 -19.62 -13.99 -13.00
N LYS B 285 -18.57 -13.53 -12.33
CA LYS B 285 -18.51 -12.17 -11.79
C LYS B 285 -18.75 -11.16 -12.90
N PHE B 286 -18.00 -11.26 -13.98
CA PHE B 286 -18.13 -10.34 -15.10
C PHE B 286 -19.55 -10.26 -15.64
N GLN B 287 -20.26 -11.38 -15.78
CA GLN B 287 -21.60 -11.37 -16.35
C GLN B 287 -22.60 -10.57 -15.53
N VAL B 288 -22.38 -10.41 -14.23
CA VAL B 288 -23.22 -9.52 -13.42
C VAL B 288 -23.26 -8.12 -14.03
N SER B 289 -22.14 -7.61 -14.51
CA SER B 289 -22.12 -6.29 -15.13
C SER B 289 -22.96 -6.26 -16.40
N GLU B 290 -22.89 -7.32 -17.20
CA GLU B 290 -23.63 -7.39 -18.44
C GLU B 290 -25.12 -7.27 -18.20
N LEU B 291 -25.60 -8.00 -17.21
CA LEU B 291 -27.01 -7.99 -16.88
C LEU B 291 -27.40 -6.65 -16.25
N ALA B 292 -26.59 -6.13 -15.33
CA ALA B 292 -26.85 -4.84 -14.71
C ALA B 292 -26.99 -3.74 -15.76
N ARG B 293 -26.19 -3.77 -16.82
CA ARG B 293 -26.21 -2.74 -17.85
C ARG B 293 -27.55 -2.65 -18.58
N PHE B 294 -28.37 -3.69 -18.64
CA PHE B 294 -29.71 -3.54 -19.20
C PHE B 294 -30.65 -2.70 -18.35
N PHE B 295 -30.36 -2.58 -17.05
CA PHE B 295 -31.17 -1.81 -16.11
C PHE B 295 -30.50 -0.52 -15.64
N GLY B 296 -29.18 -0.39 -15.86
CA GLY B 296 -28.43 0.80 -15.47
C GLY B 296 -28.26 0.95 -13.97
N VAL B 297 -27.99 -0.15 -13.26
CA VAL B 297 -27.86 -0.16 -11.79
C VAL B 297 -26.38 -0.13 -11.40
N PRO B 298 -25.94 0.79 -10.52
CA PRO B 298 -24.59 0.82 -10.02
C PRO B 298 -24.19 -0.48 -9.32
N PRO B 299 -23.18 -1.22 -9.81
CA PRO B 299 -22.94 -2.60 -9.36
C PRO B 299 -22.55 -2.75 -7.89
N HIS B 300 -22.09 -1.71 -7.21
CA HIS B 300 -21.85 -1.78 -5.77
C HIS B 300 -23.14 -1.93 -4.97
N LEU B 301 -24.28 -1.47 -5.50
CA LEU B 301 -25.59 -1.76 -4.90
C LEU B 301 -25.99 -3.22 -5.10
N VAL B 302 -25.46 -3.86 -6.14
CA VAL B 302 -25.78 -5.24 -6.52
C VAL B 302 -24.92 -6.23 -5.75
N GLY B 303 -23.61 -6.00 -5.64
CA GLY B 303 -22.72 -6.82 -4.80
C GLY B 303 -21.23 -6.87 -5.20
N ASP B 304 -20.79 -6.18 -6.26
CA ASP B 304 -19.44 -6.35 -6.80
C ASP B 304 -18.31 -5.63 -6.02
N VAL B 305 -17.11 -6.21 -6.09
CA VAL B 305 -15.87 -5.72 -5.47
C VAL B 305 -16.05 -5.50 -3.97
N GLU B 306 -16.25 -4.26 -3.53
CA GLU B 306 -16.71 -3.90 -2.18
C GLU B 306 -17.78 -2.80 -2.27
N LYS B 307 -17.35 -1.55 -2.42
CA LYS B 307 -18.11 -0.31 -2.24
C LYS B 307 -17.60 0.78 -3.21
N SER B 308 -18.36 1.86 -3.41
CA SER B 308 -18.12 2.85 -4.47
C SER B 308 -16.84 3.68 -4.30
N THR B 309 -15.73 3.15 -4.81
CA THR B 309 -14.34 3.50 -4.42
C THR B 309 -13.92 4.97 -4.56
N SER B 310 -14.40 5.72 -5.55
CA SER B 310 -13.93 7.10 -5.84
C SER B 310 -14.96 7.84 -6.70
N TRP B 311 -15.96 8.42 -6.02
CA TRP B 311 -17.30 8.66 -6.58
C TRP B 311 -18.16 9.59 -5.72
N GLY B 312 -18.04 9.42 -4.40
CA GLY B 312 -18.68 10.21 -3.35
C GLY B 312 -18.46 9.50 -2.01
N SER B 313 -18.31 10.24 -0.92
CA SER B 313 -17.94 9.67 0.38
C SER B 313 -19.15 9.12 1.16
N GLY B 314 -20.02 10.01 1.61
CA GLY B 314 -21.16 9.71 2.46
C GLY B 314 -22.37 9.20 1.70
N ILE B 315 -23.28 8.60 2.46
CA ILE B 315 -24.47 7.95 1.94
C ILE B 315 -25.30 8.86 1.02
N GLU B 316 -25.39 10.14 1.36
CA GLU B 316 -26.13 11.11 0.56
C GLU B 316 -25.59 11.19 -0.86
N GLN B 317 -24.27 11.18 -1.03
CA GLN B 317 -23.69 11.21 -2.37
C GLN B 317 -24.06 9.96 -3.16
N GLN B 318 -24.11 8.81 -2.51
CA GLN B 318 -24.51 7.59 -3.19
C GLN B 318 -25.95 7.71 -3.66
N ASN B 319 -26.81 8.23 -2.80
CA ASN B 319 -28.21 8.38 -3.12
C ASN B 319 -28.40 9.37 -4.26
N LEU B 320 -27.72 10.52 -4.21
CA LEU B 320 -27.75 11.50 -5.28
C LEU B 320 -27.34 10.88 -6.62
N GLY B 321 -26.24 10.13 -6.62
CA GLY B 321 -25.79 9.44 -7.82
C GLY B 321 -26.84 8.47 -8.33
N PHE B 322 -27.37 7.63 -7.46
CA PHE B 322 -28.36 6.64 -7.84
C PHE B 322 -29.64 7.27 -8.37
N LEU B 323 -30.07 8.38 -7.76
CA LEU B 323 -31.20 9.13 -8.26
C LEU B 323 -30.90 9.65 -9.67
N GLN B 324 -29.85 10.44 -9.83
CA GLN B 324 -29.61 11.16 -11.08
C GLN B 324 -29.34 10.21 -12.24
N TYR B 325 -28.52 9.19 -12.05
CA TYR B 325 -28.10 8.32 -13.13
C TYR B 325 -28.99 7.10 -13.35
N THR B 326 -29.97 6.83 -12.48
CA THR B 326 -30.80 5.62 -12.59
C THR B 326 -32.27 5.87 -12.26
N LEU B 327 -32.59 6.48 -11.12
CA LEU B 327 -33.99 6.48 -10.65
C LEU B 327 -34.83 7.58 -11.29
N GLN B 328 -34.24 8.74 -11.57
CA GLN B 328 -34.95 9.93 -12.08
C GLN B 328 -35.94 9.69 -13.23
N PRO B 329 -35.65 8.85 -14.25
CA PRO B 329 -36.50 8.74 -15.42
C PRO B 329 -37.89 8.28 -15.08
N TYR B 330 -38.01 7.31 -14.19
CA TYR B 330 -39.28 6.73 -13.80
C TYR B 330 -40.17 7.76 -13.15
N ILE B 331 -39.59 8.62 -12.32
CA ILE B 331 -40.30 9.73 -11.69
C ILE B 331 -40.97 10.57 -12.77
N SER B 332 -40.20 10.98 -13.77
CA SER B 332 -40.69 11.78 -14.86
C SER B 332 -41.75 11.05 -15.67
N ARG B 333 -41.54 9.76 -15.98
CA ARG B 333 -42.52 8.97 -16.74
C ARG B 333 -43.86 8.95 -16.01
N TRP B 334 -43.87 8.63 -14.72
CA TRP B 334 -45.09 8.66 -13.94
C TRP B 334 -45.71 10.04 -13.97
N GLU B 335 -44.99 11.04 -13.48
CA GLU B 335 -45.56 12.38 -13.29
C GLU B 335 -46.08 12.97 -14.60
N ASN B 336 -45.30 12.86 -15.67
CA ASN B 336 -45.75 13.39 -16.94
C ASN B 336 -46.92 12.59 -17.50
N SER B 337 -46.97 11.27 -17.36
CA SER B 337 -48.12 10.51 -17.86
C SER B 337 -49.40 10.93 -17.16
N ILE B 338 -49.34 11.12 -15.85
CA ILE B 338 -50.48 11.60 -15.08
C ILE B 338 -50.93 12.93 -15.65
N GLN B 339 -49.99 13.86 -15.84
CA GLN B 339 -50.31 15.18 -16.38
C GLN B 339 -50.85 15.11 -17.82
N ARG B 340 -50.38 14.15 -18.62
CA ARG B 340 -50.70 14.04 -20.05
C ARG B 340 -52.06 13.42 -20.32
N TRP B 341 -52.54 12.57 -19.42
CA TRP B 341 -53.74 11.75 -19.66
C TRP B 341 -54.78 11.80 -18.56
N LEU B 342 -54.38 11.91 -17.29
CA LEU B 342 -55.32 11.78 -16.18
C LEU B 342 -55.90 13.11 -15.73
N ILE B 343 -55.07 14.14 -15.65
CA ILE B 343 -55.54 15.49 -15.33
C ILE B 343 -56.29 16.06 -16.55
N PRO B 344 -57.51 16.60 -16.41
CA PRO B 344 -58.23 17.25 -17.50
C PRO B 344 -57.52 18.50 -18.02
N SER B 345 -57.62 18.78 -19.32
CA SER B 345 -56.89 19.87 -19.98
C SER B 345 -57.14 21.26 -19.36
N LYS B 346 -58.37 21.52 -18.89
CA LYS B 346 -58.73 22.77 -18.17
C LYS B 346 -58.02 22.97 -16.83
N ASP B 347 -57.54 21.89 -16.21
CA ASP B 347 -56.89 21.89 -14.91
C ASP B 347 -55.36 21.83 -15.00
N VAL B 348 -54.83 21.67 -16.21
CA VAL B 348 -53.38 21.78 -16.48
C VAL B 348 -52.85 23.12 -16.00
N GLY B 349 -51.69 23.10 -15.34
CA GLY B 349 -51.11 24.26 -14.66
C GLY B 349 -51.71 24.49 -13.27
N ARG B 350 -53.02 24.33 -13.08
CA ARG B 350 -53.60 24.41 -11.73
C ARG B 350 -53.24 23.19 -10.90
N LEU B 351 -53.44 22.00 -11.45
CA LEU B 351 -53.27 20.75 -10.73
C LEU B 351 -51.98 20.09 -11.18
N HIS B 352 -51.25 19.57 -10.21
CA HIS B 352 -49.92 19.05 -10.41
C HIS B 352 -49.63 17.92 -9.41
N ALA B 353 -48.68 17.03 -9.72
CA ALA B 353 -48.31 15.93 -8.82
C ALA B 353 -46.81 15.72 -8.74
N GLU B 354 -46.29 15.45 -7.55
CA GLU B 354 -44.87 15.16 -7.34
C GLU B 354 -44.63 14.00 -6.37
N HIS B 355 -43.68 13.15 -6.72
CA HIS B 355 -43.02 12.32 -5.72
C HIS B 355 -42.17 13.16 -4.78
N ASN B 356 -42.03 12.71 -3.53
CA ASN B 356 -41.16 13.33 -2.54
C ASN B 356 -39.83 12.55 -2.44
N LEU B 357 -38.72 13.26 -2.58
CA LEU B 357 -37.37 12.70 -2.64
C LEU B 357 -36.67 12.65 -1.28
N ASP B 358 -37.21 13.32 -0.26
CA ASP B 358 -36.49 13.51 1.00
C ASP B 358 -36.21 12.19 1.72
N GLY B 359 -37.05 11.17 1.54
CA GLY B 359 -36.81 9.84 2.07
C GLY B 359 -35.50 9.21 1.58
N LEU B 360 -35.01 9.59 0.39
CA LEU B 360 -33.67 9.23 -0.09
C LEU B 360 -32.65 10.29 0.28
N LEU B 361 -32.97 11.57 0.06
CA LEU B 361 -32.01 12.65 0.25
C LEU B 361 -31.68 12.93 1.72
N ARG B 362 -32.38 12.28 2.66
CA ARG B 362 -32.10 12.28 4.08
C ARG B 362 -30.62 11.97 4.38
N GLY B 363 -29.88 12.99 4.80
CA GLY B 363 -28.55 12.82 5.40
C GLY B 363 -28.63 12.35 6.86
N ASP B 364 -27.48 12.15 7.48
CA ASP B 364 -27.40 11.76 8.88
C ASP B 364 -27.82 12.89 9.85
N SER B 365 -27.97 12.54 11.12
CA SER B 365 -28.25 13.46 12.21
C SER B 365 -27.33 14.67 12.25
N ALA B 366 -26.02 14.50 12.12
CA ALA B 366 -25.10 15.60 12.21
C ALA B 366 -25.29 16.57 11.05
N SER B 367 -25.32 16.05 9.82
CA SER B 367 -25.50 16.89 8.65
C SER B 367 -26.86 17.59 8.68
N ARG B 368 -27.95 16.91 9.02
CA ARG B 368 -29.25 17.57 9.07
C ARG B 368 -29.33 18.62 10.19
N ALA B 369 -28.70 18.37 11.33
CA ALA B 369 -28.60 19.39 12.36
C ALA B 369 -27.84 20.61 11.86
N ALA B 370 -26.67 20.40 11.26
CA ALA B 370 -25.87 21.50 10.70
C ALA B 370 -26.67 22.27 9.63
N PHE B 371 -27.38 21.56 8.76
CA PHE B 371 -28.25 22.16 7.77
C PHE B 371 -29.31 23.06 8.40
N MET B 372 -30.09 22.52 9.35
CA MET B 372 -31.13 23.31 10.00
C MET B 372 -30.55 24.52 10.72
N LYS B 373 -29.41 24.37 11.38
CA LYS B 373 -28.72 25.50 12.01
C LYS B 373 -28.34 26.56 11.00
N ALA B 374 -27.88 26.15 9.81
CA ALA B 374 -27.59 27.08 8.72
C ALA B 374 -28.85 27.81 8.20
N MET B 375 -30.05 27.31 8.44
CA MET B 375 -31.29 28.07 8.17
C MET B 375 -31.59 29.11 9.24
N GLY B 376 -30.98 29.02 10.43
CA GLY B 376 -31.26 29.83 11.62
C GLY B 376 -31.06 31.32 11.36
N GLU B 377 -29.83 31.81 11.43
CA GLU B 377 -29.50 33.00 10.62
C GLU B 377 -29.56 32.59 9.14
N SER B 378 -29.59 33.55 8.22
CA SER B 378 -30.22 33.45 6.90
C SER B 378 -31.75 33.43 6.96
N GLY B 379 -32.33 32.79 7.98
CA GLY B 379 -33.77 32.80 8.20
C GLY B 379 -34.56 32.04 7.14
N LEU B 380 -33.92 31.16 6.38
CA LEU B 380 -34.56 30.41 5.28
C LEU B 380 -35.72 29.51 5.72
N ARG B 381 -35.90 29.24 7.02
CA ARG B 381 -37.14 28.71 7.60
C ARG B 381 -37.44 29.31 8.96
N THR B 382 -38.72 29.34 9.28
CA THR B 382 -39.25 29.41 10.65
C THR B 382 -39.09 28.08 11.36
N ILE B 383 -39.14 28.12 12.69
CA ILE B 383 -39.12 26.90 13.50
C ILE B 383 -40.32 26.03 13.15
N ASN B 384 -41.49 26.62 12.91
CA ASN B 384 -42.68 25.87 12.52
C ASN B 384 -42.50 25.09 11.23
N GLU B 385 -41.90 25.69 10.20
CA GLU B 385 -41.65 24.96 8.95
C GLU B 385 -40.73 23.78 9.17
N MET B 386 -39.65 23.98 9.94
CA MET B 386 -38.75 22.86 10.25
C MET B 386 -39.46 21.80 11.09
N ARG B 387 -40.24 22.18 12.11
CA ARG B 387 -41.05 21.24 12.88
C ARG B 387 -42.07 20.49 12.01
N ARG B 388 -42.52 21.08 10.92
CA ARG B 388 -43.42 20.38 10.00
C ARG B 388 -42.70 19.26 9.26
N THR B 389 -41.40 19.40 9.00
CA THR B 389 -40.62 18.37 8.29
C THR B 389 -40.53 17.06 9.08
N ASP B 390 -40.67 17.11 10.40
CA ASP B 390 -40.61 15.94 11.28
C ASP B 390 -41.85 15.86 12.18
N ASN B 391 -42.95 16.47 11.75
CA ASN B 391 -44.28 16.47 12.38
C ASN B 391 -44.28 16.82 13.88
N MET B 392 -43.29 17.56 14.35
CA MET B 392 -43.29 18.13 15.69
C MET B 392 -44.42 19.17 15.85
N PRO B 393 -45.04 19.32 17.03
CA PRO B 393 -46.07 20.32 17.24
C PRO B 393 -45.56 21.74 17.00
N PRO B 394 -46.33 22.61 16.30
CA PRO B 394 -45.96 23.99 16.08
C PRO B 394 -45.88 24.79 17.39
N LEU B 395 -45.15 25.89 17.34
CA LEU B 395 -44.66 26.64 18.50
C LEU B 395 -44.50 28.12 18.10
N PRO B 396 -44.72 29.13 18.97
CA PRO B 396 -44.77 30.53 18.56
C PRO B 396 -43.48 31.02 17.87
N GLY B 397 -43.58 31.38 16.60
CA GLY B 397 -42.46 31.81 15.75
C GLY B 397 -42.83 31.98 14.28
N ILE C 52 -35.45 -31.24 -4.94
CA ILE C 52 -35.17 -30.17 -3.96
C ILE C 52 -36.44 -29.79 -3.18
N ASN C 53 -36.29 -29.28 -1.95
CA ASN C 53 -37.42 -28.84 -1.12
C ASN C 53 -37.06 -27.65 -0.22
N ASP C 54 -38.08 -26.98 0.28
CA ASP C 54 -37.97 -25.72 1.01
C ASP C 54 -37.15 -25.84 2.28
N GLU C 55 -37.27 -26.95 3.00
CA GLU C 55 -36.51 -27.16 4.23
C GLU C 55 -35.02 -27.34 3.92
N ARG C 56 -34.68 -28.15 2.91
CA ARG C 56 -33.29 -28.34 2.49
C ARG C 56 -32.66 -27.03 2.04
N ILE C 57 -33.46 -26.14 1.44
CA ILE C 57 -33.04 -24.79 1.09
C ILE C 57 -32.83 -23.95 2.34
N LEU C 58 -33.80 -23.92 3.25
CA LEU C 58 -33.72 -23.12 4.46
C LEU C 58 -32.55 -23.54 5.36
N GLN C 59 -32.08 -24.77 5.27
CA GLN C 59 -30.86 -25.23 5.94
C GLN C 59 -29.57 -24.54 5.44
N ILE C 60 -29.58 -23.75 4.38
CA ILE C 60 -28.43 -22.95 3.97
C ILE C 60 -28.23 -21.74 4.89
N SER C 61 -27.04 -21.57 5.46
CA SER C 61 -26.79 -20.55 6.49
C SER C 61 -27.17 -19.15 6.03
N THR C 62 -26.88 -18.82 4.77
CA THR C 62 -27.25 -17.54 4.17
C THR C 62 -28.74 -17.30 4.25
N VAL C 63 -29.51 -18.27 3.82
CA VAL C 63 -30.96 -18.11 3.68
C VAL C 63 -31.57 -17.94 5.06
N TRP C 64 -31.16 -18.80 5.98
CA TRP C 64 -31.55 -18.70 7.38
C TRP C 64 -31.28 -17.31 7.93
N ARG C 65 -30.07 -16.79 7.69
CA ARG C 65 -29.67 -15.50 8.23
C ARG C 65 -30.47 -14.37 7.63
N CYS C 66 -30.68 -14.36 6.32
CA CYS C 66 -31.40 -13.27 5.67
C CYS C 66 -32.80 -13.12 6.24
N VAL C 67 -33.53 -14.24 6.28
CA VAL C 67 -34.89 -14.26 6.80
C VAL C 67 -34.88 -13.87 8.25
N SER C 68 -33.97 -14.43 9.04
CA SER C 68 -33.85 -14.07 10.45
C SER C 68 -33.72 -12.57 10.58
N LEU C 69 -32.73 -12.00 9.91
CA LEU C 69 -32.42 -10.59 10.05
C LEU C 69 -33.64 -9.73 9.78
N ILE C 70 -34.20 -9.83 8.58
CA ILE C 70 -35.24 -8.89 8.16
C ILE C 70 -36.45 -9.00 9.06
N SER C 71 -36.96 -10.22 9.21
CA SER C 71 -38.16 -10.43 9.99
C SER C 71 -37.98 -9.97 11.42
N THR C 72 -36.80 -10.23 11.98
CA THR C 72 -36.53 -9.85 13.35
C THR C 72 -36.46 -8.35 13.49
N LEU C 73 -35.71 -7.68 12.63
CA LEU C 73 -35.48 -6.25 12.77
C LEU C 73 -36.79 -5.50 12.69
N THR C 74 -37.62 -5.80 11.71
CA THR C 74 -38.90 -5.10 11.63
C THR C 74 -39.83 -5.48 12.77
N ALA C 75 -39.72 -6.68 13.32
CA ALA C 75 -40.47 -7.04 14.51
C ALA C 75 -39.95 -6.33 15.77
N CYS C 76 -38.68 -5.91 15.80
CA CYS C 76 -38.10 -5.19 16.92
C CYS C 76 -38.52 -3.73 16.99
N LEU C 77 -38.90 -3.12 15.86
CA LEU C 77 -39.30 -1.71 15.85
C LEU C 77 -40.52 -1.46 16.75
N PRO C 78 -40.60 -0.34 17.47
CA PRO C 78 -41.85 0.13 18.05
C PRO C 78 -42.85 0.46 16.94
N LEU C 79 -44.12 0.16 17.17
CA LEU C 79 -45.24 0.50 16.30
C LEU C 79 -46.34 1.16 17.12
N ASP C 80 -46.80 2.30 16.63
CA ASP C 80 -47.69 3.22 17.34
C ASP C 80 -48.86 3.62 16.43
N VAL C 81 -49.90 4.19 17.02
CA VAL C 81 -51.01 4.81 16.29
C VAL C 81 -51.22 6.21 16.79
N PHE C 82 -51.44 7.13 15.87
CA PHE C 82 -51.85 8.48 16.16
C PHE C 82 -53.28 8.71 15.73
N GLU C 83 -54.05 9.29 16.64
CA GLU C 83 -55.16 10.10 16.20
C GLU C 83 -54.59 11.47 15.81
N THR C 84 -55.25 12.13 14.88
CA THR C 84 -54.73 13.32 14.22
C THR C 84 -55.83 14.35 14.16
N ASP C 85 -55.54 15.58 14.59
CA ASP C 85 -56.51 16.67 14.52
C ASP C 85 -56.58 17.26 13.10
N GLN C 86 -57.64 18.01 12.80
CA GLN C 86 -57.82 18.70 11.52
C GLN C 86 -56.71 19.72 11.19
N ASN C 87 -56.03 20.27 12.20
CA ASN C 87 -54.83 21.11 12.05
C ASN C 87 -53.53 20.29 11.99
N ASP C 88 -53.64 18.98 11.78
CA ASP C 88 -52.54 18.01 11.60
C ASP C 88 -51.63 17.82 12.82
N ASN C 89 -52.10 18.12 14.03
CA ASN C 89 -51.40 17.73 15.26
C ASN C 89 -51.61 16.24 15.53
N ARG C 90 -50.52 15.53 15.83
CA ARG C 90 -50.59 14.12 16.28
C ARG C 90 -51.02 14.02 17.74
N LYS C 91 -51.62 12.89 18.08
CA LYS C 91 -51.93 12.46 19.43
C LYS C 91 -51.80 10.94 19.49
N LYS C 92 -50.72 10.44 20.08
CA LYS C 92 -50.50 9.00 20.17
C LYS C 92 -51.59 8.38 21.06
N VAL C 93 -52.21 7.31 20.61
CA VAL C 93 -53.36 6.70 21.28
C VAL C 93 -52.96 5.63 22.30
N ASP C 94 -53.84 5.41 23.28
CA ASP C 94 -53.61 4.54 24.44
C ASP C 94 -54.09 3.09 24.23
N LEU C 95 -53.59 2.15 25.05
CA LEU C 95 -53.99 0.74 25.04
C LEU C 95 -55.47 0.47 25.43
N SER C 96 -56.21 1.51 25.81
CA SER C 96 -57.67 1.46 25.92
C SER C 96 -58.35 1.41 24.56
N ASN C 97 -57.74 1.97 23.51
CA ASN C 97 -58.27 1.87 22.16
C ASN C 97 -58.14 0.43 21.64
N PRO C 98 -59.22 -0.19 21.11
CA PRO C 98 -59.20 -1.59 20.72
C PRO C 98 -58.17 -1.93 19.66
N LEU C 99 -58.07 -1.11 18.61
CA LEU C 99 -57.10 -1.33 17.54
C LEU C 99 -55.68 -1.23 18.08
N ALA C 100 -55.38 -0.21 18.86
CA ALA C 100 -54.07 -0.07 19.46
C ALA C 100 -53.73 -1.26 20.35
N ARG C 101 -54.68 -1.69 21.18
CA ARG C 101 -54.50 -2.85 22.04
C ARG C 101 -54.21 -4.10 21.24
N LEU C 102 -54.94 -4.30 20.16
CA LEU C 102 -54.77 -5.42 19.25
C LEU C 102 -53.37 -5.42 18.65
N LEU C 103 -52.94 -4.27 18.14
CA LEU C 103 -51.66 -4.13 17.49
C LEU C 103 -50.48 -4.21 18.45
N ARG C 104 -50.62 -3.68 19.66
CA ARG C 104 -49.48 -3.41 20.54
C ARG C 104 -49.42 -4.36 21.74
N TYR C 105 -50.54 -4.71 22.35
CA TYR C 105 -50.55 -5.66 23.47
C TYR C 105 -50.76 -7.10 23.03
N SER C 106 -51.83 -7.38 22.28
CA SER C 106 -52.25 -8.77 22.02
C SER C 106 -53.03 -8.93 20.71
N PRO C 107 -52.48 -9.66 19.72
CA PRO C 107 -53.17 -9.98 18.49
C PRO C 107 -54.17 -11.14 18.65
N ASN C 108 -53.95 -12.02 19.62
CA ASN C 108 -54.77 -13.19 19.91
C ASN C 108 -54.40 -13.79 21.27
N GLN C 109 -55.24 -14.69 21.77
CA GLN C 109 -55.04 -15.37 23.06
C GLN C 109 -53.94 -16.46 23.07
N TYR C 110 -52.97 -16.39 22.15
CA TYR C 110 -51.81 -17.28 22.08
C TYR C 110 -50.47 -16.55 21.93
N MET C 111 -50.47 -15.25 21.63
CA MET C 111 -49.28 -14.56 21.13
C MET C 111 -49.07 -13.15 21.66
N THR C 112 -47.84 -12.72 21.51
CA THR C 112 -47.33 -11.36 21.68
C THR C 112 -47.45 -10.61 20.35
N ALA C 113 -47.54 -9.28 20.39
CA ALA C 113 -47.51 -8.48 19.17
C ALA C 113 -46.24 -8.72 18.35
N GLN C 114 -45.06 -8.55 18.96
CA GLN C 114 -43.75 -8.78 18.35
C GLN C 114 -43.71 -10.13 17.63
N GLU C 115 -44.07 -11.15 18.38
CA GLU C 115 -44.08 -12.55 17.99
C GLU C 115 -44.97 -12.82 16.78
N PHE C 116 -46.14 -12.18 16.74
CA PHE C 116 -46.99 -12.23 15.57
C PHE C 116 -46.39 -11.51 14.37
N ARG C 117 -45.88 -10.29 14.55
CA ARG C 117 -45.32 -9.53 13.42
C ARG C 117 -44.16 -10.28 12.79
N GLU C 118 -43.34 -10.89 13.62
CA GLU C 118 -42.23 -11.73 13.20
C GLU C 118 -42.72 -12.86 12.31
N ALA C 119 -43.66 -13.66 12.80
CA ALA C 119 -44.19 -14.80 12.08
C ALA C 119 -44.78 -14.40 10.73
N MET C 120 -45.57 -13.32 10.71
CA MET C 120 -46.14 -12.79 9.47
C MET C 120 -45.06 -12.42 8.48
N THR C 121 -44.05 -11.70 8.94
CA THR C 121 -42.98 -11.22 8.08
C THR C 121 -42.15 -12.37 7.51
N MET C 122 -41.89 -13.42 8.30
CA MET C 122 -41.19 -14.60 7.81
C MET C 122 -41.90 -15.17 6.59
N GLN C 123 -43.21 -15.39 6.66
CA GLN C 123 -43.94 -15.86 5.50
C GLN C 123 -43.89 -14.88 4.34
N LEU C 124 -44.05 -13.59 4.62
CA LEU C 124 -44.05 -12.57 3.58
C LEU C 124 -42.74 -12.59 2.80
N CYS C 125 -41.60 -12.71 3.46
CA CYS C 125 -40.33 -12.90 2.77
C CYS C 125 -40.27 -14.24 2.05
N PHE C 126 -40.52 -15.34 2.75
CA PHE C 126 -40.22 -16.66 2.22
C PHE C 126 -41.12 -17.04 1.03
N TYR C 127 -42.40 -16.67 1.08
CA TYR C 127 -43.40 -17.01 0.07
C TYR C 127 -43.90 -15.81 -0.73
N GLY C 128 -43.35 -14.61 -0.53
CA GLY C 128 -43.83 -13.39 -1.19
C GLY C 128 -45.22 -12.93 -0.74
N ASN C 129 -45.85 -13.67 0.16
CA ASN C 129 -47.24 -13.51 0.58
C ASN C 129 -47.37 -13.98 2.02
N ALA C 130 -48.28 -13.39 2.77
CA ALA C 130 -48.66 -13.84 4.09
C ALA C 130 -50.13 -13.55 4.34
N TYR C 131 -50.78 -14.39 5.14
CA TYR C 131 -52.23 -14.34 5.36
C TYR C 131 -52.54 -14.51 6.83
N ALA C 132 -53.47 -13.73 7.35
CA ALA C 132 -54.08 -13.98 8.64
C ALA C 132 -55.60 -14.03 8.49
N LEU C 133 -56.22 -14.94 9.22
CA LEU C 133 -57.64 -14.87 9.48
C LEU C 133 -57.91 -13.71 10.42
N VAL C 134 -58.81 -12.83 10.00
CA VAL C 134 -59.36 -11.73 10.80
C VAL C 134 -60.52 -12.21 11.65
N ASP C 135 -60.71 -11.61 12.81
CA ASP C 135 -61.97 -11.71 13.55
C ASP C 135 -62.40 -10.37 14.16
N ARG C 136 -63.71 -10.17 14.27
CA ARG C 136 -64.35 -8.93 14.68
C ARG C 136 -65.59 -9.18 15.54
N ASN C 137 -65.88 -8.28 16.47
CA ASN C 137 -66.98 -8.39 17.43
C ASN C 137 -68.36 -8.11 16.80
N SER C 138 -69.41 -8.10 17.61
CA SER C 138 -70.77 -7.74 17.19
C SER C 138 -70.90 -6.30 16.69
N ALA C 139 -70.06 -5.37 17.16
CA ALA C 139 -69.95 -4.02 16.59
C ALA C 139 -69.24 -3.99 15.22
N GLY C 140 -68.65 -5.10 14.79
CA GLY C 140 -67.88 -5.23 13.55
C GLY C 140 -66.43 -4.75 13.68
N ASP C 141 -65.98 -4.39 14.88
CA ASP C 141 -64.61 -3.96 15.15
C ASP C 141 -63.71 -5.17 15.40
N VAL C 142 -62.49 -5.15 14.86
CA VAL C 142 -61.57 -6.29 14.94
C VAL C 142 -61.13 -6.58 16.37
N ILE C 143 -60.98 -7.87 16.67
CA ILE C 143 -60.65 -8.39 17.99
C ILE C 143 -59.63 -9.54 17.96
N SER C 144 -59.33 -10.12 16.79
CA SER C 144 -58.27 -11.12 16.71
C SER C 144 -57.63 -11.19 15.33
N LEU C 145 -56.37 -11.62 15.30
CA LEU C 145 -55.64 -11.99 14.10
C LEU C 145 -54.91 -13.30 14.36
N LEU C 146 -54.97 -14.21 13.39
CA LEU C 146 -54.32 -15.51 13.47
C LEU C 146 -53.64 -15.85 12.13
N PRO C 147 -52.34 -16.16 12.09
CA PRO C 147 -51.65 -16.52 10.86
C PRO C 147 -52.17 -17.81 10.21
N LEU C 148 -52.03 -17.90 8.89
CA LEU C 148 -52.41 -19.04 8.06
C LEU C 148 -51.24 -19.45 7.16
N GLN C 149 -51.13 -20.72 6.78
CA GLN C 149 -50.00 -21.17 5.94
C GLN C 149 -50.12 -20.65 4.51
N SER C 150 -49.16 -19.82 4.06
CA SER C 150 -49.10 -19.39 2.66
C SER C 150 -48.97 -20.57 1.69
N ALA C 151 -48.39 -21.70 2.13
CA ALA C 151 -48.32 -22.93 1.36
C ALA C 151 -49.68 -23.63 1.17
N ASN C 152 -50.67 -23.37 2.02
CA ASN C 152 -52.01 -23.97 1.95
C ASN C 152 -53.02 -23.01 1.31
N MET C 153 -52.75 -21.71 1.39
CA MET C 153 -53.58 -20.68 0.79
C MET C 153 -53.45 -20.67 -0.74
N ASP C 154 -54.53 -20.31 -1.40
CA ASP C 154 -54.61 -19.88 -2.79
C ASP C 154 -55.59 -18.71 -2.89
N VAL C 155 -55.36 -17.77 -3.79
CA VAL C 155 -56.30 -16.70 -4.08
C VAL C 155 -56.68 -16.74 -5.55
N LYS C 156 -57.98 -16.75 -5.85
CA LYS C 156 -58.50 -16.76 -7.23
C LYS C 156 -59.62 -15.76 -7.42
N LEU C 157 -59.62 -15.11 -8.59
CA LEU C 157 -60.77 -14.35 -9.07
C LEU C 157 -61.92 -15.31 -9.41
N VAL C 158 -63.14 -14.94 -9.03
CA VAL C 158 -64.35 -15.77 -9.13
C VAL C 158 -65.51 -14.86 -9.52
N GLY C 159 -65.83 -14.83 -10.82
CA GLY C 159 -66.48 -13.66 -11.39
C GLY C 159 -65.62 -12.42 -11.16
N LYS C 160 -66.25 -11.26 -10.94
CA LYS C 160 -65.54 -10.03 -10.52
C LYS C 160 -65.07 -10.07 -9.06
N LYS C 161 -65.57 -11.00 -8.26
CA LYS C 161 -65.17 -11.21 -6.85
C LYS C 161 -63.84 -11.96 -6.76
N VAL C 162 -63.34 -12.14 -5.53
CA VAL C 162 -62.17 -12.96 -5.23
C VAL C 162 -62.46 -13.94 -4.11
N VAL C 163 -61.83 -15.11 -4.15
CA VAL C 163 -61.90 -16.13 -3.11
C VAL C 163 -60.51 -16.52 -2.67
N TYR C 164 -60.30 -16.45 -1.37
CA TYR C 164 -59.17 -17.06 -0.69
C TYR C 164 -59.55 -18.51 -0.40
N ARG C 165 -59.10 -19.42 -1.25
CA ARG C 165 -59.19 -20.85 -1.03
C ARG C 165 -58.09 -21.25 -0.05
N TYR C 166 -58.44 -21.75 1.11
CA TYR C 166 -57.48 -22.32 2.05
C TYR C 166 -57.64 -23.83 2.16
N GLN C 167 -56.60 -24.58 1.79
CA GLN C 167 -56.53 -26.01 2.06
C GLN C 167 -56.26 -26.24 3.54
N ARG C 168 -57.30 -26.38 4.37
CA ARG C 168 -57.13 -26.85 5.75
C ARG C 168 -57.07 -28.37 5.73
N ASP C 169 -55.88 -28.92 5.92
CA ASP C 169 -55.64 -30.35 6.07
C ASP C 169 -56.13 -31.17 4.87
N SER C 170 -57.37 -31.66 4.90
CA SER C 170 -58.02 -32.44 3.84
C SER C 170 -59.34 -31.79 3.41
N GLU C 171 -59.48 -30.49 3.66
CA GLU C 171 -60.64 -29.66 3.40
C GLU C 171 -60.21 -28.35 2.75
N TYR C 172 -61.16 -27.67 2.11
CA TYR C 172 -60.88 -26.64 1.11
C TYR C 172 -61.79 -25.45 1.38
N ALA C 173 -61.51 -24.77 2.49
CA ALA C 173 -62.25 -23.62 2.93
C ALA C 173 -62.11 -22.46 1.95
N ASP C 174 -63.08 -21.57 1.96
CA ASP C 174 -63.14 -20.40 1.09
C ASP C 174 -63.47 -19.15 1.90
N PHE C 175 -62.81 -18.04 1.59
CA PHE C 175 -62.96 -16.81 2.35
C PHE C 175 -62.93 -15.58 1.47
N SER C 176 -63.52 -14.51 1.99
CA SER C 176 -63.67 -13.21 1.38
C SER C 176 -62.49 -12.29 1.66
N GLN C 177 -62.36 -11.25 0.85
CA GLN C 177 -61.53 -10.09 1.14
C GLN C 177 -61.90 -9.41 2.48
N LYS C 178 -63.14 -9.61 2.96
CA LYS C 178 -63.63 -9.09 4.23
C LYS C 178 -62.99 -9.71 5.47
N GLU C 179 -62.41 -10.90 5.36
CA GLU C 179 -61.97 -11.67 6.53
C GLU C 179 -60.54 -12.23 6.45
N ILE C 180 -59.84 -12.04 5.33
CA ILE C 180 -58.43 -12.41 5.18
C ILE C 180 -57.57 -11.15 5.00
N PHE C 181 -56.53 -10.99 5.81
CA PHE C 181 -55.76 -9.74 5.81
C PHE C 181 -54.82 -9.58 4.60
N HIS C 182 -54.14 -10.66 4.19
CA HIS C 182 -53.30 -10.78 3.00
C HIS C 182 -52.28 -9.65 2.75
N LEU C 183 -51.05 -9.77 3.23
CA LEU C 183 -50.01 -8.73 3.09
C LEU C 183 -49.44 -8.56 1.67
N LYS C 184 -49.67 -9.51 0.75
CA LYS C 184 -49.55 -9.34 -0.72
C LYS C 184 -48.30 -8.59 -1.19
N GLY C 185 -47.15 -9.27 -1.23
CA GLY C 185 -45.86 -8.68 -1.63
C GLY C 185 -45.68 -8.41 -3.13
N PHE C 186 -44.43 -8.20 -3.52
CA PHE C 186 -43.95 -7.85 -4.87
C PHE C 186 -44.41 -8.81 -5.97
N GLY C 187 -45.13 -8.33 -7.00
CA GLY C 187 -45.54 -9.16 -8.15
C GLY C 187 -46.30 -8.43 -9.26
N PHE C 188 -46.25 -8.97 -10.48
CA PHE C 188 -46.77 -8.29 -11.69
C PHE C 188 -48.28 -8.03 -11.70
N THR C 189 -49.08 -8.90 -11.07
CA THR C 189 -50.55 -8.80 -11.12
C THR C 189 -51.13 -7.72 -10.21
N GLY C 190 -50.41 -7.34 -9.16
CA GLY C 190 -50.96 -6.55 -8.05
C GLY C 190 -51.94 -7.33 -7.18
N LEU C 191 -52.16 -8.62 -7.46
CA LEU C 191 -53.08 -9.51 -6.75
C LEU C 191 -52.36 -10.48 -5.82
N VAL C 192 -51.16 -10.94 -6.17
CA VAL C 192 -50.32 -11.83 -5.35
C VAL C 192 -48.84 -11.53 -5.59
N GLY C 193 -48.00 -11.83 -4.61
CA GLY C 193 -46.55 -11.68 -4.73
C GLY C 193 -45.90 -12.90 -5.37
N LEU C 194 -44.77 -12.71 -6.05
CA LEU C 194 -43.93 -13.77 -6.58
C LEU C 194 -43.17 -14.46 -5.45
N SER C 195 -43.35 -15.76 -5.29
CA SER C 195 -42.78 -16.50 -4.17
C SER C 195 -41.26 -16.68 -4.34
N PRO C 196 -40.38 -16.00 -3.58
CA PRO C 196 -38.98 -15.89 -3.95
C PRO C 196 -38.26 -17.22 -3.97
N ILE C 197 -38.62 -18.10 -3.04
CA ILE C 197 -38.14 -19.47 -2.96
C ILE C 197 -38.29 -20.21 -4.29
N ALA C 198 -39.36 -19.95 -5.04
CA ALA C 198 -39.58 -20.60 -6.33
C ALA C 198 -38.54 -20.19 -7.37
N PHE C 199 -38.06 -18.95 -7.34
CA PHE C 199 -37.08 -18.46 -8.30
C PHE C 199 -35.66 -18.79 -7.88
N ALA C 200 -35.38 -18.69 -6.58
CA ALA C 200 -34.08 -18.97 -6.01
C ALA C 200 -33.64 -20.44 -6.14
N CYS C 201 -34.55 -21.37 -6.46
CA CYS C 201 -34.28 -22.80 -6.42
C CYS C 201 -33.05 -23.25 -7.23
N LYS C 202 -32.71 -22.59 -8.34
CA LYS C 202 -31.57 -22.99 -9.16
C LYS C 202 -30.24 -22.69 -8.50
N SER C 203 -30.01 -21.44 -8.12
CA SER C 203 -28.79 -21.08 -7.42
C SER C 203 -28.68 -21.84 -6.10
N ALA C 204 -29.79 -22.02 -5.38
CA ALA C 204 -29.81 -22.87 -4.21
C ALA C 204 -29.39 -24.30 -4.56
N GLY C 205 -29.86 -24.82 -5.69
CA GLY C 205 -29.46 -26.11 -6.25
C GLY C 205 -27.94 -26.21 -6.41
N VAL C 206 -27.33 -25.17 -6.99
CA VAL C 206 -25.88 -25.11 -7.13
C VAL C 206 -25.20 -25.16 -5.76
N ALA C 207 -25.69 -24.37 -4.82
CA ALA C 207 -25.11 -24.31 -3.50
C ALA C 207 -25.16 -25.66 -2.80
N VAL C 208 -26.32 -26.32 -2.77
CA VAL C 208 -26.42 -27.61 -2.12
C VAL C 208 -25.61 -28.67 -2.86
N ALA C 209 -25.47 -28.59 -4.18
CA ALA C 209 -24.62 -29.51 -4.90
C ALA C 209 -23.16 -29.37 -4.45
N MET C 210 -22.67 -28.13 -4.38
CA MET C 210 -21.31 -27.90 -3.94
C MET C 210 -21.11 -28.33 -2.51
N GLU C 211 -22.04 -27.96 -1.64
CA GLU C 211 -22.00 -28.29 -0.23
C GLU C 211 -21.95 -29.80 -0.02
N ASP C 212 -22.80 -30.55 -0.71
CA ASP C 212 -22.80 -32.00 -0.65
C ASP C 212 -21.48 -32.58 -1.16
N GLN C 213 -20.96 -32.07 -2.29
CA GLN C 213 -19.70 -32.54 -2.82
C GLN C 213 -18.56 -32.29 -1.83
N GLN C 214 -18.49 -31.08 -1.29
CA GLN C 214 -17.45 -30.66 -0.37
C GLN C 214 -17.44 -31.56 0.86
N ARG C 215 -18.62 -31.85 1.42
CA ARG C 215 -18.79 -32.80 2.52
C ARG C 215 -18.24 -34.16 2.13
N ASP C 216 -18.75 -34.69 1.04
CA ASP C 216 -18.58 -36.09 0.73
C ASP C 216 -17.14 -36.41 0.38
N PHE C 217 -16.41 -35.44 -0.15
CA PHE C 217 -14.98 -35.62 -0.36
C PHE C 217 -14.23 -35.91 0.95
N PHE C 218 -14.50 -35.15 2.00
CA PHE C 218 -13.90 -35.44 3.32
C PHE C 218 -14.53 -36.67 3.97
N ALA C 219 -15.80 -36.95 3.70
CA ALA C 219 -16.42 -38.18 4.16
C ALA C 219 -15.78 -39.43 3.54
N ASN C 220 -15.14 -39.29 2.38
CA ASN C 220 -14.31 -40.30 1.75
C ASN C 220 -12.82 -40.09 2.05
N GLY C 221 -12.48 -39.59 3.23
CA GLY C 221 -11.10 -39.48 3.70
C GLY C 221 -10.17 -38.69 2.79
N ALA C 222 -10.73 -37.80 1.95
CA ALA C 222 -10.00 -37.09 0.90
C ALA C 222 -9.25 -38.01 -0.09
N LYS C 223 -9.77 -39.22 -0.32
CA LYS C 223 -9.26 -40.15 -1.34
C LYS C 223 -9.94 -39.92 -2.70
N SER C 224 -9.12 -39.78 -3.73
CA SER C 224 -9.59 -39.52 -5.10
C SER C 224 -10.26 -40.76 -5.73
N PRO C 225 -11.39 -40.62 -6.45
CA PRO C 225 -12.04 -41.74 -7.15
C PRO C 225 -11.15 -42.35 -8.23
N GLN C 226 -11.28 -43.64 -8.50
CA GLN C 226 -10.35 -44.41 -9.32
C GLN C 226 -11.04 -45.27 -10.39
N ILE C 227 -10.44 -45.35 -11.58
CA ILE C 227 -10.76 -46.38 -12.56
C ILE C 227 -10.12 -47.71 -12.17
N LEU C 228 -10.89 -48.79 -12.27
CA LEU C 228 -10.47 -50.13 -11.89
C LEU C 228 -10.14 -50.97 -13.12
N SER C 229 -8.92 -50.84 -13.59
CA SER C 229 -8.37 -51.63 -14.67
C SER C 229 -7.74 -52.93 -14.17
N THR C 230 -8.46 -54.04 -14.32
CA THR C 230 -8.09 -55.39 -13.89
C THR C 230 -6.86 -55.96 -14.63
N GLY C 231 -6.98 -56.16 -15.93
CA GLY C 231 -5.98 -56.82 -16.77
C GLY C 231 -6.60 -57.40 -18.04
N GLU C 232 -5.93 -58.38 -18.65
CA GLU C 232 -6.30 -59.00 -19.92
C GLU C 232 -7.08 -60.31 -19.78
N LYS C 233 -7.68 -60.58 -18.62
CA LYS C 233 -8.41 -61.82 -18.32
C LYS C 233 -9.74 -61.56 -17.61
N VAL C 234 -10.78 -62.29 -18.03
CA VAL C 234 -12.08 -62.38 -17.36
C VAL C 234 -11.97 -62.85 -15.91
N LEU C 235 -12.92 -62.41 -15.09
CA LEU C 235 -13.12 -62.84 -13.70
C LEU C 235 -14.53 -63.43 -13.53
N THR C 236 -14.68 -64.42 -12.66
CA THR C 236 -16.01 -64.89 -12.24
C THR C 236 -16.74 -63.80 -11.45
N GLU C 237 -18.06 -63.88 -11.36
CA GLU C 237 -18.83 -62.94 -10.54
C GLU C 237 -18.44 -63.04 -9.05
N GLN C 238 -17.95 -64.20 -8.61
CA GLN C 238 -17.41 -64.36 -7.27
C GLN C 238 -16.06 -63.64 -7.12
N GLN C 239 -15.16 -63.74 -8.09
CA GLN C 239 -13.92 -62.96 -8.07
C GLN C 239 -14.21 -61.46 -8.10
N ARG C 240 -15.21 -61.02 -8.89
CA ARG C 240 -15.74 -59.66 -8.88
C ARG C 240 -16.37 -59.27 -7.53
N SER C 241 -16.80 -60.24 -6.73
CA SER C 241 -17.23 -60.02 -5.35
C SER C 241 -16.02 -59.93 -4.40
N GLN C 242 -15.02 -60.80 -4.52
CA GLN C 242 -13.81 -60.75 -3.68
C GLN C 242 -12.96 -59.51 -3.96
N VAL C 243 -13.10 -58.95 -5.16
CA VAL C 243 -12.65 -57.61 -5.49
C VAL C 243 -13.12 -56.57 -4.46
N GLU C 244 -14.32 -56.71 -3.91
CA GLU C 244 -14.81 -55.79 -2.88
C GLU C 244 -14.09 -55.97 -1.54
N GLU C 245 -13.35 -57.05 -1.35
CA GLU C 245 -12.42 -57.20 -0.23
C GLU C 245 -11.07 -56.60 -0.59
N ASN C 246 -10.57 -56.85 -1.80
CA ASN C 246 -9.31 -56.27 -2.25
C ASN C 246 -9.35 -54.74 -2.32
N PHE C 247 -10.53 -54.19 -2.60
CA PHE C 247 -10.72 -52.84 -3.09
C PHE C 247 -11.95 -52.17 -2.45
N LYS C 248 -12.47 -51.11 -3.09
CA LYS C 248 -13.56 -50.20 -2.66
C LYS C 248 -13.37 -49.48 -1.33
N GLU C 249 -12.24 -49.63 -0.65
CA GLU C 249 -11.95 -48.97 0.64
C GLU C 249 -11.49 -47.51 0.50
N ILE C 250 -12.28 -46.72 -0.23
CA ILE C 250 -12.08 -45.27 -0.41
C ILE C 250 -12.85 -44.45 0.64
N ALA C 251 -13.86 -45.00 1.32
CA ALA C 251 -14.63 -44.27 2.33
C ALA C 251 -13.87 -44.00 3.64
N GLY C 252 -13.59 -45.05 4.41
CA GLY C 252 -12.99 -44.95 5.74
C GLY C 252 -11.47 -44.77 5.73
N GLY C 253 -10.90 -44.46 6.90
CA GLY C 253 -9.46 -44.25 7.09
C GLY C 253 -8.54 -45.49 7.12
N PRO C 254 -8.89 -46.65 7.72
CA PRO C 254 -7.88 -47.57 8.30
C PRO C 254 -7.09 -48.42 7.31
N VAL C 255 -7.53 -48.51 6.05
CA VAL C 255 -7.03 -49.47 5.06
C VAL C 255 -5.77 -48.97 4.31
N LYS C 256 -5.05 -48.01 4.91
CA LYS C 256 -3.95 -47.22 4.30
C LYS C 256 -2.94 -48.02 3.49
N LYS C 257 -2.61 -49.21 3.98
CA LYS C 257 -1.57 -50.11 3.49
C LYS C 257 -1.99 -51.06 2.36
N ARG C 258 -3.29 -51.29 2.17
CA ARG C 258 -3.78 -52.57 1.60
C ARG C 258 -4.98 -52.47 0.66
N LEU C 259 -5.12 -51.36 -0.05
CA LEU C 259 -5.78 -51.42 -1.35
C LEU C 259 -4.83 -52.27 -2.21
N TRP C 260 -5.21 -53.52 -2.52
CA TRP C 260 -4.26 -54.61 -2.76
C TRP C 260 -4.46 -55.37 -4.07
N ILE C 261 -3.41 -55.48 -4.89
CA ILE C 261 -3.51 -55.85 -6.32
C ILE C 261 -3.00 -57.27 -6.61
N LEU C 262 -3.82 -58.03 -7.32
CA LEU C 262 -3.51 -59.38 -7.75
C LEU C 262 -2.54 -59.40 -8.95
N GLU C 263 -1.98 -60.57 -9.22
CA GLU C 263 -0.95 -60.83 -10.26
C GLU C 263 -1.39 -60.56 -11.71
N ALA C 264 -2.62 -60.11 -11.95
CA ALA C 264 -2.98 -59.43 -13.20
C ALA C 264 -2.25 -58.07 -13.37
N GLY C 265 -1.63 -57.55 -12.31
CA GLY C 265 -0.79 -56.35 -12.31
C GLY C 265 -1.56 -55.03 -12.30
N PHE C 266 -2.75 -54.98 -12.92
CA PHE C 266 -3.68 -53.84 -12.97
C PHE C 266 -3.03 -52.57 -13.55
N SER C 267 -3.80 -51.48 -13.71
CA SER C 267 -3.25 -50.18 -14.18
C SER C 267 -4.05 -48.98 -13.66
N THR C 268 -4.61 -49.10 -12.45
CA THR C 268 -5.64 -48.19 -11.93
C THR C 268 -5.17 -46.74 -11.82
N SER C 269 -6.07 -45.78 -11.96
CA SER C 269 -5.73 -44.35 -11.94
C SER C 269 -6.90 -43.46 -11.52
N ALA C 270 -6.58 -42.24 -11.09
CA ALA C 270 -7.57 -41.30 -10.58
C ALA C 270 -8.42 -40.66 -11.68
N ILE C 271 -9.65 -40.26 -11.35
CA ILE C 271 -10.57 -39.58 -12.27
C ILE C 271 -11.19 -38.28 -11.73
N GLY C 272 -11.02 -37.96 -10.45
CA GLY C 272 -11.43 -36.67 -9.87
C GLY C 272 -10.42 -35.56 -10.18
N VAL C 273 -10.88 -34.31 -10.29
CA VAL C 273 -9.99 -33.17 -10.61
C VAL C 273 -9.15 -32.66 -9.43
N THR C 274 -9.51 -33.01 -8.21
CA THR C 274 -9.04 -32.40 -6.95
C THR C 274 -9.51 -30.95 -6.75
N PRO C 275 -10.12 -30.60 -5.60
CA PRO C 275 -10.58 -29.23 -5.32
C PRO C 275 -9.50 -28.15 -5.23
N GLN C 276 -8.25 -28.48 -5.56
CA GLN C 276 -7.24 -27.52 -6.00
C GLN C 276 -7.66 -26.75 -7.26
N ASP C 277 -8.69 -27.20 -7.97
CA ASP C 277 -9.25 -26.46 -9.10
C ASP C 277 -9.63 -25.00 -8.73
N ALA C 278 -9.61 -24.12 -9.72
CA ALA C 278 -9.83 -22.70 -9.54
C ALA C 278 -11.30 -22.31 -9.25
N GLU C 279 -12.24 -23.25 -9.23
CA GLU C 279 -13.59 -22.96 -8.74
C GLU C 279 -13.60 -23.02 -7.22
N MET C 280 -13.22 -24.16 -6.64
CA MET C 280 -13.71 -24.61 -5.33
C MET C 280 -14.12 -23.52 -4.34
N MET C 281 -13.17 -22.96 -3.59
CA MET C 281 -13.50 -22.07 -2.49
C MET C 281 -14.06 -20.74 -3.00
N ALA C 282 -13.50 -20.20 -4.08
CA ALA C 282 -14.06 -19.02 -4.71
C ALA C 282 -15.53 -19.24 -5.07
N SER C 283 -15.91 -20.44 -5.49
CA SER C 283 -17.28 -20.77 -5.80
C SER C 283 -18.18 -20.66 -4.59
N ARG C 284 -17.74 -21.26 -3.48
CA ARG C 284 -18.51 -21.25 -2.23
C ARG C 284 -18.77 -19.82 -1.80
N LYS C 285 -17.73 -19.00 -1.81
CA LYS C 285 -17.83 -17.58 -1.50
C LYS C 285 -18.83 -16.89 -2.42
N PHE C 286 -18.66 -17.06 -3.72
CA PHE C 286 -19.50 -16.40 -4.71
C PHE C 286 -20.99 -16.70 -4.52
N GLN C 287 -21.36 -17.96 -4.28
CA GLN C 287 -22.73 -18.37 -4.13
C GLN C 287 -23.45 -17.69 -2.96
N VAL C 288 -22.74 -17.24 -1.94
CA VAL C 288 -23.39 -16.48 -0.87
C VAL C 288 -24.07 -15.24 -1.44
N SER C 289 -23.39 -14.54 -2.35
CA SER C 289 -23.96 -13.34 -2.95
C SER C 289 -25.22 -13.66 -3.75
N GLU C 290 -25.21 -14.79 -4.47
CA GLU C 290 -26.32 -15.19 -5.28
C GLU C 290 -27.59 -15.35 -4.47
N LEU C 291 -27.48 -16.03 -3.34
CA LEU C 291 -28.63 -16.23 -2.48
C LEU C 291 -29.04 -14.92 -1.81
N ALA C 292 -28.08 -14.15 -1.33
CA ALA C 292 -28.36 -12.86 -0.72
C ALA C 292 -29.15 -11.94 -1.65
N ARG C 293 -28.88 -11.97 -2.95
CA ARG C 293 -29.58 -11.12 -3.91
C ARG C 293 -31.07 -11.39 -4.01
N PHE C 294 -31.56 -12.58 -3.67
CA PHE C 294 -33.01 -12.78 -3.63
C PHE C 294 -33.69 -11.98 -2.52
N PHE C 295 -32.98 -11.70 -1.44
CA PHE C 295 -33.49 -10.96 -0.29
C PHE C 295 -33.03 -9.50 -0.27
N GLY C 296 -31.98 -9.16 -1.01
CA GLY C 296 -31.49 -7.79 -1.14
C GLY C 296 -30.76 -7.28 0.11
N VAL C 297 -29.93 -8.13 0.72
CA VAL C 297 -29.16 -7.79 1.93
C VAL C 297 -27.70 -7.52 1.57
N PRO C 298 -27.11 -6.39 1.99
CA PRO C 298 -25.70 -6.09 1.79
C PRO C 298 -24.77 -7.17 2.40
N PRO C 299 -23.88 -7.81 1.63
CA PRO C 299 -23.20 -9.03 2.09
C PRO C 299 -22.30 -8.87 3.31
N HIS C 300 -21.81 -7.67 3.60
CA HIS C 300 -21.05 -7.45 4.81
C HIS C 300 -21.92 -7.61 6.06
N LEU C 301 -23.22 -7.28 5.99
CA LEU C 301 -24.15 -7.60 7.08
C LEU C 301 -24.38 -9.11 7.19
N VAL C 302 -24.23 -9.84 6.08
CA VAL C 302 -24.28 -11.31 6.02
C VAL C 302 -22.96 -11.94 6.51
N GLY C 303 -21.99 -11.12 6.92
CA GLY C 303 -20.75 -11.56 7.55
C GLY C 303 -19.63 -11.95 6.58
N ASP C 304 -19.73 -11.57 5.31
CA ASP C 304 -18.70 -11.90 4.32
C ASP C 304 -17.54 -10.90 4.27
N VAL C 305 -16.33 -11.43 4.06
CA VAL C 305 -15.15 -10.75 3.50
C VAL C 305 -14.87 -9.37 4.11
N GLU C 306 -15.34 -8.28 3.52
CA GLU C 306 -14.97 -6.92 3.90
C GLU C 306 -16.16 -5.96 3.88
N LYS C 307 -16.11 -4.99 4.80
CA LYS C 307 -17.21 -4.07 5.14
C LYS C 307 -17.14 -2.78 4.29
N SER C 308 -18.23 -2.02 4.24
CA SER C 308 -18.41 -0.96 3.23
C SER C 308 -17.36 0.15 3.29
N THR C 309 -16.51 0.24 2.26
CA THR C 309 -15.39 1.19 2.20
C THR C 309 -15.80 2.62 1.82
N SER C 310 -16.89 2.79 1.06
CA SER C 310 -17.07 3.97 0.18
C SER C 310 -18.52 4.46 0.04
N TRP C 311 -19.30 4.38 1.11
CA TRP C 311 -20.63 5.02 1.22
C TRP C 311 -20.89 5.72 2.56
N GLY C 312 -19.83 6.00 3.32
CA GLY C 312 -19.88 6.45 4.72
C GLY C 312 -19.43 5.35 5.67
N SER C 313 -18.49 5.67 6.55
CA SER C 313 -17.92 4.72 7.52
C SER C 313 -18.74 4.60 8.80
N GLY C 314 -19.41 5.67 9.24
CA GLY C 314 -20.14 5.70 10.50
C GLY C 314 -21.35 4.77 10.54
N ILE C 315 -21.60 4.17 11.70
CA ILE C 315 -22.67 3.19 11.90
C ILE C 315 -24.03 3.70 11.44
N GLU C 316 -24.30 4.98 11.68
CA GLU C 316 -25.53 5.63 11.27
C GLU C 316 -25.72 5.57 9.74
N GLN C 317 -24.65 5.74 8.97
CA GLN C 317 -24.73 5.63 7.53
C GLN C 317 -24.94 4.19 7.09
N GLN C 318 -24.40 3.20 7.81
CA GLN C 318 -24.74 1.81 7.53
C GLN C 318 -26.23 1.59 7.72
N ASN C 319 -26.79 2.14 8.79
CA ASN C 319 -28.21 1.99 9.09
C ASN C 319 -29.08 2.68 8.06
N LEU C 320 -28.74 3.89 7.64
CA LEU C 320 -29.46 4.57 6.57
C LEU C 320 -29.43 3.76 5.28
N GLY C 321 -28.26 3.26 4.90
CA GLY C 321 -28.14 2.41 3.72
C GLY C 321 -29.07 1.22 3.80
N PHE C 322 -29.00 0.49 4.90
CA PHE C 322 -29.84 -0.68 5.09
C PHE C 322 -31.33 -0.33 5.10
N LEU C 323 -31.69 0.81 5.69
CA LEU C 323 -33.07 1.25 5.71
C LEU C 323 -33.55 1.56 4.30
N GLN C 324 -32.90 2.50 3.64
CA GLN C 324 -33.35 3.08 2.38
C GLN C 324 -33.34 2.07 1.26
N TYR C 325 -32.41 1.12 1.27
CA TYR C 325 -32.27 0.15 0.19
C TYR C 325 -32.79 -1.25 0.53
N THR C 326 -33.19 -1.53 1.77
CA THR C 326 -33.67 -2.88 2.13
C THR C 326 -34.89 -2.87 3.02
N LEU C 327 -34.89 -2.19 4.16
CA LEU C 327 -35.99 -2.34 5.12
C LEU C 327 -37.25 -1.59 4.73
N GLN C 328 -37.12 -0.36 4.21
CA GLN C 328 -38.22 0.56 3.98
C GLN C 328 -39.49 -0.06 3.37
N PRO C 329 -39.41 -0.93 2.37
CA PRO C 329 -40.61 -1.38 1.68
C PRO C 329 -41.54 -2.18 2.59
N TYR C 330 -40.98 -2.96 3.50
CA TYR C 330 -41.76 -3.74 4.44
C TYR C 330 -42.53 -2.84 5.38
N ILE C 331 -41.89 -1.77 5.81
CA ILE C 331 -42.51 -0.78 6.67
C ILE C 331 -43.74 -0.21 5.98
N SER C 332 -43.56 0.18 4.72
CA SER C 332 -44.66 0.66 3.88
C SER C 332 -45.77 -0.38 3.78
N ARG C 333 -45.45 -1.64 3.45
CA ARG C 333 -46.46 -2.68 3.28
C ARG C 333 -47.32 -2.85 4.54
N TRP C 334 -46.71 -2.93 5.71
CA TRP C 334 -47.47 -3.04 6.96
C TRP C 334 -48.39 -1.83 7.13
N GLU C 335 -47.81 -0.64 7.20
CA GLU C 335 -48.56 0.57 7.51
C GLU C 335 -49.69 0.80 6.49
N ASN C 336 -49.41 0.61 5.21
CA ASN C 336 -50.40 0.74 4.17
C ASN C 336 -51.49 -0.31 4.28
N SER C 337 -51.16 -1.57 4.52
CA SER C 337 -52.19 -2.62 4.63
C SER C 337 -53.15 -2.33 5.77
N ILE C 338 -52.60 -1.90 6.89
CA ILE C 338 -53.41 -1.56 8.06
C ILE C 338 -54.38 -0.44 7.69
N GLN C 339 -53.87 0.61 7.05
CA GLN C 339 -54.68 1.74 6.64
C GLN C 339 -55.72 1.39 5.54
N ARG C 340 -55.43 0.39 4.71
CA ARG C 340 -56.29 0.02 3.58
C ARG C 340 -57.42 -0.92 3.95
N TRP C 341 -57.23 -1.76 4.96
CA TRP C 341 -58.17 -2.83 5.30
C TRP C 341 -58.69 -2.77 6.72
N LEU C 342 -57.88 -2.34 7.69
CA LEU C 342 -58.24 -2.43 9.10
C LEU C 342 -58.85 -1.14 9.63
N ILE C 343 -58.25 0.01 9.33
CA ILE C 343 -58.84 1.30 9.67
C ILE C 343 -60.07 1.52 8.77
N PRO C 344 -61.27 1.76 9.32
CA PRO C 344 -62.46 2.06 8.53
C PRO C 344 -62.36 3.38 7.78
N SER C 345 -63.04 3.49 6.64
CA SER C 345 -62.97 4.63 5.72
C SER C 345 -63.24 5.98 6.40
N LYS C 346 -64.23 6.04 7.29
CA LYS C 346 -64.60 7.23 8.07
C LYS C 346 -63.49 7.77 8.98
N ASP C 347 -62.51 6.94 9.30
CA ASP C 347 -61.38 7.27 10.19
C ASP C 347 -60.07 7.52 9.43
N VAL C 348 -60.06 7.32 8.11
CA VAL C 348 -58.91 7.64 7.27
C VAL C 348 -58.56 9.11 7.40
N GLY C 349 -57.27 9.41 7.55
CA GLY C 349 -56.76 10.76 7.82
C GLY C 349 -56.90 11.20 9.27
N ARG C 350 -57.82 10.61 10.05
CA ARG C 350 -57.90 10.82 11.50
C ARG C 350 -56.93 9.91 12.22
N LEU C 351 -57.00 8.61 11.92
CA LEU C 351 -56.16 7.59 12.52
C LEU C 351 -55.04 7.20 11.58
N HIS C 352 -53.86 7.00 12.14
CA HIS C 352 -52.64 6.76 11.39
C HIS C 352 -51.67 5.87 12.17
N ALA C 353 -51.41 4.66 11.69
CA ALA C 353 -50.40 3.77 12.27
C ALA C 353 -49.00 4.05 11.72
N GLU C 354 -47.98 4.07 12.57
CA GLU C 354 -46.58 4.22 12.16
C GLU C 354 -45.59 3.48 13.06
N HIS C 355 -44.54 2.96 12.45
CA HIS C 355 -43.34 2.54 13.17
C HIS C 355 -42.48 3.71 13.64
N ASN C 356 -41.61 3.49 14.61
CA ASN C 356 -40.57 4.43 15.03
C ASN C 356 -39.19 3.98 14.52
N LEU C 357 -38.46 4.86 13.85
CA LEU C 357 -37.15 4.59 13.23
C LEU C 357 -35.95 4.82 14.17
N ASP C 358 -36.14 5.52 15.28
CA ASP C 358 -35.03 6.02 16.10
C ASP C 358 -34.15 4.91 16.67
N GLY C 359 -34.73 3.74 16.93
CA GLY C 359 -33.98 2.57 17.39
C GLY C 359 -32.87 2.16 16.42
N LEU C 360 -33.03 2.41 15.13
CA LEU C 360 -31.97 2.26 14.13
C LEU C 360 -31.20 3.54 13.95
N LEU C 361 -31.86 4.68 13.82
CA LEU C 361 -31.19 5.95 13.49
C LEU C 361 -30.36 6.50 14.66
N ARG C 362 -30.36 5.85 15.82
CA ARG C 362 -29.55 6.16 16.99
C ARG C 362 -28.08 6.38 16.62
N GLY C 363 -27.58 7.59 16.90
CA GLY C 363 -26.15 7.93 16.83
C GLY C 363 -25.38 7.58 18.10
N ASP C 364 -24.07 7.77 18.07
CA ASP C 364 -23.24 7.67 19.28
C ASP C 364 -23.40 8.89 20.21
N SER C 365 -22.82 8.78 21.39
CA SER C 365 -22.82 9.80 22.42
C SER C 365 -22.39 11.17 21.90
N ALA C 366 -21.27 11.22 21.17
CA ALA C 366 -20.73 12.48 20.69
C ALA C 366 -21.69 13.14 19.69
N SER C 367 -22.15 12.39 18.71
CA SER C 367 -23.04 12.92 17.68
C SER C 367 -24.36 13.34 18.29
N ARG C 368 -24.96 12.51 19.16
CA ARG C 368 -26.25 12.87 19.75
C ARG C 368 -26.14 14.09 20.67
N ALA C 369 -25.07 14.22 21.43
CA ALA C 369 -24.83 15.42 22.23
C ALA C 369 -24.76 16.66 21.34
N ALA C 370 -23.94 16.64 20.30
CA ALA C 370 -23.81 17.76 19.38
C ALA C 370 -25.16 18.10 18.74
N PHE C 371 -25.90 17.08 18.30
CA PHE C 371 -27.22 17.25 17.71
C PHE C 371 -28.17 17.97 18.66
N MET C 372 -28.31 17.49 19.89
CA MET C 372 -29.21 18.12 20.86
C MET C 372 -28.79 19.56 21.14
N LYS C 373 -27.49 19.83 21.29
CA LYS C 373 -27.00 21.20 21.48
C LYS C 373 -27.39 22.11 20.32
N ALA C 374 -27.29 21.60 19.10
CA ALA C 374 -27.72 22.31 17.90
C ALA C 374 -29.24 22.49 17.79
N MET C 375 -30.05 21.79 18.58
CA MET C 375 -31.48 22.11 18.70
C MET C 375 -31.78 23.02 19.88
N GLY C 376 -30.96 22.97 20.92
CA GLY C 376 -31.06 23.80 22.10
C GLY C 376 -30.78 25.26 21.75
N GLU C 377 -29.56 25.57 21.30
CA GLU C 377 -29.39 26.74 20.44
C GLU C 377 -30.07 26.49 19.11
N SER C 378 -30.37 27.54 18.35
CA SER C 378 -31.46 27.58 17.35
C SER C 378 -32.87 27.47 17.95
N GLY C 379 -33.06 26.67 19.00
CA GLY C 379 -34.34 26.57 19.69
C GLY C 379 -35.36 25.71 18.95
N LEU C 380 -34.90 24.74 18.16
CA LEU C 380 -35.76 23.75 17.52
C LEU C 380 -36.44 22.78 18.49
N ARG C 381 -35.99 22.68 19.74
CA ARG C 381 -36.71 21.99 20.82
C ARG C 381 -36.60 22.73 22.14
N THR C 382 -37.60 22.52 22.98
CA THR C 382 -37.54 22.71 24.43
C THR C 382 -36.72 21.62 25.08
N ILE C 383 -36.19 21.90 26.28
CA ILE C 383 -35.56 20.86 27.10
C ILE C 383 -36.55 19.74 27.39
N ASN C 384 -37.81 20.06 27.63
CA ASN C 384 -38.83 19.06 27.93
C ASN C 384 -39.01 18.05 26.81
N GLU C 385 -39.10 18.50 25.56
CA GLU C 385 -39.18 17.58 24.42
C GLU C 385 -37.96 16.66 24.40
N MET C 386 -36.76 17.21 24.51
CA MET C 386 -35.55 16.40 24.48
C MET C 386 -35.50 15.43 25.65
N ARG C 387 -35.84 15.87 26.86
CA ARG C 387 -35.97 15.01 28.04
C ARG C 387 -37.03 13.92 27.89
N ARG C 388 -38.07 14.16 27.10
CA ARG C 388 -39.06 13.13 26.83
C ARG C 388 -38.45 12.00 26.02
N THR C 389 -37.51 12.30 25.11
CA THR C 389 -36.93 11.27 24.24
C THR C 389 -36.22 10.18 25.01
N ASP C 390 -35.59 10.52 26.13
CA ASP C 390 -34.93 9.62 27.05
C ASP C 390 -35.67 9.53 28.40
N ASN C 391 -36.97 9.83 28.40
CA ASN C 391 -37.91 9.70 29.51
C ASN C 391 -37.45 10.33 30.84
N MET C 392 -36.58 11.33 30.80
CA MET C 392 -36.20 12.13 31.96
C MET C 392 -37.39 12.94 32.50
N PRO C 393 -37.45 13.23 33.80
CA PRO C 393 -38.47 14.12 34.35
C PRO C 393 -38.39 15.52 33.73
N PRO C 394 -39.52 16.16 33.40
CA PRO C 394 -39.57 17.51 32.85
C PRO C 394 -39.19 18.59 33.89
N LEU C 395 -38.95 19.80 33.38
CA LEU C 395 -38.53 21.00 34.13
C LEU C 395 -39.14 22.27 33.48
N PRO C 396 -39.18 23.44 34.13
CA PRO C 396 -39.62 24.68 33.49
C PRO C 396 -38.85 24.97 32.19
N GLY C 397 -39.58 25.09 31.08
CA GLY C 397 -39.02 25.32 29.73
C GLY C 397 -40.08 25.28 28.63
N ILE D 52 -24.83 -37.89 13.58
CA ILE D 52 -24.52 -36.60 14.27
C ILE D 52 -25.46 -36.37 15.45
N ASN D 53 -25.03 -35.67 16.50
CA ASN D 53 -25.85 -35.37 17.67
C ASN D 53 -25.52 -34.00 18.27
N ASP D 54 -26.44 -33.49 19.08
CA ASP D 54 -26.40 -32.13 19.61
C ASP D 54 -25.13 -31.84 20.42
N GLU D 55 -24.66 -32.80 21.19
CA GLU D 55 -23.46 -32.62 22.00
C GLU D 55 -22.21 -32.54 21.12
N ARG D 56 -22.10 -33.40 20.11
CA ARG D 56 -20.99 -33.31 19.14
C ARG D 56 -21.02 -31.97 18.41
N ILE D 57 -22.20 -31.44 18.11
CA ILE D 57 -22.32 -30.11 17.51
C ILE D 57 -21.86 -29.05 18.51
N LEU D 58 -22.29 -29.15 19.76
CA LEU D 58 -21.89 -28.20 20.79
C LEU D 58 -20.38 -28.20 21.04
N GLN D 59 -19.70 -29.31 20.78
CA GLN D 59 -18.24 -29.36 20.84
C GLN D 59 -17.52 -28.56 19.75
N ILE D 60 -18.21 -27.93 18.79
CA ILE D 60 -17.58 -26.99 17.85
C ILE D 60 -17.34 -25.63 18.52
N SER D 61 -16.09 -25.14 18.54
CA SER D 61 -15.72 -23.94 19.30
C SER D 61 -16.57 -22.72 18.96
N THR D 62 -16.88 -22.55 17.68
CA THR D 62 -17.69 -21.44 17.18
C THR D 62 -19.07 -21.44 17.81
N VAL D 63 -19.71 -22.61 17.85
CA VAL D 63 -21.04 -22.77 18.40
C VAL D 63 -21.02 -22.46 19.89
N TRP D 64 -20.07 -23.06 20.59
CA TRP D 64 -19.85 -22.83 22.01
C TRP D 64 -19.71 -21.34 22.29
N ARG D 65 -18.86 -20.64 21.54
CA ARG D 65 -18.62 -19.22 21.74
C ARG D 65 -19.89 -18.42 21.52
N CYS D 66 -20.60 -18.63 20.42
CA CYS D 66 -21.79 -17.84 20.11
C CYS D 66 -22.83 -17.95 21.21
N VAL D 67 -23.14 -19.19 21.61
CA VAL D 67 -24.12 -19.43 22.65
C VAL D 67 -23.67 -18.78 23.94
N SER D 68 -22.39 -18.98 24.30
CA SER D 68 -21.84 -18.36 25.49
C SER D 68 -22.03 -16.86 25.46
N LEU D 69 -21.61 -16.23 24.38
CA LEU D 69 -21.61 -14.79 24.29
C LEU D 69 -23.02 -14.23 24.47
N ILE D 70 -23.95 -14.63 23.62
CA ILE D 70 -25.27 -14.02 23.57
C ILE D 70 -25.96 -14.14 24.92
N SER D 71 -26.04 -15.37 25.42
CA SER D 71 -26.72 -15.65 26.67
C SER D 71 -26.08 -14.90 27.83
N THR D 72 -24.76 -14.90 27.90
CA THR D 72 -24.06 -14.30 29.01
C THR D 72 -24.21 -12.79 28.98
N LEU D 73 -24.11 -12.17 27.80
CA LEU D 73 -24.24 -10.73 27.68
C LEU D 73 -25.62 -10.30 28.15
N THR D 74 -26.68 -10.91 27.64
CA THR D 74 -28.00 -10.51 28.11
C THR D 74 -28.21 -10.83 29.58
N ALA D 75 -27.49 -11.81 30.14
CA ALA D 75 -27.54 -12.09 31.55
C ALA D 75 -26.77 -11.07 32.39
N CYS D 76 -25.78 -10.38 31.83
CA CYS D 76 -25.03 -9.35 32.53
C CYS D 76 -25.81 -8.04 32.67
N LEU D 77 -26.76 -7.77 31.79
CA LEU D 77 -27.47 -6.48 31.81
C LEU D 77 -28.25 -6.29 33.11
N PRO D 78 -28.28 -5.08 33.68
CA PRO D 78 -29.24 -4.76 34.73
C PRO D 78 -30.66 -4.85 34.17
N LEU D 79 -31.58 -5.44 34.92
CA LEU D 79 -33.01 -5.45 34.62
C LEU D 79 -33.76 -4.71 35.71
N ASP D 80 -34.49 -3.68 35.30
CA ASP D 80 -35.21 -2.79 36.20
C ASP D 80 -36.71 -2.86 35.96
N VAL D 81 -37.48 -2.60 37.01
CA VAL D 81 -38.93 -2.58 37.00
C VAL D 81 -39.40 -1.23 37.47
N PHE D 82 -40.49 -0.75 36.87
CA PHE D 82 -40.97 0.59 37.02
C PHE D 82 -42.46 0.61 37.28
N GLU D 83 -42.86 1.49 38.19
CA GLU D 83 -44.20 1.99 38.25
C GLU D 83 -44.23 3.33 37.54
N THR D 84 -45.24 3.50 36.71
CA THR D 84 -45.39 4.61 35.80
C THR D 84 -46.54 5.45 36.30
N ASP D 85 -46.28 6.70 36.64
CA ASP D 85 -47.34 7.62 37.08
C ASP D 85 -48.24 8.03 35.89
N GLN D 86 -49.46 8.49 36.20
CA GLN D 86 -50.41 8.98 35.20
C GLN D 86 -49.91 10.18 34.37
N ASN D 87 -49.02 11.01 34.91
CA ASN D 87 -48.33 12.08 34.18
C ASN D 87 -47.14 11.56 33.34
N ASP D 88 -46.98 10.24 33.25
CA ASP D 88 -45.95 9.53 32.49
C ASP D 88 -44.51 9.74 33.00
N ASN D 89 -44.34 9.69 34.32
CA ASN D 89 -43.02 9.64 34.99
C ASN D 89 -42.73 8.23 35.49
N ARG D 90 -41.51 7.72 35.25
CA ARG D 90 -41.03 6.46 35.81
C ARG D 90 -40.60 6.63 37.27
N LYS D 91 -41.02 5.71 38.12
CA LYS D 91 -40.38 5.39 39.38
C LYS D 91 -39.82 3.98 39.28
N LYS D 92 -38.53 3.80 39.47
CA LYS D 92 -37.95 2.46 39.63
C LYS D 92 -38.43 1.88 40.97
N VAL D 93 -38.87 0.63 40.99
CA VAL D 93 -39.41 -0.02 42.20
C VAL D 93 -38.34 -0.80 42.98
N ASP D 94 -38.61 -1.10 44.25
CA ASP D 94 -37.69 -1.75 45.18
C ASP D 94 -37.89 -3.26 45.32
N LEU D 95 -36.92 -3.94 45.95
CA LEU D 95 -36.97 -5.37 46.30
C LEU D 95 -38.07 -5.74 47.32
N SER D 96 -38.83 -4.76 47.80
CA SER D 96 -40.09 -5.00 48.52
C SER D 96 -41.21 -5.48 47.59
N ASN D 97 -41.21 -5.09 46.32
CA ASN D 97 -42.22 -5.55 45.39
C ASN D 97 -42.01 -7.03 45.06
N PRO D 98 -43.07 -7.87 45.07
CA PRO D 98 -42.90 -9.32 44.91
C PRO D 98 -42.28 -9.71 43.57
N LEU D 99 -42.77 -9.15 42.47
CA LEU D 99 -42.26 -9.44 41.14
C LEU D 99 -40.82 -8.93 41.00
N ALA D 100 -40.55 -7.71 41.44
CA ALA D 100 -39.21 -7.15 41.37
C ALA D 100 -38.21 -8.01 42.16
N ARG D 101 -38.59 -8.52 43.33
CA ARG D 101 -37.74 -9.43 44.10
C ARG D 101 -37.55 -10.76 43.37
N LEU D 102 -38.62 -11.31 42.82
CA LEU D 102 -38.57 -12.57 42.08
C LEU D 102 -37.57 -12.45 40.92
N LEU D 103 -37.64 -11.33 40.20
CA LEU D 103 -36.80 -11.05 39.06
C LEU D 103 -35.37 -10.73 39.46
N ARG D 104 -35.18 -9.68 40.27
CA ARG D 104 -33.88 -9.06 40.50
C ARG D 104 -33.10 -9.75 41.59
N TYR D 105 -33.76 -10.31 42.60
CA TYR D 105 -33.07 -10.95 43.73
C TYR D 105 -33.04 -12.47 43.62
N SER D 106 -34.20 -13.13 43.49
CA SER D 106 -34.26 -14.59 43.53
C SER D 106 -35.48 -15.19 42.82
N PRO D 107 -35.28 -16.00 41.76
CA PRO D 107 -36.35 -16.67 41.04
C PRO D 107 -36.91 -17.90 41.78
N ASN D 108 -36.10 -18.54 42.62
CA ASN D 108 -36.44 -19.77 43.34
C ASN D 108 -35.39 -20.08 44.41
N GLN D 109 -35.67 -21.05 45.26
CA GLN D 109 -34.80 -21.48 46.35
C GLN D 109 -33.49 -22.19 45.93
N TYR D 110 -33.08 -22.14 44.67
CA TYR D 110 -31.85 -22.77 44.18
C TYR D 110 -30.93 -21.84 43.38
N MET D 111 -31.42 -20.69 42.91
CA MET D 111 -30.74 -19.95 41.85
C MET D 111 -30.60 -18.46 42.13
N THR D 112 -29.62 -17.89 41.45
CA THR D 112 -29.42 -16.46 41.25
C THR D 112 -30.30 -15.96 40.11
N ALA D 113 -30.64 -14.68 40.09
CA ALA D 113 -31.31 -14.08 38.94
C ALA D 113 -30.49 -14.18 37.65
N GLN D 114 -29.22 -13.77 37.69
CA GLN D 114 -28.30 -13.82 36.54
C GLN D 114 -28.29 -15.22 35.93
N GLU D 115 -27.99 -16.17 36.79
CA GLU D 115 -27.95 -17.60 36.50
C GLU D 115 -29.23 -18.10 35.81
N PHE D 116 -30.39 -17.70 36.34
CA PHE D 116 -31.65 -18.08 35.73
C PHE D 116 -31.81 -17.49 34.33
N ARG D 117 -31.56 -16.19 34.14
CA ARG D 117 -31.73 -15.57 32.82
C ARG D 117 -30.81 -16.20 31.80
N GLU D 118 -29.57 -16.46 32.19
CA GLU D 118 -28.60 -17.15 31.36
C GLU D 118 -29.16 -18.50 30.91
N ALA D 119 -29.56 -19.34 31.87
CA ALA D 119 -30.05 -20.68 31.61
C ALA D 119 -31.24 -20.68 30.63
N MET D 120 -32.20 -19.80 30.85
CA MET D 120 -33.34 -19.64 29.94
C MET D 120 -32.86 -19.29 28.53
N THR D 121 -31.95 -18.33 28.44
CA THR D 121 -31.51 -17.84 27.14
C THR D 121 -30.73 -18.88 26.36
N MET D 122 -29.93 -19.72 27.03
CA MET D 122 -29.25 -20.83 26.34
C MET D 122 -30.26 -21.71 25.61
N GLN D 123 -31.32 -22.14 26.29
CA GLN D 123 -32.33 -22.94 25.62
C GLN D 123 -33.04 -22.19 24.51
N LEU D 124 -33.34 -20.91 24.73
CA LEU D 124 -33.97 -20.10 23.72
C LEU D 124 -33.14 -20.05 22.44
N CYS D 125 -31.83 -19.86 22.54
CA CYS D 125 -30.96 -19.87 21.38
C CYS D 125 -30.84 -21.27 20.78
N PHE D 126 -30.63 -22.28 21.61
CA PHE D 126 -30.26 -23.60 21.13
C PHE D 126 -31.44 -24.34 20.52
N TYR D 127 -32.61 -24.27 21.16
CA TYR D 127 -33.82 -24.96 20.76
C TYR D 127 -34.87 -24.04 20.13
N GLY D 128 -34.57 -22.76 19.98
CA GLY D 128 -35.55 -21.76 19.55
C GLY D 128 -36.66 -21.51 20.58
N ASN D 129 -36.62 -22.18 21.73
CA ASN D 129 -37.68 -22.17 22.73
C ASN D 129 -37.09 -22.47 24.11
N ALA D 130 -37.67 -21.89 25.13
CA ALA D 130 -37.35 -22.18 26.53
C ALA D 130 -38.64 -22.13 27.35
N TYR D 131 -38.73 -22.95 28.39
CA TYR D 131 -39.94 -23.11 29.19
C TYR D 131 -39.58 -23.06 30.67
N ALA D 132 -40.39 -22.40 31.48
CA ALA D 132 -40.28 -22.45 32.92
C ALA D 132 -41.65 -22.72 33.53
N LEU D 133 -41.66 -23.55 34.57
CA LEU D 133 -42.77 -23.64 35.49
C LEU D 133 -42.91 -22.31 36.20
N VAL D 134 -44.15 -21.82 36.24
CA VAL D 134 -44.57 -20.63 36.98
C VAL D 134 -45.33 -21.08 38.22
N ASP D 135 -44.99 -20.52 39.37
CA ASP D 135 -45.70 -20.75 40.63
C ASP D 135 -46.20 -19.44 41.23
N ARG D 136 -47.36 -19.46 41.89
CA ARG D 136 -48.07 -18.28 42.40
C ARG D 136 -48.81 -18.55 43.71
N ASN D 137 -48.96 -17.53 44.54
CA ASN D 137 -49.62 -17.61 45.84
C ASN D 137 -51.15 -17.64 45.73
N SER D 138 -51.83 -17.69 46.88
CA SER D 138 -53.30 -17.63 46.99
C SER D 138 -53.90 -16.35 46.39
N ALA D 139 -53.21 -15.21 46.48
CA ALA D 139 -53.60 -13.96 45.83
C ALA D 139 -53.35 -13.94 44.30
N GLY D 140 -52.75 -15.00 43.76
CA GLY D 140 -52.42 -15.17 42.34
C GLY D 140 -51.09 -14.55 41.90
N ASP D 141 -50.39 -13.88 42.80
CA ASP D 141 -49.08 -13.28 42.52
C ASP D 141 -48.01 -14.36 42.42
N VAL D 142 -47.13 -14.26 41.43
CA VAL D 142 -46.06 -15.24 41.24
C VAL D 142 -45.04 -15.21 42.38
N ILE D 143 -44.54 -16.39 42.73
CA ILE D 143 -43.63 -16.61 43.86
C ILE D 143 -42.43 -17.51 43.51
N SER D 144 -42.48 -18.26 42.40
CA SER D 144 -41.32 -19.01 41.93
C SER D 144 -41.34 -19.20 40.41
N LEU D 145 -40.15 -19.31 39.83
CA LEU D 145 -39.91 -19.72 38.46
C LEU D 145 -38.85 -20.82 38.43
N LEU D 146 -39.06 -21.81 37.59
CA LEU D 146 -38.15 -22.95 37.49
C LEU D 146 -38.04 -23.44 36.03
N PRO D 147 -36.86 -23.32 35.39
CA PRO D 147 -36.64 -23.78 34.03
C PRO D 147 -36.89 -25.26 33.84
N LEU D 148 -37.31 -25.63 32.64
CA LEU D 148 -37.64 -26.99 32.22
C LEU D 148 -36.88 -27.32 30.94
N GLN D 149 -36.32 -28.52 30.81
CA GLN D 149 -35.56 -28.91 29.61
C GLN D 149 -36.45 -28.95 28.37
N SER D 150 -36.17 -28.11 27.38
CA SER D 150 -37.00 -27.97 26.17
C SER D 150 -37.14 -29.26 25.40
N ALA D 151 -36.11 -30.11 25.38
CA ALA D 151 -36.14 -31.38 24.65
C ALA D 151 -37.24 -32.33 25.13
N ASN D 152 -37.66 -32.22 26.40
CA ASN D 152 -38.73 -33.02 26.98
C ASN D 152 -40.12 -32.40 26.77
N MET D 153 -40.20 -31.15 26.33
CA MET D 153 -41.46 -30.46 26.14
C MET D 153 -42.11 -30.81 24.81
N ASP D 154 -43.43 -30.94 24.82
CA ASP D 154 -44.29 -30.78 23.64
C ASP D 154 -45.39 -29.78 23.96
N VAL D 155 -45.86 -29.05 22.94
CA VAL D 155 -47.04 -28.19 23.07
C VAL D 155 -48.05 -28.61 22.03
N LYS D 156 -49.25 -28.99 22.46
CA LYS D 156 -50.34 -29.43 21.58
C LYS D 156 -51.62 -28.67 21.88
N LEU D 157 -52.27 -28.19 20.83
CA LEU D 157 -53.59 -27.58 20.93
C LEU D 157 -54.66 -28.65 21.20
N VAL D 158 -55.70 -28.27 21.93
CA VAL D 158 -56.76 -29.14 22.44
C VAL D 158 -58.08 -28.39 22.29
N GLY D 159 -58.76 -28.62 21.18
CA GLY D 159 -59.80 -27.68 20.72
C GLY D 159 -59.21 -26.28 20.59
N LYS D 160 -59.88 -25.28 21.18
CA LYS D 160 -59.37 -23.90 21.27
C LYS D 160 -58.21 -23.74 22.26
N LYS D 161 -58.04 -24.67 23.20
CA LYS D 161 -57.05 -24.61 24.30
C LYS D 161 -55.65 -25.06 23.85
N VAL D 162 -54.65 -24.92 24.73
CA VAL D 162 -53.29 -25.45 24.54
C VAL D 162 -52.79 -26.20 25.76
N VAL D 163 -52.12 -27.33 25.54
CA VAL D 163 -51.49 -28.13 26.59
C VAL D 163 -50.00 -28.25 26.32
N TYR D 164 -49.24 -27.79 27.30
CA TYR D 164 -47.83 -28.08 27.44
C TYR D 164 -47.71 -29.49 28.03
N ARG D 165 -47.45 -30.45 27.15
CA ARG D 165 -47.22 -31.87 27.43
C ARG D 165 -45.75 -32.04 27.78
N TYR D 166 -45.40 -32.13 29.06
CA TYR D 166 -44.02 -32.32 29.47
C TYR D 166 -43.72 -33.79 29.77
N GLN D 167 -42.88 -34.40 28.94
CA GLN D 167 -42.42 -35.76 29.16
C GLN D 167 -41.32 -35.77 30.23
N ARG D 168 -41.70 -35.90 31.49
CA ARG D 168 -40.75 -36.21 32.56
C ARG D 168 -40.54 -37.73 32.58
N ASP D 169 -39.39 -38.17 32.08
CA ASP D 169 -38.99 -39.58 31.98
C ASP D 169 -39.97 -40.45 31.19
N SER D 170 -41.01 -41.00 31.83
CA SER D 170 -42.08 -41.78 31.20
C SER D 170 -43.46 -41.32 31.69
N GLU D 171 -43.52 -40.12 32.26
CA GLU D 171 -44.68 -39.49 32.85
C GLU D 171 -44.97 -38.16 32.15
N TYR D 172 -46.25 -37.81 32.08
CA TYR D 172 -46.74 -36.77 31.18
C TYR D 172 -47.39 -35.67 32.00
N ALA D 173 -46.55 -34.74 32.44
CA ALA D 173 -46.99 -33.62 33.23
C ALA D 173 -47.56 -32.54 32.29
N ASP D 174 -48.88 -32.37 32.34
CA ASP D 174 -49.62 -31.59 31.37
C ASP D 174 -50.10 -30.27 31.96
N PHE D 175 -49.86 -29.16 31.25
CA PHE D 175 -50.03 -27.83 31.81
C PHE D 175 -50.69 -26.84 30.87
N SER D 176 -51.31 -25.83 31.45
CA SER D 176 -51.97 -24.71 30.77
C SER D 176 -51.00 -23.58 30.47
N GLN D 177 -51.45 -22.65 29.63
CA GLN D 177 -50.76 -21.38 29.37
C GLN D 177 -50.57 -20.53 30.63
N LYS D 178 -51.30 -20.79 31.72
CA LYS D 178 -51.25 -20.01 32.97
C LYS D 178 -50.14 -20.42 33.94
N GLU D 179 -49.44 -21.52 33.67
CA GLU D 179 -48.41 -22.05 34.57
C GLU D 179 -47.10 -22.44 33.88
N ILE D 180 -47.01 -22.26 32.56
CA ILE D 180 -45.75 -22.38 31.80
C ILE D 180 -45.45 -21.08 31.07
N PHE D 181 -44.24 -20.54 31.22
CA PHE D 181 -43.92 -19.20 30.71
C PHE D 181 -43.69 -19.14 29.19
N HIS D 182 -42.93 -20.09 28.63
CA HIS D 182 -42.63 -20.27 27.20
C HIS D 182 -42.14 -19.02 26.44
N LEU D 183 -40.82 -18.80 26.37
CA LEU D 183 -40.23 -17.63 25.72
C LEU D 183 -40.30 -17.61 24.18
N LYS D 184 -40.54 -18.76 23.53
CA LYS D 184 -40.99 -18.88 22.13
C LYS D 184 -40.28 -17.97 21.11
N GLY D 185 -39.18 -18.45 20.54
CA GLY D 185 -38.36 -17.70 19.57
C GLY D 185 -38.93 -17.63 18.15
N PHE D 186 -38.07 -17.22 17.21
CA PHE D 186 -38.31 -17.03 15.77
C PHE D 186 -38.95 -18.24 15.07
N GLY D 187 -40.12 -18.08 14.44
CA GLY D 187 -40.80 -19.17 13.72
C GLY D 187 -42.10 -18.77 13.02
N PHE D 188 -42.49 -19.52 11.98
CA PHE D 188 -43.62 -19.16 11.09
C PHE D 188 -45.01 -19.22 11.75
N THR D 189 -45.22 -20.05 12.76
CA THR D 189 -46.56 -20.35 13.30
C THR D 189 -47.03 -19.38 14.37
N GLY D 190 -46.10 -18.69 15.04
CA GLY D 190 -46.38 -17.99 16.30
C GLY D 190 -46.66 -18.92 17.48
N LEU D 191 -46.54 -20.24 17.30
CA LEU D 191 -46.78 -21.25 18.33
C LEU D 191 -45.50 -21.87 18.89
N VAL D 192 -44.42 -21.92 18.09
CA VAL D 192 -43.07 -22.30 18.54
C VAL D 192 -42.02 -21.60 17.69
N GLY D 193 -40.84 -21.40 18.25
CA GLY D 193 -39.65 -21.05 17.46
C GLY D 193 -39.09 -22.27 16.73
N LEU D 194 -38.46 -22.06 15.59
CA LEU D 194 -37.68 -23.05 14.86
C LEU D 194 -36.38 -23.33 15.62
N SER D 195 -36.06 -24.60 15.83
CA SER D 195 -34.91 -24.99 16.64
C SER D 195 -33.61 -24.89 15.84
N PRO D 196 -32.72 -23.90 16.06
CA PRO D 196 -31.68 -23.58 15.09
C PRO D 196 -30.69 -24.71 14.88
N ILE D 197 -30.41 -25.45 15.94
CA ILE D 197 -29.61 -26.68 15.91
C ILE D 197 -30.12 -27.65 14.84
N ALA D 198 -31.42 -27.78 14.66
CA ALA D 198 -31.99 -28.70 13.70
C ALA D 198 -31.66 -28.30 12.26
N PHE D 199 -31.48 -27.02 11.99
CA PHE D 199 -31.14 -26.52 10.66
C PHE D 199 -29.64 -26.55 10.42
N ALA D 200 -28.86 -26.19 11.43
CA ALA D 200 -27.41 -26.12 11.34
C ALA D 200 -26.73 -27.48 11.10
N CYS D 201 -27.45 -28.58 11.28
CA CYS D 201 -26.92 -29.93 11.23
C CYS D 201 -26.05 -30.23 10.00
N LYS D 202 -26.37 -29.70 8.81
CA LYS D 202 -25.61 -30.00 7.60
C LYS D 202 -24.25 -29.32 7.57
N SER D 203 -24.19 -28.00 7.75
CA SER D 203 -22.91 -27.31 7.80
C SER D 203 -22.05 -27.83 8.94
N ALA D 204 -22.66 -28.11 10.09
CA ALA D 204 -21.98 -28.78 11.18
C ALA D 204 -21.41 -30.12 10.72
N GLY D 205 -22.19 -30.93 9.98
CA GLY D 205 -21.75 -32.19 9.41
C GLY D 205 -20.49 -32.04 8.56
N VAL D 206 -20.44 -31.00 7.72
CA VAL D 206 -19.23 -30.70 6.96
C VAL D 206 -18.08 -30.39 7.89
N ALA D 207 -18.31 -29.53 8.87
CA ALA D 207 -17.26 -29.09 9.76
C ALA D 207 -16.64 -30.28 10.52
N VAL D 208 -17.47 -31.14 11.10
CA VAL D 208 -16.93 -32.30 11.82
C VAL D 208 -16.25 -33.28 10.88
N ALA D 209 -16.70 -33.41 9.62
CA ALA D 209 -16.01 -34.26 8.68
C ALA D 209 -14.58 -33.74 8.41
N MET D 210 -14.43 -32.44 8.20
CA MET D 210 -13.12 -31.85 8.02
C MET D 210 -12.27 -32.04 9.26
N GLU D 211 -12.83 -31.75 10.43
CA GLU D 211 -12.10 -31.84 11.68
C GLU D 211 -11.56 -33.26 11.89
N ASP D 212 -12.41 -34.26 11.67
CA ASP D 212 -12.03 -35.65 11.80
C ASP D 212 -10.95 -36.02 10.79
N GLN D 213 -11.10 -35.62 9.53
CA GLN D 213 -10.10 -35.89 8.53
C GLN D 213 -8.75 -35.28 8.92
N GLN D 214 -8.77 -34.01 9.32
CA GLN D 214 -7.57 -33.27 9.66
C GLN D 214 -6.85 -33.93 10.82
N ARG D 215 -7.59 -34.29 11.87
CA ARG D 215 -7.06 -35.05 13.00
C ARG D 215 -6.38 -36.32 12.50
N ASP D 216 -7.12 -37.12 11.77
CA ASP D 216 -6.70 -38.48 11.52
C ASP D 216 -5.52 -38.54 10.57
N PHE D 217 -5.38 -37.57 9.69
CA PHE D 217 -4.19 -37.45 8.87
C PHE D 217 -2.93 -37.26 9.72
N PHE D 218 -3.01 -36.41 10.74
CA PHE D 218 -1.93 -36.26 11.70
C PHE D 218 -1.82 -37.44 12.65
N ALA D 219 -2.91 -38.15 12.94
CA ALA D 219 -2.88 -39.37 13.75
C ALA D 219 -2.10 -40.50 13.05
N ASN D 220 -2.19 -40.56 11.72
CA ASN D 220 -1.35 -41.41 10.89
C ASN D 220 0.08 -40.88 10.73
N GLY D 221 0.44 -39.78 11.41
CA GLY D 221 1.77 -39.18 11.33
C GLY D 221 2.15 -38.76 9.91
N ALA D 222 1.16 -38.39 9.09
CA ALA D 222 1.34 -38.07 7.68
C ALA D 222 1.97 -39.18 6.82
N LYS D 223 1.96 -40.44 7.29
CA LYS D 223 2.28 -41.63 6.48
C LYS D 223 1.20 -41.79 5.41
N SER D 224 1.49 -41.44 4.17
CA SER D 224 0.49 -41.45 3.09
C SER D 224 0.02 -42.88 2.76
N PRO D 225 -1.24 -43.07 2.32
CA PRO D 225 -1.71 -44.39 1.90
C PRO D 225 -0.94 -44.89 0.68
N GLN D 226 -0.88 -46.20 0.48
CA GLN D 226 -0.28 -46.80 -0.72
C GLN D 226 -1.14 -47.92 -1.29
N ILE D 227 -1.33 -47.88 -2.61
CA ILE D 227 -1.88 -48.99 -3.38
C ILE D 227 -0.76 -49.98 -3.58
N LEU D 228 -1.00 -51.19 -3.08
CA LEU D 228 -0.01 -52.24 -2.99
C LEU D 228 0.01 -53.03 -4.30
N SER D 229 0.58 -52.42 -5.33
CA SER D 229 0.73 -52.94 -6.70
C SER D 229 1.98 -53.82 -6.86
N THR D 230 1.88 -54.86 -7.68
CA THR D 230 2.67 -56.08 -7.49
C THR D 230 3.37 -56.67 -8.72
N GLY D 231 3.03 -56.27 -9.95
CA GLY D 231 3.43 -57.03 -11.14
C GLY D 231 2.65 -58.36 -11.24
N GLU D 232 3.33 -59.49 -11.48
CA GLU D 232 2.68 -60.77 -11.82
C GLU D 232 3.30 -62.03 -11.21
N LYS D 233 4.41 -61.93 -10.47
CA LYS D 233 5.08 -63.10 -9.88
C LYS D 233 4.27 -63.73 -8.75
N VAL D 234 4.28 -65.06 -8.66
CA VAL D 234 3.72 -65.84 -7.56
C VAL D 234 4.35 -65.52 -6.20
N LEU D 235 3.54 -65.69 -5.15
CA LEU D 235 3.90 -65.87 -3.75
C LEU D 235 2.91 -66.87 -3.12
N THR D 236 3.27 -67.48 -2.01
CA THR D 236 2.26 -68.13 -1.14
C THR D 236 1.40 -67.06 -0.45
N GLU D 237 0.17 -67.36 -0.09
CA GLU D 237 -0.66 -66.39 0.64
C GLU D 237 -0.14 -66.15 2.06
N GLN D 238 0.60 -67.11 2.61
CA GLN D 238 1.21 -66.95 3.94
C GLN D 238 2.38 -65.97 3.91
N GLN D 239 3.16 -65.94 2.82
CA GLN D 239 4.07 -64.83 2.54
C GLN D 239 3.25 -63.54 2.49
N ARG D 240 2.27 -63.44 1.58
CA ARG D 240 1.44 -62.23 1.40
C ARG D 240 0.86 -61.68 2.72
N SER D 241 0.37 -62.57 3.58
CA SER D 241 -0.16 -62.24 4.90
C SER D 241 0.80 -61.44 5.77
N GLN D 242 2.11 -61.62 5.61
CA GLN D 242 3.07 -60.91 6.44
C GLN D 242 3.02 -59.39 6.27
N VAL D 243 2.47 -58.88 5.18
CA VAL D 243 2.10 -57.45 5.10
C VAL D 243 1.23 -57.07 6.30
N GLU D 244 0.17 -57.83 6.49
CA GLU D 244 -0.81 -57.61 7.54
C GLU D 244 -0.20 -57.87 8.91
N GLU D 245 0.56 -58.97 9.04
CA GLU D 245 1.14 -59.35 10.31
C GLU D 245 2.22 -58.35 10.77
N ASN D 246 3.04 -57.87 9.86
CA ASN D 246 4.17 -57.01 10.19
C ASN D 246 3.72 -55.60 10.58
N PHE D 247 2.64 -55.10 9.97
CA PHE D 247 2.27 -53.68 10.10
C PHE D 247 1.39 -53.42 11.33
N LYS D 248 0.10 -53.13 11.13
CA LYS D 248 -0.85 -52.55 12.10
C LYS D 248 -0.39 -51.25 12.81
N GLU D 249 0.64 -50.57 12.30
CA GLU D 249 1.26 -49.36 12.90
C GLU D 249 1.26 -48.10 11.98
N ILE D 250 0.65 -48.12 10.79
CA ILE D 250 0.51 -46.89 10.00
C ILE D 250 -0.45 -45.91 10.70
N ALA D 251 -1.60 -46.37 11.14
CA ALA D 251 -2.43 -45.69 12.17
C ALA D 251 -1.87 -45.89 13.60
N GLY D 252 -0.53 -45.79 13.76
CA GLY D 252 0.21 -46.12 14.97
C GLY D 252 1.67 -45.66 14.96
N GLY D 253 2.56 -46.49 15.51
CA GLY D 253 3.90 -46.11 15.96
C GLY D 253 4.93 -45.71 14.91
N PRO D 254 6.12 -45.29 15.36
CA PRO D 254 7.20 -44.75 14.52
C PRO D 254 8.01 -45.85 13.84
N VAL D 255 7.37 -46.69 13.03
CA VAL D 255 8.02 -47.75 12.25
C VAL D 255 8.69 -47.16 10.98
N LYS D 256 9.39 -46.04 11.16
CA LYS D 256 9.65 -45.02 10.13
C LYS D 256 10.23 -45.62 8.86
N LYS D 257 11.37 -46.28 8.95
CA LYS D 257 12.09 -46.83 7.78
C LYS D 257 11.51 -48.15 7.26
N ARG D 258 10.51 -48.72 7.95
CA ARG D 258 10.34 -50.17 7.91
C ARG D 258 8.93 -50.69 7.72
N LEU D 259 8.29 -50.22 6.66
CA LEU D 259 7.28 -51.07 6.04
C LEU D 259 8.05 -52.15 5.23
N TRP D 260 7.41 -53.23 4.80
CA TRP D 260 8.05 -54.42 4.20
C TRP D 260 7.44 -54.80 2.85
N ILE D 261 8.21 -55.49 1.99
CA ILE D 261 7.60 -56.41 1.01
C ILE D 261 8.23 -57.80 1.10
N LEU D 262 7.40 -58.79 0.79
CA LEU D 262 7.81 -60.13 0.39
C LEU D 262 8.49 -60.05 -0.98
N GLU D 263 9.34 -61.02 -1.32
CA GLU D 263 10.12 -61.01 -2.57
C GLU D 263 9.26 -60.90 -3.83
N ALA D 264 9.07 -59.68 -4.37
CA ALA D 264 8.13 -59.40 -5.46
C ALA D 264 8.34 -58.05 -6.18
N GLY D 265 9.31 -57.23 -5.77
CA GLY D 265 9.60 -55.92 -6.39
C GLY D 265 8.62 -54.82 -6.01
N PHE D 266 7.35 -54.95 -6.40
CA PHE D 266 6.25 -54.00 -6.20
C PHE D 266 6.48 -52.60 -6.81
N SER D 267 5.41 -51.80 -6.90
CA SER D 267 5.37 -50.58 -7.73
C SER D 267 4.44 -49.47 -7.18
N THR D 268 4.31 -49.39 -5.87
CA THR D 268 3.17 -48.74 -5.19
C THR D 268 3.02 -47.23 -5.45
N SER D 269 1.80 -46.71 -5.25
CA SER D 269 1.45 -45.30 -5.45
C SER D 269 0.37 -44.82 -4.47
N ALA D 270 0.26 -43.51 -4.23
CA ALA D 270 -0.73 -42.93 -3.31
C ALA D 270 -2.06 -42.59 -3.98
N ILE D 271 -3.13 -42.40 -3.19
CA ILE D 271 -4.46 -41.94 -3.68
C ILE D 271 -5.12 -40.82 -2.85
N GLY D 272 -4.56 -40.45 -1.70
CA GLY D 272 -4.98 -39.26 -0.96
C GLY D 272 -4.37 -38.00 -1.58
N VAL D 273 -5.10 -36.89 -1.57
CA VAL D 273 -4.73 -35.70 -2.34
C VAL D 273 -3.65 -34.81 -1.70
N THR D 274 -3.30 -35.04 -0.43
CA THR D 274 -2.48 -34.12 0.41
C THR D 274 -3.24 -32.84 0.77
N PRO D 275 -3.07 -32.25 1.96
CA PRO D 275 -3.67 -30.95 2.28
C PRO D 275 -3.17 -29.78 1.41
N GLN D 276 -2.24 -30.01 0.48
CA GLN D 276 -2.06 -29.16 -0.69
C GLN D 276 -3.35 -28.96 -1.49
N ASP D 277 -4.35 -29.82 -1.35
CA ASP D 277 -5.73 -29.43 -1.56
C ASP D 277 -6.15 -28.39 -0.51
N ALA D 278 -5.86 -27.13 -0.83
CA ALA D 278 -5.77 -26.03 0.11
C ALA D 278 -7.05 -25.72 0.88
N GLU D 279 -8.20 -26.26 0.47
CA GLU D 279 -9.39 -26.29 1.31
C GLU D 279 -9.10 -26.83 2.71
N MET D 280 -8.16 -27.77 2.85
CA MET D 280 -7.81 -28.29 4.17
C MET D 280 -7.20 -27.22 5.09
N MET D 281 -6.85 -26.05 4.56
CA MET D 281 -6.80 -24.83 5.35
C MET D 281 -8.00 -23.92 5.07
N ALA D 282 -8.17 -23.44 3.86
CA ALA D 282 -9.09 -22.36 3.54
C ALA D 282 -10.54 -22.65 4.00
N SER D 283 -11.02 -23.86 3.77
CA SER D 283 -12.37 -24.23 4.15
C SER D 283 -12.59 -24.20 5.64
N ARG D 284 -11.56 -24.56 6.41
CA ARG D 284 -11.60 -24.50 7.87
C ARG D 284 -11.93 -23.09 8.33
N LYS D 285 -11.28 -22.09 7.73
CA LYS D 285 -11.62 -20.68 7.97
C LYS D 285 -13.04 -20.40 7.52
N PHE D 286 -13.38 -20.78 6.29
CA PHE D 286 -14.67 -20.45 5.71
C PHE D 286 -15.87 -20.92 6.54
N GLN D 287 -15.82 -22.14 7.08
CA GLN D 287 -16.94 -22.74 7.81
C GLN D 287 -17.37 -21.97 9.07
N VAL D 288 -16.46 -21.22 9.69
CA VAL D 288 -16.80 -20.35 10.82
C VAL D 288 -17.93 -19.41 10.46
N SER D 289 -17.92 -18.84 9.25
CA SER D 289 -18.99 -17.95 8.82
C SER D 289 -20.31 -18.69 8.74
N GLU D 290 -20.30 -19.92 8.23
CA GLU D 290 -21.50 -20.70 8.08
C GLU D 290 -22.20 -20.91 9.40
N LEU D 291 -21.41 -21.27 10.40
CA LEU D 291 -21.94 -21.52 11.73
C LEU D 291 -22.39 -20.21 12.38
N ALA D 292 -21.58 -19.16 12.28
CA ALA D 292 -21.95 -17.85 12.81
C ALA D 292 -23.28 -17.37 12.27
N ARG D 293 -23.57 -17.61 10.99
CA ARG D 293 -24.79 -17.16 10.36
C ARG D 293 -26.06 -17.75 10.98
N PHE D 294 -26.01 -18.91 11.62
CA PHE D 294 -27.19 -19.39 12.36
C PHE D 294 -27.52 -18.56 13.59
N PHE D 295 -26.55 -17.85 14.14
CA PHE D 295 -26.71 -17.02 15.34
C PHE D 295 -26.67 -15.51 15.04
N GLY D 296 -26.20 -15.13 13.86
CA GLY D 296 -26.13 -13.73 13.46
C GLY D 296 -25.08 -12.92 14.22
N VAL D 297 -23.91 -13.51 14.47
CA VAL D 297 -22.83 -12.87 15.24
C VAL D 297 -21.78 -12.27 14.30
N PRO D 298 -21.41 -10.99 14.45
CA PRO D 298 -20.35 -10.37 13.67
C PRO D 298 -19.02 -11.10 13.81
N PRO D 299 -18.44 -11.67 12.73
CA PRO D 299 -17.33 -12.60 12.85
C PRO D 299 -16.04 -12.01 13.42
N HIS D 300 -15.85 -10.70 13.43
CA HIS D 300 -14.70 -10.10 14.10
C HIS D 300 -14.77 -10.26 15.62
N LEU D 301 -15.96 -10.40 16.20
CA LEU D 301 -16.11 -10.77 17.61
C LEU D 301 -15.73 -12.24 17.86
N VAL D 302 -15.83 -13.07 16.83
CA VAL D 302 -15.58 -14.51 16.89
C VAL D 302 -14.10 -14.81 16.70
N GLY D 303 -13.45 -14.20 15.71
CA GLY D 303 -11.99 -14.30 15.52
C GLY D 303 -11.45 -14.10 14.10
N ASP D 304 -12.28 -13.82 13.10
CA ASP D 304 -11.84 -13.80 11.70
C ASP D 304 -11.07 -12.55 11.25
N VAL D 305 -10.18 -12.74 10.26
CA VAL D 305 -9.34 -11.71 9.62
C VAL D 305 -8.52 -10.95 10.67
N GLU D 306 -8.96 -9.75 11.05
CA GLU D 306 -8.45 -9.02 12.23
C GLU D 306 -9.63 -8.39 13.00
N LYS D 307 -10.13 -7.25 12.52
CA LYS D 307 -11.02 -6.31 13.20
C LYS D 307 -11.96 -5.63 12.18
N SER D 308 -13.04 -4.99 12.64
CA SER D 308 -14.13 -4.51 11.79
C SER D 308 -13.75 -3.36 10.84
N THR D 309 -13.24 -3.72 9.65
CA THR D 309 -12.42 -2.87 8.77
C THR D 309 -13.01 -1.52 8.30
N SER D 310 -14.33 -1.42 8.07
CA SER D 310 -14.96 -0.22 7.49
C SER D 310 -16.46 -0.22 7.77
N TRP D 311 -16.82 0.28 8.95
CA TRP D 311 -18.04 -0.11 9.68
C TRP D 311 -18.37 0.80 10.86
N GLY D 312 -17.32 1.24 11.57
CA GLY D 312 -17.34 2.17 12.69
C GLY D 312 -15.96 2.17 13.34
N SER D 313 -15.50 3.31 13.86
CA SER D 313 -14.12 3.46 14.36
C SER D 313 -13.97 2.97 15.80
N GLY D 314 -14.57 3.68 16.75
CA GLY D 314 -14.44 3.45 18.17
C GLY D 314 -15.35 2.35 18.69
N ILE D 315 -15.02 1.90 19.90
CA ILE D 315 -15.68 0.78 20.56
C ILE D 315 -17.20 0.96 20.64
N GLU D 316 -17.66 2.18 20.88
CA GLU D 316 -19.08 2.49 20.96
C GLU D 316 -19.81 2.12 19.67
N GLN D 317 -19.21 2.41 18.51
CA GLN D 317 -19.84 2.04 17.24
C GLN D 317 -19.96 0.53 17.10
N GLN D 318 -18.96 -0.21 17.56
CA GLN D 318 -19.02 -1.66 17.51
C GLN D 318 -20.18 -2.16 18.37
N ASN D 319 -20.31 -1.60 19.57
CA ASN D 319 -21.35 -1.99 20.49
C ASN D 319 -22.72 -1.65 19.93
N LEU D 320 -22.90 -0.45 19.38
CA LEU D 320 -24.14 -0.05 18.73
C LEU D 320 -24.51 -1.02 17.62
N GLY D 321 -23.56 -1.38 16.76
CA GLY D 321 -23.80 -2.33 15.70
C GLY D 321 -24.22 -3.68 16.27
N PHE D 322 -23.48 -4.19 17.24
CA PHE D 322 -23.78 -5.49 17.82
C PHE D 322 -25.14 -5.52 18.50
N LEU D 323 -25.51 -4.43 19.19
CA LEU D 323 -26.83 -4.30 19.75
C LEU D 323 -27.88 -4.35 18.67
N GLN D 324 -27.84 -3.44 17.70
CA GLN D 324 -28.91 -3.27 16.75
C GLN D 324 -29.10 -4.49 15.86
N TYR D 325 -28.01 -5.07 15.35
CA TYR D 325 -28.10 -6.15 14.38
C TYR D 325 -28.12 -7.54 15.00
N THR D 326 -27.91 -7.69 16.31
CA THR D 326 -27.82 -9.02 16.94
C THR D 326 -28.50 -9.08 18.31
N LEU D 327 -28.20 -8.18 19.24
CA LEU D 327 -28.62 -8.36 20.63
C LEU D 327 -30.06 -7.91 20.89
N GLN D 328 -30.52 -6.87 20.21
CA GLN D 328 -31.83 -6.24 20.44
C GLN D 328 -33.02 -7.20 20.54
N PRO D 329 -33.15 -8.28 19.73
CA PRO D 329 -34.35 -9.09 19.71
C PRO D 329 -34.63 -9.74 21.04
N TYR D 330 -33.59 -10.24 21.69
CA TYR D 330 -33.72 -10.93 22.95
C TYR D 330 -34.25 -10.03 24.03
N ILE D 331 -33.81 -8.77 24.04
CA ILE D 331 -34.32 -7.76 24.95
C ILE D 331 -35.83 -7.66 24.81
N SER D 332 -36.30 -7.50 23.58
CA SER D 332 -37.71 -7.40 23.30
C SER D 332 -38.46 -8.67 23.68
N ARG D 333 -37.93 -9.85 23.36
CA ARG D 333 -38.56 -11.12 23.72
C ARG D 333 -38.77 -11.21 25.21
N TRP D 334 -37.74 -10.96 26.01
CA TRP D 334 -37.87 -10.96 27.46
C TRP D 334 -38.91 -9.95 27.90
N GLU D 335 -38.70 -8.67 27.58
CA GLU D 335 -39.54 -7.60 28.11
C GLU D 335 -40.99 -7.78 27.73
N ASN D 336 -41.27 -8.09 26.46
CA ASN D 336 -42.64 -8.29 26.04
C ASN D 336 -43.25 -9.54 26.66
N SER D 337 -42.51 -10.64 26.82
CA SER D 337 -43.08 -11.83 27.47
C SER D 337 -43.50 -11.53 28.89
N ILE D 338 -42.67 -10.81 29.63
CA ILE D 338 -42.99 -10.39 30.99
C ILE D 338 -44.29 -9.60 30.97
N GLN D 339 -44.39 -8.61 30.08
CA GLN D 339 -45.57 -7.78 29.96
C GLN D 339 -46.81 -8.60 29.54
N ARG D 340 -46.63 -9.62 28.71
CA ARG D 340 -47.72 -10.40 28.11
C ARG D 340 -48.31 -11.43 29.05
N TRP D 341 -47.53 -11.93 30.00
CA TRP D 341 -47.93 -13.07 30.83
C TRP D 341 -47.76 -12.87 32.32
N LEU D 342 -46.74 -12.13 32.76
CA LEU D 342 -46.41 -12.05 34.19
C LEU D 342 -47.07 -10.87 34.88
N ILE D 343 -47.10 -9.71 34.23
CA ILE D 343 -47.80 -8.55 34.77
C ILE D 343 -49.32 -8.76 34.61
N PRO D 344 -50.13 -8.58 35.66
CA PRO D 344 -51.59 -8.68 35.56
C PRO D 344 -52.19 -7.60 34.64
N SER D 345 -53.27 -7.93 33.94
CA SER D 345 -53.88 -7.05 32.92
C SER D 345 -54.27 -5.67 33.46
N LYS D 346 -54.74 -5.58 34.71
CA LYS D 346 -55.07 -4.31 35.40
C LYS D 346 -53.88 -3.38 35.64
N ASP D 347 -52.66 -3.93 35.66
CA ASP D 347 -51.41 -3.20 35.91
C ASP D 347 -50.64 -2.86 34.64
N VAL D 348 -51.10 -3.35 33.48
CA VAL D 348 -50.56 -2.97 32.18
C VAL D 348 -50.63 -1.46 32.00
N GLY D 349 -49.55 -0.88 31.47
CA GLY D 349 -49.36 0.57 31.38
C GLY D 349 -48.84 1.18 32.68
N ARG D 350 -49.32 0.75 33.85
CA ARG D 350 -48.76 1.21 35.13
C ARG D 350 -47.39 0.60 35.37
N LEU D 351 -47.28 -0.71 35.24
CA LEU D 351 -46.07 -1.45 35.56
C LEU D 351 -45.36 -1.85 34.29
N HIS D 352 -44.05 -1.69 34.30
CA HIS D 352 -43.21 -1.85 33.13
C HIS D 352 -41.82 -2.33 33.53
N ALA D 353 -41.08 -2.96 32.62
CA ALA D 353 -39.72 -3.44 32.90
C ALA D 353 -38.77 -3.17 31.75
N GLU D 354 -37.53 -2.77 32.06
CA GLU D 354 -36.49 -2.53 31.07
C GLU D 354 -35.12 -3.06 31.48
N HIS D 355 -34.42 -3.68 30.54
CA HIS D 355 -32.98 -3.80 30.63
C HIS D 355 -32.30 -2.44 30.50
N ASN D 356 -31.15 -2.28 31.15
CA ASN D 356 -30.31 -1.09 31.04
C ASN D 356 -29.16 -1.35 30.06
N LEU D 357 -29.01 -0.48 29.06
CA LEU D 357 -28.05 -0.62 27.97
C LEU D 357 -26.72 0.10 28.23
N ASP D 358 -26.65 0.96 29.25
CA ASP D 358 -25.50 1.84 29.44
C ASP D 358 -24.20 1.08 29.67
N GLY D 359 -24.27 -0.12 30.27
CA GLY D 359 -23.10 -0.98 30.43
C GLY D 359 -22.43 -1.37 29.11
N LEU D 360 -23.17 -1.39 27.99
CA LEU D 360 -22.61 -1.53 26.65
C LEU D 360 -22.34 -0.17 26.03
N LEU D 361 -23.29 0.76 26.11
CA LEU D 361 -23.20 2.04 25.43
C LEU D 361 -22.16 2.98 26.04
N ARG D 362 -21.57 2.61 27.18
CA ARG D 362 -20.44 3.28 27.81
C ARG D 362 -19.29 3.55 26.82
N GLY D 363 -19.12 4.81 26.45
CA GLY D 363 -17.92 5.29 25.76
C GLY D 363 -16.73 5.46 26.71
N ASP D 364 -15.59 5.88 26.17
CA ASP D 364 -14.40 6.13 26.97
C ASP D 364 -14.53 7.39 27.85
N SER D 365 -13.55 7.58 28.73
CA SER D 365 -13.42 8.74 29.60
C SER D 365 -13.51 10.06 28.85
N ALA D 366 -12.81 10.23 27.73
CA ALA D 366 -12.80 11.49 27.01
C ALA D 366 -14.19 11.78 26.44
N SER D 367 -14.79 10.82 25.74
CA SER D 367 -16.11 11.01 25.16
C SER D 367 -17.16 11.25 26.23
N ARG D 368 -17.16 10.49 27.34
CA ARG D 368 -18.15 10.72 28.39
C ARG D 368 -17.95 12.07 29.10
N ALA D 369 -16.71 12.50 29.28
CA ALA D 369 -16.45 13.85 29.79
C ALA D 369 -17.01 14.91 28.85
N ALA D 370 -16.70 14.81 27.56
CA ALA D 370 -17.20 15.75 26.56
C ALA D 370 -18.74 15.76 26.52
N PHE D 371 -19.35 14.58 26.60
CA PHE D 371 -20.80 14.44 26.67
C PHE D 371 -21.38 15.18 27.88
N MET D 372 -20.88 14.90 29.08
CA MET D 372 -21.38 15.55 30.29
C MET D 372 -21.19 17.06 30.22
N LYS D 373 -20.05 17.53 29.70
CA LYS D 373 -19.82 18.96 29.51
C LYS D 373 -20.84 19.57 28.56
N ALA D 374 -21.20 18.85 27.49
CA ALA D 374 -22.25 19.28 26.58
C ALA D 374 -23.64 19.35 27.25
N MET D 375 -23.87 18.67 28.38
CA MET D 375 -25.08 18.87 29.17
C MET D 375 -25.04 20.13 30.03
N GLY D 376 -23.85 20.72 30.25
CA GLY D 376 -23.60 21.84 31.16
C GLY D 376 -24.41 23.07 30.82
N GLU D 377 -23.95 23.88 29.86
CA GLU D 377 -24.92 24.66 29.07
C GLU D 377 -25.76 23.67 28.25
N SER D 378 -26.88 24.12 27.69
CA SER D 378 -28.08 23.31 27.40
C SER D 378 -28.83 22.89 28.66
N GLY D 379 -28.14 22.59 29.76
CA GLY D 379 -28.76 22.29 31.04
C GLY D 379 -29.53 20.97 31.05
N LEU D 380 -29.26 20.07 30.11
CA LEU D 380 -29.97 18.80 29.97
C LEU D 380 -29.85 17.86 31.19
N ARG D 381 -28.92 18.12 32.12
CA ARG D 381 -28.93 17.55 33.48
C ARG D 381 -28.45 18.55 34.52
N THR D 382 -28.92 18.35 35.74
CA THR D 382 -28.31 18.83 36.98
C THR D 382 -27.07 18.02 37.32
N ILE D 383 -26.21 18.58 38.16
CA ILE D 383 -25.04 17.87 38.67
C ILE D 383 -25.49 16.63 39.43
N ASN D 384 -26.56 16.72 40.21
CA ASN D 384 -27.09 15.58 40.95
C ASN D 384 -27.48 14.42 40.04
N GLU D 385 -28.17 14.68 38.94
CA GLU D 385 -28.54 13.60 38.00
C GLU D 385 -27.30 12.93 37.43
N MET D 386 -26.30 13.71 37.03
CA MET D 386 -25.05 13.14 36.53
C MET D 386 -24.32 12.37 37.63
N ARG D 387 -24.23 12.89 38.85
CA ARG D 387 -23.68 12.17 39.99
C ARG D 387 -24.43 10.88 40.30
N ARG D 388 -25.72 10.81 39.99
CA ARG D 388 -26.47 9.58 40.17
C ARG D 388 -26.03 8.50 39.18
N THR D 389 -25.59 8.87 37.99
CA THR D 389 -25.14 7.90 36.98
C THR D 389 -23.91 7.12 37.41
N ASP D 390 -23.09 7.67 38.31
CA ASP D 390 -21.88 7.04 38.83
C ASP D 390 -21.89 7.00 40.38
N ASN D 391 -23.07 7.04 40.97
CA ASN D 391 -23.35 6.93 42.40
C ASN D 391 -22.50 7.85 43.30
N MET D 392 -22.02 8.97 42.78
CA MET D 392 -21.39 10.01 43.57
C MET D 392 -22.40 10.67 44.53
N PRO D 393 -21.99 11.10 45.73
CA PRO D 393 -22.90 11.77 46.66
C PRO D 393 -23.50 13.05 46.06
N PRO D 394 -24.82 13.29 46.23
CA PRO D 394 -25.47 14.50 45.76
C PRO D 394 -24.92 15.75 46.47
N LEU D 395 -25.11 16.89 45.81
CA LEU D 395 -24.44 18.16 46.10
C LEU D 395 -25.37 19.32 45.69
N PRO D 396 -25.39 20.49 46.37
CA PRO D 396 -26.39 21.53 46.11
C PRO D 396 -26.42 22.03 44.65
N GLY D 397 -27.54 21.78 43.96
CA GLY D 397 -27.73 22.12 42.54
C GLY D 397 -29.02 21.55 41.95
N ILE E 52 -6.68 -39.09 26.31
CA ILE E 52 -6.39 -37.68 26.65
C ILE E 52 -6.72 -37.38 28.12
N ASN E 53 -6.06 -36.39 28.73
CA ASN E 53 -6.30 -35.98 30.12
C ASN E 53 -6.10 -34.47 30.33
N ASP E 54 -6.64 -33.97 31.43
CA ASP E 54 -6.71 -32.55 31.74
C ASP E 54 -5.33 -31.90 31.86
N GLU E 55 -4.36 -32.59 32.42
CA GLU E 55 -3.00 -32.05 32.55
C GLU E 55 -2.33 -31.92 31.18
N ARG E 56 -2.45 -32.94 30.33
CA ARG E 56 -1.89 -32.89 28.98
C ARG E 56 -2.53 -31.78 28.16
N ILE E 57 -3.79 -31.47 28.42
CA ILE E 57 -4.48 -30.33 27.83
C ILE E 57 -3.93 -29.02 28.40
N LEU E 58 -3.85 -28.90 29.71
CA LEU E 58 -3.38 -27.68 30.35
C LEU E 58 -1.94 -27.34 29.97
N GLN E 59 -1.13 -28.31 29.57
CA GLN E 59 0.21 -28.09 29.01
C GLN E 59 0.22 -27.33 27.67
N ILE E 60 -0.92 -27.10 27.02
CA ILE E 60 -0.98 -26.25 25.82
C ILE E 60 -0.84 -24.77 26.19
N SER E 61 0.09 -24.05 25.57
CA SER E 61 0.42 -22.67 25.97
C SER E 61 -0.81 -21.76 25.95
N THR E 62 -1.67 -21.91 24.96
CA THR E 62 -2.91 -21.15 24.85
C THR E 62 -3.77 -21.32 26.08
N VAL E 63 -4.00 -22.56 26.48
CA VAL E 63 -4.94 -22.89 27.54
C VAL E 63 -4.41 -22.35 28.85
N TRP E 64 -3.13 -22.59 29.10
CA TRP E 64 -2.43 -22.03 30.25
C TRP E 64 -2.62 -20.53 30.32
N ARG E 65 -2.39 -19.84 29.21
CA ARG E 65 -2.44 -18.38 29.16
C ARG E 65 -3.85 -17.87 29.41
N CYS E 66 -4.85 -18.46 28.78
CA CYS E 66 -6.24 -18.00 28.95
C CYS E 66 -6.65 -18.03 30.40
N VAL E 67 -6.46 -19.18 31.04
CA VAL E 67 -6.83 -19.37 32.43
C VAL E 67 -6.02 -18.42 33.30
N SER E 68 -4.71 -18.32 33.05
CA SER E 68 -3.88 -17.40 33.79
C SER E 68 -4.45 -16.01 33.73
N LEU E 69 -4.68 -15.51 32.52
CA LEU E 69 -5.12 -14.15 32.31
C LEU E 69 -6.38 -13.86 33.10
N ILE E 70 -7.45 -14.60 32.84
CA ILE E 70 -8.76 -14.25 33.37
C ILE E 70 -8.73 -14.31 34.89
N SER E 71 -8.29 -15.44 35.42
CA SER E 71 -8.30 -15.65 36.86
C SER E 71 -7.44 -14.60 37.56
N THR E 72 -6.31 -14.27 36.97
CA THR E 72 -5.42 -13.30 37.55
C THR E 72 -6.04 -11.92 37.54
N LEU E 73 -6.56 -11.48 36.41
CA LEU E 73 -7.05 -10.12 36.28
C LEU E 73 -8.18 -9.87 37.25
N THR E 74 -9.15 -10.77 37.32
CA THR E 74 -10.23 -10.55 38.28
C THR E 74 -9.76 -10.67 39.72
N ALA E 75 -8.72 -11.45 40.00
CA ALA E 75 -8.12 -11.48 41.32
C ALA E 75 -7.34 -10.20 41.64
N CYS E 76 -6.86 -9.47 40.64
CA CYS E 76 -6.14 -8.22 40.83
C CYS E 76 -7.05 -7.04 41.16
N LEU E 77 -8.33 -7.09 40.77
CA LEU E 77 -9.25 -5.99 41.05
C LEU E 77 -9.41 -5.74 42.55
N PRO E 78 -9.51 -4.49 43.02
CA PRO E 78 -10.03 -4.20 44.35
C PRO E 78 -11.48 -4.65 44.46
N LEU E 79 -11.85 -5.17 45.63
CA LEU E 79 -13.21 -5.56 45.99
C LEU E 79 -13.56 -4.94 47.34
N ASP E 80 -14.71 -4.30 47.39
CA ASP E 80 -15.16 -3.45 48.49
C ASP E 80 -16.60 -3.80 48.87
N VAL E 81 -17.04 -3.36 50.04
CA VAL E 81 -18.43 -3.44 50.47
C VAL E 81 -18.91 -2.08 50.90
N PHE E 82 -20.11 -1.72 50.50
CA PHE E 82 -20.81 -0.55 50.96
C PHE E 82 -21.98 -0.93 51.83
N GLU E 83 -22.06 -0.27 52.98
CA GLU E 83 -23.36 -0.06 53.57
C GLU E 83 -24.01 1.12 52.85
N THR E 84 -25.32 1.12 52.79
CA THR E 84 -26.08 2.03 51.95
C THR E 84 -27.22 2.59 52.77
N ASP E 85 -27.39 3.91 52.76
CA ASP E 85 -28.50 4.55 53.46
C ASP E 85 -29.80 4.46 52.64
N GLN E 86 -30.94 4.69 53.28
CA GLN E 86 -32.27 4.70 52.64
C GLN E 86 -32.41 5.76 51.53
N ASN E 87 -31.63 6.85 51.57
CA ASN E 87 -31.51 7.85 50.51
C ASN E 87 -30.44 7.48 49.45
N ASP E 88 -29.99 6.23 49.45
CA ASP E 88 -29.05 5.62 48.50
C ASP E 88 -27.62 6.22 48.50
N ASN E 89 -27.21 6.84 49.60
CA ASN E 89 -25.80 7.21 49.79
C ASN E 89 -24.98 5.97 50.16
N ARG E 90 -23.84 5.79 49.49
CA ARG E 90 -22.87 4.74 49.86
C ARG E 90 -22.04 5.14 51.08
N LYS E 91 -21.57 4.13 51.80
CA LYS E 91 -20.60 4.23 52.88
C LYS E 91 -19.74 2.98 52.84
N LYS E 92 -18.51 3.08 52.35
CA LYS E 92 -17.60 1.93 52.27
C LYS E 92 -17.27 1.47 53.69
N VAL E 93 -17.38 0.17 53.95
CA VAL E 93 -17.23 -0.40 55.30
C VAL E 93 -15.78 -0.79 55.62
N ASP E 94 -15.47 -0.82 56.91
CA ASP E 94 -14.12 -1.03 57.45
C ASP E 94 -13.79 -2.51 57.75
N LEU E 95 -12.50 -2.84 57.87
CA LEU E 95 -12.02 -4.18 58.23
C LEU E 95 -12.41 -4.67 59.65
N SER E 96 -13.05 -3.82 60.44
CA SER E 96 -13.73 -4.22 61.67
C SER E 96 -15.00 -5.02 61.40
N ASN E 97 -15.67 -4.80 60.27
CA ASN E 97 -16.83 -5.59 59.88
C ASN E 97 -16.40 -7.02 59.51
N PRO E 98 -17.03 -8.08 60.06
CA PRO E 98 -16.58 -9.45 59.86
C PRO E 98 -16.58 -9.89 58.40
N LEU E 99 -17.66 -9.59 57.67
CA LEU E 99 -17.77 -9.95 56.27
C LEU E 99 -16.69 -9.24 55.45
N ALA E 100 -16.51 -7.95 55.65
CA ALA E 100 -15.47 -7.21 54.96
C ALA E 100 -14.09 -7.78 55.26
N ARG E 101 -13.80 -8.07 56.53
CA ARG E 101 -12.54 -8.67 56.94
C ARG E 101 -12.31 -10.01 56.25
N LEU E 102 -13.35 -10.83 56.19
CA LEU E 102 -13.32 -12.13 55.55
C LEU E 102 -12.98 -11.99 54.07
N LEU E 103 -13.68 -11.08 53.39
CA LEU E 103 -13.51 -10.87 51.96
C LEU E 103 -12.18 -10.21 51.61
N ARG E 104 -11.70 -9.29 52.43
CA ARG E 104 -10.61 -8.38 52.05
C ARG E 104 -9.29 -8.68 52.73
N TYR E 105 -9.29 -9.05 54.02
CA TYR E 105 -8.06 -9.40 54.72
C TYR E 105 -7.76 -10.90 54.66
N SER E 106 -8.70 -11.75 55.08
CA SER E 106 -8.40 -13.17 55.30
C SER E 106 -9.63 -14.07 55.13
N PRO E 107 -9.66 -14.96 54.11
CA PRO E 107 -10.71 -15.95 53.94
C PRO E 107 -10.55 -17.16 54.86
N ASN E 108 -9.33 -17.47 55.31
CA ASN E 108 -8.99 -18.59 56.17
C ASN E 108 -7.56 -18.44 56.70
N GLN E 109 -7.20 -19.25 57.71
CA GLN E 109 -5.89 -19.24 58.33
C GLN E 109 -4.76 -19.88 57.49
N TYR E 110 -4.89 -19.92 56.17
CA TYR E 110 -3.88 -20.40 55.22
C TYR E 110 -3.64 -19.46 54.04
N MET E 111 -4.49 -18.45 53.82
CA MET E 111 -4.54 -17.73 52.55
C MET E 111 -4.77 -16.23 52.67
N THR E 112 -4.43 -15.57 51.58
CA THR E 112 -4.73 -14.18 51.24
C THR E 112 -6.07 -14.11 50.52
N ALA E 113 -6.76 -12.98 50.57
CA ALA E 113 -7.97 -12.78 49.79
C ALA E 113 -7.74 -12.97 48.28
N GLN E 114 -6.77 -12.24 47.71
CA GLN E 114 -6.38 -12.32 46.29
C GLN E 114 -6.18 -13.78 45.87
N GLU E 115 -5.35 -14.45 46.64
CA GLU E 115 -4.92 -15.83 46.46
C GLU E 115 -6.08 -16.82 46.45
N PHE E 116 -7.06 -16.60 47.34
CA PHE E 116 -8.29 -17.37 47.32
C PHE E 116 -9.15 -17.08 46.09
N ARG E 117 -9.37 -15.80 45.77
CA ARG E 117 -10.22 -15.45 44.61
C ARG E 117 -9.65 -16.04 43.32
N GLU E 118 -8.34 -15.99 43.19
CA GLU E 118 -7.62 -16.57 42.07
C GLU E 118 -7.93 -18.07 41.96
N ALA E 119 -7.69 -18.82 43.03
CA ALA E 119 -7.90 -20.25 43.06
C ALA E 119 -9.34 -20.63 42.70
N MET E 120 -10.31 -19.92 43.29
CA MET E 120 -11.73 -20.14 43.00
C MET E 120 -12.01 -19.93 41.51
N THR E 121 -11.51 -18.83 40.97
CA THR E 121 -11.78 -18.47 39.58
C THR E 121 -11.14 -19.47 38.62
N MET E 122 -9.95 -19.98 38.90
CA MET E 122 -9.32 -21.00 38.09
C MET E 122 -10.25 -22.20 37.93
N GLN E 123 -10.79 -22.73 39.03
CA GLN E 123 -11.74 -23.83 38.93
C GLN E 123 -12.99 -23.44 38.16
N LEU E 124 -13.52 -22.25 38.43
CA LEU E 124 -14.75 -21.81 37.77
C LEU E 124 -14.58 -21.77 36.25
N CYS E 125 -13.46 -21.29 35.74
CA CYS E 125 -13.15 -21.38 34.32
C CYS E 125 -12.94 -22.82 33.88
N PHE E 126 -12.05 -23.55 34.53
CA PHE E 126 -11.60 -24.83 34.01
C PHE E 126 -12.70 -25.90 34.02
N TYR E 127 -13.53 -25.92 35.06
CA TYR E 127 -14.59 -26.91 35.27
C TYR E 127 -16.00 -26.35 35.15
N GLY E 128 -16.17 -25.07 34.81
CA GLY E 128 -17.48 -24.42 34.75
C GLY E 128 -18.15 -24.23 36.12
N ASN E 129 -17.49 -24.67 37.18
CA ASN E 129 -18.02 -24.75 38.53
C ASN E 129 -16.88 -24.60 39.52
N ALA E 130 -17.15 -24.03 40.68
CA ALA E 130 -16.21 -23.98 41.79
C ALA E 130 -16.98 -24.04 43.12
N TYR E 131 -16.36 -24.62 44.14
CA TYR E 131 -17.00 -24.88 45.41
C TYR E 131 -16.07 -24.52 46.55
N ALA E 132 -16.62 -23.89 47.59
CA ALA E 132 -15.94 -23.74 48.87
C ALA E 132 -16.82 -24.27 49.97
N LEU E 133 -16.19 -24.93 50.94
CA LEU E 133 -16.80 -25.16 52.23
C LEU E 133 -16.90 -23.84 52.98
N VAL E 134 -18.09 -23.51 53.43
CA VAL E 134 -18.38 -22.38 54.31
C VAL E 134 -18.17 -22.77 55.76
N ASP E 135 -17.79 -21.82 56.60
CA ASP E 135 -17.91 -21.96 58.05
C ASP E 135 -18.38 -20.66 58.71
N ARG E 136 -19.10 -20.81 59.83
CA ARG E 136 -19.78 -19.75 60.56
C ARG E 136 -19.74 -19.96 62.07
N ASN E 137 -19.70 -18.87 62.82
CA ASN E 137 -19.58 -18.88 64.28
C ASN E 137 -20.89 -19.28 64.99
N SER E 138 -20.89 -19.23 66.32
CA SER E 138 -22.09 -19.48 67.15
C SER E 138 -23.22 -18.47 66.91
N ALA E 139 -22.92 -17.24 66.49
CA ALA E 139 -23.92 -16.28 66.03
C ALA E 139 -24.49 -16.62 64.64
N GLY E 140 -23.91 -17.59 63.94
CA GLY E 140 -24.28 -18.00 62.59
C GLY E 140 -23.66 -17.13 61.49
N ASP E 141 -22.79 -16.19 61.84
CA ASP E 141 -22.08 -15.32 60.90
C ASP E 141 -20.84 -16.01 60.36
N VAL E 142 -20.56 -15.87 59.06
CA VAL E 142 -19.45 -16.57 58.42
C VAL E 142 -18.09 -16.10 58.92
N ILE E 143 -17.16 -17.06 59.02
CA ILE E 143 -15.82 -16.88 59.57
C ILE E 143 -14.73 -17.59 58.77
N SER E 144 -15.08 -18.49 57.85
CA SER E 144 -14.07 -19.10 56.97
C SER E 144 -14.65 -19.55 55.64
N LEU E 145 -13.78 -19.58 54.62
CA LEU E 145 -14.01 -20.20 53.34
C LEU E 145 -12.80 -21.02 52.94
N LEU E 146 -13.04 -22.23 52.43
CA LEU E 146 -11.99 -23.13 51.99
C LEU E 146 -12.37 -23.80 50.66
N PRO E 147 -11.56 -23.71 49.60
CA PRO E 147 -11.86 -24.34 48.32
C PRO E 147 -11.93 -25.87 48.38
N LEU E 148 -12.71 -26.46 47.49
CA LEU E 148 -12.91 -27.89 47.33
C LEU E 148 -12.69 -28.30 45.86
N GLN E 149 -12.26 -29.51 45.58
CA GLN E 149 -12.02 -29.94 44.19
C GLN E 149 -13.32 -30.11 43.40
N SER E 150 -13.52 -29.31 42.35
CA SER E 150 -14.67 -29.51 41.44
C SER E 150 -14.66 -30.89 40.79
N ALA E 151 -13.49 -31.52 40.62
CA ALA E 151 -13.38 -32.89 40.14
C ALA E 151 -13.88 -33.96 41.13
N ASN E 152 -13.95 -33.66 42.43
CA ASN E 152 -14.42 -34.58 43.47
C ASN E 152 -15.87 -34.30 43.87
N MET E 153 -16.31 -33.06 43.67
CA MET E 153 -17.69 -32.65 43.93
C MET E 153 -18.67 -33.24 42.92
N ASP E 154 -19.88 -33.51 43.37
CA ASP E 154 -21.08 -33.73 42.59
C ASP E 154 -22.26 -33.03 43.28
N VAL E 155 -23.22 -32.53 42.51
CA VAL E 155 -24.46 -31.98 43.06
C VAL E 155 -25.63 -32.74 42.49
N LYS E 156 -26.53 -33.23 43.35
CA LYS E 156 -27.74 -33.96 42.93
C LYS E 156 -28.97 -33.48 43.67
N LEU E 157 -30.09 -33.41 42.97
CA LEU E 157 -31.41 -33.26 43.57
C LEU E 157 -31.77 -34.56 44.31
N VAL E 158 -32.37 -34.42 45.50
CA VAL E 158 -32.64 -35.52 46.43
C VAL E 158 -33.99 -35.22 47.09
N GLY E 159 -35.05 -35.83 46.57
CA GLY E 159 -36.39 -35.24 46.71
C GLY E 159 -36.39 -33.81 46.12
N LYS E 160 -37.15 -32.90 46.72
CA LYS E 160 -37.11 -31.46 46.37
C LYS E 160 -35.83 -30.76 46.88
N LYS E 161 -35.09 -31.37 47.80
CA LYS E 161 -33.81 -30.86 48.33
C LYS E 161 -32.66 -31.10 47.34
N VAL E 162 -31.47 -30.61 47.69
CA VAL E 162 -30.22 -30.87 46.95
C VAL E 162 -29.11 -31.33 47.89
N VAL E 163 -28.24 -32.19 47.39
CA VAL E 163 -27.05 -32.65 48.10
C VAL E 163 -25.81 -32.43 47.27
N TYR E 164 -24.85 -31.77 47.87
CA TYR E 164 -23.49 -31.70 47.41
C TYR E 164 -22.76 -32.94 47.93
N ARG E 165 -22.64 -33.96 47.08
CA ARG E 165 -21.82 -35.13 47.33
C ARG E 165 -20.38 -34.76 47.05
N TYR E 166 -19.51 -34.81 48.05
CA TYR E 166 -18.09 -34.65 47.85
C TYR E 166 -17.34 -35.95 48.08
N GLN E 167 -16.66 -36.46 47.06
CA GLN E 167 -15.74 -37.57 47.21
C GLN E 167 -14.45 -37.07 47.89
N ARG E 168 -14.38 -37.16 49.22
CA ARG E 168 -13.11 -36.94 49.93
C ARG E 168 -12.33 -38.24 49.91
N ASP E 169 -11.29 -38.31 49.09
CA ASP E 169 -10.35 -39.42 49.03
C ASP E 169 -11.01 -40.76 48.72
N SER E 170 -11.42 -41.52 49.73
CA SER E 170 -12.10 -42.82 49.65
C SER E 170 -13.42 -42.80 50.43
N GLU E 171 -13.96 -41.61 50.66
CA GLU E 171 -15.18 -41.33 51.40
C GLU E 171 -16.05 -40.35 50.63
N TYR E 172 -17.33 -40.29 50.99
CA TYR E 172 -18.37 -39.73 50.14
C TYR E 172 -19.27 -38.84 50.98
N ALA E 173 -18.70 -37.72 51.40
CA ALA E 173 -19.37 -36.74 52.23
C ALA E 173 -20.55 -36.11 51.50
N ASP E 174 -21.50 -35.60 52.25
CA ASP E 174 -22.70 -34.96 51.74
C ASP E 174 -22.96 -33.64 52.46
N PHE E 175 -23.36 -32.62 51.71
CA PHE E 175 -23.55 -31.29 52.25
C PHE E 175 -24.76 -30.58 51.66
N SER E 176 -25.23 -29.60 52.42
CA SER E 176 -26.38 -28.76 52.13
C SER E 176 -26.01 -27.52 51.33
N GLN E 177 -27.03 -26.92 50.71
CA GLN E 177 -26.96 -25.56 50.19
C GLN E 177 -26.59 -24.53 51.27
N LYS E 178 -26.81 -24.85 52.56
CA LYS E 178 -26.48 -24.00 53.69
C LYS E 178 -24.98 -23.86 53.95
N GLU E 179 -24.15 -24.77 53.45
CA GLU E 179 -22.73 -24.82 53.83
C GLU E 179 -21.74 -24.94 52.65
N ILE E 180 -22.23 -25.04 51.41
CA ILE E 180 -21.39 -25.04 50.21
C ILE E 180 -21.68 -23.78 49.38
N PHE E 181 -20.66 -23.01 49.03
CA PHE E 181 -20.88 -21.71 48.38
C PHE E 181 -21.28 -21.81 46.90
N HIS E 182 -20.65 -22.72 46.14
CA HIS E 182 -20.96 -23.09 44.75
C HIS E 182 -21.17 -21.92 43.75
N LEU E 183 -20.11 -21.48 43.07
CA LEU E 183 -20.18 -20.35 42.13
C LEU E 183 -20.93 -20.63 40.81
N LYS E 184 -21.20 -21.90 40.47
CA LYS E 184 -22.23 -22.32 39.49
C LYS E 184 -22.25 -21.51 38.18
N GLY E 185 -21.34 -21.81 37.25
CA GLY E 185 -21.21 -21.09 35.97
C GLY E 185 -22.28 -21.43 34.92
N PHE E 186 -21.98 -21.06 33.68
CA PHE E 186 -22.82 -21.18 32.47
C PHE E 186 -23.35 -22.60 32.21
N GLY E 187 -24.67 -22.81 32.15
CA GLY E 187 -25.26 -24.12 31.81
C GLY E 187 -26.78 -24.16 31.72
N PHE E 188 -27.34 -25.12 30.96
CA PHE E 188 -28.77 -25.17 30.64
C PHE E 188 -29.70 -25.38 31.84
N THR E 189 -29.27 -26.10 32.87
CA THR E 189 -30.14 -26.45 34.02
C THR E 189 -30.37 -25.29 34.98
N GLY E 190 -29.46 -24.32 35.02
CA GLY E 190 -29.38 -23.34 36.12
C GLY E 190 -28.92 -23.93 37.46
N LEU E 191 -28.59 -25.22 37.49
CA LEU E 191 -28.14 -25.96 38.68
C LEU E 191 -26.64 -26.21 38.69
N VAL E 192 -26.02 -26.41 37.54
CA VAL E 192 -24.57 -26.61 37.38
C VAL E 192 -24.09 -26.04 36.05
N GLY E 193 -22.82 -25.65 35.98
CA GLY E 193 -22.20 -25.17 34.74
C GLY E 193 -21.68 -26.31 33.87
N LEU E 194 -21.64 -26.11 32.56
CA LEU E 194 -21.03 -27.01 31.58
C LEU E 194 -19.50 -26.92 31.70
N SER E 195 -18.85 -28.04 31.97
CA SER E 195 -17.40 -28.05 32.21
C SER E 195 -16.62 -27.86 30.90
N PRO E 196 -15.98 -26.71 30.64
CA PRO E 196 -15.54 -26.37 29.29
C PRO E 196 -14.51 -27.32 28.74
N ILE E 197 -13.62 -27.81 29.61
CA ILE E 197 -12.63 -28.83 29.31
C ILE E 197 -13.24 -30.06 28.66
N ALA E 198 -14.46 -30.44 29.04
CA ALA E 198 -15.14 -31.60 28.47
C ALA E 198 -15.49 -31.39 27.00
N PHE E 199 -15.84 -30.16 26.60
CA PHE E 199 -16.22 -29.86 25.23
C PHE E 199 -15.00 -29.58 24.36
N ALA E 200 -14.02 -28.87 24.92
CA ALA E 200 -12.80 -28.52 24.22
C ALA E 200 -11.92 -29.72 23.84
N CYS E 201 -12.16 -30.91 24.40
CA CYS E 201 -11.28 -32.06 24.25
C CYS E 201 -10.95 -32.43 22.79
N LYS E 202 -11.86 -32.25 21.83
CA LYS E 202 -11.59 -32.63 20.42
C LYS E 202 -10.61 -31.69 19.75
N SER E 203 -10.84 -30.39 19.77
CA SER E 203 -9.88 -29.44 19.21
C SER E 203 -8.55 -29.52 19.94
N ALA E 204 -8.56 -29.69 21.26
CA ALA E 204 -7.33 -29.95 22.00
C ALA E 204 -6.65 -31.22 21.50
N GLY E 205 -7.40 -32.27 21.20
CA GLY E 205 -6.92 -33.49 20.58
C GLY E 205 -6.19 -33.22 19.27
N VAL E 206 -6.77 -32.40 18.41
CA VAL E 206 -6.11 -32.01 17.15
C VAL E 206 -4.80 -31.29 17.45
N ALA E 207 -4.82 -30.35 18.40
CA ALA E 207 -3.64 -29.58 18.72
C ALA E 207 -2.52 -30.49 19.22
N VAL E 208 -2.78 -31.37 20.19
CA VAL E 208 -1.74 -32.24 20.70
C VAL E 208 -1.28 -33.23 19.64
N ALA E 209 -2.17 -33.68 18.74
CA ALA E 209 -1.76 -34.57 17.66
C ALA E 209 -0.74 -33.88 16.76
N MET E 210 -1.03 -32.64 16.37
CA MET E 210 -0.13 -31.88 15.52
C MET E 210 1.19 -31.60 16.22
N GLU E 211 1.13 -31.21 17.49
CA GLU E 211 2.31 -30.90 18.26
C GLU E 211 3.25 -32.12 18.31
N ASP E 212 2.70 -33.28 18.60
CA ASP E 212 3.48 -34.52 18.65
C ASP E 212 4.11 -34.82 17.29
N GLN E 213 3.33 -34.72 16.22
CA GLN E 213 3.84 -34.98 14.89
C GLN E 213 4.98 -34.03 14.54
N GLN E 214 4.80 -32.75 14.85
CA GLN E 214 5.76 -31.71 14.54
C GLN E 214 7.08 -31.97 15.26
N ARG E 215 7.04 -32.38 16.54
CA ARG E 215 8.25 -32.82 17.24
C ARG E 215 8.88 -33.98 16.49
N ASP E 216 8.09 -35.01 16.30
CA ASP E 216 8.63 -36.31 15.93
C ASP E 216 9.31 -36.28 14.58
N PHE E 217 8.90 -35.40 13.68
CA PHE E 217 9.61 -35.22 12.44
C PHE E 217 11.06 -34.78 12.66
N PHE E 218 11.30 -33.76 13.47
CA PHE E 218 12.67 -33.32 13.77
C PHE E 218 13.39 -34.30 14.67
N ALA E 219 12.68 -34.97 15.57
CA ALA E 219 13.26 -35.99 16.43
C ALA E 219 13.84 -37.14 15.58
N ASN E 220 13.16 -37.52 14.50
CA ASN E 220 13.67 -38.47 13.52
C ASN E 220 14.59 -37.81 12.49
N GLY E 221 15.38 -36.82 12.90
CA GLY E 221 16.39 -36.18 12.07
C GLY E 221 15.85 -35.57 10.77
N ALA E 222 14.56 -35.21 10.72
CA ALA E 222 13.89 -34.70 9.53
C ALA E 222 13.99 -35.64 8.30
N LYS E 223 13.95 -36.96 8.53
CA LYS E 223 13.97 -37.97 7.46
C LYS E 223 12.61 -38.67 7.33
N SER E 224 12.12 -38.79 6.10
CA SER E 224 10.77 -39.28 5.82
C SER E 224 10.61 -40.79 6.04
N PRO E 225 9.39 -41.29 6.30
CA PRO E 225 9.11 -42.72 6.37
C PRO E 225 9.37 -43.44 5.05
N GLN E 226 9.67 -44.73 5.11
CA GLN E 226 10.10 -45.54 3.98
C GLN E 226 9.47 -46.93 3.95
N ILE E 227 9.26 -47.43 2.74
CA ILE E 227 9.01 -48.84 2.46
C ILE E 227 10.34 -49.55 2.22
N LEU E 228 10.72 -50.44 3.14
CA LEU E 228 11.83 -51.37 2.96
C LEU E 228 11.34 -52.56 2.14
N SER E 229 11.19 -52.33 0.84
CA SER E 229 10.83 -53.37 -0.11
C SER E 229 12.04 -54.19 -0.54
N THR E 230 12.06 -55.47 -0.17
CA THR E 230 13.16 -56.44 -0.38
C THR E 230 13.46 -56.81 -1.84
N GLY E 231 12.87 -56.13 -2.83
CA GLY E 231 13.02 -56.49 -4.24
C GLY E 231 12.34 -57.81 -4.59
N GLU E 232 12.83 -58.48 -5.62
CA GLU E 232 12.23 -59.68 -6.23
C GLU E 232 12.77 -61.01 -5.68
N LYS E 233 13.83 -61.01 -4.86
CA LYS E 233 14.53 -62.22 -4.38
C LYS E 233 14.34 -62.45 -2.87
N VAL E 234 14.05 -63.68 -2.48
CA VAL E 234 13.97 -64.12 -1.07
C VAL E 234 15.28 -63.88 -0.30
N LEU E 235 15.12 -63.67 1.01
CA LEU E 235 16.19 -63.53 2.01
C LEU E 235 15.97 -64.56 3.13
N THR E 236 17.05 -65.02 3.78
CA THR E 236 16.93 -65.89 4.97
C THR E 236 16.33 -65.15 6.15
N GLU E 237 15.77 -65.85 7.13
CA GLU E 237 15.17 -65.19 8.30
C GLU E 237 16.22 -64.44 9.14
N GLN E 238 17.48 -64.87 9.10
CA GLN E 238 18.57 -64.12 9.73
C GLN E 238 19.01 -62.91 8.90
N GLN E 239 18.96 -62.97 7.56
CA GLN E 239 19.08 -61.75 6.74
C GLN E 239 17.96 -60.77 7.03
N ARG E 240 16.70 -61.24 7.16
CA ARG E 240 15.55 -60.40 7.55
C ARG E 240 15.81 -59.77 8.91
N SER E 241 16.24 -60.55 9.89
CA SER E 241 16.69 -60.05 11.19
C SER E 241 17.78 -58.98 11.05
N GLN E 242 18.74 -59.18 10.15
CA GLN E 242 19.78 -58.19 9.87
C GLN E 242 19.26 -56.95 9.15
N VAL E 243 18.17 -56.97 8.40
CA VAL E 243 17.60 -55.73 7.84
C VAL E 243 17.30 -54.74 8.97
N GLU E 244 16.85 -55.24 10.11
CA GLU E 244 16.59 -54.47 11.32
C GLU E 244 17.86 -53.91 12.00
N GLU E 245 19.03 -54.09 11.39
CA GLU E 245 20.29 -53.54 11.87
C GLU E 245 21.04 -52.85 10.73
N ASN E 246 21.12 -53.51 9.58
CA ASN E 246 21.68 -52.98 8.35
C ASN E 246 20.98 -51.68 7.92
N PHE E 247 19.71 -51.52 8.30
CA PHE E 247 18.90 -50.34 8.03
C PHE E 247 18.35 -49.77 9.34
N LYS E 248 17.10 -49.30 9.38
CA LYS E 248 16.46 -48.57 10.51
C LYS E 248 17.18 -47.31 11.02
N GLU E 249 18.24 -46.86 10.35
CA GLU E 249 19.10 -45.78 10.82
C GLU E 249 18.41 -44.39 10.80
N ILE E 250 17.30 -44.28 10.09
CA ILE E 250 16.62 -43.03 9.72
C ILE E 250 16.18 -42.18 10.92
N ALA E 251 15.85 -42.77 12.06
CA ALA E 251 15.51 -42.02 13.27
C ALA E 251 16.69 -41.23 13.87
N GLY E 252 17.93 -41.71 13.71
CA GLY E 252 19.11 -41.16 14.37
C GLY E 252 19.72 -39.93 13.69
N GLY E 253 20.79 -39.41 14.27
CA GLY E 253 21.55 -38.27 13.75
C GLY E 253 22.67 -38.60 12.74
N PRO E 254 23.73 -39.33 13.14
CA PRO E 254 25.05 -39.24 12.51
C PRO E 254 25.25 -40.14 11.28
N VAL E 255 24.32 -41.02 10.95
CA VAL E 255 24.51 -42.08 9.96
C VAL E 255 24.29 -41.56 8.53
N LYS E 256 25.22 -40.75 8.01
CA LYS E 256 25.00 -40.01 6.75
C LYS E 256 25.15 -40.83 5.48
N LYS E 257 26.15 -41.72 5.45
CA LYS E 257 26.73 -42.26 4.19
C LYS E 257 26.38 -43.72 3.91
N ARG E 258 26.30 -44.54 4.96
CA ARG E 258 26.52 -45.99 4.88
C ARG E 258 25.30 -46.84 4.52
N LEU E 259 24.26 -46.23 3.98
CA LEU E 259 22.96 -46.86 3.74
C LEU E 259 23.01 -47.73 2.47
N TRP E 260 23.87 -48.74 2.50
CA TRP E 260 24.15 -49.70 1.42
C TRP E 260 22.95 -50.60 1.14
N ILE E 261 22.52 -50.65 -0.12
CA ILE E 261 21.50 -51.59 -0.58
C ILE E 261 22.16 -52.89 -1.05
N LEU E 262 21.57 -54.03 -0.68
CA LEU E 262 22.07 -55.37 -0.98
C LEU E 262 22.24 -55.62 -2.49
N GLU E 263 23.04 -56.63 -2.83
CA GLU E 263 23.21 -57.12 -4.21
C GLU E 263 21.90 -57.67 -4.83
N ALA E 264 20.88 -57.91 -4.00
CA ALA E 264 19.51 -58.17 -4.42
C ALA E 264 18.81 -56.95 -5.08
N GLY E 265 19.43 -55.77 -5.03
CA GLY E 265 18.99 -54.54 -5.71
C GLY E 265 17.83 -53.80 -5.02
N PHE E 266 16.90 -54.54 -4.41
CA PHE E 266 15.72 -54.03 -3.70
C PHE E 266 14.89 -53.04 -4.55
N SER E 267 13.98 -52.29 -3.92
CA SER E 267 13.12 -51.31 -4.61
C SER E 267 12.64 -50.17 -3.70
N THR E 268 13.38 -49.91 -2.62
CA THR E 268 12.93 -49.10 -1.48
C THR E 268 12.63 -47.64 -1.82
N SER E 269 11.71 -47.01 -1.10
CA SER E 269 11.29 -45.62 -1.37
C SER E 269 10.58 -44.95 -0.18
N ALA E 270 10.41 -43.63 -0.26
CA ALA E 270 9.75 -42.82 0.75
C ALA E 270 8.22 -42.78 0.61
N ILE E 271 7.50 -42.55 1.72
CA ILE E 271 6.02 -42.50 1.76
C ILE E 271 5.43 -41.35 2.59
N GLY E 272 6.23 -40.38 3.05
CA GLY E 272 5.74 -39.19 3.78
C GLY E 272 5.46 -38.00 2.85
N VAL E 273 4.49 -37.14 3.19
CA VAL E 273 4.09 -36.01 2.32
C VAL E 273 5.04 -34.80 2.38
N THR E 274 5.90 -34.72 3.40
CA THR E 274 6.71 -33.55 3.79
C THR E 274 5.88 -32.39 4.36
N PRO E 275 6.26 -31.79 5.49
CA PRO E 275 5.62 -30.59 6.04
C PRO E 275 5.66 -29.35 5.13
N GLN E 276 6.31 -29.45 3.97
CA GLN E 276 6.09 -28.53 2.85
C GLN E 276 4.64 -28.55 2.32
N ASP E 277 3.81 -29.51 2.74
CA ASP E 277 2.37 -29.46 2.50
C ASP E 277 1.73 -28.16 3.01
N ALA E 278 0.57 -27.81 2.44
CA ALA E 278 -0.07 -26.51 2.71
C ALA E 278 -0.68 -26.38 4.11
N GLU E 279 -0.85 -27.48 4.85
CA GLU E 279 -1.43 -27.40 6.19
C GLU E 279 -0.37 -26.92 7.18
N MET E 280 0.79 -27.60 7.20
CA MET E 280 1.61 -27.73 8.39
C MET E 280 1.59 -26.54 9.34
N MET E 281 2.24 -25.44 8.98
CA MET E 281 2.35 -24.26 9.83
C MET E 281 1.00 -23.59 10.03
N ALA E 282 0.31 -23.26 8.96
CA ALA E 282 -0.98 -22.57 9.03
C ALA E 282 -1.95 -23.29 9.96
N SER E 283 -1.90 -24.62 9.98
CA SER E 283 -2.69 -25.43 10.87
C SER E 283 -2.48 -25.06 12.33
N ARG E 284 -1.22 -24.93 12.74
CA ARG E 284 -0.84 -24.60 14.11
C ARG E 284 -1.43 -23.25 14.48
N LYS E 285 -1.25 -22.26 13.61
CA LYS E 285 -1.79 -20.91 13.81
C LYS E 285 -3.28 -20.97 14.03
N PHE E 286 -3.99 -21.69 13.17
CA PHE E 286 -5.43 -21.76 13.21
C PHE E 286 -5.95 -22.30 14.55
N GLN E 287 -5.35 -23.35 15.07
CA GLN E 287 -5.76 -24.04 16.28
C GLN E 287 -5.69 -23.17 17.53
N VAL E 288 -4.84 -22.15 17.56
CA VAL E 288 -4.84 -21.23 18.71
C VAL E 288 -6.21 -20.59 18.87
N SER E 289 -6.81 -20.16 17.76
CA SER E 289 -8.12 -19.54 17.82
C SER E 289 -9.18 -20.49 18.35
N GLU E 290 -9.11 -21.76 17.94
CA GLU E 290 -10.06 -22.77 18.36
C GLU E 290 -10.08 -22.92 19.86
N LEU E 291 -8.92 -23.02 20.48
CA LEU E 291 -8.84 -23.16 21.92
C LEU E 291 -9.26 -21.86 22.61
N ALA E 292 -8.80 -20.72 22.11
CA ALA E 292 -9.18 -19.43 22.67
C ALA E 292 -10.70 -19.24 22.71
N ARG E 293 -11.43 -19.73 21.70
CA ARG E 293 -12.89 -19.58 21.68
C ARG E 293 -13.61 -20.28 22.81
N PHE E 294 -13.05 -21.31 23.44
CA PHE E 294 -13.69 -21.87 24.62
C PHE E 294 -13.70 -20.92 25.82
N PHE E 295 -12.72 -20.02 25.88
CA PHE E 295 -12.57 -19.04 26.95
C PHE E 295 -13.03 -17.64 26.57
N GLY E 296 -13.16 -17.36 25.27
CA GLY E 296 -13.67 -16.09 24.76
C GLY E 296 -12.68 -14.93 24.92
N VAL E 297 -11.40 -15.17 24.64
CA VAL E 297 -10.34 -14.17 24.76
C VAL E 297 -9.92 -13.67 23.36
N PRO E 298 -9.90 -12.35 23.11
CA PRO E 298 -9.42 -11.79 21.86
C PRO E 298 -7.98 -12.20 21.51
N PRO E 299 -7.70 -12.83 20.36
CA PRO E 299 -6.42 -13.50 20.12
C PRO E 299 -5.19 -12.61 20.14
N HIS E 300 -5.34 -11.31 19.88
CA HIS E 300 -4.20 -10.41 20.00
C HIS E 300 -3.74 -10.27 21.45
N LEU E 301 -4.64 -10.38 22.43
CA LEU E 301 -4.24 -10.47 23.83
C LEU E 301 -3.53 -11.79 24.13
N VAL E 302 -3.84 -12.84 23.37
CA VAL E 302 -3.17 -14.15 23.41
C VAL E 302 -1.82 -14.13 22.67
N GLY E 303 -1.44 -12.97 22.11
CA GLY E 303 -0.12 -12.75 21.52
C GLY E 303 -0.01 -13.18 20.05
N ASP E 304 -1.11 -13.40 19.36
CA ASP E 304 -1.07 -13.81 17.95
C ASP E 304 -0.99 -12.63 16.97
N VAL E 305 -0.22 -12.84 15.89
CA VAL E 305 -0.32 -12.15 14.59
C VAL E 305 -0.44 -10.63 14.69
N GLU E 306 -1.63 -10.06 14.68
CA GLU E 306 -1.86 -8.62 14.57
C GLU E 306 -2.99 -8.13 15.49
N LYS E 307 -2.82 -6.90 15.97
CA LYS E 307 -3.64 -6.27 17.03
C LYS E 307 -4.81 -5.48 16.42
N SER E 308 -5.82 -5.15 17.24
CA SER E 308 -7.13 -4.70 16.75
C SER E 308 -7.07 -3.42 15.92
N THR E 309 -7.36 -3.53 14.62
CA THR E 309 -7.30 -2.42 13.65
C THR E 309 -8.49 -1.45 13.71
N SER E 310 -9.67 -1.92 14.12
CA SER E 310 -10.96 -1.32 13.70
C SER E 310 -12.07 -1.35 14.76
N TRP E 311 -11.71 -1.20 16.04
CA TRP E 311 -12.67 -0.97 17.14
C TRP E 311 -12.24 0.12 18.13
N GLY E 312 -11.29 0.96 17.73
CA GLY E 312 -10.59 1.92 18.61
C GLY E 312 -9.15 1.48 18.85
N SER E 313 -8.20 2.38 18.63
CA SER E 313 -6.77 2.12 18.78
C SER E 313 -6.27 2.33 20.21
N GLY E 314 -6.86 3.24 20.97
CA GLY E 314 -6.40 3.59 22.31
C GLY E 314 -6.55 2.46 23.33
N ILE E 315 -5.59 2.35 24.23
CA ILE E 315 -5.53 1.29 25.24
C ILE E 315 -6.83 1.16 26.04
N GLU E 316 -7.45 2.29 26.36
CA GLU E 316 -8.72 2.33 27.07
C GLU E 316 -9.82 1.60 26.32
N GLN E 317 -9.86 1.73 25.00
CA GLN E 317 -10.84 1.02 24.20
C GLN E 317 -10.53 -0.47 24.14
N GLN E 318 -9.26 -0.88 24.16
CA GLN E 318 -8.93 -2.30 24.31
C GLN E 318 -9.50 -2.83 25.62
N ASN E 319 -9.33 -2.07 26.70
CA ASN E 319 -9.80 -2.47 28.01
C ASN E 319 -11.33 -2.55 28.07
N LEU E 320 -12.04 -1.57 27.51
CA LEU E 320 -13.49 -1.63 27.42
C LEU E 320 -13.94 -2.86 26.65
N GLY E 321 -13.33 -3.12 25.49
CA GLY E 321 -13.66 -4.30 24.71
C GLY E 321 -13.49 -5.57 25.54
N PHE E 322 -12.35 -5.72 26.17
CA PHE E 322 -12.08 -6.89 26.99
C PHE E 322 -13.04 -7.00 28.18
N LEU E 323 -13.40 -5.88 28.78
CA LEU E 323 -14.34 -5.87 29.88
C LEU E 323 -15.72 -6.33 29.41
N GLN E 324 -16.28 -5.59 28.47
CA GLN E 324 -17.67 -5.75 28.06
C GLN E 324 -17.94 -7.08 27.40
N TYR E 325 -16.96 -7.64 26.69
CA TYR E 325 -17.13 -8.88 25.95
C TYR E 325 -16.49 -10.10 26.61
N THR E 326 -15.71 -9.95 27.70
CA THR E 326 -15.05 -11.09 28.32
C THR E 326 -15.09 -11.06 29.84
N LEU E 327 -14.65 -10.01 30.51
CA LEU E 327 -14.51 -10.04 31.97
C LEU E 327 -15.83 -9.91 32.72
N GLN E 328 -16.71 -9.02 32.25
CA GLN E 328 -17.92 -8.62 32.97
C GLN E 328 -18.71 -9.77 33.64
N PRO E 329 -18.91 -10.92 33.00
CA PRO E 329 -19.80 -11.94 33.56
C PRO E 329 -19.28 -12.50 34.87
N TYR E 330 -17.96 -12.65 34.99
CA TYR E 330 -17.35 -13.16 36.21
C TYR E 330 -17.57 -12.20 37.36
N ILE E 331 -17.47 -10.91 37.08
CA ILE E 331 -17.69 -9.88 38.06
C ILE E 331 -19.12 -10.02 38.61
N SER E 332 -20.07 -10.15 37.70
CA SER E 332 -21.46 -10.39 38.05
C SER E 332 -21.61 -11.64 38.91
N ARG E 333 -21.04 -12.78 38.49
CA ARG E 333 -21.18 -14.04 39.23
C ARG E 333 -20.68 -13.90 40.66
N TRP E 334 -19.51 -13.31 40.90
CA TRP E 334 -19.02 -13.11 42.25
C TRP E 334 -19.99 -12.24 43.06
N GLU E 335 -20.23 -11.02 42.60
CA GLU E 335 -21.03 -10.06 43.35
C GLU E 335 -22.43 -10.60 43.64
N ASN E 336 -23.06 -11.21 42.65
CA ASN E 336 -24.37 -11.81 42.81
C ASN E 336 -24.35 -12.97 43.78
N SER E 337 -23.38 -13.88 43.69
CA SER E 337 -23.33 -15.03 44.61
C SER E 337 -23.20 -14.58 46.05
N ILE E 338 -22.36 -13.59 46.28
CA ILE E 338 -22.17 -13.04 47.62
C ILE E 338 -23.49 -12.49 48.14
N GLN E 339 -24.18 -11.71 47.32
CA GLN E 339 -25.47 -11.12 47.68
C GLN E 339 -26.58 -12.17 47.86
N ARG E 340 -26.50 -13.30 47.16
CA ARG E 340 -27.55 -14.33 47.18
C ARG E 340 -27.43 -15.30 48.34
N TRP E 341 -26.21 -15.56 48.82
CA TRP E 341 -25.97 -16.61 49.79
C TRP E 341 -25.28 -16.12 51.07
N LEU E 342 -24.41 -15.12 50.99
CA LEU E 342 -23.59 -14.71 52.13
C LEU E 342 -24.20 -13.55 52.90
N ILE E 343 -24.66 -12.51 52.20
CA ILE E 343 -25.38 -11.42 52.84
C ILE E 343 -26.76 -11.94 53.28
N PRO E 344 -27.14 -11.84 54.56
CA PRO E 344 -28.47 -12.25 55.03
C PRO E 344 -29.59 -11.38 54.45
N SER E 345 -30.79 -11.95 54.31
CA SER E 345 -31.94 -11.32 53.67
C SER E 345 -32.30 -9.95 54.26
N LYS E 346 -32.24 -9.81 55.58
CA LYS E 346 -32.51 -8.55 56.31
C LYS E 346 -31.56 -7.40 55.95
N ASP E 347 -30.40 -7.70 55.38
CA ASP E 347 -29.36 -6.74 55.01
C ASP E 347 -29.31 -6.47 53.50
N VAL E 348 -30.10 -7.19 52.70
CA VAL E 348 -30.23 -6.94 51.27
C VAL E 348 -30.68 -5.51 51.02
N GLY E 349 -30.04 -4.83 50.08
CA GLY E 349 -30.26 -3.40 49.79
C GLY E 349 -29.56 -2.46 50.77
N ARG E 350 -29.23 -2.91 51.99
CA ARG E 350 -28.38 -2.14 52.91
C ARG E 350 -26.92 -2.38 52.60
N LEU E 351 -26.52 -3.64 52.52
CA LEU E 351 -25.15 -4.04 52.24
C LEU E 351 -25.00 -4.45 50.79
N HIS E 352 -23.89 -4.05 50.18
CA HIS E 352 -23.63 -4.24 48.77
C HIS E 352 -22.13 -4.42 48.49
N ALA E 353 -21.72 -5.59 48.02
CA ALA E 353 -20.35 -5.83 47.60
C ALA E 353 -20.12 -5.43 46.13
N GLU E 354 -18.99 -4.77 45.83
CA GLU E 354 -18.60 -4.42 44.48
C GLU E 354 -17.10 -4.41 44.24
N HIS E 355 -16.69 -4.81 43.05
CA HIS E 355 -15.35 -4.55 42.53
C HIS E 355 -15.17 -3.10 42.09
N ASN E 356 -13.92 -2.65 41.99
CA ASN E 356 -13.55 -1.37 41.39
C ASN E 356 -12.94 -1.58 39.99
N LEU E 357 -13.45 -0.89 38.98
CA LEU E 357 -13.04 -1.01 37.57
C LEU E 357 -11.88 -0.08 37.17
N ASP E 358 -11.56 0.93 37.97
CA ASP E 358 -10.66 2.01 37.56
C ASP E 358 -9.25 1.53 37.23
N GLY E 359 -8.80 0.47 37.89
CA GLY E 359 -7.50 -0.15 37.60
C GLY E 359 -7.36 -0.59 36.15
N LEU E 360 -8.47 -0.96 35.48
CA LEU E 360 -8.50 -1.21 34.04
C LEU E 360 -8.85 0.05 33.27
N LEU E 361 -9.87 0.80 33.70
CA LEU E 361 -10.35 1.95 32.93
C LEU E 361 -9.40 3.14 32.95
N ARG E 362 -8.28 3.05 33.67
CA ARG E 362 -7.21 4.04 33.71
C ARG E 362 -6.79 4.49 32.31
N GLY E 363 -6.94 5.79 32.05
CA GLY E 363 -6.39 6.45 30.86
C GLY E 363 -4.93 6.89 31.02
N ASP E 364 -4.34 7.41 29.95
CA ASP E 364 -3.03 8.06 30.00
C ASP E 364 -3.09 9.45 30.66
N SER E 365 -1.92 10.01 30.91
CA SER E 365 -1.72 11.33 31.50
C SER E 365 -2.53 12.41 30.80
N ALA E 366 -2.46 12.48 29.48
CA ALA E 366 -3.14 13.51 28.72
C ALA E 366 -4.66 13.40 28.87
N SER E 367 -5.20 12.21 28.66
CA SER E 367 -6.63 12.00 28.74
C SER E 367 -7.13 12.24 30.15
N ARG E 368 -6.45 11.73 31.17
CA ARG E 368 -6.91 11.91 32.55
C ARG E 368 -6.84 13.38 32.98
N ALA E 369 -5.81 14.11 32.57
CA ALA E 369 -5.72 15.54 32.83
C ALA E 369 -6.92 16.28 32.21
N ALA E 370 -7.18 16.05 30.93
CA ALA E 370 -8.30 16.68 30.24
C ALA E 370 -9.63 16.33 30.92
N PHE E 371 -9.82 15.06 31.27
CA PHE E 371 -11.00 14.60 31.97
C PHE E 371 -11.22 15.34 33.28
N MET E 372 -10.21 15.40 34.14
CA MET E 372 -10.34 16.10 35.43
C MET E 372 -10.65 17.57 35.22
N LYS E 373 -9.99 18.23 34.26
CA LYS E 373 -10.28 19.63 33.95
C LYS E 373 -11.73 19.83 33.53
N ALA E 374 -12.27 18.91 32.73
CA ALA E 374 -13.66 18.92 32.33
C ALA E 374 -14.64 18.60 33.47
N MET E 375 -14.19 18.09 34.62
CA MET E 375 -15.03 18.02 35.83
C MET E 375 -14.84 19.21 36.76
N GLY E 376 -13.66 19.82 36.72
CA GLY E 376 -13.32 21.01 37.49
C GLY E 376 -14.14 22.20 37.01
N GLU E 377 -13.95 22.62 35.77
CA GLU E 377 -15.02 23.34 35.06
C GLU E 377 -16.18 22.37 34.82
N SER E 378 -17.38 22.88 34.57
CA SER E 378 -18.67 22.20 34.84
C SER E 378 -18.95 21.96 36.33
N GLY E 379 -17.94 21.65 37.13
CA GLY E 379 -18.09 21.49 38.57
C GLY E 379 -18.71 20.15 38.96
N LEU E 380 -18.52 19.11 38.16
CA LEU E 380 -18.94 17.74 38.48
C LEU E 380 -18.14 17.12 39.63
N ARG E 381 -17.00 17.68 40.03
CA ARG E 381 -16.30 17.33 41.28
C ARG E 381 -15.70 18.55 41.97
N THR E 382 -15.56 18.42 43.28
CA THR E 382 -14.63 19.21 44.09
C THR E 382 -13.21 18.77 43.85
N ILE E 383 -12.25 19.65 44.15
CA ILE E 383 -10.83 19.27 44.16
C ILE E 383 -10.60 18.14 45.17
N ASN E 384 -11.28 18.16 46.31
CA ASN E 384 -11.11 17.14 47.32
C ASN E 384 -11.47 15.75 46.82
N GLU E 385 -12.59 15.59 46.14
CA GLU E 385 -12.95 14.31 45.54
C GLU E 385 -11.86 13.84 44.59
N MET E 386 -11.42 14.69 43.68
CA MET E 386 -10.39 14.32 42.72
C MET E 386 -9.08 13.98 43.41
N ARG E 387 -8.66 14.77 44.40
CA ARG E 387 -7.49 14.47 45.23
C ARG E 387 -7.61 13.18 46.01
N ARG E 388 -8.83 12.76 46.37
CA ARG E 388 -9.02 11.48 47.03
C ARG E 388 -8.68 10.33 46.08
N THR E 389 -8.95 10.48 44.78
CA THR E 389 -8.73 9.40 43.81
C THR E 389 -7.27 8.96 43.76
N ASP E 390 -6.35 9.91 43.91
CA ASP E 390 -4.91 9.69 43.96
C ASP E 390 -4.34 9.96 45.36
N ASN E 391 -5.19 9.86 46.39
CA ASN E 391 -4.86 9.95 47.81
C ASN E 391 -4.02 11.17 48.23
N MET E 392 -4.09 12.26 47.48
CA MET E 392 -3.48 13.53 47.86
C MET E 392 -4.17 14.12 49.11
N PRO E 393 -3.45 14.90 49.93
CA PRO E 393 -4.06 15.61 51.04
C PRO E 393 -5.14 16.60 50.56
N PRO E 394 -6.29 16.69 51.26
CA PRO E 394 -7.36 17.62 50.93
C PRO E 394 -7.00 19.08 51.22
N LEU E 395 -7.80 20.00 50.69
CA LEU E 395 -7.68 21.47 50.77
C LEU E 395 -9.08 22.12 50.83
N PRO E 396 -9.24 23.39 51.22
CA PRO E 396 -10.53 24.08 51.14
C PRO E 396 -11.16 24.01 49.74
N GLY E 397 -12.37 23.45 49.65
CA GLY E 397 -13.10 23.25 48.39
C GLY E 397 -14.40 22.46 48.57
N ILE F 52 14.96 -34.20 29.16
CA ILE F 52 14.96 -32.71 29.29
C ILE F 52 15.14 -32.29 30.75
N ASN F 53 15.74 -31.13 31.01
CA ASN F 53 15.96 -30.61 32.35
C ASN F 53 15.86 -29.09 32.42
N ASP F 54 15.67 -28.56 33.63
CA ASP F 54 15.37 -27.16 33.87
C ASP F 54 16.45 -26.22 33.35
N GLU F 55 17.72 -26.60 33.46
CA GLU F 55 18.82 -25.77 32.98
C GLU F 55 18.84 -25.71 31.45
N ARG F 56 18.64 -26.84 30.77
CA ARG F 56 18.52 -26.85 29.31
C ARG F 56 17.34 -26.01 28.85
N ILE F 57 16.24 -26.00 29.60
CA ILE F 57 15.11 -25.13 29.30
C ILE F 57 15.50 -23.67 29.50
N LEU F 58 16.18 -23.36 30.60
CA LEU F 58 16.62 -22.00 30.87
C LEU F 58 17.60 -21.47 29.82
N GLN F 59 18.33 -22.35 29.15
CA GLN F 59 19.18 -21.96 28.02
C GLN F 59 18.41 -21.52 26.76
N ILE F 60 17.08 -21.57 26.72
CA ILE F 60 16.31 -20.96 25.62
C ILE F 60 16.21 -19.43 25.80
N SER F 61 16.64 -18.66 24.79
CA SER F 61 16.77 -17.19 24.92
C SER F 61 15.47 -16.52 25.36
N THR F 62 14.34 -16.99 24.85
CA THR F 62 13.02 -16.46 25.15
C THR F 62 12.71 -16.60 26.63
N VAL F 63 12.98 -17.77 27.19
CA VAL F 63 12.73 -18.05 28.61
C VAL F 63 13.60 -17.16 29.46
N TRP F 64 14.89 -17.12 29.14
CA TRP F 64 15.86 -16.27 29.81
C TRP F 64 15.39 -14.83 29.84
N ARG F 65 14.98 -14.30 28.68
CA ARG F 65 14.53 -12.91 28.57
C ARG F 65 13.29 -12.67 29.43
N CYS F 66 12.27 -13.51 29.34
CA CYS F 66 11.03 -13.29 30.09
C CYS F 66 11.30 -13.22 31.59
N VAL F 67 12.02 -14.21 32.10
CA VAL F 67 12.33 -14.27 33.52
C VAL F 67 13.13 -13.04 33.92
N SER F 68 14.15 -12.71 33.12
CA SER F 68 14.95 -11.52 33.37
C SER F 68 14.08 -10.29 33.47
N LEU F 69 13.25 -10.07 32.46
CA LEU F 69 12.47 -8.86 32.36
C LEU F 69 11.56 -8.69 33.58
N ILE F 70 10.69 -9.66 33.83
CA ILE F 70 9.64 -9.52 34.83
C ILE F 70 10.26 -9.26 36.20
N SER F 71 11.18 -10.14 36.59
CA SER F 71 11.81 -10.05 37.90
C SER F 71 12.56 -8.74 38.06
N THR F 72 13.31 -8.35 37.05
CA THR F 72 14.14 -7.17 37.15
C THR F 72 13.29 -5.92 37.20
N LEU F 73 12.23 -5.84 36.40
CA LEU F 73 11.36 -4.68 36.40
C LEU F 73 10.73 -4.50 37.76
N THR F 74 10.12 -5.54 38.31
CA THR F 74 9.54 -5.37 39.64
C THR F 74 10.60 -5.09 40.70
N ALA F 75 11.85 -5.51 40.49
CA ALA F 75 12.93 -5.18 41.39
C ALA F 75 13.40 -3.73 41.25
N CYS F 76 13.20 -3.09 40.10
CA CYS F 76 13.56 -1.69 39.89
C CYS F 76 12.60 -0.72 40.57
N LEU F 77 11.34 -1.12 40.78
CA LEU F 77 10.33 -0.20 41.32
C LEU F 77 10.72 0.29 42.72
N PRO F 78 10.49 1.57 43.06
CA PRO F 78 10.53 2.01 44.44
C PRO F 78 9.44 1.30 45.24
N LEU F 79 9.77 0.84 46.45
CA LEU F 79 8.79 0.31 47.40
C LEU F 79 8.77 1.19 48.64
N ASP F 80 7.59 1.70 48.96
CA ASP F 80 7.37 2.64 50.04
C ASP F 80 6.44 2.07 51.10
N VAL F 81 6.63 2.52 52.33
CA VAL F 81 5.84 2.11 53.49
C VAL F 81 5.23 3.35 54.11
N PHE F 82 4.01 3.22 54.60
CA PHE F 82 3.18 4.30 55.04
C PHE F 82 2.56 4.01 56.38
N GLU F 83 2.53 5.03 57.22
CA GLU F 83 1.60 5.11 58.31
C GLU F 83 0.43 5.97 57.88
N THR F 84 -0.75 5.49 58.19
CA THR F 84 -2.01 6.05 57.71
C THR F 84 -2.70 6.64 58.92
N ASP F 85 -2.96 7.94 58.88
CA ASP F 85 -3.67 8.62 59.96
C ASP F 85 -5.17 8.24 59.95
N GLN F 86 -5.84 8.42 61.10
CA GLN F 86 -7.27 8.17 61.24
C GLN F 86 -8.18 9.00 60.31
N ASN F 87 -7.75 10.19 59.90
CA ASN F 87 -8.41 11.01 58.88
C ASN F 87 -8.09 10.54 57.44
N ASP F 88 -7.41 9.41 57.29
CA ASP F 88 -7.02 8.77 56.04
C ASP F 88 -6.01 9.57 55.19
N ASN F 89 -4.99 10.12 55.84
CA ASN F 89 -3.82 10.72 55.19
C ASN F 89 -2.60 9.79 55.30
N ARG F 90 -1.87 9.59 54.20
CA ARG F 90 -0.60 8.87 54.19
C ARG F 90 0.53 9.74 54.71
N LYS F 91 1.35 9.17 55.59
CA LYS F 91 2.72 9.60 55.85
C LYS F 91 3.64 8.49 55.38
N LYS F 92 4.56 8.78 54.47
CA LYS F 92 5.65 7.85 54.15
C LYS F 92 6.60 7.77 55.34
N VAL F 93 7.00 6.57 55.75
CA VAL F 93 7.86 6.34 56.92
C VAL F 93 9.35 6.29 56.55
N ASP F 94 10.22 6.49 57.54
CA ASP F 94 11.68 6.57 57.39
C ASP F 94 12.43 5.27 57.68
N LEU F 95 13.72 5.21 57.30
CA LEU F 95 14.64 4.10 57.59
C LEU F 95 14.93 3.89 59.09
N SER F 96 14.37 4.72 59.97
CA SER F 96 14.30 4.47 61.40
C SER F 96 13.31 3.35 61.75
N ASN F 97 12.25 3.16 60.98
CA ASN F 97 11.29 2.10 61.24
C ASN F 97 11.93 0.73 60.93
N PRO F 98 11.79 -0.29 61.80
CA PRO F 98 12.49 -1.56 61.61
C PRO F 98 12.11 -2.28 60.31
N LEU F 99 10.81 -2.39 60.03
CA LEU F 99 10.32 -3.04 58.83
C LEU F 99 10.73 -2.26 57.59
N ALA F 100 10.57 -0.94 57.59
CA ALA F 100 10.97 -0.11 56.47
C ALA F 100 12.46 -0.25 56.17
N ARG F 101 13.32 -0.31 57.19
CA ARG F 101 14.75 -0.55 57.01
C ARG F 101 15.01 -1.94 56.46
N LEU F 102 14.35 -2.95 56.99
CA LEU F 102 14.48 -4.33 56.53
C LEU F 102 14.16 -4.43 55.04
N LEU F 103 13.07 -3.79 54.64
CA LEU F 103 12.60 -3.76 53.26
C LEU F 103 13.49 -2.92 52.35
N ARG F 104 13.61 -1.63 52.66
CA ARG F 104 14.16 -0.63 51.74
C ARG F 104 15.67 -0.56 51.80
N TYR F 105 16.28 -0.81 52.95
CA TYR F 105 17.74 -0.71 53.10
C TYR F 105 18.44 -2.06 53.05
N SER F 106 18.05 -3.01 53.92
CA SER F 106 18.78 -4.28 54.03
C SER F 106 17.95 -5.43 54.59
N PRO F 107 17.74 -6.51 53.82
CA PRO F 107 17.01 -7.69 54.27
C PRO F 107 17.83 -8.60 55.19
N ASN F 108 19.16 -8.59 55.07
CA ASN F 108 20.07 -9.45 55.80
C ASN F 108 21.52 -8.98 55.61
N GLN F 109 22.43 -9.55 56.38
CA GLN F 109 23.86 -9.23 56.35
C GLN F 109 24.62 -9.65 55.07
N TYR F 110 23.96 -10.01 53.98
CA TYR F 110 24.59 -10.41 52.72
C TYR F 110 24.08 -9.68 51.49
N MET F 111 22.92 -9.02 51.56
CA MET F 111 22.19 -8.62 50.36
C MET F 111 21.71 -7.18 50.38
N THR F 112 21.48 -6.69 49.17
CA THR F 112 20.74 -5.48 48.85
C THR F 112 19.24 -5.76 48.85
N ALA F 113 18.40 -4.76 49.07
CA ALA F 113 16.96 -4.90 48.89
C ALA F 113 16.56 -5.29 47.47
N GLN F 114 17.07 -4.57 46.47
CA GLN F 114 16.79 -4.83 45.04
C GLN F 114 17.08 -6.29 44.71
N GLU F 115 18.30 -6.68 45.02
CA GLU F 115 18.84 -8.02 44.85
C GLU F 115 17.94 -9.09 45.47
N PHE F 116 17.48 -8.86 46.70
CA PHE F 116 16.58 -9.79 47.35
C PHE F 116 15.24 -9.91 46.63
N ARG F 117 14.60 -8.78 46.27
CA ARG F 117 13.30 -8.85 45.60
C ARG F 117 13.40 -9.56 44.27
N GLU F 118 14.46 -9.27 43.53
CA GLU F 118 14.76 -9.94 42.27
C GLU F 118 14.83 -11.45 42.48
N ALA F 119 15.68 -11.89 43.40
CA ALA F 119 15.91 -13.30 43.68
C ALA F 119 14.62 -14.04 44.04
N MET F 120 13.81 -13.46 44.91
CA MET F 120 12.51 -14.01 45.27
C MET F 120 11.63 -14.16 44.03
N THR F 121 11.56 -13.11 43.22
CA THR F 121 10.67 -13.10 42.07
C THR F 121 11.08 -14.11 41.01
N MET F 122 12.36 -14.33 40.80
CA MET F 122 12.82 -15.38 39.88
C MET F 122 12.22 -16.73 40.27
N GLN F 123 12.33 -17.13 41.54
CA GLN F 123 11.74 -18.38 41.97
C GLN F 123 10.22 -18.38 41.84
N LEU F 124 9.58 -17.26 42.17
CA LEU F 124 8.14 -17.16 42.04
C LEU F 124 7.69 -17.42 40.61
N CYS F 125 8.36 -16.84 39.62
CA CYS F 125 8.04 -17.09 38.23
C CYS F 125 8.39 -18.52 37.81
N PHE F 126 9.57 -18.98 38.17
CA PHE F 126 10.10 -20.22 37.62
C PHE F 126 9.42 -21.45 38.22
N TYR F 127 9.20 -21.45 39.53
CA TYR F 127 8.63 -22.55 40.29
C TYR F 127 7.18 -22.31 40.72
N GLY F 128 6.59 -21.18 40.34
CA GLY F 128 5.28 -20.78 40.85
C GLY F 128 5.27 -20.44 42.34
N ASN F 129 6.41 -20.53 43.02
CA ASN F 129 6.53 -20.40 44.47
C ASN F 129 7.93 -19.93 44.83
N ALA F 130 8.04 -19.16 45.90
CA ALA F 130 9.30 -18.75 46.50
C ALA F 130 9.15 -18.72 48.01
N TYR F 131 10.22 -19.03 48.73
CA TYR F 131 10.22 -19.18 50.19
C TYR F 131 11.39 -18.43 50.79
N ALA F 132 11.18 -17.74 51.90
CA ALA F 132 12.24 -17.16 52.68
C ALA F 132 12.08 -17.52 54.15
N LEU F 133 13.19 -17.82 54.81
CA LEU F 133 13.27 -17.83 56.25
C LEU F 133 13.01 -16.41 56.75
N VAL F 134 12.15 -16.32 57.75
CA VAL F 134 11.84 -15.10 58.50
C VAL F 134 12.50 -15.19 59.86
N ASP F 135 13.18 -14.14 60.27
CA ASP F 135 13.78 -14.02 61.60
C ASP F 135 13.27 -12.77 62.32
N ARG F 136 13.12 -12.85 63.65
CA ARG F 136 12.50 -11.81 64.48
C ARG F 136 13.14 -11.70 65.87
N ASN F 137 13.11 -10.52 66.46
CA ASN F 137 13.69 -10.24 67.77
C ASN F 137 12.82 -10.74 68.94
N SER F 138 13.26 -10.49 70.17
CA SER F 138 12.52 -10.81 71.39
C SER F 138 11.16 -10.12 71.48
N ALA F 139 11.02 -8.90 70.95
CA ALA F 139 9.74 -8.19 70.84
C ALA F 139 8.82 -8.74 69.72
N GLY F 140 9.29 -9.72 68.94
CA GLY F 140 8.59 -10.36 67.84
C GLY F 140 8.68 -9.64 66.49
N ASP F 141 9.34 -8.48 66.45
CA ASP F 141 9.55 -7.72 65.22
C ASP F 141 10.59 -8.39 64.33
N VAL F 142 10.32 -8.46 63.04
CA VAL F 142 11.26 -9.09 62.09
C VAL F 142 12.56 -8.31 61.96
N ILE F 143 13.66 -9.04 61.81
CA ILE F 143 15.03 -8.52 61.76
C ILE F 143 15.87 -9.10 60.63
N SER F 144 15.47 -10.23 60.03
CA SER F 144 16.13 -10.74 58.82
C SER F 144 15.19 -11.54 57.94
N LEU F 145 15.47 -11.54 56.64
CA LEU F 145 14.87 -12.40 55.64
C LEU F 145 15.95 -13.06 54.80
N LEU F 146 15.77 -14.34 54.50
CA LEU F 146 16.75 -15.11 53.75
C LEU F 146 16.06 -16.10 52.79
N PRO F 147 16.19 -15.94 51.47
CA PRO F 147 15.60 -16.83 50.48
C PRO F 147 16.09 -18.27 50.62
N LEU F 148 15.23 -19.20 50.23
CA LEU F 148 15.44 -20.65 50.29
C LEU F 148 15.13 -21.25 48.92
N GLN F 149 15.94 -22.18 48.43
CA GLN F 149 15.73 -22.80 47.11
C GLN F 149 14.42 -23.60 47.08
N SER F 150 13.47 -23.21 46.24
CA SER F 150 12.14 -23.81 46.16
C SER F 150 12.18 -25.29 45.85
N ALA F 151 13.13 -25.75 45.04
CA ALA F 151 13.25 -27.15 44.66
C ALA F 151 13.47 -28.09 45.86
N ASN F 152 14.06 -27.59 46.94
CA ASN F 152 14.28 -28.33 48.18
C ASN F 152 13.10 -28.28 49.15
N MET F 153 12.13 -27.40 48.91
CA MET F 153 10.98 -27.23 49.79
C MET F 153 9.90 -28.27 49.51
N ASP F 154 9.26 -28.75 50.57
CA ASP F 154 7.93 -29.34 50.55
C ASP F 154 7.05 -28.65 51.59
N VAL F 155 5.75 -28.57 51.33
CA VAL F 155 4.78 -28.10 52.32
C VAL F 155 3.73 -29.18 52.51
N LYS F 156 3.58 -29.67 53.75
CA LYS F 156 2.62 -30.72 54.09
C LYS F 156 1.77 -30.30 55.28
N LEU F 157 0.46 -30.49 55.15
CA LEU F 157 -0.48 -30.30 56.24
C LEU F 157 -0.33 -31.41 57.29
N VAL F 158 -0.57 -31.07 58.55
CA VAL F 158 -0.35 -31.91 59.73
C VAL F 158 -1.53 -31.69 60.68
N GLY F 159 -2.55 -32.54 60.56
CA GLY F 159 -3.87 -32.21 61.08
C GLY F 159 -4.35 -30.89 60.50
N LYS F 160 -4.81 -29.97 61.36
CA LYS F 160 -5.16 -28.59 60.97
C LYS F 160 -3.95 -27.71 60.63
N LYS F 161 -2.74 -28.09 61.09
CA LYS F 161 -1.49 -27.30 60.95
C LYS F 161 -0.84 -27.49 59.58
N VAL F 162 0.22 -26.72 59.31
CA VAL F 162 1.09 -26.88 58.11
C VAL F 162 2.57 -26.89 58.49
N VAL F 163 3.33 -27.76 57.85
CA VAL F 163 4.78 -27.84 57.99
C VAL F 163 5.46 -27.64 56.65
N TYR F 164 6.30 -26.62 56.61
CA TYR F 164 7.29 -26.42 55.57
C TYR F 164 8.45 -27.36 55.87
N ARG F 165 8.48 -28.48 55.17
CA ARG F 165 9.50 -29.53 55.19
C ARG F 165 10.61 -29.13 54.22
N TYR F 166 11.71 -28.58 54.74
CA TYR F 166 12.83 -28.19 53.88
C TYR F 166 13.92 -29.24 53.86
N GLN F 167 14.11 -29.88 52.71
CA GLN F 167 15.18 -30.85 52.51
C GLN F 167 16.50 -30.11 52.28
N ARG F 168 17.23 -29.80 53.34
CA ARG F 168 18.61 -29.36 53.24
C ARG F 168 19.50 -30.60 53.12
N ASP F 169 19.99 -30.88 51.92
CA ASP F 169 20.85 -32.02 51.59
C ASP F 169 20.21 -33.38 51.91
N SER F 170 20.36 -33.88 53.13
CA SER F 170 19.76 -35.11 53.65
C SER F 170 19.13 -34.91 55.03
N GLU F 171 18.88 -33.64 55.38
CA GLU F 171 18.36 -33.18 56.65
C GLU F 171 17.06 -32.40 56.42
N TYR F 172 16.16 -32.49 57.39
CA TYR F 172 14.78 -32.09 57.20
C TYR F 172 14.42 -30.98 58.19
N ALA F 173 14.71 -29.76 57.76
CA ALA F 173 14.45 -28.58 58.55
C ALA F 173 12.97 -28.20 58.41
N ASP F 174 12.22 -28.40 59.49
CA ASP F 174 10.77 -28.33 59.47
C ASP F 174 10.26 -27.08 60.17
N PHE F 175 9.35 -26.36 59.53
CA PHE F 175 8.98 -25.01 59.96
C PHE F 175 7.49 -24.73 59.89
N SER F 176 7.05 -23.79 60.71
CA SER F 176 5.69 -23.28 60.78
C SER F 176 5.42 -22.16 59.80
N GLN F 177 4.14 -21.83 59.63
CA GLN F 177 3.70 -20.65 58.89
C GLN F 177 4.24 -19.33 59.46
N LYS F 178 4.73 -19.31 60.71
CA LYS F 178 5.22 -18.10 61.40
C LYS F 178 6.68 -17.75 61.11
N GLU F 179 7.41 -18.61 60.42
CA GLU F 179 8.84 -18.41 60.15
C GLU F 179 9.27 -18.67 58.70
N ILE F 180 8.33 -19.02 57.83
CA ILE F 180 8.53 -19.10 56.38
C ILE F 180 7.54 -18.19 55.66
N PHE F 181 8.02 -17.32 54.77
CA PHE F 181 7.18 -16.29 54.17
C PHE F 181 6.23 -16.80 53.07
N HIS F 182 6.73 -17.64 52.16
CA HIS F 182 6.00 -18.29 51.06
C HIS F 182 5.12 -17.39 50.18
N LEU F 183 5.66 -16.86 49.07
CA LEU F 183 4.94 -15.95 48.17
C LEU F 183 3.85 -16.59 47.30
N LYS F 184 3.85 -17.91 47.13
CA LYS F 184 2.71 -18.73 46.66
C LYS F 184 1.93 -18.16 45.45
N GLY F 185 2.38 -18.51 44.25
CA GLY F 185 1.78 -18.04 42.99
C GLY F 185 0.46 -18.72 42.58
N PHE F 186 0.08 -18.51 41.33
CA PHE F 186 -1.14 -19.01 40.65
C PHE F 186 -1.35 -20.52 40.77
N GLY F 187 -2.47 -20.98 41.32
CA GLY F 187 -2.79 -22.40 41.46
C GLY F 187 -4.15 -22.72 42.08
N PHE F 188 -4.71 -23.90 41.77
CA PHE F 188 -6.08 -24.28 42.13
C PHE F 188 -6.35 -24.45 43.63
N THR F 189 -5.35 -24.81 44.44
CA THR F 189 -5.56 -25.22 45.83
C THR F 189 -5.55 -24.07 46.83
N GLY F 190 -4.95 -22.93 46.47
CA GLY F 190 -4.59 -21.88 47.43
C GLY F 190 -3.46 -22.28 48.40
N LEU F 191 -2.87 -23.47 48.23
CA LEU F 191 -1.79 -23.98 49.07
C LEU F 191 -0.42 -23.93 48.40
N VAL F 192 -0.36 -24.00 47.06
CA VAL F 192 0.86 -23.76 46.27
C VAL F 192 0.49 -23.21 44.89
N GLY F 193 1.40 -22.47 44.27
CA GLY F 193 1.32 -22.17 42.85
C GLY F 193 1.73 -23.37 42.00
N LEU F 194 1.17 -23.48 40.80
CA LEU F 194 1.59 -24.42 39.76
C LEU F 194 2.94 -23.99 39.19
N SER F 195 3.89 -24.91 39.10
CA SER F 195 5.25 -24.60 38.68
C SER F 195 5.35 -24.46 37.15
N PRO F 196 5.47 -23.27 36.55
CA PRO F 196 5.20 -23.10 35.12
C PRO F 196 6.15 -23.90 34.24
N ILE F 197 7.40 -24.01 34.68
CA ILE F 197 8.41 -24.87 34.05
C ILE F 197 7.90 -26.30 33.84
N ALA F 198 7.14 -26.85 34.78
CA ALA F 198 6.64 -28.21 34.68
C ALA F 198 5.63 -28.36 33.54
N PHE F 199 4.90 -27.31 33.20
CA PHE F 199 3.93 -27.34 32.12
C PHE F 199 4.58 -27.03 30.78
N ALA F 200 5.50 -26.09 30.74
CA ALA F 200 6.18 -25.66 29.53
C ALA F 200 7.05 -26.75 28.88
N CYS F 201 7.35 -27.82 29.61
CA CYS F 201 8.27 -28.87 29.19
C CYS F 201 8.05 -29.39 27.76
N LYS F 202 6.80 -29.53 27.28
CA LYS F 202 6.54 -30.07 25.94
C LYS F 202 6.87 -29.12 24.82
N SER F 203 6.38 -27.87 24.86
CA SER F 203 6.75 -26.89 23.85
C SER F 203 8.26 -26.63 23.87
N ALA F 204 8.85 -26.57 25.06
CA ALA F 204 10.30 -26.51 25.18
C ALA F 204 10.95 -27.70 24.48
N GLY F 205 10.42 -28.91 24.67
CA GLY F 205 10.86 -30.12 23.99
C GLY F 205 10.88 -29.96 22.48
N VAL F 206 9.82 -29.43 21.89
CA VAL F 206 9.78 -29.12 20.46
C VAL F 206 10.88 -28.15 20.10
N ALA F 207 11.04 -27.08 20.88
CA ALA F 207 12.00 -26.04 20.57
C ALA F 207 13.43 -26.58 20.57
N VAL F 208 13.82 -27.33 21.60
CA VAL F 208 15.18 -27.87 21.63
C VAL F 208 15.38 -28.93 20.55
N ALA F 209 14.35 -29.68 20.15
CA ALA F 209 14.49 -30.65 19.08
C ALA F 209 14.83 -29.98 17.75
N MET F 210 14.12 -28.92 17.40
CA MET F 210 14.40 -28.17 16.18
C MET F 210 15.80 -27.59 16.21
N GLU F 211 16.17 -26.99 17.33
CA GLU F 211 17.45 -26.34 17.47
C GLU F 211 18.60 -27.32 17.24
N ASP F 212 18.49 -28.53 17.78
CA ASP F 212 19.47 -29.59 17.56
C ASP F 212 19.54 -30.00 16.09
N GLN F 213 18.40 -30.18 15.42
CA GLN F 213 18.40 -30.51 14.01
C GLN F 213 19.08 -29.42 13.18
N GLN F 214 18.73 -28.16 13.45
CA GLN F 214 19.25 -27.02 12.73
C GLN F 214 20.76 -26.94 12.87
N ARG F 215 21.28 -27.06 14.10
CA ARG F 215 22.73 -27.15 14.36
C ARG F 215 23.34 -28.22 13.50
N ASP F 216 22.82 -29.42 13.61
CA ASP F 216 23.47 -30.58 13.05
C ASP F 216 23.57 -30.51 11.54
N PHE F 217 22.55 -29.96 10.88
CA PHE F 217 22.59 -29.82 9.44
C PHE F 217 23.77 -28.98 8.96
N PHE F 218 23.99 -27.81 9.57
CA PHE F 218 25.12 -26.96 9.25
C PHE F 218 26.43 -27.56 9.76
N ALA F 219 26.42 -28.26 10.89
CA ALA F 219 27.61 -28.92 11.41
C ALA F 219 28.11 -30.02 10.47
N ASN F 220 27.20 -30.67 9.73
CA ASN F 220 27.52 -31.61 8.66
C ASN F 220 27.93 -30.90 7.35
N GLY F 221 28.14 -29.59 7.36
CA GLY F 221 28.47 -28.82 6.17
C GLY F 221 27.41 -28.91 5.07
N ALA F 222 26.16 -29.19 5.43
CA ALA F 222 25.08 -29.44 4.48
C ALA F 222 25.34 -30.56 3.46
N LYS F 223 26.27 -31.49 3.74
CA LYS F 223 26.46 -32.72 2.97
C LYS F 223 25.24 -33.62 3.22
N SER F 224 24.31 -33.69 2.28
CA SER F 224 23.04 -34.40 2.48
C SER F 224 23.24 -35.92 2.62
N PRO F 225 22.52 -36.60 3.52
CA PRO F 225 22.68 -38.04 3.72
C PRO F 225 22.27 -38.82 2.47
N GLN F 226 23.01 -39.85 2.13
CA GLN F 226 22.87 -40.58 0.86
C GLN F 226 22.39 -42.01 1.08
N ILE F 227 21.41 -42.44 0.30
CA ILE F 227 21.23 -43.87 0.05
C ILE F 227 22.41 -44.34 -0.78
N LEU F 228 23.12 -45.36 -0.30
CA LEU F 228 24.03 -46.12 -1.13
C LEU F 228 23.20 -47.14 -1.91
N SER F 229 22.39 -46.64 -2.85
CA SER F 229 21.67 -47.47 -3.82
C SER F 229 22.64 -47.97 -4.89
N THR F 230 22.49 -49.22 -5.29
CA THR F 230 23.62 -50.01 -5.78
C THR F 230 23.34 -50.75 -7.11
N GLY F 231 23.23 -52.07 -7.06
CA GLY F 231 23.29 -53.00 -8.20
C GLY F 231 23.42 -54.44 -7.70
N GLU F 232 24.09 -55.33 -8.45
CA GLU F 232 24.12 -56.77 -8.15
C GLU F 232 25.50 -57.44 -8.21
N LYS F 233 26.60 -56.70 -8.41
CA LYS F 233 27.97 -57.24 -8.39
C LYS F 233 28.31 -57.82 -7.01
N VAL F 234 29.01 -58.95 -6.97
CA VAL F 234 29.66 -59.43 -5.74
C VAL F 234 30.65 -58.39 -5.21
N LEU F 235 30.46 -57.95 -3.98
CA LEU F 235 31.44 -57.14 -3.27
C LEU F 235 32.23 -58.00 -2.30
N THR F 236 33.55 -57.84 -2.27
CA THR F 236 34.35 -58.38 -1.16
C THR F 236 33.97 -57.69 0.15
N GLU F 237 34.26 -58.29 1.28
CA GLU F 237 33.97 -57.68 2.59
C GLU F 237 34.80 -56.41 2.81
N GLN F 238 35.96 -56.30 2.15
CA GLN F 238 36.76 -55.07 2.19
C GLN F 238 36.15 -53.98 1.32
N GLN F 239 35.68 -54.32 0.11
CA GLN F 239 34.89 -53.39 -0.71
C GLN F 239 33.74 -52.80 0.11
N ARG F 240 33.00 -53.66 0.82
CA ARG F 240 31.98 -53.22 1.78
C ARG F 240 32.57 -52.39 2.94
N SER F 241 33.71 -52.77 3.50
CA SER F 241 34.37 -52.01 4.57
C SER F 241 34.73 -50.59 4.17
N GLN F 242 35.08 -50.32 2.91
CA GLN F 242 35.48 -48.98 2.48
C GLN F 242 34.45 -47.90 2.82
N VAL F 243 33.17 -48.27 2.78
CA VAL F 243 32.01 -47.41 3.06
C VAL F 243 32.09 -46.74 4.43
N GLU F 244 32.73 -47.37 5.40
CA GLU F 244 33.07 -46.73 6.68
C GLU F 244 34.54 -46.35 6.72
N GLU F 245 35.39 -47.29 6.34
CA GLU F 245 36.83 -47.26 6.55
C GLU F 245 37.49 -46.02 5.95
N ASN F 246 36.99 -45.55 4.81
CA ASN F 246 37.62 -44.46 4.09
C ASN F 246 37.30 -43.06 4.68
N PHE F 247 36.43 -42.98 5.70
CA PHE F 247 35.66 -41.75 5.97
C PHE F 247 35.88 -41.14 7.35
N LYS F 248 34.88 -41.21 8.23
CA LYS F 248 34.64 -40.37 9.42
C LYS F 248 34.64 -38.83 9.21
N GLU F 249 34.49 -38.35 7.97
CA GLU F 249 34.49 -36.91 7.62
C GLU F 249 33.29 -36.40 6.78
N ILE F 250 32.34 -37.26 6.37
CA ILE F 250 31.13 -36.80 5.65
C ILE F 250 30.26 -35.87 6.52
N ALA F 251 30.37 -35.94 7.84
CA ALA F 251 29.97 -34.83 8.70
C ALA F 251 30.98 -33.66 8.63
N GLY F 252 32.18 -33.84 9.20
CA GLY F 252 33.18 -32.79 9.37
C GLY F 252 33.93 -32.42 8.09
N GLY F 253 35.06 -33.07 7.87
CA GLY F 253 36.16 -32.57 7.04
C GLY F 253 35.88 -32.33 5.55
N PRO F 254 36.82 -31.64 4.89
CA PRO F 254 36.70 -31.16 3.51
C PRO F 254 37.06 -32.23 2.48
N VAL F 255 36.49 -33.43 2.58
CA VAL F 255 36.65 -34.52 1.60
C VAL F 255 35.77 -34.25 0.34
N LYS F 256 35.65 -32.97 -0.01
CA LYS F 256 34.55 -32.35 -0.76
C LYS F 256 34.24 -33.10 -2.05
N LYS F 257 35.20 -33.15 -2.97
CA LYS F 257 35.03 -33.67 -4.33
C LYS F 257 35.24 -35.20 -4.40
N ARG F 258 35.31 -35.89 -3.25
CA ARG F 258 36.10 -37.12 -3.17
C ARG F 258 35.41 -38.33 -2.53
N LEU F 259 34.18 -38.22 -2.04
CA LEU F 259 33.55 -39.28 -1.24
C LEU F 259 33.45 -40.59 -2.05
N TRP F 260 34.23 -41.61 -1.67
CA TRP F 260 34.45 -42.85 -2.44
C TRP F 260 33.20 -43.70 -2.73
N ILE F 261 33.18 -44.33 -3.90
CA ILE F 261 32.48 -45.60 -4.15
C ILE F 261 33.40 -46.56 -4.88
N LEU F 262 33.16 -47.85 -4.70
CA LEU F 262 33.88 -48.97 -5.29
C LEU F 262 33.82 -49.02 -6.83
N GLU F 263 34.49 -50.02 -7.39
CA GLU F 263 34.48 -50.47 -8.79
C GLU F 263 33.11 -50.96 -9.30
N ALA F 264 32.04 -50.27 -8.96
CA ALA F 264 30.67 -50.70 -9.20
C ALA F 264 29.74 -49.59 -9.71
N GLY F 265 30.23 -48.35 -9.80
CA GLY F 265 29.47 -47.20 -10.28
C GLY F 265 28.34 -46.75 -9.35
N PHE F 266 27.28 -47.54 -9.27
CA PHE F 266 26.11 -47.37 -8.40
C PHE F 266 25.33 -46.05 -8.59
N SER F 267 24.20 -45.93 -7.90
CA SER F 267 23.09 -45.01 -8.25
C SER F 267 22.72 -44.04 -7.14
N THR F 268 23.61 -43.87 -6.17
CA THR F 268 23.38 -43.26 -4.86
C THR F 268 22.70 -41.89 -4.91
N SER F 269 21.81 -41.59 -3.96
CA SER F 269 21.02 -40.35 -3.97
C SER F 269 20.61 -39.86 -2.58
N ALA F 270 20.17 -38.61 -2.45
CA ALA F 270 19.88 -38.01 -1.15
C ALA F 270 18.63 -38.61 -0.46
N ILE F 271 18.64 -38.60 0.88
CA ILE F 271 17.55 -39.09 1.74
C ILE F 271 16.78 -37.94 2.41
N GLY F 272 17.47 -36.95 2.97
CA GLY F 272 16.86 -35.89 3.79
C GLY F 272 16.00 -34.90 2.98
N VAL F 273 15.04 -34.24 3.63
CA VAL F 273 14.07 -33.36 2.95
C VAL F 273 14.62 -32.00 2.53
N THR F 274 15.79 -31.59 3.06
CA THR F 274 16.38 -30.24 2.94
C THR F 274 15.57 -29.17 3.69
N PRO F 275 16.19 -28.21 4.38
CA PRO F 275 15.48 -27.07 4.97
C PRO F 275 14.86 -26.10 3.94
N GLN F 276 14.74 -26.48 2.67
CA GLN F 276 13.67 -25.94 1.82
C GLN F 276 12.29 -26.34 2.34
N ASP F 277 12.19 -27.31 3.26
CA ASP F 277 11.08 -27.32 4.20
C ASP F 277 11.12 -26.04 5.05
N ALA F 278 10.26 -25.10 4.68
CA ALA F 278 10.20 -23.78 5.27
C ALA F 278 9.88 -23.78 6.77
N GLU F 279 9.38 -24.87 7.35
CA GLU F 279 9.26 -24.95 8.80
C GLU F 279 10.60 -24.72 9.49
N MET F 280 11.71 -25.11 8.86
CA MET F 280 13.02 -24.89 9.46
C MET F 280 13.36 -23.41 9.61
N MET F 281 12.59 -22.52 9.00
CA MET F 281 12.48 -21.14 9.46
C MET F 281 11.19 -20.87 10.21
N ALA F 282 10.05 -20.99 9.55
CA ALA F 282 8.77 -20.54 10.07
C ALA F 282 8.44 -21.13 11.43
N SER F 283 8.69 -22.41 11.61
CA SER F 283 8.41 -23.07 12.87
C SER F 283 9.24 -22.52 14.01
N ARG F 284 10.49 -22.13 13.75
CA ARG F 284 11.37 -21.54 14.76
C ARG F 284 10.74 -20.27 15.30
N LYS F 285 10.29 -19.38 14.40
CA LYS F 285 9.59 -18.16 14.79
C LYS F 285 8.39 -18.49 15.65
N PHE F 286 7.58 -19.42 15.20
CA PHE F 286 6.33 -19.77 15.87
C PHE F 286 6.54 -20.14 17.34
N GLN F 287 7.61 -20.87 17.67
CA GLN F 287 7.83 -21.32 19.05
C GLN F 287 7.94 -20.19 20.06
N VAL F 288 8.44 -19.03 19.66
CA VAL F 288 8.60 -17.90 20.59
C VAL F 288 7.28 -17.55 21.24
N SER F 289 6.18 -17.56 20.49
CA SER F 289 4.87 -17.27 21.06
C SER F 289 4.47 -18.31 22.09
N GLU F 290 4.75 -19.58 21.81
CA GLU F 290 4.39 -20.66 22.71
C GLU F 290 5.04 -20.49 24.06
N LEU F 291 6.32 -20.17 24.05
CA LEU F 291 7.06 -19.99 25.27
C LEU F 291 6.61 -18.70 25.98
N ALA F 292 6.45 -17.61 25.25
CA ALA F 292 5.97 -16.36 25.82
C ALA F 292 4.64 -16.54 26.54
N ARG F 293 3.74 -17.36 26.01
CA ARG F 293 2.43 -17.57 26.60
C ARG F 293 2.48 -18.18 27.99
N PHE F 294 3.52 -18.90 28.38
CA PHE F 294 3.63 -19.35 29.78
C PHE F 294 3.89 -18.21 30.76
N PHE F 295 4.43 -17.09 30.29
CA PHE F 295 4.74 -15.93 31.13
C PHE F 295 3.81 -14.74 30.87
N GLY F 296 3.07 -14.75 29.76
CA GLY F 296 2.13 -13.69 29.43
C GLY F 296 2.81 -12.38 29.02
N VAL F 297 3.89 -12.46 28.25
CA VAL F 297 4.67 -11.28 27.84
C VAL F 297 4.30 -10.86 26.42
N PRO F 298 3.95 -9.59 26.19
CA PRO F 298 3.67 -9.08 24.86
C PRO F 298 4.85 -9.27 23.88
N PRO F 299 4.69 -10.05 22.80
CA PRO F 299 5.83 -10.50 22.00
C PRO F 299 6.62 -9.39 21.31
N HIS F 300 6.07 -8.20 21.12
CA HIS F 300 6.85 -7.08 20.58
C HIS F 300 7.93 -6.60 21.56
N LEU F 301 7.77 -6.82 22.86
CA LEU F 301 8.83 -6.60 23.85
C LEU F 301 9.93 -7.66 23.73
N VAL F 302 9.59 -8.84 23.22
CA VAL F 302 10.49 -9.99 23.10
C VAL F 302 11.30 -9.91 21.81
N GLY F 303 10.65 -9.61 20.67
CA GLY F 303 11.36 -9.37 19.40
C GLY F 303 10.58 -9.63 18.10
N ASP F 304 9.31 -10.03 18.15
CA ASP F 304 8.57 -10.48 16.96
C ASP F 304 8.05 -9.37 16.05
N VAL F 305 7.95 -9.69 14.75
CA VAL F 305 7.45 -8.82 13.66
C VAL F 305 8.21 -7.50 13.61
N GLU F 306 7.65 -6.43 14.16
CA GLU F 306 8.34 -5.16 14.44
C GLU F 306 7.94 -4.63 15.83
N LYS F 307 6.78 -3.98 15.91
CA LYS F 307 6.30 -3.14 17.00
C LYS F 307 4.76 -3.24 17.12
N SER F 308 4.19 -2.79 18.23
CA SER F 308 2.77 -3.03 18.58
C SER F 308 1.75 -2.32 17.67
N THR F 309 1.40 -2.98 16.57
CA THR F 309 0.81 -2.38 15.35
C THR F 309 -0.49 -1.57 15.51
N SER F 310 -1.41 -1.95 16.41
CA SER F 310 -2.75 -1.33 16.53
C SER F 310 -3.35 -1.63 17.91
N TRP F 311 -2.98 -0.81 18.88
CA TRP F 311 -2.94 -1.19 20.31
C TRP F 311 -2.76 -0.01 21.26
N GLY F 312 -1.93 0.96 20.83
CA GLY F 312 -1.65 2.23 21.49
C GLY F 312 -0.46 2.88 20.78
N SER F 313 -0.44 4.21 20.70
CA SER F 313 0.56 4.93 19.89
C SER F 313 1.88 5.15 20.65
N GLY F 314 1.84 5.99 21.67
CA GLY F 314 3.00 6.41 22.44
C GLY F 314 3.43 5.43 23.51
N ILE F 315 4.65 5.62 23.99
CA ILE F 315 5.31 4.74 24.94
C ILE F 315 4.47 4.51 26.20
N GLU F 316 3.77 5.54 26.68
CA GLU F 316 2.92 5.43 27.85
C GLU F 316 1.83 4.38 27.66
N GLN F 317 1.21 4.31 26.48
CA GLN F 317 0.20 3.30 26.23
C GLN F 317 0.79 1.90 26.28
N GLN F 318 2.01 1.73 25.79
CA GLN F 318 2.66 0.43 25.85
C GLN F 318 2.88 0.03 27.30
N ASN F 319 3.36 0.98 28.11
CA ASN F 319 3.62 0.73 29.51
C ASN F 319 2.34 0.40 30.25
N LEU F 320 1.28 1.17 30.03
CA LEU F 320 -0.03 0.90 30.62
C LEU F 320 -0.51 -0.52 30.28
N GLY F 321 -0.41 -0.91 29.02
CA GLY F 321 -0.79 -2.24 28.59
C GLY F 321 0.05 -3.30 29.31
N PHE F 322 1.36 -3.13 29.31
CA PHE F 322 2.24 -4.10 29.94
C PHE F 322 2.00 -4.22 31.44
N LEU F 323 1.74 -3.10 32.12
CA LEU F 323 1.35 -3.11 33.50
C LEU F 323 0.07 -3.91 33.70
N GLN F 324 -1.01 -3.50 33.06
CA GLN F 324 -2.34 -4.05 33.33
C GLN F 324 -2.42 -5.53 32.98
N TYR F 325 -1.90 -5.94 31.82
CA TYR F 325 -2.07 -7.29 31.33
C TYR F 325 -0.96 -8.26 31.77
N THR F 326 0.12 -7.78 32.39
CA THR F 326 1.26 -8.64 32.74
C THR F 326 1.86 -8.33 34.11
N LEU F 327 2.21 -7.07 34.40
CA LEU F 327 3.02 -6.78 35.58
C LEU F 327 2.21 -6.69 36.88
N GLN F 328 0.99 -6.18 36.80
CA GLN F 328 0.13 -5.92 37.96
C GLN F 328 0.04 -7.04 39.01
N PRO F 329 -0.05 -8.34 38.65
CA PRO F 329 -0.30 -9.40 39.62
C PRO F 329 0.79 -9.49 40.66
N TYR F 330 2.04 -9.36 40.24
CA TYR F 330 3.19 -9.47 41.12
C TYR F 330 3.18 -8.39 42.18
N ILE F 331 2.79 -7.18 41.79
CA ILE F 331 2.65 -6.06 42.71
C ILE F 331 1.70 -6.46 43.83
N SER F 332 0.52 -6.96 43.46
CA SER F 332 -0.47 -7.39 44.42
C SER F 332 0.03 -8.53 45.28
N ARG F 333 0.68 -9.54 44.69
CA ARG F 333 1.21 -10.68 45.45
C ARG F 333 2.17 -10.19 46.52
N TRP F 334 3.15 -9.36 46.18
CA TRP F 334 4.06 -8.79 47.15
C TRP F 334 3.31 -8.02 48.21
N GLU F 335 2.57 -6.99 47.82
CA GLU F 335 1.95 -6.08 48.76
C GLU F 335 0.99 -6.80 49.71
N ASN F 336 0.15 -7.67 49.17
CA ASN F 336 -0.78 -8.40 50.02
C ASN F 336 -0.05 -9.40 50.92
N SER F 337 0.99 -10.08 50.46
CA SER F 337 1.73 -11.00 51.34
C SER F 337 2.34 -10.27 52.52
N ILE F 338 2.91 -9.11 52.28
CA ILE F 338 3.46 -8.27 53.34
C ILE F 338 2.37 -7.96 54.34
N GLN F 339 1.22 -7.50 53.86
CA GLN F 339 0.09 -7.16 54.71
C GLN F 339 -0.46 -8.39 55.47
N ARG F 340 -0.42 -9.56 54.85
CA ARG F 340 -1.03 -10.80 55.39
C ARG F 340 -0.18 -11.47 56.46
N TRP F 341 1.14 -11.29 56.42
CA TRP F 341 2.06 -12.05 57.27
C TRP F 341 3.07 -11.20 58.02
N LEU F 342 3.55 -10.10 57.46
CA LEU F 342 4.66 -9.35 58.05
C LEU F 342 4.19 -8.23 58.95
N ILE F 343 3.16 -7.49 58.55
CA ILE F 343 2.57 -6.46 59.40
C ILE F 343 1.77 -7.14 60.52
N PRO F 344 1.95 -6.77 61.80
CA PRO F 344 1.15 -7.31 62.91
C PRO F 344 -0.32 -6.93 62.80
N SER F 345 -1.22 -7.80 63.25
CA SER F 345 -2.68 -7.64 63.10
C SER F 345 -3.21 -6.33 63.71
N LYS F 346 -2.65 -5.87 64.83
CA LYS F 346 -2.99 -4.57 65.46
C LYS F 346 -2.65 -3.33 64.62
N ASP F 347 -1.72 -3.46 63.69
CA ASP F 347 -1.24 -2.37 62.82
C ASP F 347 -1.87 -2.39 61.43
N VAL F 348 -2.66 -3.42 61.12
CA VAL F 348 -3.45 -3.48 59.89
C VAL F 348 -4.37 -2.26 59.79
N GLY F 349 -4.45 -1.68 58.60
CA GLY F 349 -5.12 -0.41 58.35
C GLY F 349 -4.27 0.81 58.70
N ARG F 350 -3.51 0.78 59.80
CA ARG F 350 -2.56 1.87 60.10
C ARG F 350 -1.37 1.83 59.17
N LEU F 351 -0.74 0.66 59.04
CA LEU F 351 0.49 0.50 58.29
C LEU F 351 0.20 -0.18 56.98
N HIS F 352 0.82 0.34 55.93
CA HIS F 352 0.55 -0.05 54.56
C HIS F 352 1.81 0.09 53.70
N ALA F 353 1.90 -0.63 52.58
CA ALA F 353 3.05 -0.55 51.68
C ALA F 353 2.63 -0.52 50.22
N GLU F 354 3.30 0.30 49.41
CA GLU F 354 3.06 0.39 47.97
C GLU F 354 4.33 0.48 47.15
N HIS F 355 4.37 -0.24 46.03
CA HIS F 355 5.27 0.09 44.95
C HIS F 355 4.86 1.41 44.28
N ASN F 356 5.83 2.14 43.75
CA ASN F 356 5.61 3.35 42.98
C ASN F 356 5.69 3.05 41.47
N LEU F 357 4.65 3.43 40.74
CA LEU F 357 4.49 3.13 39.32
C LEU F 357 5.01 4.23 38.39
N ASP F 358 5.32 5.41 38.92
CA ASP F 358 5.62 6.58 38.09
C ASP F 358 6.86 6.38 37.21
N GLY F 359 7.82 5.58 37.65
CA GLY F 359 8.99 5.22 36.86
C GLY F 359 8.63 4.52 35.54
N LEU F 360 7.48 3.84 35.46
CA LEU F 360 6.94 3.32 34.20
C LEU F 360 5.97 4.32 33.57
N LEU F 361 5.06 4.88 34.37
CA LEU F 361 4.00 5.74 33.84
C LEU F 361 4.51 7.10 33.35
N ARG F 362 5.78 7.42 33.57
CA ARG F 362 6.48 8.58 33.02
C ARG F 362 6.28 8.72 31.51
N GLY F 363 5.49 9.71 31.11
CA GLY F 363 5.42 10.18 29.72
C GLY F 363 6.61 11.05 29.34
N ASP F 364 6.65 11.50 28.10
CA ASP F 364 7.70 12.39 27.61
C ASP F 364 7.61 13.81 28.21
N SER F 365 8.63 14.61 27.96
CA SER F 365 8.72 16.01 28.34
C SER F 365 7.49 16.82 27.93
N ALA F 366 7.02 16.70 26.69
CA ALA F 366 5.90 17.49 26.22
C ALA F 366 4.63 17.13 26.96
N SER F 367 4.32 15.84 27.07
CA SER F 367 3.11 15.38 27.75
C SER F 367 3.16 15.74 29.23
N ARG F 368 4.29 15.55 29.91
CA ARG F 368 4.38 15.90 31.34
C ARG F 368 4.30 17.42 31.56
N ALA F 369 4.87 18.22 30.67
CA ALA F 369 4.69 19.66 30.73
C ALA F 369 3.21 20.04 30.57
N ALA F 370 2.55 19.50 29.55
CA ALA F 370 1.13 19.76 29.33
C ALA F 370 0.28 19.33 30.54
N PHE F 371 0.59 18.16 31.11
CA PHE F 371 -0.06 17.67 32.31
C PHE F 371 0.09 18.65 33.48
N MET F 372 1.32 19.04 33.81
CA MET F 372 1.55 19.96 34.92
C MET F 372 0.86 21.30 34.68
N LYS F 373 0.88 21.81 33.44
CA LYS F 373 0.15 23.03 33.10
C LYS F 373 -1.35 22.88 33.33
N ALA F 374 -1.91 21.71 33.00
CA ALA F 374 -3.31 21.42 33.28
C ALA F 374 -3.63 21.36 34.78
N MET F 375 -2.65 21.18 35.66
CA MET F 375 -2.85 21.34 37.11
C MET F 375 -2.86 22.79 37.56
N GLY F 376 -2.37 23.73 36.72
CA GLY F 376 -2.17 25.14 37.04
C GLY F 376 -3.45 25.85 37.44
N GLU F 377 -4.27 26.28 36.47
CA GLU F 377 -5.71 26.35 36.75
C GLU F 377 -6.23 24.92 36.95
N SER F 378 -7.43 24.77 37.50
CA SER F 378 -7.86 23.61 38.31
C SER F 378 -7.19 23.55 39.68
N GLY F 379 -5.93 23.95 39.78
CA GLY F 379 -5.22 24.05 41.06
C GLY F 379 -4.97 22.69 41.72
N LEU F 380 -5.03 21.59 40.97
CA LEU F 380 -4.87 20.23 41.50
C LEU F 380 -3.50 19.97 42.15
N ARG F 381 -2.50 20.83 41.97
CA ARG F 381 -1.29 20.90 42.80
C ARG F 381 -0.82 22.33 43.03
N THR F 382 -0.14 22.53 44.14
CA THR F 382 0.80 23.63 44.38
C THR F 382 2.09 23.41 43.62
N ILE F 383 2.85 24.49 43.42
CA ILE F 383 4.17 24.41 42.81
C ILE F 383 5.08 23.53 43.67
N ASN F 384 4.99 23.63 44.98
CA ASN F 384 5.77 22.79 45.88
C ASN F 384 5.53 21.31 45.69
N GLU F 385 4.28 20.88 45.57
CA GLU F 385 3.99 19.46 45.33
C GLU F 385 4.59 18.99 44.01
N MET F 386 4.45 19.78 42.95
CA MET F 386 5.07 19.42 41.67
C MET F 386 6.59 19.42 41.76
N ARG F 387 7.21 20.40 42.42
CA ARG F 387 8.66 20.41 42.68
C ARG F 387 9.11 19.21 43.50
N ARG F 388 8.24 18.66 44.35
CA ARG F 388 8.58 17.45 45.10
C ARG F 388 8.68 16.24 44.18
N THR F 389 7.90 16.19 43.10
CA THR F 389 7.94 15.06 42.16
C THR F 389 9.28 14.90 41.46
N ASP F 390 10.05 15.98 41.34
CA ASP F 390 11.37 15.99 40.70
C ASP F 390 12.45 16.59 41.63
N ASN F 391 12.20 16.54 42.94
CA ASN F 391 13.08 16.96 44.02
C ASN F 391 13.70 18.37 43.86
N MET F 392 13.04 19.25 43.12
CA MET F 392 13.39 20.66 43.07
C MET F 392 13.18 21.34 44.43
N PRO F 393 14.00 22.33 44.82
CA PRO F 393 13.81 23.04 46.08
C PRO F 393 12.45 23.73 46.17
N PRO F 394 11.75 23.64 47.31
CA PRO F 394 10.47 24.31 47.52
C PRO F 394 10.61 25.84 47.46
N LEU F 395 9.51 26.50 47.20
CA LEU F 395 9.42 27.90 46.79
C LEU F 395 8.07 28.49 47.25
N PRO F 396 7.94 29.77 47.65
CA PRO F 396 6.71 30.29 48.26
C PRO F 396 5.45 30.11 47.39
N GLY F 397 4.50 29.29 47.87
CA GLY F 397 3.27 28.94 47.16
C GLY F 397 2.46 27.85 47.86
N ILE G 52 33.93 -24.88 22.35
CA ILE G 52 33.61 -23.44 22.29
C ILE G 52 34.30 -22.66 23.42
N ASN G 53 34.57 -21.37 23.24
CA ASN G 53 35.18 -20.51 24.26
C ASN G 53 34.68 -19.06 24.18
N ASP G 54 34.90 -18.32 25.25
CA ASP G 54 34.36 -16.98 25.46
C ASP G 54 34.85 -15.98 24.41
N GLU G 55 36.10 -16.07 23.99
CA GLU G 55 36.65 -15.18 22.98
C GLU G 55 36.00 -15.44 21.61
N ARG G 56 35.87 -16.71 21.22
CA ARG G 56 35.21 -17.07 19.96
C ARG G 56 33.76 -16.62 19.94
N ILE G 57 33.10 -16.60 21.10
CA ILE G 57 31.76 -16.05 21.26
C ILE G 57 31.79 -14.53 21.13
N LEU G 58 32.68 -13.85 21.85
CA LEU G 58 32.75 -12.40 21.82
C LEU G 58 33.09 -11.86 20.43
N GLN G 59 33.74 -12.65 19.58
CA GLN G 59 33.96 -12.31 18.17
C GLN G 59 32.66 -12.21 17.33
N ILE G 60 31.50 -12.59 17.84
CA ILE G 60 30.23 -12.37 17.14
C ILE G 60 29.81 -10.90 17.21
N SER G 61 29.53 -10.26 16.07
CA SER G 61 29.28 -8.82 16.01
C SER G 61 28.16 -8.37 16.95
N THR G 62 27.10 -9.17 17.05
CA THR G 62 25.98 -8.89 17.95
C THR G 62 26.45 -8.77 19.39
N VAL G 63 27.22 -9.75 19.84
CA VAL G 63 27.61 -9.86 21.24
C VAL G 63 28.51 -8.70 21.59
N TRP G 64 29.50 -8.44 20.72
CA TRP G 64 30.38 -7.29 20.84
C TRP G 64 29.57 -6.01 20.99
N ARG G 65 28.59 -5.81 20.11
CA ARG G 65 27.80 -4.58 20.09
C ARG G 65 26.97 -4.43 21.35
N CYS G 66 26.30 -5.48 21.80
CA CYS G 66 25.44 -5.40 22.98
C CYS G 66 26.22 -4.94 24.19
N VAL G 67 27.34 -5.62 24.45
CA VAL G 67 28.20 -5.31 25.58
C VAL G 67 28.74 -3.91 25.44
N SER G 68 29.22 -3.56 24.25
CA SER G 68 29.72 -2.22 23.99
C SER G 68 28.66 -1.20 24.38
N LEU G 69 27.47 -1.33 23.82
CA LEU G 69 26.42 -0.36 24.00
C LEU G 69 26.14 -0.14 25.48
N ILE G 70 25.76 -1.19 26.19
CA ILE G 70 25.25 -1.03 27.55
C ILE G 70 26.34 -0.45 28.44
N SER G 71 27.50 -1.08 28.44
CA SER G 71 28.58 -0.67 29.32
C SER G 71 28.98 0.76 29.03
N THR G 72 29.03 1.13 27.75
CA THR G 72 29.42 2.46 27.37
C THR G 72 28.40 3.48 27.82
N LEU G 73 27.12 3.24 27.53
CA LEU G 73 26.08 4.22 27.82
C LEU G 73 26.02 4.53 29.29
N THR G 74 26.01 3.51 30.14
CA THR G 74 25.98 3.79 31.57
C THR G 74 27.28 4.42 32.06
N ALA G 75 28.41 4.15 31.42
CA ALA G 75 29.65 4.84 31.74
C ALA G 75 29.64 6.29 31.28
N CYS G 76 28.85 6.65 30.27
CA CYS G 76 28.75 8.01 29.77
C CYS G 76 27.89 8.91 30.66
N LEU G 77 26.97 8.35 31.45
CA LEU G 77 26.11 9.16 32.32
C LEU G 77 26.94 9.95 33.35
N PRO G 78 26.57 11.20 33.67
CA PRO G 78 27.06 11.86 34.87
C PRO G 78 26.59 11.11 36.12
N LEU G 79 27.45 11.04 37.12
CA LEU G 79 27.17 10.47 38.44
C LEU G 79 27.60 11.46 39.52
N ASP G 80 26.69 11.72 40.44
CA ASP G 80 26.79 12.78 41.44
C ASP G 80 26.46 12.23 42.83
N VAL G 81 26.80 12.97 43.87
CA VAL G 81 26.38 12.69 45.24
C VAL G 81 25.76 13.92 45.84
N PHE G 82 24.67 13.72 46.55
CA PHE G 82 24.02 14.73 47.35
C PHE G 82 24.18 14.44 48.82
N GLU G 83 24.59 15.46 49.56
CA GLU G 83 24.20 15.53 50.94
C GLU G 83 22.77 16.07 50.99
N THR G 84 22.04 15.68 52.00
CA THR G 84 20.61 15.90 52.09
C THR G 84 20.27 16.40 53.47
N ASP G 85 19.52 17.50 53.56
CA ASP G 85 19.08 18.03 54.84
C ASP G 85 17.88 17.24 55.40
N GLN G 86 17.60 17.39 56.69
CA GLN G 86 16.44 16.76 57.36
C GLN G 86 15.08 17.18 56.77
N ASN G 87 14.97 18.36 56.14
CA ASN G 87 13.81 18.82 55.38
C ASN G 87 13.84 18.36 53.90
N ASP G 88 14.71 17.41 53.58
CA ASP G 88 14.87 16.75 52.28
C ASP G 88 15.33 17.67 51.12
N ASN G 89 15.99 18.78 51.43
CA ASN G 89 16.69 19.57 50.42
C ASN G 89 18.00 18.88 50.02
N ARG G 90 18.24 18.77 48.71
CA ARG G 90 19.53 18.28 48.18
C ARG G 90 20.61 19.37 48.25
N LYS G 91 21.85 18.92 48.33
CA LYS G 91 23.06 19.72 48.20
C LYS G 91 24.13 18.87 47.53
N LYS G 92 24.39 19.10 46.25
CA LYS G 92 25.39 18.33 45.52
C LYS G 92 26.77 18.60 46.11
N VAL G 93 27.53 17.56 46.39
CA VAL G 93 28.81 17.66 47.10
C VAL G 93 30.00 17.86 46.15
N ASP G 94 31.07 18.46 46.67
CA ASP G 94 32.26 18.88 45.93
C ASP G 94 33.38 17.82 45.89
N LEU G 95 34.31 17.94 44.94
CA LEU G 95 35.49 17.07 44.80
C LEU G 95 36.49 17.12 45.98
N SER G 96 36.27 18.00 46.95
CA SER G 96 36.95 17.97 48.24
C SER G 96 36.49 16.81 49.12
N ASN G 97 35.24 16.34 48.97
CA ASN G 97 34.75 15.17 49.68
C ASN G 97 35.45 13.90 49.16
N PRO G 98 36.02 13.04 50.02
CA PRO G 98 36.80 11.90 49.58
C PRO G 98 36.02 10.91 48.72
N LEU G 99 34.80 10.56 49.13
CA LEU G 99 33.96 9.64 48.38
C LEU G 99 33.62 10.22 47.01
N ALA G 100 33.21 11.47 46.94
CA ALA G 100 32.92 12.12 45.68
C ALA G 100 34.16 12.13 44.78
N ARG G 101 35.32 12.48 45.33
CA ARG G 101 36.56 12.49 44.57
C ARG G 101 36.88 11.12 44.01
N LEU G 102 36.71 10.08 44.84
CA LEU G 102 36.93 8.70 44.46
C LEU G 102 36.03 8.31 43.29
N LEU G 103 34.73 8.62 43.42
CA LEU G 103 33.74 8.26 42.42
C LEU G 103 33.88 9.05 41.13
N ARG G 104 34.24 10.34 41.21
CA ARG G 104 34.10 11.26 40.09
C ARG G 104 35.42 11.66 39.45
N TYR G 105 36.48 11.86 40.24
CA TYR G 105 37.80 12.19 39.69
C TYR G 105 38.66 10.96 39.45
N SER G 106 38.88 10.14 40.48
CA SER G 106 39.89 9.07 40.42
C SER G 106 39.58 7.88 41.32
N PRO G 107 39.31 6.68 40.76
CA PRO G 107 39.12 5.47 41.52
C PRO G 107 40.45 4.83 41.99
N ASN G 108 41.55 5.10 41.29
CA ASN G 108 42.88 4.58 41.57
C ASN G 108 43.94 5.33 40.74
N GLN G 109 45.21 5.15 41.08
CA GLN G 109 46.34 5.78 40.40
C GLN G 109 46.68 5.20 39.01
N TYR G 110 45.72 4.57 38.33
CA TYR G 110 45.86 4.05 36.97
C TYR G 110 44.72 4.45 36.04
N MET G 111 43.61 4.99 36.56
CA MET G 111 42.34 5.07 35.81
C MET G 111 41.56 6.35 36.03
N THR G 112 40.67 6.57 35.08
CA THR G 112 39.58 7.55 35.07
C THR G 112 38.33 6.94 35.70
N ALA G 113 37.44 7.75 36.25
CA ALA G 113 36.16 7.26 36.75
C ALA G 113 35.35 6.53 35.66
N GLN G 114 35.11 7.20 34.53
CA GLN G 114 34.40 6.65 33.36
C GLN G 114 34.93 5.27 32.99
N GLU G 115 36.25 5.24 32.81
CA GLU G 115 37.03 4.09 32.40
C GLU G 115 36.90 2.90 33.36
N PHE G 116 36.88 3.18 34.65
CA PHE G 116 36.60 2.17 35.65
C PHE G 116 35.16 1.68 35.59
N ARG G 117 34.17 2.58 35.53
CA ARG G 117 32.76 2.18 35.50
C ARG G 117 32.47 1.28 34.30
N GLU G 118 33.06 1.64 33.17
CA GLU G 118 32.97 0.88 31.94
C GLU G 118 33.47 -0.55 32.15
N ALA G 119 34.71 -0.69 32.64
CA ALA G 119 35.32 -1.98 32.86
C ALA G 119 34.51 -2.86 33.80
N MET G 120 34.04 -2.28 34.92
CA MET G 120 33.19 -2.98 35.87
C MET G 120 31.92 -3.49 35.20
N THR G 121 31.26 -2.62 34.44
CA THR G 121 29.99 -2.97 33.82
C THR G 121 30.17 -4.05 32.75
N MET G 122 31.26 -4.03 31.99
CA MET G 122 31.55 -5.09 31.03
C MET G 122 31.55 -6.45 31.71
N GLN G 123 32.28 -6.61 32.81
CA GLN G 123 32.26 -7.86 33.55
C GLN G 123 30.86 -8.19 34.07
N LEU G 124 30.16 -7.21 34.63
CA LEU G 124 28.85 -7.43 35.19
C LEU G 124 27.88 -7.99 34.14
N CYS G 125 27.88 -7.46 32.92
CA CYS G 125 27.12 -8.05 31.83
C CYS G 125 27.65 -9.42 31.44
N PHE G 126 28.93 -9.53 31.14
CA PHE G 126 29.46 -10.73 30.50
C PHE G 126 29.41 -11.96 31.42
N TYR G 127 29.69 -11.77 32.71
CA TYR G 127 29.77 -12.85 33.70
C TYR G 127 28.65 -12.81 34.74
N GLY G 128 27.69 -11.89 34.63
CA GLY G 128 26.62 -11.72 35.63
C GLY G 128 27.11 -11.17 36.99
N ASN G 129 28.41 -10.93 37.11
CA ASN G 129 29.08 -10.59 38.35
C ASN G 129 30.30 -9.73 38.02
N ALA G 130 30.66 -8.83 38.93
CA ALA G 130 31.90 -8.07 38.85
C ALA G 130 32.42 -7.78 40.25
N TYR G 131 33.73 -7.69 40.39
CA TYR G 131 34.40 -7.57 41.68
C TYR G 131 35.49 -6.52 41.61
N ALA G 132 35.60 -5.70 42.65
CA ALA G 132 36.75 -4.85 42.86
C ALA G 132 37.31 -5.10 44.26
N LEU G 133 38.64 -5.10 44.36
CA LEU G 133 39.31 -4.94 45.63
C LEU G 133 39.11 -3.50 46.10
N VAL G 134 38.61 -3.37 47.33
CA VAL G 134 38.49 -2.11 48.06
C VAL G 134 39.79 -1.78 48.77
N ASP G 135 40.10 -0.50 48.94
CA ASP G 135 41.09 -0.06 49.91
C ASP G 135 40.65 1.20 50.65
N ARG G 136 41.11 1.34 51.90
CA ARG G 136 40.70 2.36 52.86
C ARG G 136 41.87 2.82 53.73
N ASN G 137 41.86 4.09 54.12
CA ASN G 137 42.93 4.72 54.90
C ASN G 137 42.92 4.30 56.39
N SER G 138 43.80 4.88 57.20
CA SER G 138 43.85 4.68 58.65
C SER G 138 42.58 5.13 59.38
N ALA G 139 41.84 6.11 58.86
CA ALA G 139 40.51 6.48 59.35
C ALA G 139 39.42 5.44 58.98
N GLY G 140 39.74 4.47 58.13
CA GLY G 140 38.82 3.46 57.61
C GLY G 140 37.97 3.93 56.43
N ASP G 141 38.21 5.13 55.93
CA ASP G 141 37.51 5.69 54.77
C ASP G 141 38.15 5.23 53.46
N VAL G 142 37.33 4.88 52.46
CA VAL G 142 37.83 4.33 51.20
C VAL G 142 38.68 5.32 50.42
N ILE G 143 39.72 4.79 49.76
CA ILE G 143 40.71 5.55 49.02
C ILE G 143 41.10 4.91 47.68
N SER G 144 40.74 3.65 47.43
CA SER G 144 40.98 3.04 46.13
C SER G 144 39.98 1.94 45.78
N LEU G 145 39.77 1.74 44.49
CA LEU G 145 39.07 0.60 43.92
C LEU G 145 39.86 0.07 42.73
N LEU G 146 39.98 -1.25 42.66
CA LEU G 146 40.69 -1.92 41.58
C LEU G 146 39.91 -3.16 41.11
N PRO G 147 39.58 -3.29 39.81
CA PRO G 147 38.86 -4.45 39.30
C PRO G 147 39.62 -5.77 39.44
N LEU G 148 38.89 -6.87 39.54
CA LEU G 148 39.39 -8.24 39.65
C LEU G 148 38.71 -9.13 38.60
N GLN G 149 39.35 -10.18 38.12
CA GLN G 149 38.75 -11.06 37.10
C GLN G 149 37.60 -11.90 37.67
N SER G 150 36.37 -11.70 37.19
CA SER G 150 35.24 -12.56 37.55
C SER G 150 35.49 -14.03 37.20
N ALA G 151 36.31 -14.32 36.19
CA ALA G 151 36.72 -15.67 35.83
C ALA G 151 37.67 -16.33 36.87
N ASN G 152 38.36 -15.55 37.69
CA ASN G 152 39.28 -16.05 38.72
C ASN G 152 38.65 -16.04 40.11
N MET G 153 37.66 -15.18 40.31
CA MET G 153 36.90 -15.10 41.56
C MET G 153 35.98 -16.30 41.74
N ASP G 154 35.78 -16.69 42.99
CA ASP G 154 34.71 -17.54 43.49
C ASP G 154 34.21 -16.98 44.82
N VAL G 155 32.92 -17.13 45.11
CA VAL G 155 32.37 -16.78 46.42
C VAL G 155 31.72 -18.00 47.04
N LYS G 156 32.08 -18.33 48.28
CA LYS G 156 31.51 -19.47 49.02
C LYS G 156 31.12 -19.09 50.43
N LEU G 157 30.01 -19.63 50.90
CA LEU G 157 29.65 -19.63 52.31
C LEU G 157 30.60 -20.55 53.09
N VAL G 158 31.04 -20.10 54.27
CA VAL G 158 32.07 -20.75 55.09
C VAL G 158 31.66 -20.59 56.54
N GLY G 159 31.04 -21.63 57.11
CA GLY G 159 30.12 -21.44 58.23
C GLY G 159 29.01 -20.45 57.85
N LYS G 160 28.57 -19.62 58.79
CA LYS G 160 27.64 -18.51 58.50
C LYS G 160 28.30 -17.34 57.76
N LYS G 161 29.64 -17.27 57.74
CA LYS G 161 30.43 -16.25 57.02
C LYS G 161 30.49 -16.54 55.52
N VAL G 162 31.10 -15.65 54.76
CA VAL G 162 31.40 -15.83 53.34
C VAL G 162 32.86 -15.53 53.02
N VAL G 163 33.42 -16.23 52.05
CA VAL G 163 34.77 -16.00 51.54
C VAL G 163 34.74 -15.81 50.05
N TYR G 164 35.34 -14.71 49.62
CA TYR G 164 35.72 -14.46 48.24
C TYR G 164 37.08 -15.12 48.02
N ARG G 165 37.07 -16.32 47.45
CA ARG G 165 38.25 -17.00 46.97
C ARG G 165 38.64 -16.39 45.64
N TYR G 166 39.81 -15.78 45.55
CA TYR G 166 40.36 -15.32 44.29
C TYR G 166 41.57 -16.14 43.87
N GLN G 167 41.49 -16.82 42.72
CA GLN G 167 42.63 -17.46 42.10
C GLN G 167 43.54 -16.39 41.48
N ARG G 168 44.52 -15.89 42.22
CA ARG G 168 45.58 -15.06 41.63
C ARG G 168 46.64 -15.97 41.03
N ASP G 169 46.66 -16.08 39.72
CA ASP G 169 47.67 -16.80 38.96
C ASP G 169 47.77 -18.28 39.35
N SER G 170 48.63 -18.63 40.30
CA SER G 170 48.85 -19.97 40.82
C SER G 170 48.68 -20.01 42.35
N GLU G 171 47.95 -19.04 42.89
CA GLU G 171 47.67 -18.82 44.30
C GLU G 171 46.19 -18.54 44.49
N TYR G 172 45.73 -18.70 45.73
CA TYR G 172 44.30 -18.86 46.03
C TYR G 172 43.96 -18.00 47.24
N ALA G 173 43.99 -16.68 47.00
CA ALA G 173 43.72 -15.68 48.01
C ALA G 173 42.27 -15.76 48.48
N ASP G 174 42.03 -15.28 49.68
CA ASP G 174 40.72 -15.28 50.33
C ASP G 174 40.41 -13.91 50.92
N PHE G 175 39.18 -13.44 50.76
CA PHE G 175 38.79 -12.12 51.20
C PHE G 175 37.38 -12.09 51.78
N SER G 176 37.15 -11.07 52.60
CA SER G 176 35.93 -10.78 53.31
C SER G 176 34.96 -9.94 52.51
N GLN G 177 33.70 -9.96 52.93
CA GLN G 177 32.71 -8.97 52.52
C GLN G 177 33.12 -7.53 52.85
N LYS G 178 34.04 -7.33 53.80
CA LYS G 178 34.57 -6.04 54.20
C LYS G 178 35.47 -5.38 53.15
N GLU G 179 36.04 -6.15 52.21
CA GLU G 179 37.07 -5.64 51.30
C GLU G 179 36.85 -5.95 49.81
N ILE G 180 35.80 -6.69 49.46
CA ILE G 180 35.41 -6.95 48.06
C ILE G 180 34.07 -6.28 47.78
N PHE G 181 33.98 -5.47 46.71
CA PHE G 181 32.78 -4.68 46.47
C PHE G 181 31.61 -5.49 45.89
N HIS G 182 31.88 -6.42 44.97
CA HIS G 182 30.94 -7.40 44.38
C HIS G 182 29.57 -6.86 43.92
N LEU G 183 29.45 -6.46 42.65
CA LEU G 183 28.19 -5.90 42.11
C LEU G 183 27.04 -6.90 41.92
N LYS G 184 27.29 -8.21 41.97
CA LYS G 184 26.29 -9.27 42.21
C LYS G 184 24.97 -9.12 41.42
N GLY G 185 24.98 -9.50 40.15
CA GLY G 185 23.82 -9.37 39.25
C GLY G 185 22.69 -10.40 39.48
N PHE G 186 21.81 -10.51 38.48
CA PHE G 186 20.61 -11.35 38.44
C PHE G 186 20.86 -12.84 38.74
N GLY G 187 20.21 -13.42 39.76
CA GLY G 187 20.33 -14.85 40.07
C GLY G 187 19.47 -15.35 41.24
N PHE G 188 19.14 -16.65 41.25
CA PHE G 188 18.18 -17.24 42.20
C PHE G 188 18.60 -17.18 43.67
N THR G 189 19.90 -17.25 43.97
CA THR G 189 20.39 -17.33 45.36
C THR G 189 20.36 -15.99 46.09
N GLY G 190 20.38 -14.87 45.36
CA GLY G 190 20.68 -13.55 45.92
C GLY G 190 22.14 -13.38 46.38
N LEU G 191 22.98 -14.39 46.18
CA LEU G 191 24.40 -14.41 46.56
C LEU G 191 25.34 -14.21 45.37
N VAL G 192 24.97 -14.68 44.18
CA VAL G 192 25.74 -14.51 42.93
C VAL G 192 24.80 -14.43 41.74
N GLY G 193 25.24 -13.77 40.67
CA GLY G 193 24.48 -13.69 39.42
C GLY G 193 24.72 -14.90 38.52
N LEU G 194 23.75 -15.26 37.69
CA LEU G 194 23.86 -16.26 36.64
C LEU G 194 24.70 -15.72 35.49
N SER G 195 25.81 -16.38 35.16
CA SER G 195 26.74 -15.89 34.15
C SER G 195 26.16 -16.04 32.73
N PRO G 196 25.76 -14.97 32.02
CA PRO G 196 24.89 -15.12 30.86
C PRO G 196 25.55 -15.88 29.72
N ILE G 197 26.86 -15.70 29.56
CA ILE G 197 27.69 -16.43 28.62
C ILE G 197 27.52 -17.94 28.75
N ALA G 198 27.33 -18.45 29.97
CA ALA G 198 27.17 -19.88 30.19
C ALA G 198 25.86 -20.41 29.59
N PHE G 199 24.80 -19.60 29.59
CA PHE G 199 23.50 -20.01 29.06
C PHE G 199 23.42 -19.79 27.56
N ALA G 200 23.97 -18.67 27.09
CA ALA G 200 23.97 -18.31 25.68
C ALA G 200 24.77 -19.26 24.78
N CYS G 201 25.62 -20.13 25.35
CA CYS G 201 26.56 -20.94 24.59
C CYS G 201 25.93 -21.77 23.45
N LYS G 202 24.69 -22.27 23.59
CA LYS G 202 24.09 -23.10 22.54
C LYS G 202 23.66 -22.30 21.32
N SER G 203 22.90 -21.22 21.50
CA SER G 203 22.55 -20.37 20.37
C SER G 203 23.81 -19.75 19.74
N ALA G 204 24.78 -19.36 20.55
CA ALA G 204 26.08 -18.94 20.03
C ALA G 204 26.74 -20.05 19.22
N GLY G 205 26.66 -21.30 19.68
CA GLY G 205 27.14 -22.47 18.97
C GLY G 205 26.52 -22.60 17.59
N VAL G 206 25.22 -22.41 17.49
CA VAL G 206 24.54 -22.41 16.19
C VAL G 206 25.04 -21.28 15.32
N ALA G 207 25.16 -20.07 15.87
CA ALA G 207 25.62 -18.94 15.10
C ALA G 207 27.01 -19.20 14.52
N VAL G 208 27.97 -19.63 15.34
CA VAL G 208 29.31 -19.89 14.84
C VAL G 208 29.32 -21.06 13.87
N ALA G 209 28.47 -22.08 14.04
CA ALA G 209 28.41 -23.17 13.08
C ALA G 209 27.99 -22.69 11.69
N MET G 210 26.93 -21.88 11.64
CA MET G 210 26.43 -21.31 10.39
C MET G 210 27.47 -20.41 9.74
N GLU G 211 28.08 -19.53 10.52
CA GLU G 211 29.09 -18.61 10.03
C GLU G 211 30.26 -19.36 9.40
N ASP G 212 30.75 -20.39 10.08
CA ASP G 212 31.86 -21.19 9.58
C ASP G 212 31.51 -21.89 8.27
N GLN G 213 30.34 -22.53 8.21
CA GLN G 213 29.88 -23.21 7.01
C GLN G 213 29.72 -22.23 5.84
N GLN G 214 29.09 -21.10 6.12
CA GLN G 214 28.79 -20.06 5.14
C GLN G 214 30.07 -19.58 4.45
N ARG G 215 31.14 -19.34 5.22
CA ARG G 215 32.43 -18.94 4.66
C ARG G 215 32.94 -20.00 3.68
N ASP G 216 33.07 -21.21 4.16
CA ASP G 216 33.93 -22.17 3.46
C ASP G 216 33.32 -22.66 2.15
N PHE G 217 32.02 -22.47 1.95
CA PHE G 217 31.41 -22.63 0.65
C PHE G 217 32.06 -21.74 -0.44
N PHE G 218 32.28 -20.46 -0.14
CA PHE G 218 32.97 -19.55 -1.07
C PHE G 218 34.45 -19.81 -1.10
N ALA G 219 35.06 -20.25 0.00
CA ALA G 219 36.45 -20.69 -0.01
C ALA G 219 36.66 -21.91 -0.94
N ASN G 220 35.62 -22.70 -1.17
CA ASN G 220 35.59 -23.78 -2.16
C ASN G 220 35.16 -23.29 -3.56
N GLY G 221 35.27 -21.99 -3.84
CA GLY G 221 34.91 -21.44 -5.15
C GLY G 221 33.45 -21.70 -5.52
N ALA G 222 32.58 -21.85 -4.52
CA ALA G 222 31.15 -22.14 -4.71
C ALA G 222 30.89 -23.41 -5.55
N LYS G 223 31.68 -24.46 -5.35
CA LYS G 223 31.48 -25.78 -5.96
C LYS G 223 31.10 -26.84 -4.93
N SER G 224 30.05 -27.60 -5.22
CA SER G 224 29.41 -28.50 -4.26
C SER G 224 30.22 -29.79 -4.02
N PRO G 225 30.05 -30.45 -2.86
CA PRO G 225 30.64 -31.76 -2.59
C PRO G 225 30.13 -32.82 -3.58
N GLN G 226 30.97 -33.79 -3.92
CA GLN G 226 30.72 -34.81 -4.95
C GLN G 226 30.99 -36.23 -4.46
N ILE G 227 30.12 -37.15 -4.81
CA ILE G 227 30.42 -38.58 -4.75
C ILE G 227 31.41 -38.93 -5.87
N LEU G 228 32.51 -39.59 -5.53
CA LEU G 228 33.53 -40.13 -6.42
C LEU G 228 33.38 -41.64 -6.50
N SER G 229 32.62 -42.13 -7.47
CA SER G 229 32.69 -43.54 -7.81
C SER G 229 34.00 -43.84 -8.52
N THR G 230 34.70 -44.90 -8.12
CA THR G 230 35.96 -45.33 -8.75
C THR G 230 35.73 -46.16 -10.02
N GLY G 231 34.80 -45.71 -10.86
CA GLY G 231 34.41 -46.42 -12.06
C GLY G 231 33.80 -47.80 -11.79
N GLU G 232 33.95 -48.70 -12.76
CA GLU G 232 33.36 -50.04 -12.77
C GLU G 232 34.38 -51.20 -12.85
N LYS G 233 35.66 -50.91 -12.65
CA LYS G 233 36.76 -51.90 -12.52
C LYS G 233 37.75 -51.45 -11.44
N VAL G 234 38.29 -52.38 -10.66
CA VAL G 234 39.38 -52.13 -9.72
C VAL G 234 40.61 -51.57 -10.44
N LEU G 235 41.37 -50.74 -9.72
CA LEU G 235 42.58 -50.05 -10.17
C LEU G 235 43.67 -50.18 -9.09
N THR G 236 44.93 -49.98 -9.46
CA THR G 236 46.06 -50.05 -8.51
C THR G 236 45.96 -48.96 -7.44
N GLU G 237 46.63 -49.17 -6.31
CA GLU G 237 46.69 -48.16 -5.25
C GLU G 237 47.36 -46.87 -5.74
N GLN G 238 48.26 -46.97 -6.73
CA GLN G 238 48.82 -45.77 -7.35
C GLN G 238 47.79 -45.09 -8.24
N GLN G 239 47.03 -45.81 -9.06
CA GLN G 239 45.94 -45.20 -9.83
C GLN G 239 44.91 -44.53 -8.90
N ARG G 240 44.59 -45.16 -7.75
CA ARG G 240 43.80 -44.55 -6.67
C ARG G 240 44.48 -43.28 -6.13
N SER G 241 45.77 -43.30 -5.83
CA SER G 241 46.52 -42.09 -5.48
C SER G 241 46.47 -41.02 -6.57
N GLN G 242 46.43 -41.41 -7.84
CA GLN G 242 46.32 -40.45 -8.92
C GLN G 242 44.94 -39.83 -9.01
N VAL G 243 43.89 -40.41 -8.42
CA VAL G 243 42.62 -39.69 -8.27
C VAL G 243 42.86 -38.38 -7.50
N GLU G 244 43.71 -38.43 -6.48
CA GLU G 244 44.09 -37.24 -5.72
C GLU G 244 44.92 -36.30 -6.59
N GLU G 245 45.81 -36.84 -7.40
CA GLU G 245 46.65 -36.04 -8.30
C GLU G 245 45.79 -35.36 -9.38
N ASN G 246 44.77 -36.06 -9.88
CA ASN G 246 43.85 -35.59 -10.89
C ASN G 246 42.94 -34.47 -10.34
N PHE G 247 42.43 -34.64 -9.12
CA PHE G 247 41.34 -33.81 -8.59
C PHE G 247 41.77 -33.03 -7.35
N LYS G 248 40.96 -33.05 -6.28
CA LYS G 248 41.11 -32.44 -4.93
C LYS G 248 41.33 -30.92 -4.84
N GLU G 249 41.98 -30.27 -5.81
CA GLU G 249 42.15 -28.81 -5.89
C GLU G 249 40.90 -28.06 -6.39
N ILE G 250 39.76 -28.74 -6.52
CA ILE G 250 38.47 -28.17 -6.95
C ILE G 250 37.98 -27.05 -6.01
N ALA G 251 38.51 -26.92 -4.79
CA ALA G 251 38.27 -25.76 -3.93
C ALA G 251 38.81 -24.43 -4.49
N GLY G 252 39.90 -24.45 -5.27
CA GLY G 252 40.47 -23.28 -5.94
C GLY G 252 39.77 -22.93 -7.25
N GLY G 253 40.20 -21.85 -7.89
CA GLY G 253 39.62 -21.35 -9.15
C GLY G 253 39.99 -22.08 -10.46
N PRO G 254 41.26 -22.43 -10.75
CA PRO G 254 41.75 -22.55 -12.12
C PRO G 254 41.54 -23.91 -12.81
N VAL G 255 40.98 -24.91 -12.14
CA VAL G 255 40.88 -26.30 -12.66
C VAL G 255 40.03 -26.39 -13.93
N LYS G 256 38.88 -25.72 -13.93
CA LYS G 256 37.93 -25.42 -15.04
C LYS G 256 37.43 -26.57 -15.93
N LYS G 257 38.33 -27.34 -16.52
CA LYS G 257 38.06 -28.29 -17.62
C LYS G 257 38.72 -29.65 -17.49
N ARG G 258 39.83 -29.77 -16.74
CA ARG G 258 40.53 -31.06 -16.51
C ARG G 258 39.80 -32.03 -15.59
N LEU G 259 38.51 -31.81 -15.37
CA LEU G 259 37.62 -32.69 -14.64
C LEU G 259 37.24 -33.87 -15.55
N TRP G 260 38.25 -34.56 -16.05
CA TRP G 260 38.18 -35.65 -17.01
C TRP G 260 37.85 -36.99 -16.31
N ILE G 261 36.71 -37.58 -16.65
CA ILE G 261 36.35 -38.95 -16.26
C ILE G 261 37.30 -39.93 -16.93
N LEU G 262 37.92 -40.82 -16.15
CA LEU G 262 38.81 -41.84 -16.69
C LEU G 262 38.03 -42.93 -17.45
N GLU G 263 38.76 -43.71 -18.24
CA GLU G 263 38.26 -44.59 -19.31
C GLU G 263 37.65 -45.91 -18.79
N ALA G 264 36.93 -45.87 -17.66
CA ALA G 264 36.32 -47.03 -17.00
C ALA G 264 34.93 -46.70 -16.40
N GLY G 265 34.08 -46.04 -17.19
CA GLY G 265 32.71 -45.71 -16.82
C GLY G 265 32.61 -44.43 -16.00
N PHE G 266 32.61 -44.56 -14.66
CA PHE G 266 32.40 -43.51 -13.67
C PHE G 266 30.99 -42.89 -13.69
N SER G 267 30.58 -42.34 -12.56
CA SER G 267 29.17 -41.98 -12.28
C SER G 267 29.06 -40.86 -11.23
N THR G 268 30.06 -39.99 -11.16
CA THR G 268 30.22 -38.96 -10.11
C THR G 268 29.13 -37.88 -10.17
N SER G 269 28.68 -37.38 -9.01
CA SER G 269 27.61 -36.37 -8.92
C SER G 269 27.60 -35.63 -7.57
N ALA G 270 26.87 -34.52 -7.49
CA ALA G 270 26.85 -33.66 -6.31
C ALA G 270 25.98 -34.22 -5.16
N ILE G 271 26.36 -33.88 -3.92
CA ILE G 271 25.63 -34.26 -2.69
C ILE G 271 25.37 -33.10 -1.71
N GLY G 272 25.78 -31.87 -2.04
CA GLY G 272 25.40 -30.68 -1.27
C GLY G 272 24.03 -30.14 -1.69
N VAL G 273 23.31 -29.47 -0.78
CA VAL G 273 21.92 -29.00 -1.03
C VAL G 273 21.79 -27.67 -1.76
N THR G 274 22.89 -26.93 -1.92
CA THR G 274 22.93 -25.52 -2.36
C THR G 274 22.37 -24.54 -1.33
N PRO G 275 23.04 -23.42 -1.04
CA PRO G 275 22.52 -22.34 -0.18
C PRO G 275 21.21 -21.71 -0.67
N GLN G 276 20.73 -22.07 -1.87
CA GLN G 276 19.37 -21.80 -2.29
C GLN G 276 18.32 -22.61 -1.51
N ASP G 277 18.73 -23.47 -0.57
CA ASP G 277 17.85 -23.96 0.47
C ASP G 277 17.16 -22.79 1.21
N ALA G 278 15.99 -23.01 1.81
CA ALA G 278 15.21 -21.91 2.38
C ALA G 278 15.70 -21.43 3.75
N GLU G 279 16.72 -22.07 4.34
CA GLU G 279 17.32 -21.59 5.58
C GLU G 279 18.31 -20.47 5.30
N MET G 280 19.29 -20.74 4.43
CA MET G 280 20.60 -20.10 4.49
C MET G 280 20.61 -18.63 4.93
N MET G 281 20.03 -17.73 4.14
CA MET G 281 20.04 -16.31 4.46
C MET G 281 19.20 -15.98 5.68
N ALA G 282 17.91 -16.34 5.67
CA ALA G 282 16.99 -16.05 6.76
C ALA G 282 17.51 -16.55 8.10
N SER G 283 18.17 -17.70 8.09
CA SER G 283 18.78 -18.31 9.25
C SER G 283 19.71 -17.36 9.99
N ARG G 284 20.56 -16.64 9.24
CA ARG G 284 21.50 -15.68 9.82
C ARG G 284 20.74 -14.58 10.54
N LYS G 285 19.76 -13.99 9.86
CA LYS G 285 18.97 -12.89 10.42
C LYS G 285 18.32 -13.31 11.72
N PHE G 286 17.73 -14.49 11.76
CA PHE G 286 17.03 -14.98 12.93
C PHE G 286 17.89 -14.99 14.19
N GLN G 287 19.11 -15.53 14.08
CA GLN G 287 20.05 -15.75 15.17
C GLN G 287 20.51 -14.45 15.83
N VAL G 288 20.48 -13.31 15.14
CA VAL G 288 20.80 -12.05 15.80
C VAL G 288 19.86 -11.81 16.97
N SER G 289 18.58 -12.07 16.78
CA SER G 289 17.60 -11.87 17.85
C SER G 289 17.87 -12.78 19.04
N GLU G 290 18.27 -14.02 18.76
CA GLU G 290 18.55 -14.99 19.80
C GLU G 290 19.64 -14.51 20.74
N LEU G 291 20.73 -14.01 20.18
CA LEU G 291 21.82 -13.51 20.99
C LEU G 291 21.43 -12.21 21.70
N ALA G 292 20.75 -11.31 21.00
CA ALA G 292 20.30 -10.07 21.60
C ALA G 292 19.43 -10.31 22.83
N ARG G 293 18.59 -11.35 22.83
CA ARG G 293 17.72 -11.65 23.96
C ARG G 293 18.46 -11.99 25.25
N PHE G 294 19.71 -12.46 25.21
CA PHE G 294 20.45 -12.63 26.45
C PHE G 294 20.78 -11.32 27.14
N PHE G 295 20.90 -10.24 26.37
CA PHE G 295 21.24 -8.91 26.87
C PHE G 295 20.02 -7.98 26.96
N GLY G 296 18.93 -8.31 26.28
CA GLY G 296 17.68 -7.56 26.34
C GLY G 296 17.73 -6.22 25.62
N VAL G 297 18.35 -6.18 24.43
CA VAL G 297 18.48 -4.97 23.63
C VAL G 297 17.50 -5.01 22.45
N PRO G 298 16.68 -3.96 22.23
CA PRO G 298 15.79 -3.85 21.08
C PRO G 298 16.54 -3.95 19.74
N PRO G 299 16.21 -4.89 18.84
CA PRO G 299 17.06 -5.22 17.69
C PRO G 299 17.29 -4.09 16.70
N HIS G 300 16.38 -3.12 16.62
CA HIS G 300 16.61 -1.96 15.76
C HIS G 300 17.79 -1.11 16.25
N LEU G 301 18.04 -1.05 17.57
CA LEU G 301 19.26 -0.44 18.10
C LEU G 301 20.49 -1.26 17.74
N VAL G 302 20.33 -2.57 17.56
CA VAL G 302 21.38 -3.50 17.10
C VAL G 302 21.57 -3.41 15.57
N GLY G 303 20.82 -2.53 14.90
CA GLY G 303 21.00 -2.21 13.48
C GLY G 303 20.28 -3.16 12.51
N ASP G 304 19.32 -3.95 12.99
CA ASP G 304 18.59 -4.87 12.12
C ASP G 304 17.38 -4.23 11.42
N VAL G 305 17.14 -4.66 10.18
CA VAL G 305 15.86 -4.62 9.46
C VAL G 305 15.11 -3.29 9.56
N GLU G 306 14.18 -3.14 10.50
CA GLU G 306 13.27 -2.00 10.57
C GLU G 306 13.04 -1.51 12.01
N LYS G 307 12.85 -0.20 12.13
CA LYS G 307 12.82 0.56 13.40
C LYS G 307 11.39 0.65 13.95
N SER G 308 11.25 1.00 15.24
CA SER G 308 9.99 0.82 15.97
C SER G 308 8.81 1.60 15.39
N THR G 309 7.83 0.88 14.85
CA THR G 309 6.65 1.47 14.19
C THR G 309 5.57 1.99 15.14
N SER G 310 5.45 1.42 16.34
CA SER G 310 4.18 1.42 17.10
C SER G 310 4.33 1.51 18.63
N TRP G 311 5.32 2.27 19.11
CA TRP G 311 5.45 2.66 20.53
C TRP G 311 5.82 4.13 20.76
N GLY G 312 5.63 4.97 19.73
CA GLY G 312 6.11 6.35 19.67
C GLY G 312 7.26 6.48 18.67
N SER G 313 7.17 7.43 17.75
CA SER G 313 8.17 7.67 16.71
C SER G 313 9.31 8.58 17.17
N GLY G 314 9.06 9.52 18.07
CA GLY G 314 10.05 10.51 18.50
C GLY G 314 11.22 9.90 19.27
N ILE G 315 12.42 10.46 19.05
CA ILE G 315 13.66 9.97 19.64
C ILE G 315 13.57 9.82 21.16
N GLU G 316 12.91 10.76 21.82
CA GLU G 316 12.70 10.74 23.25
C GLU G 316 11.96 9.48 23.70
N GLN G 317 10.97 9.04 22.93
CA GLN G 317 10.26 7.81 23.26
C GLN G 317 11.13 6.58 23.02
N GLN G 318 12.02 6.60 22.03
CA GLN G 318 13.00 5.52 21.89
C GLN G 318 13.86 5.45 23.15
N ASN G 319 14.30 6.59 23.64
CA ASN G 319 15.15 6.66 24.82
C ASN G 319 14.42 6.19 26.07
N LEU G 320 13.18 6.60 26.28
CA LEU G 320 12.37 6.11 27.39
C LEU G 320 12.20 4.60 27.31
N GLY G 321 11.88 4.07 26.14
CA GLY G 321 11.76 2.63 25.96
C GLY G 321 13.05 1.92 26.37
N PHE G 322 14.17 2.37 25.84
CA PHE G 322 15.45 1.77 26.15
C PHE G 322 15.80 1.90 27.63
N LEU G 323 15.47 3.02 28.25
CA LEU G 323 15.71 3.22 29.67
C LEU G 323 14.89 2.25 30.49
N GLN G 324 13.57 2.33 30.36
CA GLN G 324 12.63 1.64 31.23
C GLN G 324 12.70 0.13 31.08
N TYR G 325 13.02 -0.37 29.89
CA TYR G 325 13.04 -1.80 29.63
C TYR G 325 14.45 -2.40 29.54
N THR G 326 15.52 -1.60 29.57
CA THR G 326 16.87 -2.15 29.44
C THR G 326 17.87 -1.51 30.39
N LEU G 327 18.04 -0.20 30.41
CA LEU G 327 19.13 0.42 31.17
C LEU G 327 18.87 0.47 32.67
N GLN G 328 17.65 0.81 33.08
CA GLN G 328 17.30 1.11 34.46
C GLN G 328 17.90 0.17 35.53
N PRO G 329 17.93 -1.15 35.34
CA PRO G 329 18.35 -2.05 36.41
C PRO G 329 19.81 -1.85 36.80
N TYR G 330 20.66 -1.56 35.83
CA TYR G 330 22.06 -1.32 36.08
C TYR G 330 22.27 -0.08 36.92
N ILE G 331 21.48 0.95 36.63
CA ILE G 331 21.52 2.19 37.37
C ILE G 331 21.20 1.90 38.84
N SER G 332 20.14 1.13 39.07
CA SER G 332 19.76 0.69 40.40
C SER G 332 20.90 -0.08 41.06
N ARG G 333 21.48 -1.08 40.38
CA ARG G 333 22.55 -1.90 40.99
C ARG G 333 23.71 -1.06 41.44
N TRP G 334 24.20 -0.12 40.63
CA TRP G 334 25.29 0.76 41.04
C TRP G 334 24.89 1.57 42.28
N GLU G 335 23.84 2.36 42.17
CA GLU G 335 23.45 3.29 43.23
C GLU G 335 23.17 2.54 44.53
N ASN G 336 22.46 1.43 44.45
CA ASN G 336 22.17 0.61 45.62
C ASN G 336 23.42 0.00 46.22
N SER G 337 24.34 -0.54 45.42
CA SER G 337 25.55 -1.14 45.97
C SER G 337 26.40 -0.12 46.72
N ILE G 338 26.51 1.08 46.15
CA ILE G 338 27.24 2.15 46.79
C ILE G 338 26.63 2.47 48.14
N GLN G 339 25.30 2.62 48.18
CA GLN G 339 24.58 2.91 49.41
C GLN G 339 24.63 1.77 50.44
N ARG G 340 24.75 0.52 49.99
CA ARG G 340 24.72 -0.66 50.86
C ARG G 340 26.06 -0.99 51.49
N TRP G 341 27.16 -0.68 50.81
CA TRP G 341 28.49 -1.10 51.23
C TRP G 341 29.48 0.04 51.44
N LEU G 342 29.39 1.12 50.67
CA LEU G 342 30.40 2.17 50.68
C LEU G 342 30.03 3.33 51.60
N ILE G 343 28.79 3.81 51.51
CA ILE G 343 28.29 4.82 52.45
C ILE G 343 28.12 4.16 53.83
N PRO G 344 28.74 4.67 54.90
CA PRO G 344 28.56 4.14 56.25
C PRO G 344 27.13 4.34 56.78
N SER G 345 26.69 3.45 57.66
CA SER G 345 25.31 3.41 58.18
C SER G 345 24.84 4.74 58.78
N LYS G 346 25.71 5.42 59.53
CA LYS G 346 25.44 6.73 60.15
C LYS G 346 25.13 7.85 59.13
N ASP G 347 25.51 7.68 57.88
CA ASP G 347 25.32 8.64 56.80
C ASP G 347 24.19 8.28 55.83
N VAL G 348 23.58 7.10 56.01
CA VAL G 348 22.41 6.69 55.25
C VAL G 348 21.28 7.70 55.42
N GLY G 349 20.63 8.07 54.32
CA GLY G 349 19.61 9.13 54.28
C GLY G 349 20.18 10.55 54.28
N ARG G 350 21.41 10.76 54.77
CA ARG G 350 22.11 12.04 54.62
C ARG G 350 22.79 12.12 53.27
N LEU G 351 23.58 11.10 52.94
CA LEU G 351 24.33 11.02 51.69
C LEU G 351 23.61 10.11 50.71
N HIS G 352 23.60 10.52 49.44
CA HIS G 352 22.86 9.84 48.40
C HIS G 352 23.55 9.99 47.04
N ALA G 353 24.04 8.90 46.46
CA ALA G 353 24.61 8.90 45.11
C ALA G 353 23.52 8.71 44.04
N GLU G 354 23.59 9.46 42.95
CA GLU G 354 22.69 9.32 41.81
C GLU G 354 23.33 9.65 40.46
N HIS G 355 22.93 8.92 39.43
CA HIS G 355 23.16 9.31 38.04
C HIS G 355 22.24 10.44 37.60
N ASN G 356 22.61 11.14 36.52
CA ASN G 356 21.75 12.10 35.83
C ASN G 356 21.23 11.51 34.49
N LEU G 357 19.92 11.55 34.28
CA LEU G 357 19.23 10.98 33.10
C LEU G 357 19.12 11.93 31.91
N ASP G 358 19.33 13.23 32.12
CA ASP G 358 18.98 14.25 31.12
C ASP G 358 19.76 14.09 29.81
N GLY G 359 20.98 13.57 29.87
CA GLY G 359 21.78 13.28 28.68
C GLY G 359 21.08 12.34 27.71
N LEU G 360 20.22 11.44 28.19
CA LEU G 360 19.34 10.61 27.37
C LEU G 360 18.00 11.29 27.15
N LEU G 361 17.37 11.82 28.20
CA LEU G 361 16.01 12.37 28.08
C LEU G 361 15.94 13.68 27.30
N ARG G 362 17.08 14.21 26.85
CA ARG G 362 17.19 15.38 25.99
C ARG G 362 16.23 15.32 24.79
N GLY G 363 15.31 16.29 24.72
CA GLY G 363 14.46 16.52 23.54
C GLY G 363 15.13 17.38 22.46
N ASP G 364 14.45 17.55 21.34
CA ASP G 364 14.87 18.51 20.32
C ASP G 364 14.59 19.97 20.71
N SER G 365 15.10 20.88 19.91
CA SER G 365 14.97 22.32 20.07
C SER G 365 13.51 22.74 20.26
N ALA G 366 12.61 22.27 19.41
CA ALA G 366 11.21 22.66 19.46
C ALA G 366 10.56 22.21 20.77
N SER G 367 10.72 20.94 21.12
CA SER G 367 10.12 20.38 22.31
C SER G 367 10.69 21.04 23.55
N ARG G 368 12.02 21.20 23.63
CA ARG G 368 12.62 21.81 24.83
C ARG G 368 12.22 23.28 24.98
N ALA G 369 12.12 24.03 23.89
CA ALA G 369 11.63 25.40 23.95
C ALA G 369 10.20 25.44 24.50
N ALA G 370 9.30 24.65 23.94
CA ALA G 370 7.92 24.58 24.41
C ALA G 370 7.85 24.19 25.89
N PHE G 371 8.62 23.18 26.29
CA PHE G 371 8.71 22.74 27.67
C PHE G 371 9.11 23.87 28.61
N MET G 372 10.22 24.56 28.32
CA MET G 372 10.66 25.66 29.17
C MET G 372 9.62 26.76 29.26
N LYS G 373 8.99 27.12 28.13
CA LYS G 373 7.93 28.13 28.14
C LYS G 373 6.77 27.72 29.04
N ALA G 374 6.40 26.44 29.01
CA ALA G 374 5.38 25.89 29.89
C ALA G 374 5.79 25.81 31.36
N MET G 375 7.08 25.98 31.71
CA MET G 375 7.49 26.17 33.10
C MET G 375 7.63 27.64 33.48
N GLY G 376 7.93 28.49 32.49
CA GLY G 376 8.05 29.93 32.65
C GLY G 376 6.69 30.54 32.99
N GLU G 377 5.72 30.44 32.08
CA GLU G 377 4.32 30.47 32.49
C GLU G 377 4.02 29.21 33.29
N SER G 378 2.95 29.21 34.09
CA SER G 378 2.78 28.37 35.30
C SER G 378 3.78 28.69 36.42
N GLY G 379 5.02 29.04 36.10
CA GLY G 379 6.00 29.46 37.10
C GLY G 379 6.61 28.28 37.88
N LEU G 380 6.67 27.10 37.26
CA LEU G 380 7.36 25.94 37.82
C LEU G 380 8.89 26.10 37.90
N ARG G 381 9.49 27.07 37.22
CA ARG G 381 10.89 27.48 37.42
C ARG G 381 11.06 28.98 37.32
N THR G 382 12.09 29.46 38.00
CA THR G 382 12.75 30.73 37.73
C THR G 382 13.58 30.66 36.45
N ILE G 383 13.84 31.81 35.84
CA ILE G 383 14.80 31.88 34.73
C ILE G 383 16.16 31.38 35.18
N ASN G 384 16.58 31.69 36.40
CA ASN G 384 17.88 31.26 36.92
C ASN G 384 18.04 29.76 36.94
N GLU G 385 17.04 29.02 37.42
CA GLU G 385 17.09 27.56 37.39
C GLU G 385 17.25 27.07 35.96
N MET G 386 16.43 27.55 35.04
CA MET G 386 16.51 27.12 33.65
C MET G 386 17.86 27.48 33.03
N ARG G 387 18.37 28.69 33.26
CA ARG G 387 19.71 29.11 32.84
C ARG G 387 20.82 28.28 33.45
N ARG G 388 20.62 27.72 34.64
CA ARG G 388 21.61 26.83 35.23
C ARG G 388 21.71 25.54 34.43
N THR G 389 20.61 25.06 33.85
CA THR G 389 20.60 23.77 33.13
C THR G 389 21.56 23.79 31.94
N ASP G 390 21.68 24.92 31.27
CA ASP G 390 22.60 25.16 30.16
C ASP G 390 23.71 26.13 30.54
N ASN G 391 24.02 26.23 31.84
CA ASN G 391 25.13 26.99 32.42
C ASN G 391 25.26 28.46 31.97
N MET G 392 24.15 29.07 31.54
CA MET G 392 24.09 30.50 31.25
C MET G 392 24.29 31.34 32.52
N PRO G 393 24.85 32.55 32.43
CA PRO G 393 24.93 33.46 33.56
C PRO G 393 23.54 33.81 34.11
N PRO G 394 23.36 33.87 35.44
CA PRO G 394 22.09 34.23 36.07
C PRO G 394 21.76 35.72 35.92
N LEU G 395 20.50 36.06 36.21
CA LEU G 395 19.89 37.40 36.12
C LEU G 395 18.86 37.60 37.25
N PRO G 396 18.41 38.82 37.58
CA PRO G 396 17.33 39.02 38.54
C PRO G 396 16.07 38.20 38.21
N GLY G 397 15.64 37.34 39.13
CA GLY G 397 14.50 36.44 38.97
C GLY G 397 14.31 35.47 40.14
N ILE H 52 44.97 -13.40 6.65
CA ILE H 52 44.30 -12.07 6.69
C ILE H 52 45.19 -11.04 7.41
N ASN H 53 45.11 -9.75 7.04
CA ASN H 53 45.89 -8.69 7.67
C ASN H 53 45.12 -7.37 7.75
N ASP H 54 45.58 -6.47 8.61
CA ASP H 54 44.88 -5.24 8.95
C ASP H 54 44.63 -4.34 7.74
N GLU H 55 45.57 -4.27 6.81
CA GLU H 55 45.42 -3.44 5.62
C GLU H 55 44.36 -4.01 4.68
N ARG H 56 44.35 -5.33 4.47
CA ARG H 56 43.29 -5.98 3.68
C ARG H 56 41.94 -5.76 4.32
N ILE H 57 41.86 -5.76 5.66
CA ILE H 57 40.61 -5.46 6.36
C ILE H 57 40.24 -3.99 6.12
N LEU H 58 41.19 -3.07 6.23
CA LEU H 58 40.93 -1.67 6.00
C LEU H 58 40.47 -1.37 4.58
N GLN H 59 40.84 -2.20 3.61
CA GLN H 59 40.33 -2.09 2.24
C GLN H 59 38.83 -2.44 2.09
N ILE H 60 38.12 -2.87 3.13
CA ILE H 60 36.66 -3.02 3.07
C ILE H 60 35.96 -1.65 3.20
N SER H 61 35.13 -1.27 2.23
CA SER H 61 34.53 0.08 2.16
C SER H 61 33.81 0.48 3.45
N THR H 62 33.10 -0.45 4.05
CA THR H 62 32.34 -0.24 5.28
C THR H 62 33.24 0.17 6.42
N VAL H 63 34.36 -0.54 6.58
CA VAL H 63 35.33 -0.27 7.64
C VAL H 63 35.95 1.10 7.42
N TRP H 64 36.40 1.36 6.20
CA TRP H 64 36.95 2.64 5.81
C TRP H 64 35.98 3.78 6.16
N ARG H 65 34.71 3.65 5.77
CA ARG H 65 33.71 4.67 6.03
C ARG H 65 33.52 4.89 7.52
N CYS H 66 33.33 3.84 8.31
CA CYS H 66 33.07 3.99 9.74
C CYS H 66 34.20 4.75 10.42
N VAL H 67 35.43 4.30 10.20
CA VAL H 67 36.59 4.93 10.80
C VAL H 67 36.68 6.38 10.36
N SER H 68 36.51 6.62 9.06
CA SER H 68 36.52 7.98 8.53
C SER H 68 35.51 8.84 9.26
N LEU H 69 34.26 8.38 9.31
CA LEU H 69 33.18 9.17 9.83
C LEU H 69 33.45 9.57 11.28
N ILE H 70 33.63 8.59 12.16
CA ILE H 70 33.69 8.83 13.60
C ILE H 70 34.82 9.80 13.92
N SER H 71 36.02 9.45 13.45
CA SER H 71 37.21 10.25 13.73
C SER H 71 37.07 11.66 13.19
N THR H 72 36.58 11.79 11.96
CA THR H 72 36.50 13.09 11.32
C THR H 72 35.46 13.95 12.00
N LEU H 73 34.30 13.39 12.36
CA LEU H 73 33.27 14.15 13.02
C LEU H 73 33.76 14.69 14.34
N THR H 74 34.34 13.85 15.20
CA THR H 74 34.86 14.39 16.45
C THR H 74 36.00 15.36 16.23
N ALA H 75 36.73 15.26 15.13
CA ALA H 75 37.77 16.22 14.79
C ALA H 75 37.19 17.56 14.28
N CYS H 76 35.98 17.58 13.74
CA CYS H 76 35.34 18.80 13.28
C CYS H 76 34.79 19.65 14.43
N LEU H 77 34.47 19.05 15.57
CA LEU H 77 33.84 19.79 16.67
C LEU H 77 34.77 20.89 17.21
N PRO H 78 34.24 22.08 17.54
CA PRO H 78 34.98 23.04 18.33
C PRO H 78 35.30 22.45 19.70
N LEU H 79 36.53 22.64 20.19
CA LEU H 79 36.93 22.31 21.55
C LEU H 79 37.32 23.57 22.29
N ASP H 80 36.65 23.82 23.40
CA ASP H 80 36.81 25.02 24.20
C ASP H 80 37.33 24.70 25.60
N VAL H 81 38.04 25.65 26.17
CA VAL H 81 38.62 25.56 27.51
C VAL H 81 38.10 26.71 28.35
N PHE H 82 37.85 26.46 29.61
CA PHE H 82 37.17 27.35 30.51
C PHE H 82 37.90 27.48 31.82
N GLU H 83 37.94 28.70 32.31
CA GLU H 83 38.16 28.96 33.72
C GLU H 83 36.81 29.20 34.36
N THR H 84 36.63 28.58 35.51
CA THR H 84 35.36 28.51 36.22
C THR H 84 35.51 29.33 37.47
N ASP H 85 34.70 30.37 37.61
CA ASP H 85 34.72 31.21 38.81
C ASP H 85 34.12 30.45 40.02
N GLN H 86 34.45 30.89 41.24
CA GLN H 86 33.91 30.33 42.48
C GLN H 86 32.38 30.41 42.61
N ASN H 87 31.72 31.40 41.99
CA ASN H 87 30.27 31.50 41.88
C ASN H 87 29.69 30.59 40.77
N ASP H 88 30.51 29.74 40.17
CA ASP H 88 30.18 28.77 39.13
C ASP H 88 29.75 29.39 37.79
N ASN H 89 30.46 30.43 37.35
CA ASN H 89 30.34 31.01 36.01
C ASN H 89 31.52 30.59 35.13
N ARG H 90 31.25 30.17 33.89
CA ARG H 90 32.29 29.89 32.89
C ARG H 90 32.82 31.18 32.28
N LYS H 91 34.14 31.28 32.17
CA LYS H 91 34.83 32.14 31.21
C LYS H 91 35.56 31.25 30.22
N LYS H 92 35.27 31.38 28.93
CA LYS H 92 36.10 30.74 27.90
C LYS H 92 37.47 31.44 27.87
N VAL H 93 38.55 30.68 27.82
CA VAL H 93 39.92 31.21 27.85
C VAL H 93 40.49 31.43 26.43
N ASP H 94 41.54 32.26 26.33
CA ASP H 94 42.16 32.68 25.06
C ASP H 94 43.42 31.87 24.69
N LEU H 95 43.87 32.02 23.44
CA LEU H 95 45.12 31.44 22.91
C LEU H 95 46.40 31.97 23.58
N SER H 96 46.28 32.89 24.53
CA SER H 96 47.35 33.24 25.45
C SER H 96 47.63 32.15 26.49
N ASN H 97 46.62 31.36 26.88
CA ASN H 97 46.83 30.28 27.82
C ASN H 97 47.63 29.15 27.17
N PRO H 98 48.66 28.59 27.82
CA PRO H 98 49.54 27.60 27.19
C PRO H 98 48.81 26.33 26.74
N LEU H 99 47.99 25.76 27.61
CA LEU H 99 47.23 24.56 27.30
C LEU H 99 46.20 24.83 26.20
N ALA H 100 45.46 25.93 26.30
CA ALA H 100 44.49 26.31 25.28
C ALA H 100 45.15 26.47 23.91
N ARG H 101 46.34 27.08 23.85
CA ARG H 101 47.09 27.20 22.60
C ARG H 101 47.55 25.85 22.09
N LEU H 102 48.07 25.00 22.98
CA LEU H 102 48.51 23.66 22.63
C LEU H 102 47.38 22.87 21.99
N LEU H 103 46.20 22.96 22.59
CA LEU H 103 44.99 22.27 22.14
C LEU H 103 44.42 22.88 20.87
N ARG H 104 44.06 24.15 20.92
CA ARG H 104 43.22 24.79 19.91
C ARG H 104 44.03 25.30 18.72
N TYR H 105 45.27 25.74 18.93
CA TYR H 105 46.09 26.29 17.86
C TYR H 105 47.11 25.29 17.32
N SER H 106 47.97 24.73 18.17
CA SER H 106 49.08 23.89 17.69
C SER H 106 49.58 22.88 18.73
N PRO H 107 49.49 21.57 18.46
CA PRO H 107 49.99 20.53 19.35
C PRO H 107 51.51 20.34 19.27
N ASN H 108 52.13 20.68 18.13
CA ASN H 108 53.54 20.50 17.87
C ASN H 108 53.95 21.23 16.59
N GLN H 109 55.25 21.30 16.34
CA GLN H 109 55.83 21.98 15.17
C GLN H 109 55.57 21.30 13.80
N TYR H 110 54.65 20.34 13.70
CA TYR H 110 54.33 19.66 12.43
C TYR H 110 52.85 19.63 12.09
N MET H 111 51.94 19.90 13.04
CA MET H 111 50.53 19.55 12.89
C MET H 111 49.57 20.67 13.24
N THR H 112 48.39 20.54 12.68
CA THR H 112 47.16 21.24 13.05
C THR H 112 46.51 20.58 14.25
N ALA H 113 45.71 21.30 15.02
CA ALA H 113 44.90 20.70 16.08
C ALA H 113 43.91 19.66 15.54
N GLN H 114 43.13 20.01 14.52
CA GLN H 114 42.15 19.13 13.89
C GLN H 114 42.79 17.80 13.51
N GLU H 115 43.85 17.93 12.73
CA GLU H 115 44.69 16.85 12.23
C GLU H 115 45.18 15.93 13.35
N PHE H 116 45.65 16.51 14.45
CA PHE H 116 46.08 15.72 15.59
C PHE H 116 44.93 14.94 16.22
N ARG H 117 43.79 15.59 16.49
CA ARG H 117 42.66 14.89 17.13
C ARG H 117 42.16 13.76 16.26
N GLU H 118 42.08 13.99 14.97
CA GLU H 118 41.70 12.98 13.99
C GLU H 118 42.65 11.78 14.11
N ALA H 119 43.95 12.01 14.00
CA ALA H 119 44.96 10.97 14.02
C ALA H 119 44.89 10.12 15.29
N MET H 120 44.77 10.76 16.44
CA MET H 120 44.59 10.06 17.72
C MET H 120 43.35 9.17 17.68
N THR H 121 42.24 9.73 17.21
CA THR H 121 40.97 9.01 17.23
C THR H 121 40.97 7.82 16.31
N MET H 122 41.62 7.90 15.14
CA MET H 122 41.76 6.73 14.27
C MET H 122 42.38 5.55 15.01
N GLN H 123 43.50 5.77 15.70
CA GLN H 123 44.11 4.69 16.47
C GLN H 123 43.21 4.22 17.60
N LEU H 124 42.54 5.14 18.28
CA LEU H 124 41.63 4.77 19.36
C LEU H 124 40.54 3.83 18.86
N CYS H 125 39.93 4.11 17.71
CA CYS H 125 38.93 3.23 17.14
C CYS H 125 39.55 1.92 16.65
N PHE H 126 40.66 1.99 15.93
CA PHE H 126 41.19 0.85 15.22
C PHE H 126 41.84 -0.17 16.16
N TYR H 127 42.63 0.32 17.12
CA TYR H 127 43.39 -0.49 18.06
C TYR H 127 42.78 -0.50 19.47
N GLY H 128 41.66 0.16 19.68
CA GLY H 128 41.09 0.35 21.02
C GLY H 128 41.94 1.25 21.91
N ASN H 129 43.07 1.78 21.42
CA ASN H 129 44.05 2.52 22.19
C ASN H 129 44.81 3.48 21.27
N ALA H 130 45.22 4.61 21.82
CA ALA H 130 46.09 5.57 21.16
C ALA H 130 47.04 6.18 22.18
N TYR H 131 48.26 6.51 21.77
CA TYR H 131 49.31 6.98 22.65
C TYR H 131 49.98 8.21 22.05
N ALA H 132 50.28 9.20 22.87
CA ALA H 132 51.09 10.33 22.47
C ALA H 132 52.19 10.57 23.50
N LEU H 133 53.37 10.90 23.01
CA LEU H 133 54.41 11.51 23.81
C LEU H 133 53.91 12.87 24.28
N VAL H 134 54.08 13.12 25.57
CA VAL H 134 53.82 14.40 26.23
C VAL H 134 55.16 15.08 26.53
N ASP H 135 55.27 16.35 26.20
CA ASP H 135 56.44 17.17 26.52
C ASP H 135 56.04 18.40 27.33
N ARG H 136 56.90 18.84 28.25
CA ARG H 136 56.63 19.91 29.21
C ARG H 136 57.86 20.76 29.53
N ASN H 137 57.66 22.02 29.87
CA ASN H 137 58.73 22.97 30.19
C ASN H 137 59.31 22.78 31.60
N SER H 138 60.25 23.62 31.98
CA SER H 138 60.86 23.65 33.32
C SER H 138 59.85 23.90 34.44
N ALA H 139 58.81 24.70 34.20
CA ALA H 139 57.70 24.90 35.14
C ALA H 139 56.72 23.71 35.20
N GLY H 140 56.92 22.68 34.39
CA GLY H 140 56.11 21.46 34.31
C GLY H 140 54.89 21.56 33.40
N ASP H 141 54.63 22.73 32.82
CA ASP H 141 53.52 22.94 31.89
C ASP H 141 53.80 22.28 30.54
N VAL H 142 52.81 21.61 29.98
CA VAL H 142 52.96 20.93 28.69
C VAL H 142 53.19 21.92 27.54
N ILE H 143 54.03 21.53 26.59
CA ILE H 143 54.47 22.36 25.45
C ILE H 143 54.43 21.61 24.12
N SER H 144 54.36 20.28 24.10
CA SER H 144 54.16 19.52 22.87
C SER H 144 53.45 18.19 23.12
N LEU H 145 52.72 17.74 22.11
CA LEU H 145 52.14 16.41 22.02
C LEU H 145 52.48 15.79 20.67
N LEU H 146 52.80 14.51 20.67
CA LEU H 146 53.20 13.81 19.46
C LEU H 146 52.67 12.36 19.47
N PRO H 147 51.75 11.99 18.56
CA PRO H 147 51.22 10.64 18.46
C PRO H 147 52.28 9.59 18.19
N LEU H 148 52.02 8.38 18.68
CA LEU H 148 52.89 7.21 18.58
C LEU H 148 52.09 6.04 18.02
N GLN H 149 52.66 5.25 17.11
CA GLN H 149 51.95 4.12 16.51
C GLN H 149 51.64 3.04 17.55
N SER H 150 50.36 2.77 17.79
CA SER H 150 49.90 1.84 18.83
C SER H 150 50.44 0.43 18.65
N ALA H 151 50.62 -0.02 17.41
CA ALA H 151 51.13 -1.37 17.13
C ALA H 151 52.54 -1.62 17.70
N ASN H 152 53.34 -0.57 17.87
CA ASN H 152 54.68 -0.64 18.46
C ASN H 152 54.68 -0.52 19.99
N MET H 153 53.55 -0.13 20.59
CA MET H 153 53.46 0.05 22.03
C MET H 153 53.23 -1.26 22.75
N ASP H 154 53.85 -1.42 23.91
CA ASP H 154 53.41 -2.31 24.98
C ASP H 154 53.32 -1.53 26.29
N VAL H 155 52.41 -1.93 27.17
CA VAL H 155 52.33 -1.39 28.52
C VAL H 155 52.45 -2.54 29.51
N LYS H 156 53.44 -2.49 30.39
CA LYS H 156 53.70 -3.53 31.39
C LYS H 156 53.84 -2.92 32.78
N LEU H 157 53.16 -3.50 33.75
CA LEU H 157 53.31 -3.15 35.15
C LEU H 157 54.66 -3.63 35.69
N VAL H 158 55.22 -2.89 36.64
CA VAL H 158 56.57 -3.06 37.20
C VAL H 158 56.47 -2.81 38.70
N GLY H 159 56.27 -3.88 39.46
CA GLY H 159 55.76 -3.75 40.83
C GLY H 159 54.44 -2.98 40.82
N LYS H 160 54.33 -1.96 41.67
CA LYS H 160 53.19 -1.03 41.68
C LYS H 160 53.17 -0.06 40.48
N LYS H 161 54.30 0.14 39.80
CA LYS H 161 54.49 1.11 38.71
C LYS H 161 53.99 0.57 37.36
N VAL H 162 53.99 1.42 36.33
CA VAL H 162 53.71 1.03 34.93
C VAL H 162 54.75 1.59 33.97
N VAL H 163 55.16 0.79 33.00
CA VAL H 163 56.07 1.18 31.93
C VAL H 163 55.42 0.99 30.58
N TYR H 164 55.33 2.10 29.85
CA TYR H 164 55.05 2.12 28.43
C TYR H 164 56.35 1.75 27.71
N ARG H 165 56.44 0.49 27.30
CA ARG H 165 57.52 -0.12 26.52
C ARG H 165 57.25 0.14 25.05
N TYR H 166 57.91 1.14 24.46
CA TYR H 166 57.72 1.43 23.04
C TYR H 166 58.82 0.82 22.19
N GLN H 167 58.45 -0.16 21.37
CA GLN H 167 59.37 -0.77 20.41
C GLN H 167 59.54 0.14 19.20
N ARG H 168 60.51 1.06 19.25
CA ARG H 168 60.95 1.78 18.07
C ARG H 168 61.97 0.90 17.33
N ASP H 169 61.53 0.30 16.22
CA ASP H 169 62.34 -0.58 15.37
C ASP H 169 62.91 -1.80 16.11
N SER H 170 64.07 -1.69 16.74
CA SER H 170 64.71 -2.72 17.57
C SER H 170 65.22 -2.14 18.89
N GLU H 171 64.70 -0.97 19.26
CA GLU H 171 65.06 -0.19 20.44
C GLU H 171 63.83 0.03 21.31
N TYR H 172 64.04 0.10 22.62
CA TYR H 172 62.98 -0.03 23.60
C TYR H 172 62.92 1.25 24.43
N ALA H 173 62.17 2.21 23.92
CA ALA H 173 61.98 3.49 24.56
C ALA H 173 60.92 3.34 25.65
N ASP H 174 61.34 3.41 26.90
CA ASP H 174 60.52 3.04 28.06
C ASP H 174 60.11 4.28 28.84
N PHE H 175 58.82 4.39 29.16
CA PHE H 175 58.25 5.63 29.68
C PHE H 175 57.26 5.42 30.82
N SER H 176 57.12 6.45 31.63
CA SER H 176 56.19 6.54 32.76
C SER H 176 54.82 7.04 32.34
N GLN H 177 53.86 6.89 33.25
CA GLN H 177 52.52 7.48 33.12
C GLN H 177 52.55 9.02 33.00
N LYS H 178 53.65 9.68 33.36
CA LYS H 178 53.78 11.15 33.35
C LYS H 178 54.18 11.75 32.00
N GLU H 179 54.54 10.91 31.03
CA GLU H 179 55.02 11.38 29.72
C GLU H 179 54.37 10.68 28.51
N ILE H 180 53.46 9.75 28.74
CA ILE H 180 52.61 9.13 27.72
C ILE H 180 51.14 9.35 28.05
N PHE H 181 50.36 9.87 27.10
CA PHE H 181 48.97 10.28 27.39
C PHE H 181 47.96 9.11 27.49
N HIS H 182 48.04 8.15 26.57
CA HIS H 182 47.22 6.92 26.50
C HIS H 182 45.70 7.09 26.65
N LEU H 183 44.97 7.25 25.54
CA LEU H 183 43.52 7.46 25.55
C LEU H 183 42.66 6.24 25.93
N LYS H 184 43.20 5.02 25.86
CA LYS H 184 42.68 3.80 26.51
C LYS H 184 41.16 3.58 26.38
N GLY H 185 40.74 2.90 25.32
CA GLY H 185 39.32 2.62 25.03
C GLY H 185 38.69 1.49 25.86
N PHE H 186 37.52 1.05 25.40
CA PHE H 186 36.66 0.00 25.97
C PHE H 186 37.39 -1.33 26.26
N GLY H 187 37.39 -1.81 27.50
CA GLY H 187 38.03 -3.07 27.88
C GLY H 187 37.87 -3.47 29.35
N PHE H 188 37.97 -4.78 29.64
CA PHE H 188 37.67 -5.35 30.97
C PHE H 188 38.64 -4.95 32.10
N THR H 189 39.90 -4.64 31.79
CA THR H 189 40.95 -4.48 32.80
C THR H 189 41.06 -3.07 33.36
N GLY H 190 40.56 -2.06 32.63
CA GLY H 190 40.89 -0.65 32.90
C GLY H 190 42.35 -0.29 32.58
N LEU H 191 43.15 -1.21 32.04
CA LEU H 191 44.55 -1.01 31.70
C LEU H 191 44.80 -0.86 30.20
N VAL H 192 43.95 -1.45 29.36
CA VAL H 192 43.93 -1.24 27.90
C VAL H 192 42.52 -1.43 27.35
N GLY H 193 42.22 -0.79 26.22
CA GLY H 193 41.05 -1.14 25.42
C GLY H 193 41.28 -2.42 24.61
N LEU H 194 40.22 -3.17 24.35
CA LEU H 194 40.21 -4.30 23.42
C LEU H 194 40.32 -3.78 21.99
N SER H 195 41.22 -4.35 21.20
CA SER H 195 41.50 -3.87 19.85
C SER H 195 40.45 -4.36 18.86
N PRO H 196 39.51 -3.54 18.35
CA PRO H 196 38.31 -4.06 17.71
C PRO H 196 38.61 -4.85 16.44
N ILE H 197 39.63 -4.41 15.71
CA ILE H 197 40.17 -5.13 14.55
C ILE H 197 40.45 -6.60 14.88
N ALA H 198 40.97 -6.90 16.06
CA ALA H 198 41.32 -8.25 16.44
C ALA H 198 40.08 -9.15 16.56
N PHE H 199 38.94 -8.58 16.91
CA PHE H 199 37.69 -9.32 17.03
C PHE H 199 36.96 -9.44 15.70
N ALA H 200 36.96 -8.37 14.92
CA ALA H 200 36.28 -8.31 13.64
C ALA H 200 36.84 -9.28 12.58
N CYS H 201 38.04 -9.83 12.82
CA CYS H 201 38.77 -10.65 11.85
C CYS H 201 37.93 -11.76 11.20
N LYS H 202 37.00 -12.41 11.90
CA LYS H 202 36.22 -13.53 11.32
C LYS H 202 35.15 -13.06 10.35
N SER H 203 34.30 -12.11 10.73
CA SER H 203 33.30 -11.57 9.80
C SER H 203 33.99 -10.91 8.60
N ALA H 204 35.10 -10.20 8.84
CA ALA H 204 35.92 -9.69 7.75
C ALA H 204 36.39 -10.83 6.85
N GLY H 205 36.82 -11.96 7.42
CA GLY H 205 37.18 -13.17 6.68
C GLY H 205 36.08 -13.64 5.73
N VAL H 206 34.84 -13.73 6.22
CA VAL H 206 33.72 -14.08 5.35
C VAL H 206 33.55 -13.04 4.26
N ALA H 207 33.66 -11.75 4.59
CA ALA H 207 33.44 -10.72 3.61
C ALA H 207 34.47 -10.79 2.49
N VAL H 208 35.75 -10.90 2.81
CA VAL H 208 36.78 -10.98 1.78
C VAL H 208 36.67 -12.28 0.98
N ALA H 209 36.19 -13.37 1.57
CA ALA H 209 35.96 -14.59 0.80
C ALA H 209 34.90 -14.39 -0.29
N MET H 210 33.73 -13.84 0.07
CA MET H 210 32.66 -13.65 -0.90
C MET H 210 33.06 -12.70 -2.00
N GLU H 211 33.76 -11.62 -1.65
CA GLU H 211 34.19 -10.62 -2.60
C GLU H 211 35.06 -11.22 -3.69
N ASP H 212 36.03 -12.05 -3.32
CA ASP H 212 36.90 -12.70 -4.28
C ASP H 212 36.14 -13.64 -5.22
N GLN H 213 35.22 -14.44 -4.67
CA GLN H 213 34.40 -15.29 -5.52
C GLN H 213 33.58 -14.46 -6.51
N GLN H 214 32.93 -13.40 -6.03
CA GLN H 214 32.10 -12.55 -6.87
C GLN H 214 32.92 -11.97 -8.02
N ARG H 215 34.13 -11.47 -7.75
CA ARG H 215 35.03 -10.96 -8.79
C ARG H 215 35.33 -12.04 -9.80
N ASP H 216 35.88 -13.14 -9.33
CA ASP H 216 36.57 -14.05 -10.22
C ASP H 216 35.61 -14.78 -11.13
N PHE H 217 34.36 -14.94 -10.72
CA PHE H 217 33.30 -15.41 -11.59
C PHE H 217 33.17 -14.58 -12.87
N PHE H 218 33.14 -13.26 -12.76
CA PHE H 218 33.09 -12.38 -13.93
C PHE H 218 34.45 -12.23 -14.59
N ALA H 219 35.55 -12.37 -13.87
CA ALA H 219 36.86 -12.41 -14.50
C ALA H 219 37.00 -13.61 -15.46
N ASN H 220 36.35 -14.72 -15.13
CA ASN H 220 36.19 -15.87 -16.02
C ASN H 220 35.06 -15.70 -17.06
N GLY H 221 34.45 -14.53 -17.17
CA GLY H 221 33.33 -14.29 -18.08
C GLY H 221 32.12 -15.20 -17.85
N ALA H 222 31.97 -15.76 -16.64
CA ALA H 222 30.98 -16.77 -16.31
C ALA H 222 30.99 -18.01 -17.23
N LYS H 223 32.14 -18.34 -17.83
CA LYS H 223 32.39 -19.62 -18.51
C LYS H 223 32.44 -20.73 -17.44
N SER H 224 31.30 -21.37 -17.19
CA SER H 224 31.14 -22.29 -16.06
C SER H 224 32.00 -23.54 -16.19
N PRO H 225 32.62 -24.05 -15.11
CA PRO H 225 33.51 -25.21 -15.14
C PRO H 225 32.78 -26.51 -15.44
N GLN H 226 33.45 -27.44 -16.12
CA GLN H 226 32.84 -28.65 -16.71
C GLN H 226 33.61 -29.93 -16.41
N ILE H 227 32.89 -31.01 -16.13
CA ILE H 227 33.33 -32.39 -16.35
C ILE H 227 33.56 -32.60 -17.84
N LEU H 228 34.65 -33.28 -18.17
CA LEU H 228 34.93 -33.84 -19.46
C LEU H 228 34.70 -35.36 -19.37
N SER H 229 33.93 -35.96 -20.27
CA SER H 229 33.52 -37.35 -20.12
C SER H 229 33.23 -38.06 -21.45
N THR H 230 33.43 -39.38 -21.47
CA THR H 230 32.99 -40.35 -22.50
C THR H 230 32.68 -41.69 -21.85
N GLY H 231 33.71 -42.48 -21.51
CA GLY H 231 33.59 -43.71 -20.73
C GLY H 231 34.66 -44.79 -20.98
N GLU H 232 35.29 -44.86 -22.17
CA GLU H 232 36.17 -46.02 -22.50
C GLU H 232 37.29 -45.84 -23.55
N LYS H 233 37.24 -44.88 -24.49
CA LYS H 233 38.30 -44.78 -25.53
C LYS H 233 39.65 -44.42 -24.94
N VAL H 234 40.73 -45.08 -25.38
CA VAL H 234 42.09 -44.62 -25.11
C VAL H 234 42.33 -43.23 -25.69
N LEU H 235 42.52 -42.23 -24.83
CA LEU H 235 43.13 -40.98 -25.25
C LEU H 235 44.63 -41.18 -25.36
N THR H 236 45.24 -40.68 -26.43
CA THR H 236 46.70 -40.54 -26.47
C THR H 236 47.16 -39.49 -25.46
N GLU H 237 48.42 -39.52 -25.02
CA GLU H 237 48.94 -38.53 -24.08
C GLU H 237 48.95 -37.12 -24.70
N GLN H 238 48.97 -37.02 -26.03
CA GLN H 238 48.81 -35.74 -26.72
C GLN H 238 47.36 -35.27 -26.69
N GLN H 239 46.38 -36.17 -26.87
CA GLN H 239 44.98 -35.81 -26.69
C GLN H 239 44.76 -35.29 -25.25
N ARG H 240 45.30 -36.01 -24.27
CA ARG H 240 45.28 -35.64 -22.84
C ARG H 240 46.02 -34.33 -22.58
N SER H 241 47.12 -34.06 -23.26
CA SER H 241 47.80 -32.76 -23.20
C SER H 241 46.87 -31.68 -23.71
N GLN H 242 46.36 -31.84 -24.92
CA GLN H 242 45.56 -30.85 -25.61
C GLN H 242 44.27 -30.49 -24.88
N VAL H 243 43.67 -31.43 -24.14
CA VAL H 243 42.53 -31.17 -23.23
C VAL H 243 42.76 -29.98 -22.30
N GLU H 244 44.01 -29.63 -22.01
CA GLU H 244 44.35 -28.37 -21.36
C GLU H 244 45.21 -27.46 -22.22
N GLU H 245 46.19 -28.04 -22.90
CA GLU H 245 47.29 -27.31 -23.53
C GLU H 245 46.80 -26.51 -24.74
N ASN H 246 45.66 -26.88 -25.32
CA ASN H 246 44.99 -26.05 -26.30
C ASN H 246 44.59 -24.66 -25.75
N PHE H 247 44.39 -24.54 -24.44
CA PHE H 247 43.54 -23.50 -23.87
C PHE H 247 44.29 -22.44 -23.05
N LYS H 248 44.30 -22.59 -21.72
CA LYS H 248 44.44 -21.54 -20.67
C LYS H 248 43.52 -20.30 -20.78
N GLU H 249 42.99 -19.98 -21.96
CA GLU H 249 42.00 -18.90 -22.17
C GLU H 249 40.54 -19.29 -21.84
N ILE H 250 40.25 -20.57 -21.51
CA ILE H 250 38.95 -20.96 -20.94
C ILE H 250 38.62 -20.12 -19.71
N ALA H 251 39.60 -19.83 -18.85
CA ALA H 251 39.47 -18.79 -17.85
C ALA H 251 39.44 -17.39 -18.51
N GLY H 252 40.54 -17.01 -19.16
CA GLY H 252 40.74 -15.66 -19.73
C GLY H 252 39.90 -15.35 -20.97
N GLY H 253 40.52 -15.42 -22.14
CA GLY H 253 40.07 -14.78 -23.37
C GLY H 253 38.82 -15.33 -24.07
N PRO H 254 38.52 -14.75 -25.25
CA PRO H 254 37.31 -15.01 -26.01
C PRO H 254 37.47 -16.23 -26.93
N VAL H 255 37.58 -17.42 -26.32
CA VAL H 255 37.52 -18.71 -27.05
C VAL H 255 36.07 -19.10 -27.40
N LYS H 256 35.20 -18.10 -27.54
CA LYS H 256 33.74 -18.13 -27.30
C LYS H 256 33.08 -19.40 -27.82
N LYS H 257 32.85 -19.49 -29.12
CA LYS H 257 32.07 -20.56 -29.74
C LYS H 257 32.94 -21.81 -30.00
N ARG H 258 34.09 -21.95 -29.34
CA ARG H 258 35.11 -22.91 -29.75
C ARG H 258 36.05 -23.35 -28.66
N LEU H 259 35.53 -23.93 -27.59
CA LEU H 259 36.35 -24.89 -26.86
C LEU H 259 36.41 -26.16 -27.71
N TRP H 260 37.48 -26.94 -27.60
CA TRP H 260 37.72 -28.10 -28.47
C TRP H 260 37.56 -29.41 -27.72
N ILE H 261 36.83 -30.36 -28.29
CA ILE H 261 37.12 -31.76 -27.99
C ILE H 261 38.38 -32.23 -28.73
N LEU H 262 38.91 -33.36 -28.29
CA LEU H 262 39.72 -34.26 -29.11
C LEU H 262 38.81 -35.31 -29.78
N GLU H 263 39.35 -36.23 -30.56
CA GLU H 263 38.62 -37.27 -31.31
C GLU H 263 37.84 -38.31 -30.47
N ALA H 264 36.86 -37.92 -29.64
CA ALA H 264 36.02 -38.85 -28.88
C ALA H 264 34.56 -38.38 -28.63
N GLY H 265 34.11 -37.29 -29.24
CA GLY H 265 32.73 -36.80 -29.14
C GLY H 265 32.38 -36.12 -27.81
N PHE H 266 32.54 -36.81 -26.68
CA PHE H 266 32.31 -36.34 -25.31
C PHE H 266 30.86 -35.98 -24.91
N SER H 267 30.60 -36.03 -23.60
CA SER H 267 29.27 -35.99 -22.97
C SER H 267 29.21 -35.07 -21.73
N THR H 268 29.92 -33.95 -21.79
CA THR H 268 30.30 -33.04 -20.68
C THR H 268 29.15 -32.43 -19.87
N SER H 269 29.43 -31.98 -18.64
CA SER H 269 28.43 -31.33 -17.74
C SER H 269 29.05 -30.36 -16.73
N ALA H 270 28.29 -29.38 -16.24
CA ALA H 270 28.82 -28.28 -15.40
C ALA H 270 28.88 -28.60 -13.89
N ILE H 271 29.71 -27.85 -13.13
CA ILE H 271 29.81 -28.00 -11.65
C ILE H 271 29.65 -26.73 -10.81
N GLY H 272 29.63 -25.53 -11.38
CA GLY H 272 29.38 -24.29 -10.62
C GLY H 272 27.90 -24.13 -10.27
N VAL H 273 27.56 -23.61 -9.08
CA VAL H 273 26.15 -23.47 -8.64
C VAL H 273 25.39 -22.32 -9.32
N THR H 274 26.09 -21.38 -9.98
CA THR H 274 25.55 -20.08 -10.44
C THR H 274 25.23 -19.14 -9.28
N PRO H 275 25.47 -17.82 -9.39
CA PRO H 275 25.01 -16.84 -8.40
C PRO H 275 23.49 -16.70 -8.30
N GLN H 276 22.71 -17.61 -8.89
CA GLN H 276 21.38 -17.93 -8.39
C GLN H 276 21.39 -18.35 -6.93
N ASP H 277 22.54 -18.76 -6.39
CA ASP H 277 22.82 -18.71 -4.97
C ASP H 277 22.43 -17.36 -4.37
N ALA H 278 21.37 -17.35 -3.57
CA ALA H 278 20.82 -16.14 -2.98
C ALA H 278 21.84 -15.37 -2.15
N GLU H 279 22.81 -16.06 -1.54
CA GLU H 279 23.86 -15.38 -0.79
C GLU H 279 24.62 -14.40 -1.67
N MET H 280 24.81 -14.74 -2.95
CA MET H 280 25.59 -13.94 -3.87
C MET H 280 24.92 -12.62 -4.26
N MET H 281 23.76 -12.33 -3.67
CA MET H 281 23.36 -10.94 -3.47
C MET H 281 23.00 -10.67 -2.01
N ALA H 282 22.10 -11.45 -1.42
CA ALA H 282 21.58 -11.17 -0.09
C ALA H 282 22.68 -11.12 0.97
N SER H 283 23.66 -12.00 0.90
CA SER H 283 24.76 -12.03 1.85
C SER H 283 25.67 -10.82 1.70
N ARG H 284 25.91 -10.39 0.46
CA ARG H 284 26.70 -9.18 0.19
C ARG H 284 26.11 -8.00 0.95
N LYS H 285 24.78 -7.85 0.91
CA LYS H 285 24.09 -6.84 1.69
C LYS H 285 24.23 -7.09 3.19
N PHE H 286 23.91 -8.29 3.65
CA PHE H 286 23.89 -8.62 5.06
C PHE H 286 25.19 -8.28 5.81
N GLN H 287 26.35 -8.59 5.22
CA GLN H 287 27.65 -8.45 5.91
C GLN H 287 27.96 -7.03 6.38
N VAL H 288 27.43 -6.02 5.71
CA VAL H 288 27.59 -4.62 6.10
C VAL H 288 27.15 -4.42 7.55
N SER H 289 26.06 -5.04 7.97
CA SER H 289 25.61 -4.92 9.35
C SER H 289 26.62 -5.51 10.32
N GLU H 290 27.21 -6.64 9.96
CA GLU H 290 28.17 -7.31 10.82
C GLU H 290 29.35 -6.42 11.11
N LEU H 291 29.86 -5.79 10.07
CA LEU H 291 31.00 -4.91 10.21
C LEU H 291 30.61 -3.64 10.96
N ALA H 292 29.48 -3.04 10.61
CA ALA H 292 28.99 -1.85 11.30
C ALA H 292 28.87 -2.08 12.81
N ARG H 293 28.43 -3.26 13.23
CA ARG H 293 28.24 -3.57 14.64
C ARG H 293 29.53 -3.51 15.45
N PHE H 294 30.71 -3.68 14.87
CA PHE H 294 31.94 -3.45 15.63
C PHE H 294 32.19 -1.99 15.99
N PHE H 295 31.59 -1.07 15.25
CA PHE H 295 31.74 0.37 15.47
C PHE H 295 30.49 1.04 16.02
N GLY H 296 29.33 0.36 15.95
CA GLY H 296 28.07 0.88 16.47
C GLY H 296 27.51 2.03 15.65
N VAL H 297 27.60 1.95 14.31
CA VAL H 297 27.15 3.02 13.41
C VAL H 297 25.76 2.68 12.85
N PRO H 298 24.78 3.60 12.94
CA PRO H 298 23.47 3.41 12.35
C PRO H 298 23.53 3.17 10.84
N PRO H 299 23.09 2.00 10.33
CA PRO H 299 23.37 1.61 8.95
C PRO H 299 22.77 2.50 7.86
N HIS H 300 21.76 3.30 8.16
CA HIS H 300 21.25 4.27 7.19
C HIS H 300 22.25 5.39 6.90
N LEU H 301 23.17 5.69 7.82
CA LEU H 301 24.29 6.59 7.55
C LEU H 301 25.33 5.93 6.63
N VAL H 302 25.39 4.60 6.64
CA VAL H 302 26.35 3.81 5.88
C VAL H 302 25.86 3.56 4.46
N GLY H 303 24.59 3.18 4.27
CA GLY H 303 23.98 3.05 2.94
C GLY H 303 22.81 2.08 2.80
N ASP H 304 22.36 1.39 3.85
CA ASP H 304 21.38 0.31 3.73
C ASP H 304 19.92 0.74 3.56
N VAL H 305 19.14 -0.10 2.88
CA VAL H 305 17.70 0.06 2.60
C VAL H 305 17.41 1.39 1.92
N GLU H 306 16.95 2.40 2.66
CA GLU H 306 16.88 3.80 2.24
C GLU H 306 17.35 4.72 3.39
N LYS H 307 16.46 4.99 4.34
CA LYS H 307 16.54 6.04 5.36
C LYS H 307 15.84 5.57 6.66
N SER H 308 16.08 6.25 7.78
CA SER H 308 15.69 5.80 9.12
C SER H 308 14.16 5.75 9.37
N THR H 309 13.55 4.62 9.01
CA THR H 309 12.11 4.48 8.73
C THR H 309 11.12 4.87 9.85
N SER H 310 11.44 4.67 11.12
CA SER H 310 10.49 4.88 12.25
C SER H 310 11.27 5.01 13.57
N TRP H 311 11.72 6.24 13.84
CA TRP H 311 12.91 6.50 14.67
C TRP H 311 13.06 7.98 15.07
N GLY H 312 12.73 8.86 14.13
CA GLY H 312 12.70 10.32 14.26
C GLY H 312 12.51 10.92 12.86
N SER H 313 11.80 12.04 12.75
CA SER H 313 11.43 12.61 11.45
C SER H 313 12.54 13.49 10.85
N GLY H 314 12.80 14.63 11.47
CA GLY H 314 13.73 15.64 10.99
C GLY H 314 15.18 15.35 11.32
N ILE H 315 16.06 16.06 10.62
CA ILE H 315 17.50 15.88 10.70
C ILE H 315 18.03 15.95 12.14
N GLU H 316 17.47 16.85 12.95
CA GLU H 316 17.87 17.01 14.34
C GLU H 316 17.70 15.71 15.13
N GLN H 317 16.60 14.99 14.91
CA GLN H 317 16.38 13.73 15.59
C GLN H 317 17.44 12.70 15.19
N GLN H 318 17.83 12.69 13.93
CA GLN H 318 18.87 11.77 13.48
C GLN H 318 20.18 12.09 14.19
N ASN H 319 20.51 13.37 14.28
CA ASN H 319 21.73 13.82 14.91
C ASN H 319 21.72 13.48 16.39
N LEU H 320 20.62 13.75 17.09
CA LEU H 320 20.46 13.40 18.49
C LEU H 320 20.68 11.90 18.71
N GLY H 321 20.06 11.06 17.88
CA GLY H 321 20.24 9.63 17.96
C GLY H 321 21.70 9.24 17.76
N PHE H 322 22.32 9.76 16.71
CA PHE H 322 23.70 9.43 16.40
C PHE H 322 24.66 9.88 17.50
N LEU H 323 24.42 11.05 18.09
CA LEU H 323 25.18 11.51 19.23
C LEU H 323 25.02 10.53 20.39
N GLN H 324 23.79 10.32 20.86
CA GLN H 324 23.56 9.58 22.10
C GLN H 324 24.01 8.13 22.00
N TYR H 325 23.70 7.45 20.91
CA TYR H 325 23.96 6.03 20.78
C TYR H 325 25.32 5.68 20.19
N THR H 326 26.08 6.65 19.68
CA THR H 326 27.37 6.37 19.01
C THR H 326 28.46 7.38 19.33
N LEU H 327 28.21 8.69 19.21
CA LEU H 327 29.31 9.66 19.25
C LEU H 327 29.71 10.05 20.67
N GLN H 328 28.76 10.11 21.59
CA GLN H 328 28.97 10.58 22.97
C GLN H 328 30.20 10.01 23.70
N PRO H 329 30.55 8.71 23.59
CA PRO H 329 31.60 8.13 24.41
C PRO H 329 32.94 8.79 24.17
N TYR H 330 33.26 9.07 22.92
CA TYR H 330 34.53 9.66 22.53
C TYR H 330 34.70 11.03 23.14
N ILE H 331 33.63 11.81 23.18
CA ILE H 331 33.62 13.12 23.82
C ILE H 331 34.08 12.98 25.27
N SER H 332 33.46 12.06 26.00
CA SER H 332 33.79 11.81 27.38
C SER H 332 35.22 11.31 27.54
N ARG H 333 35.67 10.38 26.68
CA ARG H 333 37.04 9.86 26.75
C ARG H 333 38.05 10.99 26.61
N TRP H 334 37.90 11.84 25.60
CA TRP H 334 38.77 12.99 25.43
C TRP H 334 38.71 13.89 26.66
N GLU H 335 37.54 14.41 26.98
CA GLU H 335 37.40 15.42 28.02
C GLU H 335 37.90 14.91 29.38
N ASN H 336 37.51 13.70 29.75
CA ASN H 336 37.96 13.16 31.01
C ASN H 336 39.46 12.87 31.01
N SER H 337 40.05 12.39 29.91
CA SER H 337 41.49 12.16 29.88
C SER H 337 42.27 13.45 30.09
N ILE H 338 41.82 14.52 29.45
CA ILE H 338 42.43 15.83 29.62
C ILE H 338 42.37 16.21 31.09
N GLN H 339 41.20 16.09 31.71
CA GLN H 339 41.02 16.42 33.11
C GLN H 339 41.85 15.51 34.04
N ARG H 340 42.05 14.26 33.67
CA ARG H 340 42.70 13.24 34.51
C ARG H 340 44.21 13.33 34.50
N TRP H 341 44.80 13.84 33.42
CA TRP H 341 46.25 13.80 33.21
C TRP H 341 46.89 15.13 32.83
N LEU H 342 46.20 15.98 32.08
CA LEU H 342 46.82 17.18 31.52
C LEU H 342 46.64 18.40 32.42
N ILE H 343 45.44 18.58 32.97
CA ILE H 343 45.19 19.66 33.93
C ILE H 343 45.87 19.32 35.26
N PRO H 344 46.66 20.21 35.88
CA PRO H 344 47.26 19.98 37.19
C PRO H 344 46.21 19.85 38.30
N SER H 345 46.47 19.03 39.31
CA SER H 345 45.52 18.70 40.38
C SER H 345 44.99 19.94 41.13
N LYS H 346 45.83 20.96 41.35
CA LYS H 346 45.44 22.25 41.96
C LYS H 346 44.41 23.07 41.15
N ASP H 347 44.33 22.83 39.84
CA ASP H 347 43.46 23.55 38.92
C ASP H 347 42.18 22.78 38.58
N VAL H 348 42.07 21.54 39.05
CA VAL H 348 40.83 20.75 38.95
C VAL H 348 39.66 21.51 39.58
N GLY H 349 38.51 21.50 38.91
CA GLY H 349 37.35 22.31 39.26
C GLY H 349 37.45 23.75 38.76
N ARG H 350 38.61 24.40 38.81
CA ARG H 350 38.78 25.72 38.21
C ARG H 350 38.80 25.64 36.69
N LEU H 351 39.63 24.76 36.15
CA LEU H 351 39.85 24.65 34.72
C LEU H 351 39.13 23.43 34.19
N HIS H 352 38.49 23.62 33.04
CA HIS H 352 37.61 22.64 32.45
C HIS H 352 37.62 22.76 30.92
N ALA H 353 37.25 21.70 30.20
CA ALA H 353 37.22 21.72 28.74
C ALA H 353 35.98 21.02 28.18
N GLU H 354 35.37 21.59 27.14
CA GLU H 354 34.22 21.00 26.47
C GLU H 354 34.29 21.10 24.94
N HIS H 355 33.92 20.02 24.27
CA HIS H 355 33.48 20.11 22.89
C HIS H 355 32.15 20.86 22.78
N ASN H 356 31.94 21.55 21.66
CA ASN H 356 30.69 22.22 21.35
C ASN H 356 29.85 21.35 20.38
N LEU H 357 28.61 21.09 20.76
CA LEU H 357 27.69 20.19 20.05
C LEU H 357 26.79 20.91 19.04
N ASP H 358 26.73 22.24 19.07
CA ASP H 358 25.74 22.99 18.31
C ASP H 358 25.90 22.81 16.80
N GLY H 359 27.12 22.56 16.32
CA GLY H 359 27.37 22.25 14.92
C GLY H 359 26.62 21.00 14.42
N LEU H 360 26.30 20.05 15.31
CA LEU H 360 25.41 18.93 15.00
C LEU H 360 23.97 19.26 15.37
N LEU H 361 23.74 19.82 16.56
CA LEU H 361 22.39 20.05 17.07
C LEU H 361 21.65 21.17 16.32
N ARG H 362 22.32 21.90 15.43
CA ARG H 362 21.74 22.87 14.52
C ARG H 362 20.53 22.31 13.76
N GLY H 363 19.34 22.78 14.12
CA GLY H 363 18.12 22.59 13.33
C GLY H 363 18.07 23.52 12.12
N ASP H 364 17.00 23.41 11.33
CA ASP H 364 16.78 24.27 10.17
C ASP H 364 16.44 25.73 10.57
N SER H 365 16.42 26.60 9.57
CA SER H 365 16.02 28.00 9.70
C SER H 365 14.67 28.18 10.40
N ALA H 366 13.64 27.44 10.04
CA ALA H 366 12.34 27.61 10.63
C ALA H 366 12.35 27.25 12.11
N SER H 367 12.89 26.08 12.45
CA SER H 367 12.95 25.64 13.83
C SER H 367 13.81 26.58 14.67
N ARG H 368 14.98 27.01 14.19
CA ARG H 368 15.81 27.92 14.97
C ARG H 368 15.17 29.30 15.13
N ALA H 369 14.46 29.79 14.11
CA ALA H 369 13.69 31.02 14.26
C ALA H 369 12.61 30.87 15.33
N ALA H 370 11.82 29.79 15.25
CA ALA H 370 10.78 29.52 16.24
C ALA H 370 11.38 29.41 17.66
N PHE H 371 12.51 28.72 17.79
CA PHE H 371 13.23 28.62 19.05
C PHE H 371 13.62 29.98 19.61
N MET H 372 14.31 30.81 18.81
CA MET H 372 14.73 32.13 19.27
C MET H 372 13.52 32.99 19.63
N LYS H 373 12.44 32.93 18.86
CA LYS H 373 11.21 33.64 19.20
C LYS H 373 10.64 33.18 20.54
N ALA H 374 10.70 31.88 20.82
CA ALA H 374 10.29 31.35 22.12
C ALA H 374 11.18 31.83 23.28
N MET H 375 12.39 32.32 23.03
CA MET H 375 13.20 33.00 24.05
C MET H 375 12.76 34.44 24.29
N GLY H 376 11.99 35.04 23.37
CA GLY H 376 11.61 36.46 23.35
C GLY H 376 10.84 36.87 24.61
N GLU H 377 9.54 36.61 24.66
CA GLU H 377 8.92 36.39 25.98
C GLU H 377 9.50 35.08 26.56
N SER H 378 9.31 34.84 27.86
CA SER H 378 10.21 34.05 28.71
C SER H 378 11.53 34.76 29.01
N GLY H 379 12.09 35.50 28.05
CA GLY H 379 13.28 36.31 28.25
C GLY H 379 14.55 35.48 28.48
N LEU H 380 14.55 34.20 28.10
CA LEU H 380 15.68 33.29 28.33
C LEU H 380 16.99 33.71 27.64
N ARG H 381 16.96 34.67 26.71
CA ARG H 381 18.13 35.41 26.24
C ARG H 381 17.82 36.87 25.96
N THR H 382 18.85 37.69 26.09
CA THR H 382 18.96 39.01 25.45
C THR H 382 19.24 38.87 23.96
N ILE H 383 18.96 39.93 23.21
CA ILE H 383 19.30 39.99 21.78
C ILE H 383 20.80 39.83 21.60
N ASN H 384 21.61 40.44 22.47
CA ASN H 384 23.06 40.31 22.39
C ASN H 384 23.55 38.87 22.52
N GLU H 385 23.00 38.09 23.46
CA GLU H 385 23.39 36.68 23.58
C GLU H 385 23.05 35.90 22.32
N MET H 386 21.85 36.11 21.78
CA MET H 386 21.48 35.45 20.53
C MET H 386 22.37 35.91 19.37
N ARG H 387 22.65 37.21 19.23
CA ARG H 387 23.59 37.72 18.24
C ARG H 387 25.00 37.15 18.41
N ARG H 388 25.39 36.78 19.62
CA ARG H 388 26.68 36.14 19.84
C ARG H 388 26.72 34.73 19.25
N THR H 389 25.59 34.03 19.22
CA THR H 389 25.53 32.67 18.66
C THR H 389 25.84 32.63 17.16
N ASP H 390 25.64 33.72 16.45
CA ASP H 390 25.90 33.83 15.01
C ASP H 390 26.80 35.04 14.70
N ASN H 391 27.59 35.47 15.68
CA ASN H 391 28.60 36.53 15.61
C ASN H 391 28.10 37.86 14.99
N MET H 392 26.81 38.13 15.05
CA MET H 392 26.25 39.42 14.69
C MET H 392 26.74 40.52 15.65
N PRO H 393 26.95 41.77 15.21
CA PRO H 393 27.36 42.85 16.10
C PRO H 393 26.34 43.10 17.21
N PRO H 394 26.79 43.30 18.47
CA PRO H 394 25.92 43.61 19.58
C PRO H 394 25.20 44.95 19.40
N LEU H 395 24.09 45.10 20.11
CA LEU H 395 23.07 46.13 19.89
C LEU H 395 22.38 46.44 21.23
N PRO H 396 21.93 47.68 21.53
CA PRO H 396 21.45 48.04 22.87
C PRO H 396 20.27 47.17 23.36
N GLY H 397 20.50 46.40 24.42
CA GLY H 397 19.53 45.46 25.00
C GLY H 397 20.12 44.57 26.09
N ILE I 52 45.77 -2.83 -12.86
CA ILE I 52 44.83 -1.69 -12.69
C ILE I 52 45.58 -0.36 -12.57
N ASN I 53 44.96 0.76 -12.94
CA ASN I 53 45.56 2.10 -12.84
C ASN I 53 44.51 3.18 -12.54
N ASP I 54 44.99 4.32 -12.08
CA ASP I 54 44.17 5.42 -11.57
C ASP I 54 43.22 5.99 -12.61
N GLU I 55 43.64 6.09 -13.86
CA GLU I 55 42.79 6.59 -14.93
C GLU I 55 41.64 5.62 -15.23
N ARG I 56 41.93 4.32 -15.33
CA ARG I 56 40.91 3.30 -15.55
C ARG I 56 39.89 3.28 -14.42
N ILE I 57 40.34 3.59 -13.19
CA ILE I 57 39.46 3.76 -12.04
C ILE I 57 38.62 5.02 -12.18
N LEU I 58 39.25 6.16 -12.48
CA LEU I 58 38.55 7.43 -12.60
C LEU I 58 37.51 7.42 -13.72
N GLN I 59 37.66 6.57 -14.73
CA GLN I 59 36.65 6.34 -15.76
C GLN I 59 35.34 5.72 -15.23
N ILE I 60 35.24 5.27 -13.99
CA ILE I 60 33.99 4.82 -13.39
C ILE I 60 33.07 6.00 -13.06
N SER I 61 31.83 6.00 -13.54
CA SER I 61 30.94 7.16 -13.42
C SER I 61 30.76 7.62 -11.98
N THR I 62 30.65 6.68 -11.05
CA THR I 62 30.55 6.97 -9.62
C THR I 62 31.72 7.80 -9.14
N VAL I 63 32.92 7.35 -9.45
CA VAL I 63 34.14 7.95 -8.92
C VAL I 63 34.28 9.36 -9.46
N TRP I 64 34.08 9.49 -10.77
CA TRP I 64 34.06 10.78 -11.43
C TRP I 64 33.09 11.73 -10.75
N ARG I 65 31.87 11.26 -10.48
CA ARG I 65 30.83 12.10 -9.91
C ARG I 65 31.17 12.52 -8.49
N CYS I 66 31.64 11.61 -7.66
CA CYS I 66 31.94 11.92 -6.27
C CYS I 66 32.97 13.04 -6.17
N VAL I 67 34.08 12.87 -6.88
CA VAL I 67 35.15 13.86 -6.90
C VAL I 67 34.64 15.16 -7.47
N SER I 68 33.91 15.10 -8.57
CA SER I 68 33.33 16.30 -9.16
C SER I 68 32.53 17.04 -8.12
N LEU I 69 31.57 16.36 -7.50
CA LEU I 69 30.65 16.98 -6.58
C LEU I 69 31.40 17.71 -5.47
N ILE I 70 32.21 16.99 -4.71
CA ILE I 70 32.80 17.55 -3.49
C ILE I 70 33.69 18.72 -3.83
N SER I 71 34.63 18.50 -4.75
CA SER I 71 35.59 19.52 -5.10
C SER I 71 34.90 20.76 -5.63
N THR I 72 33.86 20.56 -6.44
CA THR I 72 33.15 21.67 -7.02
C THR I 72 32.40 22.44 -5.97
N LEU I 73 31.65 21.76 -5.11
CA LEU I 73 30.79 22.44 -4.15
C LEU I 73 31.62 23.30 -3.22
N THR I 74 32.70 22.76 -2.67
CA THR I 74 33.52 23.58 -1.79
C THR I 74 34.23 24.70 -2.55
N ALA I 75 34.54 24.52 -3.83
CA ALA I 75 35.07 25.59 -4.64
C ALA I 75 34.02 26.66 -4.97
N CYS I 76 32.73 26.33 -4.95
CA CYS I 76 31.65 27.27 -5.20
C CYS I 76 31.36 28.18 -4.01
N LEU I 77 31.69 27.77 -2.79
CA LEU I 77 31.42 28.58 -1.61
C LEU I 77 32.16 29.93 -1.67
N PRO I 78 31.57 31.04 -1.21
CA PRO I 78 32.32 32.25 -0.91
C PRO I 78 33.31 31.99 0.24
N LEU I 79 34.49 32.58 0.16
CA LEU I 79 35.52 32.55 1.19
C LEU I 79 35.98 33.97 1.48
N ASP I 80 36.01 34.33 2.74
CA ASP I 80 36.21 35.69 3.23
C ASP I 80 37.25 35.69 4.36
N VAL I 81 37.78 36.86 4.68
CA VAL I 81 38.65 37.07 5.85
C VAL I 81 38.11 38.20 6.68
N PHE I 82 38.10 38.02 7.99
CA PHE I 82 37.81 39.05 8.95
C PHE I 82 39.05 39.45 9.71
N GLU I 83 39.26 40.75 9.79
CA GLU I 83 39.96 41.27 10.93
C GLU I 83 38.96 41.36 12.09
N THR I 84 39.46 41.24 13.30
CA THR I 84 38.64 41.06 14.49
C THR I 84 39.15 41.97 15.57
N ASP I 85 38.27 42.75 16.20
CA ASP I 85 38.65 43.62 17.30
C ASP I 85 38.78 42.83 18.61
N GLN I 86 39.44 43.41 19.61
CA GLN I 86 39.59 42.82 20.95
C GLN I 86 38.26 42.56 21.68
N ASN I 87 37.19 43.29 21.34
CA ASN I 87 35.82 43.05 21.80
C ASN I 87 35.06 42.05 20.91
N ASP I 88 35.77 41.33 20.05
CA ASP I 88 35.28 40.26 19.15
C ASP I 88 34.29 40.71 18.07
N ASN I 89 34.30 41.99 17.69
CA ASN I 89 33.58 42.45 16.50
C ASN I 89 34.35 42.05 15.24
N ARG I 90 33.65 41.48 14.26
CA ARG I 90 34.21 41.21 12.93
C ARG I 90 34.29 42.47 12.08
N LYS I 91 35.23 42.47 11.15
CA LYS I 91 35.38 43.45 10.08
C LYS I 91 35.92 42.73 8.85
N LYS I 92 35.07 42.48 7.87
CA LYS I 92 35.48 41.78 6.64
C LYS I 92 36.49 42.65 5.89
N VAL I 93 37.60 42.08 5.48
CA VAL I 93 38.72 42.82 4.88
C VAL I 93 38.60 42.94 3.35
N ASP I 94 39.24 43.97 2.80
CA ASP I 94 39.15 44.36 1.39
C ASP I 94 40.25 43.74 0.50
N LEU I 95 40.04 43.71 -0.82
CA LEU I 95 41.02 43.23 -1.81
C LEU I 95 42.32 44.04 -1.90
N SER I 96 42.42 45.15 -1.16
CA SER I 96 43.69 45.85 -0.93
C SER I 96 44.62 45.08 0.00
N ASN I 97 44.08 44.26 0.91
CA ASN I 97 44.89 43.40 1.76
C ASN I 97 45.54 42.27 0.93
N PRO I 98 46.86 42.05 1.02
CA PRO I 98 47.55 41.10 0.16
C PRO I 98 47.04 39.67 0.30
N LEU I 99 46.84 39.20 1.53
CA LEU I 99 46.34 37.85 1.77
C LEU I 99 44.94 37.69 1.21
N ALA I 100 44.06 38.63 1.46
CA ALA I 100 42.71 38.59 0.91
C ALA I 100 42.74 38.57 -0.62
N ARG I 101 43.56 39.43 -1.22
CA ARG I 101 43.70 39.47 -2.67
C ARG I 101 44.18 38.14 -3.22
N LEU I 102 45.16 37.54 -2.57
CA LEU I 102 45.71 36.25 -2.93
C LEU I 102 44.63 35.17 -2.89
N LEU I 103 43.87 35.13 -1.80
CA LEU I 103 42.84 34.13 -1.60
C LEU I 103 41.64 34.32 -2.51
N ARG I 104 41.24 35.56 -2.78
CA ARG I 104 39.94 35.86 -3.37
C ARG I 104 40.02 36.32 -4.83
N TYR I 105 41.01 37.11 -5.20
CA TYR I 105 41.17 37.54 -6.59
C TYR I 105 42.09 36.62 -7.39
N SER I 106 43.31 36.39 -6.92
CA SER I 106 44.34 35.72 -7.74
C SER I 106 45.39 34.98 -6.90
N PRO I 107 45.46 33.63 -6.99
CA PRO I 107 46.49 32.85 -6.35
C PRO I 107 47.83 32.86 -7.12
N ASN I 108 47.80 33.11 -8.42
CA ASN I 108 48.96 33.15 -9.30
C ASN I 108 48.59 33.75 -10.66
N GLN I 109 49.59 34.09 -11.46
CA GLN I 109 49.42 34.68 -12.79
C GLN I 109 48.94 33.70 -13.89
N TYR I 110 48.27 32.60 -13.52
CA TYR I 110 47.68 31.63 -14.43
C TYR I 110 46.22 31.26 -14.08
N MET I 111 45.72 31.63 -12.90
CA MET I 111 44.50 31.05 -12.35
C MET I 111 43.59 32.02 -11.63
N THR I 112 42.36 31.57 -11.49
CA THR I 112 41.28 32.11 -10.66
C THR I 112 41.36 31.49 -9.26
N ALA I 113 40.85 32.17 -8.24
CA ALA I 113 40.76 31.59 -6.91
C ALA I 113 39.94 30.29 -6.90
N GLN I 114 38.70 30.33 -7.40
CA GLN I 114 37.81 29.17 -7.51
C GLN I 114 38.53 27.97 -8.13
N GLU I 115 39.12 28.23 -9.28
CA GLU I 115 39.82 27.29 -10.13
C GLU I 115 41.00 26.62 -9.41
N PHE I 116 41.74 27.40 -8.62
CA PHE I 116 42.77 26.85 -7.78
C PHE I 116 42.21 25.99 -6.64
N ARG I 117 41.19 26.48 -5.92
CA ARG I 117 40.63 25.72 -4.80
C ARG I 117 40.10 24.37 -5.27
N GLU I 118 39.45 24.37 -6.42
CA GLU I 118 38.95 23.18 -7.07
C GLU I 118 40.08 22.18 -7.30
N ALA I 119 41.14 22.60 -7.99
CA ALA I 119 42.26 21.75 -8.32
C ALA I 119 42.91 21.14 -7.07
N MET I 120 43.13 21.98 -6.05
CA MET I 120 43.68 21.52 -4.77
C MET I 120 42.81 20.45 -4.14
N THR I 121 41.51 20.70 -4.10
CA THR I 121 40.56 19.79 -3.45
C THR I 121 40.48 18.46 -4.20
N MET I 122 40.53 18.47 -5.53
CA MET I 122 40.55 17.23 -6.31
C MET I 122 41.69 16.34 -5.86
N GLN I 123 42.91 16.86 -5.77
CA GLN I 123 44.03 16.07 -5.28
C GLN I 123 43.81 15.61 -3.84
N LEU I 124 43.32 16.50 -2.98
CA LEU I 124 43.12 16.17 -1.58
C LEU I 124 42.17 14.99 -1.42
N CYS I 125 41.08 14.94 -2.17
CA CYS I 125 40.22 13.76 -2.20
C CYS I 125 40.91 12.56 -2.82
N PHE I 126 41.45 12.70 -4.03
CA PHE I 126 41.89 11.55 -4.80
C PHE I 126 43.11 10.85 -4.17
N TYR I 127 44.05 11.62 -3.63
CA TYR I 127 45.30 11.12 -3.06
C TYR I 127 45.40 11.28 -1.54
N GLY I 128 44.35 11.75 -0.86
CA GLY I 128 44.38 12.02 0.58
C GLY I 128 45.29 13.19 0.99
N ASN I 129 45.95 13.81 0.03
CA ASN I 129 46.99 14.81 0.22
C ASN I 129 46.98 15.76 -0.97
N ALA I 130 47.34 17.02 -0.75
CA ALA I 130 47.57 17.99 -1.80
C ALA I 130 48.66 18.96 -1.39
N TYR I 131 49.41 19.47 -2.35
CA TYR I 131 50.59 20.29 -2.11
C TYR I 131 50.60 21.48 -3.06
N ALA I 132 50.95 22.65 -2.54
CA ALA I 132 51.29 23.80 -3.36
C ALA I 132 52.67 24.32 -2.97
N LEU I 133 53.44 24.73 -3.96
CA LEU I 133 54.58 25.58 -3.73
C LEU I 133 54.09 26.97 -3.33
N VAL I 134 54.59 27.45 -2.20
CA VAL I 134 54.39 28.81 -1.70
C VAL I 134 55.42 29.75 -2.31
N ASP I 135 55.06 31.01 -2.49
CA ASP I 135 56.03 32.08 -2.73
C ASP I 135 55.68 33.36 -1.96
N ARG I 136 56.70 34.12 -1.57
CA ARG I 136 56.62 35.29 -0.71
C ARG I 136 57.62 36.37 -1.12
N ASN I 137 57.26 37.63 -0.92
CA ASN I 137 58.04 38.80 -1.32
C ASN I 137 59.26 39.05 -0.41
N SER I 138 59.99 40.14 -0.65
CA SER I 138 61.11 40.58 0.19
C SER I 138 60.71 40.92 1.63
N ALA I 139 59.46 41.34 1.88
CA ALA I 139 58.91 41.48 3.23
C ALA I 139 58.59 40.14 3.90
N GLY I 140 58.67 39.03 3.16
CA GLY I 140 58.33 37.68 3.62
C GLY I 140 56.84 37.36 3.58
N ASP I 141 56.01 38.26 3.05
CA ASP I 141 54.57 38.07 2.90
C ASP I 141 54.25 37.31 1.62
N VAL I 142 53.31 36.37 1.67
CA VAL I 142 52.99 35.50 0.53
C VAL I 142 52.41 36.27 -0.64
N ILE I 143 52.78 35.84 -1.85
CA ILE I 143 52.41 36.46 -3.12
C ILE I 143 52.03 35.47 -4.21
N SER I 144 52.29 34.16 -4.03
CA SER I 144 51.83 33.17 -5.00
C SER I 144 51.62 31.80 -4.38
N LEU I 145 50.72 31.03 -4.98
CA LEU I 145 50.53 29.61 -4.73
C LEU I 145 50.40 28.88 -6.06
N LEU I 146 51.08 27.73 -6.16
CA LEU I 146 51.06 26.91 -7.36
C LEU I 146 50.93 25.42 -6.99
N PRO I 147 49.94 24.68 -7.50
CA PRO I 147 49.78 23.26 -7.20
C PRO I 147 50.94 22.40 -7.69
N LEU I 148 51.17 21.27 -7.00
CA LEU I 148 52.19 20.28 -7.31
C LEU I 148 51.56 18.88 -7.36
N GLN I 149 52.10 17.95 -8.13
CA GLN I 149 51.51 16.60 -8.23
C GLN I 149 51.71 15.79 -6.95
N SER I 150 50.62 15.41 -6.27
CA SER I 150 50.70 14.50 -5.12
C SER I 150 51.33 13.15 -5.49
N ALA I 151 51.21 12.71 -6.75
CA ALA I 151 51.87 11.52 -7.25
C ALA I 151 53.40 11.64 -7.37
N ASN I 152 53.95 12.85 -7.44
CA ASN I 152 55.39 13.10 -7.55
C ASN I 152 56.00 13.49 -6.20
N MET I 153 55.19 14.05 -5.31
CA MET I 153 55.59 14.42 -3.97
C MET I 153 55.83 13.19 -3.08
N ASP I 154 56.76 13.32 -2.16
CA ASP I 154 56.96 12.49 -0.99
C ASP I 154 57.33 13.39 0.20
N VAL I 155 56.92 13.02 1.40
CA VAL I 155 57.34 13.71 2.62
C VAL I 155 58.03 12.72 3.55
N LYS I 156 59.23 13.06 4.02
CA LYS I 156 60.00 12.21 4.95
C LYS I 156 60.58 13.02 6.10
N LEU I 157 60.57 12.43 7.29
CA LEU I 157 61.35 12.92 8.42
C LEU I 157 62.84 12.71 8.16
N VAL I 158 63.65 13.71 8.49
CA VAL I 158 65.09 13.77 8.19
C VAL I 158 65.79 14.40 9.38
N GLY I 159 66.36 13.55 10.25
CA GLY I 159 66.54 13.94 11.65
C GLY I 159 65.20 14.32 12.27
N LYS I 160 65.19 15.30 13.18
CA LYS I 160 63.94 15.89 13.71
C LYS I 160 63.21 16.78 12.71
N LYS I 161 63.87 17.19 11.63
CA LYS I 161 63.29 18.01 10.54
C LYS I 161 62.44 17.15 9.60
N VAL I 162 61.80 17.79 8.61
CA VAL I 162 61.07 17.12 7.53
C VAL I 162 61.49 17.66 6.17
N VAL I 163 61.47 16.81 5.15
CA VAL I 163 61.73 17.17 3.77
C VAL I 163 60.60 16.71 2.89
N TYR I 164 60.08 17.65 2.12
CA TYR I 164 59.21 17.41 0.98
C TYR I 164 60.11 17.13 -0.22
N ARG I 165 60.31 15.85 -0.52
CA ARG I 165 60.96 15.40 -1.73
C ARG I 165 59.95 15.48 -2.87
N TYR I 166 60.22 16.30 -3.87
CA TYR I 166 59.41 16.33 -5.08
C TYR I 166 60.18 15.79 -6.27
N GLN I 167 59.69 14.70 -6.87
CA GLN I 167 60.20 14.22 -8.15
C GLN I 167 59.72 15.13 -9.27
N ARG I 168 60.50 16.15 -9.64
CA ARG I 168 60.24 16.93 -10.86
C ARG I 168 60.85 16.19 -12.03
N ASP I 169 60.02 15.55 -12.83
CA ASP I 169 60.40 14.90 -14.08
C ASP I 169 61.45 13.80 -13.89
N SER I 170 62.74 14.14 -14.00
CA SER I 170 63.89 13.25 -13.82
C SER I 170 64.86 13.80 -12.76
N GLU I 171 64.35 14.66 -11.88
CA GLU I 171 65.06 15.35 -10.81
C GLU I 171 64.26 15.26 -9.52
N TYR I 172 64.94 15.51 -8.40
CA TYR I 172 64.47 15.09 -7.07
C TYR I 172 64.68 16.25 -6.11
N ALA I 173 63.88 17.30 -6.31
CA ALA I 173 63.92 18.50 -5.51
C ALA I 173 63.52 18.22 -4.07
N ASP I 174 63.97 19.07 -3.17
CA ASP I 174 63.71 18.96 -1.73
C ASP I 174 63.27 20.32 -1.18
N PHE I 175 62.28 20.30 -0.29
CA PHE I 175 61.70 21.52 0.24
C PHE I 175 61.34 21.40 1.71
N SER I 176 61.26 22.56 2.35
CA SER I 176 60.96 22.76 3.75
C SER I 176 59.47 22.89 4.02
N GLN I 177 59.09 22.68 5.28
CA GLN I 177 57.79 23.09 5.80
C GLN I 177 57.51 24.60 5.61
N LYS I 178 58.56 25.41 5.46
CA LYS I 178 58.46 26.85 5.23
C LYS I 178 57.90 27.24 3.86
N GLU I 179 57.95 26.34 2.88
CA GLU I 179 57.63 26.70 1.48
C GLU I 179 56.65 25.75 0.78
N ILE I 180 56.21 24.67 1.42
CA ILE I 180 55.18 23.76 0.90
C ILE I 180 53.93 23.84 1.78
N PHE I 181 52.76 24.08 1.19
CA PHE I 181 51.55 24.32 1.97
C PHE I 181 50.94 23.05 2.60
N HIS I 182 50.92 21.94 1.85
CA HIS I 182 50.51 20.59 2.27
C HIS I 182 49.19 20.48 3.06
N LEU I 183 48.05 20.26 2.40
CA LEU I 183 46.74 20.18 3.05
C LEU I 183 46.49 18.92 3.89
N LYS I 184 47.32 17.87 3.76
CA LYS I 184 47.48 16.77 4.74
C LYS I 184 46.16 16.20 5.30
N GLY I 185 45.48 15.35 4.54
CA GLY I 185 44.19 14.76 4.93
C GLY I 185 44.26 13.65 5.99
N PHE I 186 43.17 12.89 6.10
CA PHE I 186 42.91 11.81 7.06
C PHE I 186 43.99 10.72 7.08
N GLY I 187 44.63 10.46 8.23
CA GLY I 187 45.62 9.37 8.37
C GLY I 187 46.21 9.19 9.77
N PHE I 188 46.69 7.98 10.08
CA PHE I 188 47.13 7.59 11.44
C PHE I 188 48.34 8.37 11.98
N THR I 189 49.26 8.79 11.12
CA THR I 189 50.51 9.44 11.57
C THR I 189 50.32 10.89 11.99
N GLY I 190 49.28 11.56 11.50
CA GLY I 190 49.17 13.02 11.57
C GLY I 190 50.17 13.77 10.67
N LEU I 191 50.98 13.05 9.90
CA LEU I 191 52.01 13.58 9.01
C LEU I 191 51.60 13.53 7.54
N VAL I 192 50.83 12.53 7.12
CA VAL I 192 50.30 12.38 5.75
C VAL I 192 48.94 11.69 5.78
N GLY I 193 48.11 11.94 4.77
CA GLY I 193 46.81 11.27 4.63
C GLY I 193 46.93 9.93 3.92
N LEU I 194 46.02 9.00 4.21
CA LEU I 194 45.86 7.73 3.52
C LEU I 194 45.26 7.96 2.14
N SER I 195 45.95 7.55 1.08
CA SER I 195 45.51 7.82 -0.28
C SER I 195 44.31 6.94 -0.67
N PRO I 196 43.08 7.46 -0.80
CA PRO I 196 41.89 6.62 -0.82
C PRO I 196 41.85 5.67 -2.00
N ILE I 197 42.34 6.13 -3.15
CA ILE I 197 42.50 5.34 -4.36
C ILE I 197 43.26 4.04 -4.10
N ALA I 198 44.25 4.05 -3.20
CA ALA I 198 45.02 2.85 -2.89
C ALA I 198 44.18 1.78 -2.20
N PHE I 199 43.21 2.18 -1.37
CA PHE I 199 42.37 1.24 -0.64
C PHE I 199 41.18 0.79 -1.48
N ALA I 200 40.59 1.71 -2.24
CA ALA I 200 39.45 1.45 -3.09
C ALA I 200 39.74 0.47 -4.25
N CYS I 201 41.01 0.20 -4.56
CA CYS I 201 41.40 -0.56 -5.75
C CYS I 201 40.71 -1.93 -5.90
N LYS I 202 40.40 -2.64 -4.81
CA LYS I 202 39.76 -3.96 -4.92
C LYS I 202 38.32 -3.86 -5.36
N SER I 203 37.48 -3.10 -4.67
CA SER I 203 36.10 -2.93 -5.10
C SER I 203 36.03 -2.31 -6.49
N ALA I 204 36.91 -1.36 -6.80
CA ALA I 204 37.03 -0.84 -8.15
C ALA I 204 37.38 -1.96 -9.14
N GLY I 205 38.29 -2.85 -8.77
CA GLY I 205 38.62 -4.04 -9.54
C GLY I 205 37.39 -4.89 -9.85
N VAL I 206 36.54 -5.12 -8.86
CA VAL I 206 35.28 -5.86 -9.08
C VAL I 206 34.39 -5.11 -10.06
N ALA I 207 34.25 -3.81 -9.89
CA ALA I 207 33.41 -3.02 -10.76
C ALA I 207 33.89 -3.09 -12.20
N VAL I 208 35.18 -2.86 -12.46
CA VAL I 208 35.68 -2.91 -13.83
C VAL I 208 35.61 -4.32 -14.39
N ALA I 209 35.73 -5.39 -13.59
CA ALA I 209 35.56 -6.74 -14.11
C ALA I 209 34.16 -6.95 -14.70
N MET I 210 33.13 -6.55 -13.96
CA MET I 210 31.74 -6.69 -14.41
C MET I 210 31.45 -5.85 -15.63
N GLU I 211 31.92 -4.61 -15.65
CA GLU I 211 31.69 -3.69 -16.75
C GLU I 211 32.25 -4.24 -18.07
N ASP I 212 33.47 -4.77 -18.02
CA ASP I 212 34.08 -5.40 -19.18
C ASP I 212 33.27 -6.62 -19.65
N GLN I 213 32.89 -7.50 -18.71
CA GLN I 213 32.09 -8.67 -19.05
C GLN I 213 30.75 -8.27 -19.70
N GLN I 214 30.08 -7.28 -19.13
CA GLN I 214 28.78 -6.81 -19.57
C GLN I 214 28.85 -6.33 -21.02
N ARG I 215 29.86 -5.53 -21.37
CA ARG I 215 30.10 -5.11 -22.75
C ARG I 215 30.21 -6.32 -23.66
N ASP I 216 31.11 -7.21 -23.30
CA ASP I 216 31.59 -8.20 -24.23
C ASP I 216 30.51 -9.21 -24.60
N PHE I 217 29.55 -9.43 -23.71
CA PHE I 217 28.40 -10.27 -23.99
C PHE I 217 27.59 -9.74 -25.19
N PHE I 218 27.20 -8.47 -25.19
CA PHE I 218 26.51 -7.88 -26.33
C PHE I 218 27.43 -7.68 -27.52
N ALA I 219 28.71 -7.43 -27.29
CA ALA I 219 29.68 -7.29 -28.37
C ALA I 219 29.80 -8.58 -29.19
N ASN I 220 29.62 -9.75 -28.56
CA ASN I 220 29.55 -11.04 -29.24
C ASN I 220 28.13 -11.40 -29.68
N GLY I 221 27.27 -10.41 -29.88
CA GLY I 221 25.91 -10.61 -30.33
C GLY I 221 25.06 -11.48 -29.40
N ALA I 222 25.38 -11.50 -28.11
CA ALA I 222 24.64 -12.25 -27.09
C ALA I 222 24.47 -13.74 -27.44
N LYS I 223 25.55 -14.39 -27.89
CA LYS I 223 25.62 -15.83 -28.12
C LYS I 223 26.53 -16.49 -27.09
N SER I 224 26.04 -17.54 -26.44
CA SER I 224 26.74 -18.19 -25.32
C SER I 224 27.97 -18.98 -25.79
N PRO I 225 29.03 -19.06 -24.98
CA PRO I 225 30.23 -19.85 -25.31
C PRO I 225 29.91 -21.34 -25.47
N GLN I 226 30.63 -22.06 -26.34
CA GLN I 226 30.32 -23.44 -26.74
C GLN I 226 31.52 -24.37 -26.68
N ILE I 227 31.31 -25.59 -26.19
CA ILE I 227 32.18 -26.70 -26.54
C ILE I 227 31.86 -27.17 -27.96
N LEU I 228 32.82 -27.00 -28.85
CA LEU I 228 32.76 -27.57 -30.18
C LEU I 228 33.24 -29.01 -30.09
N SER I 229 32.26 -29.90 -30.05
CA SER I 229 32.43 -31.35 -30.08
C SER I 229 31.99 -31.95 -31.41
N THR I 230 32.93 -32.58 -32.13
CA THR I 230 32.72 -33.14 -33.47
C THR I 230 32.25 -34.59 -33.47
N GLY I 231 32.87 -35.46 -32.67
CA GLY I 231 32.75 -36.91 -32.77
C GLY I 231 34.10 -37.61 -32.59
N GLU I 232 34.23 -38.83 -33.11
CA GLU I 232 35.34 -39.75 -32.85
C GLU I 232 36.40 -39.85 -33.96
N LYS I 233 36.22 -39.17 -35.10
CA LYS I 233 37.18 -39.17 -36.20
C LYS I 233 38.43 -38.38 -35.85
N VAL I 234 39.60 -38.86 -36.25
CA VAL I 234 40.83 -38.04 -36.27
C VAL I 234 40.68 -36.89 -37.29
N LEU I 235 41.19 -35.71 -36.96
CA LEU I 235 41.14 -34.53 -37.83
C LEU I 235 42.51 -34.18 -38.38
N THR I 236 42.61 -33.94 -39.69
CA THR I 236 43.79 -33.27 -40.26
C THR I 236 43.90 -31.84 -39.73
N GLU I 237 45.09 -31.27 -39.77
CA GLU I 237 45.28 -29.89 -39.33
C GLU I 237 44.49 -28.90 -40.20
N GLN I 238 44.22 -29.26 -41.46
CA GLN I 238 43.34 -28.45 -42.31
C GLN I 238 41.88 -28.61 -41.91
N GLN I 239 41.42 -29.82 -41.58
CA GLN I 239 40.07 -30.02 -41.05
C GLN I 239 39.90 -29.21 -39.77
N ARG I 240 40.88 -29.24 -38.87
CA ARG I 240 40.92 -28.35 -37.69
C ARG I 240 40.85 -26.88 -38.12
N SER I 241 41.69 -26.44 -39.03
CA SER I 241 41.65 -25.07 -39.55
C SER I 241 40.28 -24.69 -40.10
N GLN I 242 39.54 -25.63 -40.68
CA GLN I 242 38.19 -25.39 -41.13
C GLN I 242 37.17 -25.42 -40.00
N VAL I 243 37.37 -26.15 -38.90
CA VAL I 243 36.57 -25.86 -37.72
C VAL I 243 36.81 -24.42 -37.29
N GLU I 244 38.05 -23.96 -37.33
CA GLU I 244 38.41 -22.58 -37.04
C GLU I 244 38.00 -21.57 -38.13
N GLU I 245 37.23 -21.94 -39.15
CA GLU I 245 36.98 -21.01 -40.26
C GLU I 245 35.64 -21.22 -40.96
N ASN I 246 35.18 -22.45 -41.11
CA ASN I 246 33.76 -22.74 -41.24
C ASN I 246 33.04 -22.19 -40.00
N PHE I 247 33.65 -22.43 -38.84
CA PHE I 247 33.09 -22.11 -37.53
C PHE I 247 34.04 -21.18 -36.76
N LYS I 248 33.83 -21.05 -35.44
CA LYS I 248 34.26 -19.96 -34.52
C LYS I 248 33.83 -18.54 -34.89
N GLU I 249 33.67 -18.24 -36.17
CA GLU I 249 33.23 -16.93 -36.68
C GLU I 249 31.83 -16.51 -36.20
N ILE I 250 31.04 -17.47 -35.70
CA ILE I 250 29.70 -17.32 -35.16
C ILE I 250 29.60 -16.25 -34.06
N ALA I 251 30.65 -16.03 -33.27
CA ALA I 251 30.67 -15.04 -32.19
C ALA I 251 30.55 -13.57 -32.66
N GLY I 252 30.68 -13.30 -33.96
CA GLY I 252 30.46 -11.98 -34.57
C GLY I 252 28.98 -11.61 -34.74
N GLY I 253 28.66 -10.89 -35.82
CA GLY I 253 27.31 -10.38 -36.09
C GLY I 253 26.37 -11.27 -36.94
N PRO I 254 26.62 -11.41 -38.26
CA PRO I 254 25.55 -11.66 -39.24
C PRO I 254 25.19 -13.12 -39.57
N VAL I 255 25.96 -14.12 -39.16
CA VAL I 255 25.92 -15.49 -39.76
C VAL I 255 24.76 -16.37 -39.24
N LYS I 256 23.55 -15.81 -39.07
CA LYS I 256 22.41 -16.45 -38.35
C LYS I 256 21.99 -17.82 -38.89
N LYS I 257 22.20 -17.98 -40.19
CA LYS I 257 21.49 -18.83 -41.13
C LYS I 257 21.84 -20.32 -41.14
N ARG I 258 23.11 -20.66 -40.95
CA ARG I 258 23.67 -21.89 -41.54
C ARG I 258 24.40 -22.88 -40.64
N LEU I 259 24.68 -22.52 -39.40
CA LEU I 259 25.83 -23.03 -38.65
C LEU I 259 25.89 -24.56 -38.64
N TRP I 260 26.73 -25.13 -39.50
CA TRP I 260 26.61 -26.50 -39.98
C TRP I 260 27.24 -27.56 -39.07
N ILE I 261 26.77 -28.81 -39.17
CA ILE I 261 27.36 -29.97 -38.51
C ILE I 261 27.74 -31.04 -39.54
N LEU I 262 29.01 -31.48 -39.48
CA LEU I 262 29.56 -32.50 -40.37
C LEU I 262 29.20 -33.91 -39.88
N GLU I 263 29.41 -34.90 -40.75
CA GLU I 263 28.90 -36.26 -40.61
C GLU I 263 29.47 -37.06 -39.42
N ALA I 264 30.44 -36.50 -38.69
CA ALA I 264 30.83 -36.99 -37.36
C ALA I 264 29.72 -36.85 -36.29
N GLY I 265 28.60 -36.19 -36.62
CA GLY I 265 27.37 -36.16 -35.83
C GLY I 265 27.34 -35.07 -34.75
N PHE I 266 28.49 -34.75 -34.15
CA PHE I 266 28.69 -33.64 -33.21
C PHE I 266 27.85 -33.73 -31.91
N SER I 267 28.18 -32.94 -30.90
CA SER I 267 27.41 -32.88 -29.64
C SER I 267 27.43 -31.50 -28.99
N THR I 268 27.58 -30.45 -29.79
CA THR I 268 28.04 -29.13 -29.34
C THR I 268 27.06 -28.48 -28.37
N SER I 269 27.56 -27.89 -27.28
CA SER I 269 26.69 -27.33 -26.23
C SER I 269 27.29 -26.11 -25.52
N ALA I 270 26.42 -25.35 -24.87
CA ALA I 270 26.77 -24.10 -24.22
C ALA I 270 27.43 -24.30 -22.85
N ILE I 271 28.28 -23.37 -22.44
CA ILE I 271 28.91 -23.35 -21.10
C ILE I 271 28.75 -22.03 -20.32
N GLY I 272 28.11 -21.01 -20.90
CA GLY I 272 27.80 -19.76 -20.18
C GLY I 272 26.54 -19.87 -19.32
N VAL I 273 26.50 -19.20 -18.17
CA VAL I 273 25.33 -19.28 -17.26
C VAL I 273 24.11 -18.46 -17.71
N THR I 274 24.31 -17.55 -18.66
CA THR I 274 23.38 -16.48 -19.05
C THR I 274 23.16 -15.42 -17.98
N PRO I 275 23.26 -14.12 -18.30
CA PRO I 275 22.95 -13.00 -17.40
C PRO I 275 21.52 -12.96 -16.85
N GLN I 276 20.68 -13.93 -17.20
CA GLN I 276 19.47 -14.24 -16.45
C GLN I 276 19.75 -14.74 -15.04
N ASP I 277 20.99 -15.07 -14.70
CA ASP I 277 21.40 -15.32 -13.32
C ASP I 277 21.02 -14.16 -12.38
N ALA I 278 20.83 -14.48 -11.11
CA ALA I 278 20.32 -13.53 -10.12
C ALA I 278 21.30 -12.39 -9.76
N GLU I 279 22.57 -12.47 -10.12
CA GLU I 279 23.51 -11.40 -9.83
C GLU I 279 23.35 -10.26 -10.83
N MET I 280 23.35 -10.58 -12.12
CA MET I 280 23.83 -9.65 -13.15
C MET I 280 23.46 -8.18 -12.95
N MET I 281 22.16 -7.86 -12.94
CA MET I 281 21.72 -6.49 -12.75
C MET I 281 22.03 -5.98 -11.34
N ALA I 282 21.50 -6.64 -10.30
CA ALA I 282 21.65 -6.19 -8.92
C ALA I 282 23.11 -5.97 -8.54
N SER I 283 24.00 -6.80 -9.05
CA SER I 283 25.43 -6.68 -8.89
C SER I 283 25.94 -5.29 -9.21
N ARG I 284 25.53 -4.75 -10.36
CA ARG I 284 25.97 -3.43 -10.82
C ARG I 284 25.52 -2.36 -9.84
N LYS I 285 24.25 -2.42 -9.43
CA LYS I 285 23.69 -1.48 -8.47
C LYS I 285 24.49 -1.49 -7.18
N PHE I 286 24.72 -2.68 -6.63
CA PHE I 286 25.36 -2.82 -5.33
C PHE I 286 26.71 -2.11 -5.26
N GLN I 287 27.55 -2.30 -6.27
CA GLN I 287 28.90 -1.78 -6.36
C GLN I 287 28.95 -0.26 -6.37
N VAL I 288 27.90 0.43 -6.79
CA VAL I 288 27.89 1.90 -6.69
C VAL I 288 28.07 2.32 -5.24
N SER I 289 27.38 1.65 -4.31
CA SER I 289 27.49 2.00 -2.90
C SER I 289 28.91 1.78 -2.38
N GLU I 290 29.56 0.70 -2.83
CA GLU I 290 30.89 0.37 -2.40
C GLU I 290 31.87 1.48 -2.72
N LEU I 291 31.82 1.99 -3.94
CA LEU I 291 32.71 3.06 -4.34
C LEU I 291 32.33 4.36 -3.63
N ALA I 292 31.05 4.67 -3.54
CA ALA I 292 30.60 5.87 -2.85
C ALA I 292 31.09 5.92 -1.41
N ARG I 293 31.16 4.78 -0.72
CA ARG I 293 31.62 4.75 0.67
C ARG I 293 33.06 5.20 0.87
N PHE I 294 33.93 5.12 -0.15
CA PHE I 294 35.27 5.69 0.02
C PHE I 294 35.26 7.21 0.13
N PHE I 295 34.26 7.87 -0.46
CA PHE I 295 34.12 9.32 -0.46
C PHE I 295 33.08 9.81 0.54
N GLY I 296 32.19 8.94 1.01
CA GLY I 296 31.19 9.26 2.02
C GLY I 296 30.05 10.14 1.51
N VAL I 297 29.56 9.86 0.30
CA VAL I 297 28.46 10.61 -0.33
C VAL I 297 27.16 9.82 -0.25
N PRO I 298 26.05 10.41 0.24
CA PRO I 298 24.74 9.78 0.25
C PRO I 298 24.27 9.34 -1.15
N PRO I 299 23.95 8.06 -1.39
CA PRO I 299 23.79 7.55 -2.76
C PRO I 299 22.65 8.17 -3.57
N HIS I 300 21.64 8.73 -2.92
CA HIS I 300 20.60 9.44 -3.65
C HIS I 300 21.13 10.71 -4.32
N LEU I 301 22.14 11.37 -3.73
CA LEU I 301 22.84 12.47 -4.41
C LEU I 301 23.68 11.95 -5.58
N VAL I 302 24.12 10.70 -5.52
CA VAL I 302 24.82 9.99 -6.61
C VAL I 302 23.83 9.49 -7.68
N GLY I 303 22.54 9.77 -7.52
CA GLY I 303 21.50 9.51 -8.52
C GLY I 303 20.93 8.09 -8.50
N ASP I 304 21.14 7.33 -7.43
CA ASP I 304 20.62 5.96 -7.33
C ASP I 304 19.18 5.89 -6.80
N VAL I 305 18.41 4.95 -7.36
CA VAL I 305 17.21 4.31 -6.77
C VAL I 305 16.23 5.30 -6.14
N GLU I 306 16.29 5.56 -4.84
CA GLU I 306 15.29 6.32 -4.10
C GLU I 306 15.91 7.28 -3.07
N LYS I 307 15.23 8.41 -2.88
CA LYS I 307 15.71 9.58 -2.13
C LYS I 307 15.28 9.49 -0.65
N SER I 308 15.90 10.28 0.22
CA SER I 308 15.83 10.08 1.68
C SER I 308 14.42 10.19 2.26
N THR I 309 13.88 9.06 2.74
CA THR I 309 12.50 8.96 3.25
C THR I 309 12.32 9.52 4.67
N SER I 310 13.37 9.49 5.50
CA SER I 310 13.21 9.43 6.98
C SER I 310 14.28 10.19 7.78
N TRP I 311 14.76 11.32 7.25
CA TRP I 311 15.61 12.28 8.00
C TRP I 311 15.22 13.76 7.79
N GLY I 312 14.00 14.00 7.31
CA GLY I 312 13.52 15.31 6.84
C GLY I 312 13.40 15.33 5.32
N SER I 313 12.24 15.75 4.82
CA SER I 313 11.93 15.81 3.38
C SER I 313 12.40 17.10 2.72
N GLY I 314 12.42 18.22 3.44
CA GLY I 314 12.75 19.53 2.88
C GLY I 314 14.20 19.65 2.42
N ILE I 315 14.42 20.38 1.32
CA ILE I 315 15.72 20.55 0.69
C ILE I 315 16.79 21.03 1.68
N GLU I 316 16.41 21.92 2.58
CA GLU I 316 17.30 22.44 3.61
C GLU I 316 17.83 21.32 4.51
N GLN I 317 17.01 20.34 4.86
CA GLN I 317 17.45 19.22 5.65
C GLN I 317 18.37 18.30 4.85
N GLN I 318 18.16 18.16 3.54
CA GLN I 318 19.13 17.45 2.71
C GLN I 318 20.48 18.14 2.77
N ASN I 319 20.48 19.46 2.68
CA ASN I 319 21.71 20.25 2.71
C ASN I 319 22.41 20.15 4.06
N LEU I 320 21.68 20.25 5.16
CA LEU I 320 22.25 20.05 6.49
C LEU I 320 22.87 18.66 6.63
N GLY I 321 22.16 17.63 6.20
CA GLY I 321 22.70 16.28 6.22
C GLY I 321 24.01 16.19 5.47
N PHE I 322 24.02 16.67 4.24
CA PHE I 322 25.21 16.64 3.42
C PHE I 322 26.36 17.46 4.02
N LEU I 323 26.04 18.60 4.63
CA LEU I 323 27.04 19.43 5.27
C LEU I 323 27.65 18.69 6.46
N GLN I 324 26.82 18.34 7.43
CA GLN I 324 27.25 17.84 8.73
C GLN I 324 27.94 16.50 8.62
N TYR I 325 27.55 15.66 7.66
CA TYR I 325 28.09 14.31 7.53
C TYR I 325 29.08 14.15 6.37
N THR I 326 29.27 15.15 5.51
CA THR I 326 30.19 15.01 4.37
C THR I 326 31.04 16.24 4.12
N LEU I 327 30.48 17.43 3.96
CA LEU I 327 31.29 18.58 3.53
C LEU I 327 32.14 19.18 4.64
N GLN I 328 31.61 19.29 5.86
CA GLN I 328 32.22 20.03 6.96
C GLN I 328 33.73 19.83 7.14
N PRO I 329 34.28 18.61 7.04
CA PRO I 329 35.67 18.40 7.38
C PRO I 329 36.62 19.14 6.44
N TYR I 330 36.27 19.22 5.17
CA TYR I 330 37.07 19.93 4.19
C TYR I 330 37.13 21.41 4.49
N ILE I 331 36.00 21.96 4.92
CA ILE I 331 35.91 23.35 5.31
C ILE I 331 36.90 23.62 6.45
N SER I 332 36.86 22.75 7.46
CA SER I 332 37.79 22.81 8.57
C SER I 332 39.24 22.74 8.08
N ARG I 333 39.58 21.76 7.24
CA ARG I 333 40.96 21.59 6.77
C ARG I 333 41.49 22.85 6.09
N TRP I 334 40.72 23.45 5.19
CA TRP I 334 41.14 24.69 4.54
C TRP I 334 41.38 25.79 5.58
N GLU I 335 40.34 26.14 6.33
CA GLU I 335 40.39 27.27 7.25
C GLU I 335 41.51 27.09 8.28
N ASN I 336 41.64 25.89 8.84
CA ASN I 336 42.68 25.58 9.78
C ASN I 336 44.07 25.66 9.16
N SER I 337 44.27 25.11 7.97
CA SER I 337 45.60 25.16 7.34
C SER I 337 46.05 26.59 7.10
N ILE I 338 45.13 27.42 6.64
CA ILE I 338 45.41 28.82 6.39
C ILE I 338 45.85 29.49 7.69
N GLN I 339 45.10 29.26 8.77
CA GLN I 339 45.40 29.82 10.07
C GLN I 339 46.71 29.27 10.69
N ARG I 340 47.08 28.03 10.35
CA ARG I 340 48.26 27.37 10.93
C ARG I 340 49.57 27.72 10.25
N TRP I 341 49.53 28.02 8.96
CA TRP I 341 50.74 28.19 8.15
C TRP I 341 50.84 29.54 7.47
N LEU I 342 49.72 30.13 7.04
CA LEU I 342 49.75 31.34 6.21
C LEU I 342 49.59 32.61 7.03
N ILE I 343 48.64 32.65 7.95
CA ILE I 343 48.51 33.77 8.89
C ILE I 343 49.69 33.72 9.88
N PRO I 344 50.50 34.78 10.00
CA PRO I 344 51.59 34.83 10.98
C PRO I 344 51.09 34.82 12.42
N SER I 345 51.91 34.29 13.34
CA SER I 345 51.55 34.08 14.75
C SER I 345 51.04 35.35 15.44
N LYS I 346 51.68 36.49 15.18
CA LYS I 346 51.29 37.81 15.73
C LYS I 346 49.89 38.27 15.34
N ASP I 347 49.32 37.71 14.29
CA ASP I 347 47.99 38.05 13.76
C ASP I 347 46.92 37.01 14.10
N VAL I 348 47.29 35.89 14.73
CA VAL I 348 46.35 34.89 15.21
C VAL I 348 45.37 35.52 16.19
N GLY I 349 44.09 35.21 16.03
CA GLY I 349 42.99 35.83 16.79
C GLY I 349 42.59 37.21 16.30
N ARG I 350 43.47 37.94 15.60
CA ARG I 350 43.11 39.19 14.91
C ARG I 350 42.50 38.89 13.56
N LEU I 351 43.20 38.09 12.76
CA LEU I 351 42.78 37.71 11.42
C LEU I 351 42.19 36.32 11.42
N HIS I 352 41.12 36.14 10.66
CA HIS I 352 40.34 34.92 10.64
C HIS I 352 39.71 34.68 9.26
N ALA I 353 40.12 33.63 8.56
CA ALA I 353 39.50 33.23 7.30
C ALA I 353 38.28 32.32 7.52
N GLU I 354 37.20 32.54 6.79
CA GLU I 354 36.01 31.68 6.83
C GLU I 354 35.26 31.60 5.50
N HIS I 355 34.71 30.43 5.22
CA HIS I 355 33.69 30.26 4.19
C HIS I 355 32.33 30.79 4.62
N ASN I 356 31.44 31.05 3.66
CA ASN I 356 30.03 31.36 3.90
C ASN I 356 29.14 30.15 3.54
N LEU I 357 28.27 29.73 4.45
CA LEU I 357 27.40 28.56 4.31
C LEU I 357 26.03 28.86 3.65
N ASP I 358 25.64 30.13 3.58
CA ASP I 358 24.27 30.50 3.22
C ASP I 358 23.86 30.04 1.82
N GLY I 359 24.82 29.96 0.90
CA GLY I 359 24.57 29.43 -0.45
C GLY I 359 24.01 28.01 -0.44
N LEU I 360 24.34 27.20 0.56
CA LEU I 360 23.71 25.90 0.79
C LEU I 360 22.51 26.01 1.71
N LEU I 361 22.62 26.74 2.81
CA LEU I 361 21.56 26.78 3.83
C LEU I 361 20.33 27.57 3.37
N ARG I 362 20.35 28.16 2.18
CA ARG I 362 19.23 28.86 1.53
C ARG I 362 17.95 28.03 1.59
N GLY I 363 16.92 28.59 2.24
CA GLY I 363 15.54 28.07 2.21
C GLY I 363 14.74 28.55 1.01
N ASP I 364 13.52 28.04 0.87
CA ASP I 364 12.56 28.56 -0.11
C ASP I 364 11.96 29.91 0.31
N SER I 365 11.23 30.51 -0.61
CA SER I 365 10.55 31.79 -0.44
C SER I 365 9.69 31.83 0.82
N ALA I 366 8.86 30.81 1.04
CA ALA I 366 7.96 30.78 2.18
C ALA I 366 8.73 30.74 3.50
N SER I 367 9.69 29.83 3.61
CA SER I 367 10.46 29.68 4.83
C SER I 367 11.29 30.92 5.10
N ARG I 368 11.97 31.47 4.09
CA ARG I 368 12.80 32.65 4.30
C ARG I 368 11.96 33.88 4.67
N ALA I 369 10.79 34.06 4.07
CA ALA I 369 9.88 35.12 4.46
C ALA I 369 9.48 34.99 5.93
N ALA I 370 9.01 33.82 6.34
CA ALA I 370 8.63 33.57 7.73
C ALA I 370 9.80 33.83 8.68
N PHE I 371 10.99 33.34 8.33
CA PHE I 371 12.20 33.54 9.12
C PHE I 371 12.49 35.02 9.32
N MET I 372 12.54 35.81 8.25
CA MET I 372 12.82 37.24 8.37
C MET I 372 11.76 37.94 9.22
N LYS I 373 10.48 37.61 9.03
CA LYS I 373 9.41 38.18 9.86
C LYS I 373 9.62 37.88 11.34
N ALA I 374 10.04 36.66 11.65
CA ALA I 374 10.38 36.25 13.01
C ALA I 374 11.64 36.92 13.57
N MET I 375 12.47 37.56 12.75
CA MET I 375 13.55 38.42 13.25
C MET I 375 13.14 39.89 13.32
N GLY I 376 12.22 40.31 12.47
CA GLY I 376 11.66 41.64 12.43
C GLY I 376 10.86 41.93 13.70
N GLU I 377 9.77 41.20 13.92
CA GLU I 377 9.30 41.00 15.29
C GLU I 377 10.32 40.16 16.05
N SER I 378 10.29 40.19 17.38
CA SER I 378 11.45 39.92 18.26
C SER I 378 12.59 40.94 18.14
N GLY I 379 12.86 41.46 16.94
CA GLY I 379 13.86 42.51 16.75
C GLY I 379 15.29 41.98 16.76
N LEU I 380 15.50 40.72 16.38
CA LEU I 380 16.83 40.14 16.20
C LEU I 380 17.61 40.73 15.03
N ARG I 381 16.98 41.46 14.11
CA ARG I 381 17.66 42.29 13.09
C ARG I 381 16.94 43.60 12.85
N THR I 382 17.71 44.59 12.42
CA THR I 382 17.24 45.76 11.69
C THR I 382 16.85 45.40 10.28
N ILE I 383 15.99 46.22 9.66
CA ILE I 383 15.71 46.09 8.23
C ILE I 383 16.99 46.23 7.42
N ASN I 384 17.90 47.12 7.81
CA ASN I 384 19.15 47.33 7.09
C ASN I 384 20.01 46.08 7.03
N GLU I 385 20.18 45.36 8.14
CA GLU I 385 20.90 44.10 8.13
C GLU I 385 20.26 43.12 7.15
N MET I 386 18.95 42.93 7.23
CA MET I 386 18.26 42.00 6.35
C MET I 386 18.37 42.44 4.89
N ARG I 387 18.19 43.72 4.59
CA ARG I 387 18.41 44.28 3.25
C ARG I 387 19.84 44.13 2.75
N ARG I 388 20.82 44.08 3.65
CA ARG I 388 22.20 43.83 3.23
C ARG I 388 22.35 42.41 2.71
N THR I 389 21.61 41.44 3.26
CA THR I 389 21.75 40.04 2.86
C THR I 389 21.44 39.82 1.39
N ASP I 390 20.48 40.56 0.85
CA ASP I 390 20.09 40.56 -0.55
C ASP I 390 20.46 41.88 -1.25
N ASN I 391 21.46 42.59 -0.72
CA ASN I 391 22.07 43.80 -1.26
C ASN I 391 21.10 44.92 -1.68
N MET I 392 19.91 44.96 -1.08
CA MET I 392 18.97 46.06 -1.25
C MET I 392 19.53 47.37 -0.67
N PRO I 393 19.15 48.54 -1.20
CA PRO I 393 19.52 49.82 -0.61
C PRO I 393 18.98 49.96 0.82
N PRO I 394 19.76 50.50 1.77
CA PRO I 394 19.34 50.73 3.14
C PRO I 394 18.30 51.86 3.27
N LEU I 395 17.67 51.92 4.45
CA LEU I 395 16.62 52.88 4.84
C LEU I 395 16.74 53.22 6.33
N PRO I 396 16.12 54.30 6.86
CA PRO I 396 16.10 54.56 8.30
C PRO I 396 15.61 53.36 9.12
N GLY I 397 16.44 52.88 10.04
CA GLY I 397 16.17 51.71 10.89
C GLY I 397 17.36 51.30 11.76
N ILE J 52 35.18 3.71 -31.44
CA ILE J 52 34.19 4.70 -30.93
C ILE J 52 34.63 6.13 -31.24
N ASN J 53 33.71 7.07 -31.42
CA ASN J 53 34.02 8.47 -31.71
C ASN J 53 33.00 9.42 -31.08
N ASP J 54 33.39 10.69 -30.96
CA ASP J 54 32.64 11.71 -30.23
C ASP J 54 31.22 11.92 -30.79
N GLU J 55 31.06 11.86 -32.09
CA GLU J 55 29.75 12.04 -32.71
C GLU J 55 28.82 10.86 -32.41
N ARG J 56 29.34 9.63 -32.50
CA ARG J 56 28.55 8.44 -32.11
C ARG J 56 28.16 8.51 -30.64
N ILE J 57 29.03 9.04 -29.77
CA ILE J 57 28.69 9.25 -28.37
C ILE J 57 27.60 10.31 -28.25
N LEU J 58 27.73 11.42 -28.97
CA LEU J 58 26.73 12.47 -28.95
C LEU J 58 25.36 12.01 -29.45
N GLN J 59 25.31 11.00 -30.30
CA GLN J 59 24.05 10.38 -30.71
C GLN J 59 23.32 9.60 -29.61
N ILE J 60 23.87 9.45 -28.40
CA ILE J 60 23.13 8.89 -27.26
C ILE J 60 22.16 9.93 -26.67
N SER J 61 20.86 9.62 -26.59
CA SER J 61 19.84 10.61 -26.20
C SER J 61 20.12 11.29 -24.86
N THR J 62 20.62 10.52 -23.90
CA THR J 62 20.95 11.00 -22.56
C THR J 62 22.01 12.08 -22.62
N VAL J 63 23.06 11.85 -23.39
CA VAL J 63 24.16 12.79 -23.54
C VAL J 63 23.67 14.06 -24.19
N TRP J 64 22.94 13.91 -25.29
CA TRP J 64 22.33 15.01 -26.01
C TRP J 64 21.49 15.86 -25.06
N ARG J 65 20.62 15.24 -24.27
CA ARG J 65 19.74 15.95 -23.34
C ARG J 65 20.55 16.71 -22.30
N CYS J 66 21.51 16.07 -21.66
CA CYS J 66 22.27 16.72 -20.59
C CYS J 66 22.96 17.97 -21.09
N VAL J 67 23.68 17.84 -22.21
CA VAL J 67 24.41 18.96 -22.79
C VAL J 67 23.43 20.05 -23.16
N SER J 68 22.33 19.68 -23.82
CA SER J 68 21.30 20.64 -24.18
C SER J 68 20.82 21.40 -22.96
N LEU J 69 20.42 20.68 -21.93
CA LEU J 69 19.81 21.28 -20.77
C LEU J 69 20.75 22.29 -20.12
N ILE J 70 21.94 21.86 -19.71
CA ILE J 70 22.82 22.68 -18.90
C ILE J 70 23.17 23.97 -19.65
N SER J 71 23.66 23.81 -20.87
CA SER J 71 24.08 24.95 -21.68
C SER J 71 22.93 25.91 -21.93
N THR J 72 21.77 25.38 -22.27
CA THR J 72 20.65 26.21 -22.64
C THR J 72 20.13 26.95 -21.42
N LEU J 73 20.03 26.29 -20.27
CA LEU J 73 19.55 26.92 -19.06
C LEU J 73 20.45 28.09 -18.69
N THR J 74 21.76 27.87 -18.60
CA THR J 74 22.62 29.00 -18.28
C THR J 74 22.61 30.07 -19.35
N ALA J 75 22.28 29.73 -20.60
CA ALA J 75 22.12 30.71 -21.65
C ALA J 75 20.81 31.50 -21.54
N CYS J 76 19.78 30.95 -20.90
CA CYS J 76 18.51 31.65 -20.69
C CYS J 76 18.59 32.70 -19.59
N LEU J 77 19.50 32.57 -18.63
CA LEU J 77 19.55 33.49 -17.49
C LEU J 77 19.84 34.92 -17.94
N PRO J 78 19.21 35.94 -17.34
CA PRO J 78 19.66 37.31 -17.50
C PRO J 78 21.07 37.46 -16.91
N LEU J 79 21.95 38.17 -17.60
CA LEU J 79 23.27 38.55 -17.10
C LEU J 79 23.35 40.07 -17.00
N ASP J 80 23.63 40.55 -15.80
CA ASP J 80 23.66 41.97 -15.48
C ASP J 80 25.05 42.41 -15.05
N VAL J 81 25.35 43.67 -15.30
CA VAL J 81 26.62 44.31 -14.95
C VAL J 81 26.33 45.51 -14.08
N PHE J 82 27.20 45.74 -13.10
CA PHE J 82 27.00 46.69 -12.04
C PHE J 82 28.22 47.55 -11.84
N GLU J 83 27.98 48.83 -11.61
CA GLU J 83 28.91 49.70 -10.96
C GLU J 83 28.52 49.79 -9.49
N THR J 84 29.51 49.67 -8.64
CA THR J 84 29.36 49.55 -7.21
C THR J 84 29.88 50.82 -6.59
N ASP J 85 29.03 51.55 -5.89
CA ASP J 85 29.44 52.78 -5.20
C ASP J 85 30.32 52.45 -3.97
N GLN J 86 31.11 53.43 -3.52
CA GLN J 86 31.96 53.31 -2.32
C GLN J 86 31.19 53.01 -1.03
N ASN J 87 29.92 53.42 -0.91
CA ASN J 87 29.02 53.05 0.19
C ASN J 87 28.41 51.65 0.01
N ASP J 88 28.87 50.89 -0.99
CA ASP J 88 28.47 49.53 -1.32
C ASP J 88 27.00 49.39 -1.80
N ASN J 89 26.56 50.31 -2.66
CA ASN J 89 25.29 50.22 -3.39
C ASN J 89 25.54 49.83 -4.85
N ARG J 90 24.75 48.87 -5.37
CA ARG J 90 24.76 48.51 -6.79
C ARG J 90 23.98 49.52 -7.62
N LYS J 91 24.55 49.93 -8.74
CA LYS J 91 23.84 50.48 -9.89
C LYS J 91 24.00 49.50 -11.04
N LYS J 92 22.91 49.00 -11.59
CA LYS J 92 22.96 48.25 -12.85
C LYS J 92 23.31 49.22 -13.98
N VAL J 93 24.24 48.85 -14.86
CA VAL J 93 24.72 49.71 -15.96
C VAL J 93 23.95 49.48 -17.27
N ASP J 94 24.02 50.44 -18.19
CA ASP J 94 23.29 50.45 -19.46
C ASP J 94 24.09 49.95 -20.66
N LEU J 95 23.40 49.69 -21.78
CA LEU J 95 23.99 49.32 -23.07
C LEU J 95 24.87 50.41 -23.71
N SER J 96 25.00 51.57 -23.08
CA SER J 96 26.03 52.56 -23.39
C SER J 96 27.42 52.12 -22.95
N ASN J 97 27.55 51.32 -21.89
CA ASN J 97 28.85 50.83 -21.46
C ASN J 97 29.39 49.80 -22.46
N PRO J 98 30.67 49.87 -22.87
CA PRO J 98 31.19 49.01 -23.93
C PRO J 98 31.14 47.52 -23.58
N LEU J 99 31.57 47.15 -22.38
CA LEU J 99 31.55 45.77 -21.92
C LEU J 99 30.11 45.26 -21.78
N ALA J 100 29.24 46.05 -21.16
CA ALA J 100 27.85 45.68 -21.00
C ALA J 100 27.18 45.44 -22.36
N ARG J 101 27.46 46.28 -23.36
CA ARG J 101 26.94 46.07 -24.72
C ARG J 101 27.53 44.82 -25.35
N LEU J 102 28.82 44.60 -25.20
CA LEU J 102 29.50 43.42 -25.74
C LEU J 102 28.85 42.15 -25.19
N LEU J 103 28.59 42.14 -23.88
CA LEU J 103 27.99 41.03 -23.18
C LEU J 103 26.51 40.87 -23.50
N ARG J 104 25.71 41.89 -23.22
CA ARG J 104 24.26 41.79 -23.18
C ARG J 104 23.62 41.96 -24.54
N TYR J 105 24.21 42.77 -25.42
CA TYR J 105 23.63 43.04 -26.74
C TYR J 105 24.30 42.24 -27.86
N SER J 106 25.62 42.34 -28.02
CA SER J 106 26.31 41.72 -29.16
C SER J 106 27.79 41.42 -28.91
N PRO J 107 28.22 40.15 -28.95
CA PRO J 107 29.60 39.75 -28.79
C PRO J 107 30.46 40.00 -30.05
N ASN J 108 29.84 39.99 -31.23
CA ASN J 108 30.50 40.12 -32.53
C ASN J 108 29.48 40.34 -33.64
N GLN J 109 29.96 40.67 -34.83
CA GLN J 109 29.14 40.92 -36.01
C GLN J 109 28.41 39.70 -36.61
N TYR J 110 28.31 38.57 -35.91
CA TYR J 110 27.63 37.37 -36.39
C TYR J 110 26.61 36.78 -35.41
N MET J 111 26.65 37.16 -34.14
CA MET J 111 25.97 36.40 -33.09
C MET J 111 25.13 37.24 -32.14
N THR J 112 24.19 36.56 -31.52
CA THR J 112 23.44 36.98 -30.35
C THR J 112 24.24 36.72 -29.08
N ALA J 113 23.98 37.44 -28.01
CA ALA J 113 24.57 37.13 -26.70
C ALA J 113 24.20 35.73 -26.20
N GLN J 114 22.91 35.39 -26.21
CA GLN J 114 22.39 34.09 -25.77
C GLN J 114 23.14 32.96 -26.48
N GLU J 115 23.10 33.05 -27.80
CA GLU J 115 23.75 32.15 -28.74
C GLU J 115 25.23 31.94 -28.42
N PHE J 116 25.95 33.04 -28.16
CA PHE J 116 27.35 32.95 -27.79
C PHE J 116 27.56 32.21 -26.47
N ARG J 117 26.81 32.57 -25.42
CA ARG J 117 26.99 31.90 -24.12
C ARG J 117 26.70 30.42 -24.21
N GLU J 118 25.65 30.07 -24.93
CA GLU J 118 25.30 28.68 -25.18
C GLU J 118 26.48 27.95 -25.83
N ALA J 119 26.98 28.48 -26.95
CA ALA J 119 28.05 27.87 -27.71
C ALA J 119 29.30 27.63 -26.87
N MET J 120 29.71 28.63 -26.09
CA MET J 120 30.83 28.50 -25.16
C MET J 120 30.59 27.37 -24.17
N THR J 121 29.41 27.35 -23.58
CA THR J 121 29.10 26.38 -22.54
C THR J 121 29.06 24.96 -23.05
N MET J 122 28.58 24.74 -24.28
CA MET J 122 28.63 23.40 -24.88
C MET J 122 30.06 22.86 -24.90
N GLN J 123 31.01 23.65 -25.39
CA GLN J 123 32.40 23.20 -25.37
C GLN J 123 32.94 23.01 -23.97
N LEU J 124 32.59 23.91 -23.05
CA LEU J 124 33.02 23.78 -21.67
C LEU J 124 32.57 22.45 -21.06
N CYS J 125 31.32 22.05 -21.28
CA CYS J 125 30.83 20.76 -20.80
C CYS J 125 31.48 19.60 -21.55
N PHE J 126 31.55 19.68 -22.87
CA PHE J 126 31.92 18.53 -23.68
C PHE J 126 33.41 18.23 -23.62
N TYR J 127 34.24 19.27 -23.67
CA TYR J 127 35.69 19.17 -23.69
C TYR J 127 36.34 19.57 -22.36
N GLY J 128 35.56 19.92 -21.36
CA GLY J 128 36.08 20.48 -20.11
C GLY J 128 36.69 21.87 -20.27
N ASN J 129 36.69 22.44 -21.49
CA ASN J 129 37.37 23.68 -21.83
C ASN J 129 36.67 24.34 -23.01
N ALA J 130 36.69 25.65 -23.04
CA ALA J 130 36.22 26.46 -24.17
C ALA J 130 37.13 27.67 -24.32
N TYR J 131 37.33 28.13 -25.55
CA TYR J 131 38.26 29.20 -25.88
C TYR J 131 37.59 30.20 -26.80
N ALA J 132 37.82 31.49 -26.58
CA ALA J 132 37.42 32.53 -27.51
C ALA J 132 38.58 33.47 -27.77
N LEU J 133 38.71 33.89 -29.02
CA LEU J 133 39.51 35.04 -29.38
C LEU J 133 38.88 36.27 -28.74
N VAL J 134 39.74 37.07 -28.11
CA VAL J 134 39.41 38.38 -27.54
C VAL J 134 39.99 39.46 -28.44
N ASP J 135 39.18 40.46 -28.77
CA ASP J 135 39.61 41.63 -29.53
C ASP J 135 39.34 42.92 -28.77
N ARG J 136 40.20 43.92 -28.91
CA ARG J 136 40.18 45.17 -28.15
C ARG J 136 40.64 46.38 -28.97
N ASN J 137 40.14 47.56 -28.64
CA ASN J 137 40.45 48.81 -29.32
C ASN J 137 41.83 49.39 -28.93
N SER J 138 42.16 50.55 -29.49
CA SER J 138 43.39 51.29 -29.17
C SER J 138 43.49 51.69 -27.69
N ALA J 139 42.37 51.99 -27.02
CA ALA J 139 42.31 52.24 -25.59
C ALA J 139 42.44 50.96 -24.72
N GLY J 140 42.51 49.79 -25.35
CA GLY J 140 42.62 48.48 -24.72
C GLY J 140 41.30 47.84 -24.29
N ASP J 141 40.18 48.54 -24.46
CA ASP J 141 38.85 48.03 -24.13
C ASP J 141 38.41 46.98 -25.16
N VAL J 142 37.83 45.89 -24.69
CA VAL J 142 37.37 44.81 -25.57
C VAL J 142 36.21 45.25 -26.47
N ILE J 143 36.21 44.76 -27.70
CA ILE J 143 35.26 45.13 -28.75
C ILE J 143 34.69 43.92 -29.51
N SER J 144 35.32 42.74 -29.42
CA SER J 144 34.74 41.52 -29.98
C SER J 144 35.19 40.27 -29.22
N LEU J 145 34.34 39.25 -29.23
CA LEU J 145 34.63 37.90 -28.79
C LEU J 145 34.19 36.90 -29.85
N LEU J 146 35.00 35.88 -30.08
CA LEU J 146 34.73 34.88 -31.10
C LEU J 146 35.19 33.49 -30.64
N PRO J 147 34.26 32.53 -30.43
CA PRO J 147 34.58 31.18 -30.03
C PRO J 147 35.49 30.45 -31.00
N LEU J 148 36.28 29.53 -30.47
CA LEU J 148 37.27 28.72 -31.20
C LEU J 148 37.04 27.25 -30.86
N GLN J 149 37.11 26.35 -31.84
CA GLN J 149 36.89 24.92 -31.60
C GLN J 149 37.98 24.33 -30.68
N SER J 150 37.59 23.84 -29.52
CA SER J 150 38.52 23.33 -28.49
C SER J 150 39.40 22.20 -29.00
N ALA J 151 38.87 21.34 -29.88
CA ALA J 151 39.62 20.20 -30.41
C ALA J 151 40.88 20.61 -31.19
N ASN J 152 40.91 21.82 -31.76
CA ASN J 152 42.05 22.37 -32.47
C ASN J 152 43.05 23.11 -31.55
N MET J 153 42.67 23.38 -30.31
CA MET J 153 43.50 24.11 -29.37
C MET J 153 44.53 23.20 -28.70
N ASP J 154 45.73 23.72 -28.50
CA ASP J 154 46.68 23.27 -27.48
C ASP J 154 47.13 24.46 -26.64
N VAL J 155 47.45 24.22 -25.37
CA VAL J 155 48.06 25.23 -24.52
C VAL J 155 49.37 24.68 -23.98
N LYS J 156 50.48 25.36 -24.25
CA LYS J 156 51.82 24.95 -23.82
C LYS J 156 52.53 26.09 -23.12
N LEU J 157 53.13 25.79 -21.98
CA LEU J 157 53.99 26.73 -21.27
C LEU J 157 55.32 26.91 -22.01
N VAL J 158 55.89 28.10 -21.91
CA VAL J 158 57.08 28.56 -22.63
C VAL J 158 57.93 29.37 -21.66
N GLY J 159 58.88 28.70 -21.02
CA GLY J 159 59.48 29.24 -19.79
C GLY J 159 58.38 29.54 -18.77
N LYS J 160 58.40 30.74 -18.19
CA LYS J 160 57.33 31.23 -17.30
C LYS J 160 56.02 31.56 -18.04
N LYS J 161 56.06 31.78 -19.35
CA LYS J 161 54.92 32.22 -20.19
C LYS J 161 54.00 31.05 -20.59
N VAL J 162 52.87 31.36 -21.23
CA VAL J 162 51.97 30.37 -21.84
C VAL J 162 51.58 30.74 -23.26
N VAL J 163 51.54 29.76 -24.15
CA VAL J 163 51.10 29.92 -25.54
C VAL J 163 49.92 29.01 -25.82
N TYR J 164 48.83 29.64 -26.22
CA TYR J 164 47.70 28.99 -26.85
C TYR J 164 48.07 28.74 -28.31
N ARG J 165 48.48 27.51 -28.59
CA ARG J 165 48.82 26.96 -29.90
C ARG J 165 47.54 26.50 -30.58
N TYR J 166 46.99 27.31 -31.49
CA TYR J 166 45.78 26.92 -32.20
C TYR J 166 46.09 26.34 -33.57
N GLN J 167 45.82 25.06 -33.75
CA GLN J 167 45.96 24.39 -35.04
C GLN J 167 44.76 24.72 -35.93
N ARG J 168 44.86 25.80 -36.69
CA ARG J 168 43.93 26.07 -37.79
C ARG J 168 44.39 25.29 -39.01
N ASP J 169 43.70 24.19 -39.32
CA ASP J 169 44.00 23.29 -40.44
C ASP J 169 45.42 22.70 -40.41
N SER J 170 46.41 23.39 -40.97
CA SER J 170 47.83 23.02 -40.96
C SER J 170 48.71 24.21 -40.58
N GLU J 171 48.11 25.23 -39.98
CA GLU J 171 48.71 26.49 -39.58
C GLU J 171 48.54 26.70 -38.07
N TYR J 172 49.52 27.36 -37.47
CA TYR J 172 49.69 27.36 -36.02
C TYR J 172 49.59 28.79 -35.50
N ALA J 173 48.36 29.20 -35.24
CA ALA J 173 48.05 30.52 -34.75
C ALA J 173 48.30 30.54 -33.24
N ASP J 174 49.36 31.24 -32.83
CA ASP J 174 49.88 31.17 -31.47
C ASP J 174 49.59 32.45 -30.70
N PHE J 175 49.07 32.32 -29.48
CA PHE J 175 48.50 33.44 -28.75
C PHE J 175 48.86 33.46 -27.27
N SER J 176 48.82 34.65 -26.70
CA SER J 176 49.06 34.93 -25.28
C SER J 176 47.79 34.81 -24.45
N GLN J 177 47.97 34.78 -23.14
CA GLN J 177 46.88 34.87 -22.16
C GLN J 177 46.04 36.16 -22.30
N LYS J 178 46.55 37.19 -22.98
CA LYS J 178 45.88 38.50 -23.14
C LYS J 178 44.87 38.57 -24.28
N GLU J 179 44.80 37.54 -25.13
CA GLU J 179 43.93 37.54 -26.31
C GLU J 179 43.11 36.25 -26.50
N ILE J 180 43.26 35.28 -25.60
CA ILE J 180 42.40 34.09 -25.53
C ILE J 180 41.73 34.00 -24.16
N PHE J 181 40.41 33.84 -24.12
CA PHE J 181 39.67 33.92 -22.86
C PHE J 181 39.79 32.68 -21.96
N HIS J 182 39.67 31.48 -22.53
CA HIS J 182 39.81 30.16 -21.89
C HIS J 182 39.02 29.94 -20.59
N LEU J 183 37.79 29.42 -20.68
CA LEU J 183 36.92 29.20 -19.52
C LEU J 183 37.32 28.05 -18.57
N LYS J 184 38.18 27.13 -19.02
CA LYS J 184 38.95 26.19 -18.17
C LYS J 184 38.17 25.52 -17.03
N GLY J 185 37.56 24.37 -17.31
CA GLY J 185 36.74 23.61 -16.35
C GLY J 185 37.53 22.80 -15.32
N PHE J 186 36.82 21.89 -14.64
CA PHE J 186 37.28 20.98 -13.58
C PHE J 186 38.52 20.16 -13.95
N GLY J 187 39.61 20.26 -13.19
CA GLY J 187 40.84 19.49 -13.44
C GLY J 187 41.96 19.71 -12.42
N PHE J 188 42.87 18.73 -12.28
CA PHE J 188 43.90 18.70 -11.22
C PHE J 188 44.98 19.79 -11.34
N THR J 189 45.29 20.28 -12.54
CA THR J 189 46.47 21.14 -12.77
C THR J 189 46.20 22.62 -12.56
N GLY J 190 44.94 23.05 -12.63
CA GLY J 190 44.59 24.47 -12.78
C GLY J 190 44.97 25.07 -14.14
N LEU J 191 45.48 24.26 -15.07
CA LEU J 191 45.90 24.69 -16.41
C LEU J 191 44.93 24.27 -17.51
N VAL J 192 44.19 23.17 -17.32
CA VAL J 192 43.08 22.74 -18.19
C VAL J 192 42.06 21.96 -17.39
N GLY J 193 40.80 21.96 -17.84
CA GLY J 193 39.81 21.00 -17.38
C GLY J 193 40.02 19.62 -18.02
N LEU J 194 39.65 18.57 -17.31
CA LEU J 194 39.57 17.20 -17.82
C LEU J 194 38.39 17.09 -18.79
N SER J 195 38.62 16.52 -19.96
CA SER J 195 37.61 16.46 -21.02
C SER J 195 36.61 15.33 -20.76
N PRO J 196 35.35 15.57 -20.33
CA PRO J 196 34.53 14.51 -19.75
C PRO J 196 34.22 13.39 -20.72
N ILE J 197 34.05 13.75 -21.99
CA ILE J 197 33.90 12.80 -23.09
C ILE J 197 35.01 11.74 -23.09
N ALA J 198 36.24 12.12 -22.78
CA ALA J 198 37.36 11.20 -22.79
C ALA J 198 37.23 10.13 -21.70
N PHE J 199 36.57 10.44 -20.60
CA PHE J 199 36.37 9.50 -19.50
C PHE J 199 35.13 8.65 -19.72
N ALA J 200 34.06 9.25 -20.23
CA ALA J 200 32.79 8.58 -20.45
C ALA J 200 32.85 7.46 -21.52
N CYS J 201 33.92 7.41 -22.30
CA CYS J 201 34.06 6.51 -23.44
C CYS J 201 33.71 5.04 -23.13
N LYS J 202 34.04 4.50 -21.95
CA LYS J 202 33.77 3.07 -21.65
C LYS J 202 32.31 2.79 -21.39
N SER J 203 31.64 3.53 -20.50
CA SER J 203 30.21 3.33 -20.30
C SER J 203 29.43 3.59 -21.57
N ALA J 204 29.82 4.62 -22.34
CA ALA J 204 29.27 4.84 -23.66
C ALA J 204 29.46 3.62 -24.55
N GLY J 205 30.65 3.00 -24.53
CA GLY J 205 30.94 1.76 -25.22
C GLY J 205 29.97 0.64 -24.89
N VAL J 206 29.68 0.41 -23.61
CA VAL J 206 28.65 -0.54 -23.18
C VAL J 206 27.30 -0.16 -23.79
N ALA J 207 26.94 1.12 -23.70
CA ALA J 207 25.62 1.54 -24.14
C ALA J 207 25.44 1.31 -25.64
N VAL J 208 26.40 1.71 -26.46
CA VAL J 208 26.27 1.49 -27.91
C VAL J 208 26.33 0.02 -28.26
N ALA J 209 27.02 -0.82 -27.50
CA ALA J 209 27.00 -2.26 -27.73
C ALA J 209 25.59 -2.84 -27.57
N MET J 210 24.89 -2.48 -26.49
CA MET J 210 23.50 -2.92 -26.30
C MET J 210 22.61 -2.41 -27.41
N GLU J 211 22.70 -1.12 -27.70
CA GLU J 211 21.80 -0.46 -28.63
C GLU J 211 21.87 -1.12 -30.01
N ASP J 212 23.09 -1.37 -30.49
CA ASP J 212 23.30 -2.03 -31.76
C ASP J 212 22.71 -3.44 -31.77
N GLN J 213 22.94 -4.21 -30.71
CA GLN J 213 22.38 -5.55 -30.61
C GLN J 213 20.84 -5.51 -30.63
N GLN J 214 20.27 -4.59 -29.86
CA GLN J 214 18.83 -4.44 -29.73
C GLN J 214 18.20 -4.12 -31.08
N ARG J 215 18.80 -3.21 -31.85
CA ARG J 215 18.38 -2.93 -33.22
C ARG J 215 18.37 -4.22 -34.01
N ASP J 216 19.52 -4.86 -34.07
CA ASP J 216 19.76 -5.91 -35.03
C ASP J 216 18.83 -7.08 -34.82
N PHE J 217 18.53 -7.44 -33.58
CA PHE J 217 17.60 -8.50 -33.29
C PHE J 217 16.23 -8.29 -33.95
N PHE J 218 15.64 -7.12 -33.77
CA PHE J 218 14.37 -6.78 -34.41
C PHE J 218 14.51 -6.59 -35.91
N ALA J 219 15.63 -6.04 -36.39
CA ALA J 219 15.88 -5.92 -37.81
C ALA J 219 15.96 -7.31 -38.49
N ASN J 220 16.43 -8.31 -37.76
CA ASN J 220 16.43 -9.71 -38.18
C ASN J 220 15.07 -10.40 -37.97
N GLY J 221 14.02 -9.62 -37.68
CA GLY J 221 12.67 -10.14 -37.48
C GLY J 221 12.55 -11.09 -36.28
N ALA J 222 13.46 -10.99 -35.31
CA ALA J 222 13.48 -11.83 -34.12
C ALA J 222 13.49 -13.35 -34.40
N LYS J 223 14.03 -13.76 -35.56
CA LYS J 223 14.32 -15.15 -35.90
C LYS J 223 15.58 -15.60 -35.17
N SER J 224 15.51 -16.71 -34.44
CA SER J 224 16.65 -17.20 -33.66
C SER J 224 17.70 -17.86 -34.56
N PRO J 225 18.99 -17.55 -34.42
CA PRO J 225 20.06 -18.15 -35.22
C PRO J 225 20.20 -19.64 -34.94
N GLN J 226 20.49 -20.42 -35.98
CA GLN J 226 20.36 -21.89 -35.96
C GLN J 226 21.67 -22.63 -36.19
N ILE J 227 21.98 -23.57 -35.30
CA ILE J 227 22.78 -24.73 -35.64
C ILE J 227 21.93 -25.63 -36.52
N LEU J 228 22.48 -25.86 -37.70
CA LEU J 228 21.95 -26.69 -38.76
C LEU J 228 22.36 -28.15 -38.50
N SER J 229 21.97 -28.67 -37.33
CA SER J 229 22.31 -30.02 -36.88
C SER J 229 21.63 -31.10 -37.72
N THR J 230 22.31 -32.25 -37.84
CA THR J 230 21.90 -33.36 -38.72
C THR J 230 22.21 -34.73 -38.11
N GLY J 231 23.30 -35.36 -38.52
CA GLY J 231 23.62 -36.77 -38.29
C GLY J 231 24.87 -37.17 -39.09
N GLU J 232 24.79 -38.23 -39.89
CA GLU J 232 25.97 -38.86 -40.53
C GLU J 232 25.81 -39.18 -42.02
N LYS J 233 24.66 -38.89 -42.65
CA LYS J 233 24.43 -39.17 -44.08
C LYS J 233 25.24 -38.23 -44.99
N VAL J 234 25.79 -38.79 -46.07
CA VAL J 234 26.45 -38.00 -47.13
C VAL J 234 25.46 -37.11 -47.90
N LEU J 235 25.98 -35.97 -48.34
CA LEU J 235 25.44 -35.09 -49.38
C LEU J 235 26.61 -34.53 -50.19
N THR J 236 26.38 -34.12 -51.43
CA THR J 236 27.41 -33.42 -52.21
C THR J 236 27.63 -32.00 -51.67
N GLU J 237 28.81 -31.45 -51.90
CA GLU J 237 29.14 -30.08 -51.50
C GLU J 237 28.29 -29.05 -52.25
N GLN J 238 27.91 -29.36 -53.49
CA GLN J 238 26.99 -28.52 -54.27
C GLN J 238 25.57 -28.53 -53.69
N GLN J 239 25.06 -29.69 -53.27
CA GLN J 239 23.79 -29.77 -52.51
C GLN J 239 23.89 -28.89 -51.26
N ARG J 240 24.89 -29.12 -50.42
CA ARG J 240 25.09 -28.39 -49.16
C ARG J 240 25.21 -26.87 -49.37
N SER J 241 25.89 -26.44 -50.42
CA SER J 241 26.02 -25.02 -50.78
C SER J 241 24.69 -24.32 -51.02
N GLN J 242 23.62 -25.06 -51.34
CA GLN J 242 22.32 -24.46 -51.49
C GLN J 242 21.80 -23.84 -50.20
N VAL J 243 22.31 -24.19 -49.02
CA VAL J 243 22.03 -23.43 -47.80
C VAL J 243 22.36 -21.96 -47.99
N GLU J 244 23.60 -21.68 -48.40
CA GLU J 244 24.07 -20.32 -48.61
C GLU J 244 23.39 -19.69 -49.81
N GLU J 245 23.20 -20.47 -50.88
CA GLU J 245 22.61 -20.01 -52.12
C GLU J 245 21.16 -19.57 -51.89
N ASN J 246 20.38 -20.43 -51.24
CA ASN J 246 18.96 -20.26 -51.06
C ASN J 246 18.65 -19.13 -50.08
N PHE J 247 19.26 -19.16 -48.89
CA PHE J 247 18.65 -18.55 -47.72
C PHE J 247 18.90 -17.04 -47.62
N LYS J 248 19.81 -16.62 -46.74
CA LYS J 248 20.03 -15.25 -46.21
C LYS J 248 18.81 -14.52 -45.62
N GLU J 249 17.58 -14.92 -45.94
CA GLU J 249 16.36 -14.35 -45.36
C GLU J 249 16.11 -14.75 -43.89
N ILE J 250 16.86 -15.72 -43.33
CA ILE J 250 16.86 -15.98 -41.86
C ILE J 250 17.39 -14.75 -41.11
N ALA J 251 18.43 -14.09 -41.64
CA ALA J 251 18.82 -12.75 -41.21
C ALA J 251 17.92 -11.64 -41.81
N GLY J 252 17.44 -11.83 -43.04
CA GLY J 252 16.54 -10.93 -43.77
C GLY J 252 15.07 -11.01 -43.36
N GLY J 253 14.16 -11.07 -44.34
CA GLY J 253 12.75 -10.73 -44.17
C GLY J 253 11.75 -11.82 -44.54
N PRO J 254 11.18 -11.78 -45.75
CA PRO J 254 9.84 -12.31 -46.05
C PRO J 254 9.67 -13.83 -46.13
N VAL J 255 10.73 -14.62 -46.31
CA VAL J 255 10.60 -16.08 -46.45
C VAL J 255 10.31 -16.71 -45.09
N LYS J 256 9.02 -16.81 -44.72
CA LYS J 256 8.59 -17.32 -43.41
C LYS J 256 8.73 -18.84 -43.28
N LYS J 257 8.39 -19.56 -44.35
CA LYS J 257 8.02 -20.99 -44.26
C LYS J 257 9.08 -21.91 -44.84
N ARG J 258 9.46 -21.67 -46.08
CA ARG J 258 10.40 -22.53 -46.80
C ARG J 258 11.84 -22.09 -46.56
N LEU J 259 12.27 -22.16 -45.32
CA LEU J 259 13.68 -22.38 -45.05
C LEU J 259 13.90 -23.89 -45.26
N TRP J 260 14.67 -24.27 -46.27
CA TRP J 260 14.82 -25.67 -46.69
C TRP J 260 15.74 -26.46 -45.75
N ILE J 261 15.79 -27.76 -46.01
CA ILE J 261 16.96 -28.58 -45.71
C ILE J 261 17.30 -29.35 -46.99
N LEU J 262 18.58 -29.67 -47.18
CA LEU J 262 18.96 -30.73 -48.10
C LEU J 262 18.55 -32.09 -47.50
N GLU J 263 18.37 -33.09 -48.36
CA GLU J 263 17.65 -34.33 -48.03
C GLU J 263 18.36 -35.30 -47.05
N ALA J 264 18.62 -34.88 -45.81
CA ALA J 264 19.17 -35.71 -44.72
C ALA J 264 18.37 -35.62 -43.42
N GLY J 265 17.08 -35.25 -43.48
CA GLY J 265 16.13 -35.25 -42.34
C GLY J 265 16.30 -34.13 -41.32
N PHE J 266 17.53 -33.86 -40.90
CA PHE J 266 17.98 -32.76 -40.03
C PHE J 266 17.37 -32.78 -38.60
N SER J 267 18.00 -32.03 -37.71
CA SER J 267 17.77 -32.07 -36.25
C SER J 267 18.11 -30.72 -35.59
N THR J 268 17.82 -29.61 -36.28
CA THR J 268 18.31 -28.24 -36.01
C THR J 268 18.05 -27.72 -34.59
N SER J 269 18.88 -26.80 -34.10
CA SER J 269 18.70 -26.14 -32.79
C SER J 269 19.17 -24.68 -32.77
N ALA J 270 18.56 -23.86 -31.92
CA ALA J 270 18.86 -22.43 -31.81
C ALA J 270 20.07 -22.13 -30.91
N ILE J 271 20.66 -20.94 -31.06
CA ILE J 271 21.74 -20.43 -30.18
C ILE J 271 21.59 -18.98 -29.69
N GLY J 272 20.54 -18.25 -30.09
CA GLY J 272 20.27 -16.92 -29.52
C GLY J 272 19.76 -17.04 -28.09
N VAL J 273 20.28 -16.24 -27.15
CA VAL J 273 19.87 -16.33 -25.73
C VAL J 273 18.45 -15.83 -25.44
N THR J 274 17.88 -15.02 -26.33
CA THR J 274 16.63 -14.27 -26.14
C THR J 274 16.78 -13.14 -25.13
N PRO J 275 16.14 -11.98 -25.31
CA PRO J 275 16.00 -10.96 -24.28
C PRO J 275 15.16 -11.39 -23.07
N GLN J 276 14.88 -12.69 -22.90
CA GLN J 276 14.66 -13.22 -21.56
C GLN J 276 15.85 -12.91 -20.66
N ASP J 277 17.05 -12.73 -21.23
CA ASP J 277 18.06 -11.89 -20.62
C ASP J 277 17.51 -10.50 -20.32
N ALA J 278 17.14 -10.32 -19.05
CA ALA J 278 16.53 -9.11 -18.55
C ALA J 278 17.41 -7.88 -18.70
N GLU J 279 18.73 -8.02 -18.89
CA GLU J 279 19.57 -6.88 -19.17
C GLU J 279 19.07 -6.11 -20.38
N MET J 280 18.53 -6.82 -21.39
CA MET J 280 18.05 -6.18 -22.60
C MET J 280 16.90 -5.20 -22.35
N MET J 281 16.29 -5.24 -21.16
CA MET J 281 15.47 -4.16 -20.68
C MET J 281 16.13 -3.44 -19.51
N ALA J 282 16.30 -4.11 -18.37
CA ALA J 282 16.74 -3.51 -17.14
C ALA J 282 18.09 -2.80 -17.28
N SER J 283 19.01 -3.37 -18.05
CA SER J 283 20.31 -2.77 -18.18
C SER J 283 20.29 -1.53 -19.06
N ARG J 284 19.40 -1.48 -20.06
CA ARG J 284 19.19 -0.27 -20.84
C ARG J 284 18.84 0.88 -19.91
N LYS J 285 17.87 0.65 -19.03
CA LYS J 285 17.50 1.63 -18.01
C LYS J 285 18.71 2.00 -17.16
N PHE J 286 19.46 1.01 -16.70
CA PHE J 286 20.61 1.27 -15.83
C PHE J 286 21.65 2.19 -16.46
N GLN J 287 21.92 2.08 -17.76
CA GLN J 287 22.97 2.88 -18.42
C GLN J 287 22.77 4.38 -18.27
N VAL J 288 21.51 4.79 -18.22
CA VAL J 288 21.16 6.22 -18.15
C VAL J 288 21.82 6.87 -16.94
N SER J 289 21.84 6.20 -15.79
CA SER J 289 22.48 6.75 -14.60
C SER J 289 23.97 6.92 -14.82
N GLU J 290 24.61 5.96 -15.47
CA GLU J 290 26.04 6.00 -15.70
C GLU J 290 26.43 7.22 -16.49
N LEU J 291 25.67 7.48 -17.55
CA LEU J 291 25.94 8.62 -18.40
C LEU J 291 25.61 9.93 -17.67
N ALA J 292 24.46 9.99 -16.99
CA ALA J 292 24.09 11.16 -16.22
C ALA J 292 25.16 11.55 -15.22
N ARG J 293 25.81 10.58 -14.57
CA ARG J 293 26.82 10.84 -13.57
C ARG J 293 28.04 11.59 -14.10
N PHE J 294 28.35 11.53 -15.39
CA PHE J 294 29.43 12.39 -15.93
C PHE J 294 29.06 13.87 -15.94
N PHE J 295 27.78 14.20 -15.95
CA PHE J 295 27.29 15.58 -15.98
C PHE J 295 26.66 16.03 -14.66
N GLY J 296 26.35 15.10 -13.77
CA GLY J 296 25.77 15.41 -12.47
C GLY J 296 24.33 15.90 -12.54
N VAL J 297 23.51 15.31 -13.41
CA VAL J 297 22.12 15.73 -13.62
C VAL J 297 21.16 14.82 -12.84
N PRO J 298 20.25 15.38 -12.04
CA PRO J 298 19.23 14.60 -11.33
C PRO J 298 18.36 13.79 -12.28
N PRO J 299 18.36 12.44 -12.21
CA PRO J 299 17.77 11.61 -13.26
C PRO J 299 16.26 11.76 -13.44
N HIS J 300 15.52 12.30 -12.48
CA HIS J 300 14.10 12.59 -12.68
C HIS J 300 13.88 13.72 -13.69
N LEU J 301 14.84 14.61 -13.88
CA LEU J 301 14.81 15.60 -14.96
C LEU J 301 15.07 14.94 -16.33
N VAL J 302 15.76 13.81 -16.33
CA VAL J 302 16.15 13.07 -17.54
C VAL J 302 15.04 12.14 -18.00
N GLY J 303 14.43 11.38 -17.09
CA GLY J 303 13.26 10.54 -17.39
C GLY J 303 13.02 9.31 -16.51
N ASP J 304 13.85 9.03 -15.51
CA ASP J 304 13.78 7.76 -14.76
C ASP J 304 12.67 7.66 -13.71
N VAL J 305 12.21 6.43 -13.47
CA VAL J 305 11.17 6.05 -12.49
C VAL J 305 9.89 6.85 -12.72
N GLU J 306 9.66 7.89 -11.92
CA GLU J 306 8.63 8.92 -12.17
C GLU J 306 9.20 10.31 -11.88
N LYS J 307 9.24 10.69 -10.60
CA LYS J 307 9.45 12.05 -10.08
C LYS J 307 10.20 11.98 -8.73
N SER J 308 10.76 13.11 -8.26
CA SER J 308 11.70 13.15 -7.13
C SER J 308 11.07 12.79 -5.77
N THR J 309 11.07 11.49 -5.45
CA THR J 309 10.18 10.84 -4.47
C THR J 309 10.22 11.37 -3.02
N SER J 310 11.37 11.81 -2.50
CA SER J 310 11.53 12.20 -1.08
C SER J 310 12.77 13.07 -0.90
N TRP J 311 12.59 14.37 -1.14
CA TRP J 311 13.66 15.28 -1.59
C TRP J 311 13.27 16.76 -1.51
N GLY J 312 12.01 17.04 -1.84
CA GLY J 312 11.36 18.35 -1.79
C GLY J 312 10.01 18.25 -2.49
N SER J 313 8.99 18.98 -2.03
CA SER J 313 7.61 18.83 -2.53
C SER J 313 7.36 19.64 -3.80
N GLY J 314 7.35 20.96 -3.67
CA GLY J 314 7.01 21.90 -4.73
C GLY J 314 8.16 22.19 -5.67
N ILE J 315 7.80 22.77 -6.82
CA ILE J 315 8.71 23.04 -7.92
C ILE J 315 9.93 23.85 -7.48
N GLU J 316 9.74 24.81 -6.58
CA GLU J 316 10.83 25.63 -6.06
C GLU J 316 11.92 24.78 -5.40
N GLN J 317 11.54 23.76 -4.63
CA GLN J 317 12.53 22.89 -4.02
C GLN J 317 13.34 22.13 -5.07
N GLN J 318 12.68 21.71 -6.14
CA GLN J 318 13.38 21.02 -7.22
C GLN J 318 14.41 21.96 -7.85
N ASN J 319 14.01 23.20 -8.10
CA ASN J 319 14.87 24.18 -8.71
C ASN J 319 16.04 24.50 -7.80
N LEU J 320 15.79 24.72 -6.50
CA LEU J 320 16.85 24.95 -5.52
C LEU J 320 17.86 23.80 -5.52
N GLY J 321 17.38 22.56 -5.51
CA GLY J 321 18.25 21.40 -5.56
C GLY J 321 19.07 21.40 -6.84
N PHE J 322 18.43 21.58 -7.98
CA PHE J 322 19.12 21.56 -9.25
C PHE J 322 20.16 22.67 -9.37
N LEU J 323 19.85 23.86 -8.86
CA LEU J 323 20.81 24.94 -8.79
C LEU J 323 22.00 24.53 -7.94
N GLN J 324 21.78 24.20 -6.67
CA GLN J 324 22.86 24.01 -5.73
C GLN J 324 23.76 22.84 -6.10
N TYR J 325 23.19 21.71 -6.49
CA TYR J 325 23.96 20.49 -6.73
C TYR J 325 24.45 20.33 -8.16
N THR J 326 24.02 21.18 -9.10
CA THR J 326 24.38 21.02 -10.52
C THR J 326 24.69 22.33 -11.23
N LEU J 327 23.82 23.34 -11.15
CA LEU J 327 23.94 24.50 -12.03
C LEU J 327 24.94 25.54 -11.50
N GLN J 328 25.03 25.71 -10.19
CA GLN J 328 25.85 26.75 -9.54
C GLN J 328 27.28 26.90 -10.07
N PRO J 329 28.05 25.84 -10.39
CA PRO J 329 29.45 25.97 -10.72
C PRO J 329 29.68 26.81 -11.95
N TYR J 330 28.84 26.62 -12.96
CA TYR J 330 28.96 27.33 -14.22
C TYR J 330 28.79 28.82 -14.04
N ILE J 331 27.85 29.21 -13.18
CA ILE J 331 27.64 30.61 -12.83
C ILE J 331 28.94 31.21 -12.32
N SER J 332 29.56 30.54 -11.36
CA SER J 332 30.81 30.99 -10.78
C SER J 332 31.93 31.02 -11.82
N ARG J 333 32.06 29.99 -12.66
CA ARG J 333 33.09 29.95 -13.70
C ARG J 333 32.96 31.15 -14.61
N TRP J 334 31.78 31.43 -15.13
CA TRP J 334 31.55 32.61 -15.97
C TRP J 334 31.91 33.87 -15.21
N GLU J 335 31.24 34.13 -14.09
CA GLU J 335 31.38 35.40 -13.38
C GLU J 335 32.81 35.66 -12.95
N ASN J 336 33.48 34.66 -12.38
CA ASN J 336 34.85 34.84 -11.97
C ASN J 336 35.79 35.00 -13.16
N SER J 337 35.59 34.29 -14.27
CA SER J 337 36.46 34.49 -15.44
C SER J 337 36.36 35.91 -15.97
N ILE J 338 35.16 36.45 -16.04
CA ILE J 338 34.94 37.83 -16.45
C ILE J 338 35.73 38.75 -15.53
N GLN J 339 35.58 38.56 -14.22
CA GLN J 339 36.28 39.38 -13.24
C GLN J 339 37.81 39.21 -13.32
N ARG J 340 38.29 38.03 -13.66
CA ARG J 340 39.72 37.68 -13.65
C ARG J 340 40.47 38.18 -14.87
N TRP J 341 39.79 38.34 -16.00
CA TRP J 341 40.44 38.62 -17.28
C TRP J 341 39.87 39.79 -18.05
N LEU J 342 38.55 40.03 -17.98
CA LEU J 342 37.91 41.01 -18.84
C LEU J 342 37.82 42.39 -18.20
N ILE J 343 37.47 42.44 -16.91
CA ILE J 343 37.44 43.70 -16.17
C ILE J 343 38.90 44.14 -15.89
N PRO J 344 39.29 45.39 -16.19
CA PRO J 344 40.62 45.90 -15.87
C PRO J 344 40.88 45.96 -14.36
N SER J 345 42.13 45.74 -13.94
CA SER J 345 42.51 45.63 -12.52
C SER J 345 42.12 46.86 -11.69
N LYS J 346 42.20 48.06 -12.25
CA LYS J 346 41.77 49.33 -11.61
C LYS J 346 40.27 49.42 -11.31
N ASP J 347 39.45 48.65 -12.03
CA ASP J 347 37.99 48.64 -11.90
C ASP J 347 37.47 47.48 -11.07
N VAL J 348 38.35 46.57 -10.65
CA VAL J 348 38.01 45.50 -9.70
C VAL J 348 37.45 46.09 -8.41
N GLY J 349 36.38 45.48 -7.90
CA GLY J 349 35.60 46.00 -6.78
C GLY J 349 34.58 47.06 -7.20
N ARG J 350 34.91 47.98 -8.12
CA ARG J 350 33.93 48.92 -8.65
C ARG J 350 32.95 48.23 -9.58
N LEU J 351 33.46 47.47 -10.53
CA LEU J 351 32.66 46.85 -11.57
C LEU J 351 32.51 45.37 -11.29
N HIS J 352 31.30 44.89 -11.47
CA HIS J 352 30.91 43.54 -11.09
C HIS J 352 29.81 43.01 -12.02
N ALA J 353 29.66 41.69 -12.14
CA ALA J 353 28.62 41.09 -12.98
C ALA J 353 27.94 39.92 -12.31
N GLU J 354 26.62 39.81 -12.47
CA GLU J 354 25.83 38.70 -11.94
C GLU J 354 24.78 38.17 -12.90
N HIS J 355 24.66 36.85 -12.99
CA HIS J 355 23.44 36.23 -13.46
C HIS J 355 22.28 36.47 -12.49
N ASN J 356 21.06 36.54 -13.02
CA ASN J 356 19.84 36.64 -12.23
C ASN J 356 19.18 35.26 -12.12
N LEU J 357 18.90 34.83 -10.89
CA LEU J 357 18.38 33.51 -10.56
C LEU J 357 16.84 33.46 -10.47
N ASP J 358 16.17 34.61 -10.43
CA ASP J 358 14.75 34.67 -10.13
C ASP J 358 13.89 33.92 -11.15
N GLY J 359 14.34 33.85 -12.41
CA GLY J 359 13.66 33.07 -13.45
C GLY J 359 13.56 31.58 -13.11
N LEU J 360 14.46 31.03 -12.29
CA LEU J 360 14.34 29.69 -11.73
C LEU J 360 13.66 29.72 -10.37
N LEU J 361 14.07 30.63 -9.49
CA LEU J 361 13.58 30.67 -8.12
C LEU J 361 12.12 31.12 -8.00
N ARG J 362 11.51 31.57 -9.09
CA ARG J 362 10.08 31.87 -9.22
C ARG J 362 9.20 30.73 -8.68
N GLY J 363 8.58 30.96 -7.53
CA GLY J 363 7.49 30.12 -7.02
C GLY J 363 6.16 30.41 -7.73
N ASP J 364 5.11 29.69 -7.35
CA ASP J 364 3.78 29.90 -7.91
C ASP J 364 3.14 31.22 -7.43
N SER J 365 2.01 31.56 -8.04
CA SER J 365 1.18 32.71 -7.69
C SER J 365 0.86 32.79 -6.20
N ALA J 366 0.44 31.70 -5.57
CA ALA J 366 0.04 31.73 -4.17
C ALA J 366 1.25 32.03 -3.29
N SER J 367 2.36 31.31 -3.47
CA SER J 367 3.56 31.52 -2.68
C SER J 367 4.11 32.92 -2.89
N ARG J 368 4.19 33.42 -4.13
CA ARG J 368 4.71 34.77 -4.35
C ARG J 368 3.79 35.85 -3.79
N ALA J 369 2.47 35.66 -3.85
CA ALA J 369 1.54 36.56 -3.17
C ALA J 369 1.78 36.57 -1.66
N ALA J 370 1.85 35.39 -1.04
CA ALA J 370 2.11 35.27 0.39
C ALA J 370 3.45 35.93 0.77
N PHE J 371 4.48 35.70 -0.04
CA PHE J 371 5.79 36.34 0.14
C PHE J 371 5.69 37.86 0.13
N MET J 372 5.10 38.43 -0.92
CA MET J 372 4.97 39.89 -1.02
C MET J 372 4.16 40.45 0.13
N LYS J 373 3.08 39.77 0.54
CA LYS J 373 2.31 40.19 1.71
C LYS J 373 3.14 40.18 2.98
N ALA J 374 4.02 39.18 3.15
CA ALA J 374 4.95 39.15 4.26
C ALA J 374 5.98 40.30 4.23
N MET J 375 6.21 40.95 3.09
CA MET J 375 6.99 42.19 3.05
C MET J 375 6.21 43.41 3.50
N GLY J 376 4.87 43.34 3.55
CA GLY J 376 3.95 44.45 3.81
C GLY J 376 4.20 45.11 5.15
N GLU J 377 3.66 44.54 6.24
CA GLU J 377 4.35 44.73 7.53
C GLU J 377 5.70 44.00 7.45
N SER J 378 6.60 44.27 8.39
CA SER J 378 8.07 44.19 8.21
C SER J 378 8.62 45.30 7.31
N GLY J 379 7.89 45.70 6.27
CA GLY J 379 8.27 46.82 5.42
C GLY J 379 9.51 46.55 4.57
N LEU J 380 9.89 45.29 4.38
CA LEU J 380 11.10 44.90 3.64
C LEU J 380 11.12 45.36 2.17
N ARG J 381 9.98 45.79 1.60
CA ARG J 381 9.92 46.57 0.36
C ARG J 381 8.83 47.63 0.40
N THR J 382 9.05 48.68 -0.37
CA THR J 382 8.02 49.59 -0.89
C THR J 382 7.22 48.93 -2.00
N ILE J 383 6.04 49.47 -2.26
CA ILE J 383 5.21 49.02 -3.38
C ILE J 383 5.97 49.23 -4.68
N ASN J 384 6.68 50.33 -4.83
CA ASN J 384 7.47 50.60 -6.03
C ASN J 384 8.53 49.54 -6.29
N GLU J 385 9.27 49.11 -5.28
CA GLU J 385 10.28 48.05 -5.47
C GLU J 385 9.62 46.75 -5.93
N MET J 386 8.50 46.38 -5.32
CA MET J 386 7.79 45.17 -5.75
C MET J 386 7.23 45.34 -7.16
N ARG J 387 6.64 46.49 -7.51
CA ARG J 387 6.22 46.79 -8.87
C ARG J 387 7.36 46.76 -9.87
N ARG J 388 8.58 47.06 -9.45
CA ARG J 388 9.73 46.95 -10.33
C ARG J 388 10.05 45.49 -10.67
N THR J 389 9.78 44.56 -9.78
CA THR J 389 10.05 43.13 -10.03
C THR J 389 9.21 42.56 -11.17
N ASP J 390 8.06 43.16 -11.47
CA ASP J 390 7.16 42.73 -12.55
C ASP J 390 6.83 43.90 -13.50
N ASN J 391 7.71 44.90 -13.54
CA ASN J 391 7.66 46.07 -14.41
C ASN J 391 6.32 46.83 -14.44
N MET J 392 5.53 46.72 -13.38
CA MET J 392 4.35 47.54 -13.19
C MET J 392 4.72 49.03 -13.02
N PRO J 393 3.89 49.98 -13.49
CA PRO J 393 4.18 51.40 -13.32
C PRO J 393 4.28 51.80 -11.84
N PRO J 394 5.28 52.61 -11.45
CA PRO J 394 5.43 53.10 -10.09
C PRO J 394 4.24 53.99 -9.68
N LEU J 395 4.06 54.10 -8.37
CA LEU J 395 2.86 54.61 -7.72
C LEU J 395 3.25 55.24 -6.36
N PRO J 396 2.60 56.32 -5.86
CA PRO J 396 3.07 57.04 -4.68
C PRO J 396 3.22 56.16 -3.42
N GLY J 397 4.46 56.00 -2.94
CA GLY J 397 4.80 55.15 -1.79
C GLY J 397 6.30 55.00 -1.58
N ILE K 52 16.99 5.02 -44.12
CA ILE K 52 16.05 5.81 -43.30
C ILE K 52 15.86 7.22 -43.87
N ASN K 53 14.72 7.87 -43.62
CA ASN K 53 14.43 9.23 -44.07
C ASN K 53 13.55 10.00 -43.08
N ASP K 54 13.54 11.32 -43.23
CA ASP K 54 12.91 12.25 -42.31
C ASP K 54 11.40 12.05 -42.19
N GLU K 55 10.73 11.73 -43.28
CA GLU K 55 9.29 11.49 -43.26
C GLU K 55 8.96 10.20 -42.49
N ARG K 56 9.70 9.12 -42.75
CA ARG K 56 9.51 7.86 -42.03
C ARG K 56 9.76 8.02 -40.54
N ILE K 57 10.67 8.92 -40.17
CA ILE K 57 10.90 9.30 -38.78
C ILE K 57 9.72 10.10 -38.24
N LEU K 58 9.30 11.14 -38.94
CA LEU K 58 8.21 11.99 -38.49
C LEU K 58 6.90 11.22 -38.33
N GLN K 59 6.71 10.11 -39.04
CA GLN K 59 5.58 9.20 -38.83
C GLN K 59 5.54 8.51 -37.46
N ILE K 60 6.58 8.61 -36.63
CA ILE K 60 6.54 8.11 -35.25
C ILE K 60 5.69 9.02 -34.36
N SER K 61 4.70 8.48 -33.65
CA SER K 61 3.73 9.27 -32.90
C SER K 61 4.39 10.23 -31.91
N THR K 62 5.44 9.76 -31.23
CA THR K 62 6.22 10.58 -30.30
C THR K 62 6.75 11.82 -30.96
N VAL K 63 7.40 11.65 -32.11
CA VAL K 63 8.12 12.73 -32.77
C VAL K 63 7.12 13.76 -33.25
N TRP K 64 6.05 13.28 -33.88
CA TRP K 64 4.94 14.11 -34.30
C TRP K 64 4.42 14.95 -33.14
N ARG K 65 4.18 14.31 -32.00
CA ARG K 65 3.60 14.98 -30.84
C ARG K 65 4.54 16.02 -30.27
N CYS K 66 5.82 15.71 -30.12
CA CYS K 66 6.78 16.65 -29.54
C CYS K 66 6.82 17.94 -30.34
N VAL K 67 7.01 17.81 -31.65
CA VAL K 67 7.09 18.96 -32.54
C VAL K 67 5.78 19.71 -32.51
N SER K 68 4.66 18.99 -32.59
CA SER K 68 3.35 19.63 -32.51
C SER K 68 3.26 20.48 -31.27
N LEU K 69 3.52 19.88 -30.11
CA LEU K 69 3.35 20.54 -28.84
C LEU K 69 4.14 21.84 -28.80
N ILE K 70 5.46 21.76 -28.96
CA ILE K 70 6.32 22.91 -28.71
C ILE K 70 5.97 24.03 -29.67
N SER K 71 5.96 23.72 -30.95
CA SER K 71 5.73 24.74 -31.96
C SER K 71 4.37 25.39 -31.77
N THR K 72 3.37 24.59 -31.43
CA THR K 72 2.04 25.11 -31.23
C THR K 72 1.97 26.01 -30.02
N LEU K 73 2.49 25.57 -28.89
CA LEU K 73 2.36 26.31 -27.65
C LEU K 73 3.01 27.67 -27.77
N THR K 74 4.23 27.73 -28.29
CA THR K 74 4.85 29.04 -28.44
C THR K 74 4.16 29.89 -29.50
N ALA K 75 3.54 29.29 -30.51
CA ALA K 75 2.73 30.03 -31.46
C ALA K 75 1.41 30.53 -30.84
N CYS K 76 0.91 29.89 -29.79
CA CYS K 76 -0.31 30.30 -29.11
C CYS K 76 -0.11 31.50 -28.19
N LEU K 77 1.11 31.74 -27.70
CA LEU K 77 1.37 32.86 -26.80
C LEU K 77 1.05 34.21 -27.47
N PRO K 78 0.49 35.19 -26.76
CA PRO K 78 0.50 36.58 -27.21
C PRO K 78 1.94 37.10 -27.29
N LEU K 79 2.22 37.91 -28.30
CA LEU K 79 3.49 38.61 -28.50
C LEU K 79 3.21 40.08 -28.75
N ASP K 80 3.92 40.92 -28.01
CA ASP K 80 3.69 42.36 -27.92
C ASP K 80 5.01 43.12 -28.08
N VAL K 81 4.93 44.42 -28.34
CA VAL K 81 6.07 45.32 -28.33
C VAL K 81 5.79 46.49 -27.43
N PHE K 82 6.77 46.87 -26.64
CA PHE K 82 6.76 48.08 -25.85
C PHE K 82 7.75 49.09 -26.39
N GLU K 83 7.26 50.31 -26.55
CA GLU K 83 8.16 51.44 -26.44
C GLU K 83 8.37 51.71 -24.95
N THR K 84 9.53 52.24 -24.62
CA THR K 84 9.99 52.35 -23.25
C THR K 84 10.55 53.73 -23.03
N ASP K 85 10.12 54.42 -21.97
CA ASP K 85 10.64 55.74 -21.64
C ASP K 85 12.00 55.63 -20.93
N GLN K 86 12.74 56.73 -20.87
CA GLN K 86 14.04 56.82 -20.17
C GLN K 86 13.95 56.52 -18.66
N ASN K 87 12.79 56.71 -18.03
CA ASN K 87 12.50 56.31 -16.65
C ASN K 87 11.97 54.85 -16.55
N ASP K 88 12.13 54.08 -17.62
CA ASP K 88 11.79 52.65 -17.74
C ASP K 88 10.29 52.31 -17.61
N ASN K 89 9.41 53.26 -17.87
CA ASN K 89 7.98 52.96 -18.03
C ASN K 89 7.72 52.32 -19.40
N ARG K 90 6.96 51.22 -19.40
CA ARG K 90 6.49 50.59 -20.65
C ARG K 90 5.32 51.35 -21.26
N LYS K 91 5.19 51.23 -22.57
CA LYS K 91 4.04 51.68 -23.36
C LYS K 91 3.85 50.70 -24.50
N LYS K 92 2.85 49.83 -24.41
CA LYS K 92 2.59 48.84 -25.46
C LYS K 92 2.17 49.57 -26.74
N VAL K 93 2.78 49.22 -27.86
CA VAL K 93 2.58 49.93 -29.14
C VAL K 93 1.42 49.36 -29.97
N ASP K 94 0.87 50.20 -30.83
CA ASP K 94 -0.34 49.93 -31.62
C ASP K 94 -0.05 49.33 -33.02
N LEU K 95 -1.05 48.71 -33.64
CA LEU K 95 -0.97 48.15 -35.00
C LEU K 95 -0.74 49.18 -36.12
N SER K 96 -0.73 50.47 -35.79
CA SER K 96 -0.26 51.53 -36.68
C SER K 96 1.27 51.50 -36.84
N ASN K 97 2.01 51.03 -35.85
CA ASN K 97 3.46 50.86 -35.96
C ASN K 97 3.79 49.73 -36.94
N PRO K 98 4.67 49.94 -37.93
CA PRO K 98 4.92 48.95 -38.98
C PRO K 98 5.46 47.63 -38.44
N LEU K 99 6.43 47.67 -37.53
CA LEU K 99 7.00 46.47 -36.95
C LEU K 99 5.95 45.70 -36.16
N ALA K 100 5.18 46.37 -35.34
CA ALA K 100 4.11 45.73 -34.59
C ALA K 100 3.09 45.09 -35.53
N ARG K 101 2.68 45.81 -36.57
CA ARG K 101 1.75 45.30 -37.57
C ARG K 101 2.29 44.05 -38.24
N LEU K 102 3.56 44.07 -38.60
CA LEU K 102 4.26 42.96 -39.23
C LEU K 102 4.24 41.74 -38.32
N LEU K 103 4.61 41.94 -37.05
CA LEU K 103 4.70 40.87 -36.07
C LEU K 103 3.34 40.32 -35.66
N ARG K 104 2.32 41.17 -35.55
CA ARG K 104 1.07 40.83 -34.87
C ARG K 104 -0.11 40.63 -35.81
N TYR K 105 -0.24 41.45 -36.87
CA TYR K 105 -1.32 41.29 -37.84
C TYR K 105 -0.91 40.42 -39.02
N SER K 106 0.18 40.76 -39.72
CA SER K 106 0.50 40.13 -41.00
C SER K 106 2.00 40.12 -41.32
N PRO K 107 2.64 38.94 -41.39
CA PRO K 107 4.03 38.81 -41.81
C PRO K 107 4.21 38.88 -43.33
N ASN K 108 3.17 38.55 -44.11
CA ASN K 108 3.17 38.54 -45.56
C ASN K 108 1.75 38.40 -46.10
N GLN K 109 1.55 38.64 -47.40
CA GLN K 109 0.27 38.55 -48.07
C GLN K 109 -0.25 37.11 -48.32
N TYR K 110 0.20 36.13 -47.53
CA TYR K 110 -0.26 34.74 -47.57
C TYR K 110 -0.61 34.17 -46.20
N MET K 111 -0.26 34.83 -45.10
CA MET K 111 -0.23 34.22 -43.77
C MET K 111 -0.72 35.10 -42.64
N THR K 112 -1.06 34.42 -41.56
CA THR K 112 -1.33 34.93 -40.22
C THR K 112 -0.02 34.99 -39.42
N ALA K 113 0.07 35.86 -38.42
CA ALA K 113 1.22 35.88 -37.52
C ALA K 113 1.45 34.54 -36.83
N GLN K 114 0.42 34.01 -36.15
CA GLN K 114 0.44 32.71 -35.46
C GLN K 114 1.00 31.62 -36.38
N GLU K 115 0.39 31.53 -37.54
CA GLU K 115 0.66 30.57 -38.60
C GLU K 115 2.11 30.61 -39.08
N PHE K 116 2.66 31.82 -39.22
CA PHE K 116 4.07 31.99 -39.53
C PHE K 116 4.97 31.56 -38.37
N ARG K 117 4.68 32.00 -37.14
CA ARG K 117 5.53 31.64 -35.99
C ARG K 117 5.59 30.13 -35.80
N GLU K 118 4.46 29.48 -35.99
CA GLU K 118 4.34 28.03 -35.94
C GLU K 118 5.29 27.38 -36.95
N ALA K 119 5.17 27.75 -38.22
CA ALA K 119 5.97 27.20 -39.29
C ALA K 119 7.47 27.38 -39.04
N MET K 120 7.87 28.58 -38.62
CA MET K 120 9.26 28.87 -38.29
C MET K 120 9.76 27.96 -37.18
N THR K 121 8.97 27.83 -36.13
CA THR K 121 9.37 27.05 -34.96
C THR K 121 9.47 25.56 -35.30
N MET K 122 8.59 25.03 -36.14
CA MET K 122 8.68 23.64 -36.59
C MET K 122 10.04 23.37 -37.20
N GLN K 123 10.49 24.21 -38.14
CA GLN K 123 11.82 24.04 -38.71
C GLN K 123 12.91 24.17 -37.66
N LEU K 124 12.80 25.16 -36.78
CA LEU K 124 13.81 25.40 -35.77
C LEU K 124 14.01 24.17 -34.88
N CYS K 125 12.93 23.51 -34.46
CA CYS K 125 13.04 22.24 -33.75
C CYS K 125 13.59 21.14 -34.65
N PHE K 126 12.98 20.92 -35.80
CA PHE K 126 13.27 19.72 -36.59
C PHE K 126 14.69 19.71 -37.17
N TYR K 127 15.18 20.87 -37.61
CA TYR K 127 16.49 21.03 -38.25
C TYR K 127 17.50 21.82 -37.42
N GLY K 128 17.16 22.22 -36.20
CA GLY K 128 18.03 23.05 -35.36
C GLY K 128 18.22 24.49 -35.87
N ASN K 129 17.59 24.81 -37.00
CA ASN K 129 17.78 26.05 -37.74
C ASN K 129 16.49 26.38 -38.47
N ALA K 130 16.21 27.66 -38.66
CA ALA K 130 15.12 28.13 -39.50
C ALA K 130 15.51 29.45 -40.16
N TYR K 131 14.99 29.70 -41.35
CA TYR K 131 15.37 30.84 -42.17
C TYR K 131 14.14 31.48 -42.78
N ALA K 132 14.10 32.81 -42.79
CA ALA K 132 13.15 33.57 -43.59
C ALA K 132 13.88 34.56 -44.46
N LEU K 133 13.41 34.72 -45.68
CA LEU K 133 13.75 35.88 -46.49
C LEU K 133 13.08 37.11 -45.89
N VAL K 134 13.87 38.13 -45.63
CA VAL K 134 13.43 39.46 -45.21
C VAL K 134 13.08 40.31 -46.43
N ASP K 135 12.14 41.22 -46.27
CA ASP K 135 11.97 42.33 -47.22
C ASP K 135 11.66 43.65 -46.51
N ARG K 136 12.10 44.76 -47.12
CA ARG K 136 12.06 46.11 -46.58
C ARG K 136 11.77 47.15 -47.65
N ASN K 137 11.08 48.22 -47.28
CA ASN K 137 10.65 49.29 -48.18
C ASN K 137 11.80 50.23 -48.61
N SER K 138 11.47 51.27 -49.36
CA SER K 138 12.43 52.32 -49.77
C SER K 138 13.02 53.10 -48.59
N ALA K 139 12.32 53.21 -47.46
CA ALA K 139 12.88 53.74 -46.21
C ALA K 139 13.84 52.76 -45.52
N GLY K 140 13.93 51.52 -45.98
CA GLY K 140 14.74 50.45 -45.41
C GLY K 140 14.07 49.73 -44.23
N ASP K 141 12.82 50.06 -43.91
CA ASP K 141 12.04 49.43 -42.85
C ASP K 141 11.38 48.15 -43.34
N VAL K 142 11.38 47.09 -42.53
CA VAL K 142 10.87 45.79 -42.94
C VAL K 142 9.37 45.80 -43.19
N ILE K 143 8.96 45.03 -44.20
CA ILE K 143 7.58 44.95 -44.69
C ILE K 143 7.13 43.52 -45.02
N SER K 144 8.04 42.54 -45.09
CA SER K 144 7.63 41.15 -45.27
C SER K 144 8.64 40.16 -44.69
N LEU K 145 8.12 38.99 -44.30
CA LEU K 145 8.90 37.81 -43.96
C LEU K 145 8.29 36.60 -44.64
N LEU K 146 9.15 35.75 -45.21
CA LEU K 146 8.73 34.53 -45.89
C LEU K 146 9.66 33.36 -45.52
N PRO K 147 9.15 32.23 -45.01
CA PRO K 147 9.98 31.09 -44.66
C PRO K 147 10.70 30.45 -45.86
N LEU K 148 11.84 29.83 -45.60
CA LEU K 148 12.68 29.13 -46.56
C LEU K 148 13.01 27.72 -46.06
N GLN K 149 13.23 26.74 -46.92
CA GLN K 149 13.53 25.37 -46.48
C GLN K 149 14.91 25.26 -45.85
N SER K 150 14.99 24.90 -44.56
CA SER K 150 16.27 24.61 -43.90
C SER K 150 17.02 23.47 -44.59
N ALA K 151 16.32 22.54 -45.24
CA ALA K 151 16.93 21.48 -46.03
C ALA K 151 17.61 21.97 -47.33
N ASN K 152 17.24 23.13 -47.85
CA ASN K 152 17.81 23.71 -49.07
C ASN K 152 18.86 24.78 -48.76
N MET K 153 18.75 25.40 -47.59
CA MET K 153 19.70 26.39 -47.11
C MET K 153 21.04 25.77 -46.74
N ASP K 154 22.11 26.52 -46.94
CA ASP K 154 23.43 26.34 -46.36
C ASP K 154 23.99 27.71 -45.97
N VAL K 155 24.78 27.77 -44.90
CA VAL K 155 25.50 28.99 -44.52
C VAL K 155 26.98 28.72 -44.49
N LYS K 156 27.78 29.54 -45.18
CA LYS K 156 29.24 29.41 -45.21
C LYS K 156 29.93 30.74 -45.00
N LEU K 157 31.03 30.72 -44.27
CA LEU K 157 31.98 31.83 -44.22
C LEU K 157 32.69 31.96 -45.57
N VAL K 158 32.88 33.19 -46.03
CA VAL K 158 33.38 33.52 -47.37
C VAL K 158 34.27 34.76 -47.22
N GLY K 159 35.58 34.54 -47.13
CA GLY K 159 36.45 35.51 -46.46
C GLY K 159 35.97 35.72 -45.01
N LYS K 160 36.09 36.94 -44.49
CA LYS K 160 35.50 37.32 -43.18
C LYS K 160 33.97 37.47 -43.24
N LYS K 161 33.38 37.57 -44.43
CA LYS K 161 31.92 37.66 -44.65
C LYS K 161 31.25 36.29 -44.50
N VAL K 162 29.92 36.26 -44.61
CA VAL K 162 29.13 35.03 -44.65
C VAL K 162 28.15 35.05 -45.82
N VAL K 163 27.88 33.89 -46.39
CA VAL K 163 26.88 33.70 -47.44
C VAL K 163 25.90 32.62 -47.05
N TYR K 164 24.63 32.97 -47.13
CA TYR K 164 23.53 32.05 -47.12
C TYR K 164 23.31 31.55 -48.54
N ARG K 165 23.85 30.38 -48.85
CA ARG K 165 23.59 29.67 -50.09
C ARG K 165 22.25 28.99 -49.97
N TYR K 166 21.28 29.36 -50.80
CA TYR K 166 20.02 28.66 -50.89
C TYR K 166 19.88 27.91 -52.20
N GLN K 167 19.75 26.58 -52.14
CA GLN K 167 19.40 25.78 -53.30
C GLN K 167 17.91 25.97 -53.62
N ARG K 168 17.57 26.92 -54.49
CA ARG K 168 16.22 27.02 -55.03
C ARG K 168 16.11 26.06 -56.21
N ASP K 169 15.43 24.95 -56.01
CA ASP K 169 15.10 23.97 -57.05
C ASP K 169 16.34 23.40 -57.75
N SER K 170 16.79 24.00 -58.84
CA SER K 170 17.96 23.63 -59.63
C SER K 170 18.93 24.82 -59.78
N GLU K 171 18.83 25.78 -58.87
CA GLU K 171 19.59 27.02 -58.81
C GLU K 171 20.11 27.26 -57.40
N TYR K 172 21.11 28.13 -57.28
CA TYR K 172 21.96 28.18 -56.10
C TYR K 172 22.16 29.64 -55.71
N ALA K 173 21.08 30.24 -55.22
CA ALA K 173 21.04 31.63 -54.81
C ALA K 173 21.96 31.87 -53.62
N ASP K 174 22.39 33.10 -53.45
CA ASP K 174 23.28 33.53 -52.39
C ASP K 174 22.75 34.81 -51.74
N PHE K 175 22.83 34.88 -50.41
CA PHE K 175 22.28 36.00 -49.66
C PHE K 175 23.16 36.40 -48.49
N SER K 176 22.97 37.65 -48.08
CA SER K 176 23.68 38.31 -46.99
C SER K 176 22.99 38.11 -45.64
N GLN K 177 23.76 38.36 -44.59
CA GLN K 177 23.22 38.56 -43.25
C GLN K 177 22.20 39.71 -43.17
N LYS K 178 22.24 40.65 -44.14
CA LYS K 178 21.31 41.77 -44.24
C LYS K 178 19.89 41.38 -44.62
N GLU K 179 19.68 40.21 -45.22
CA GLU K 179 18.38 39.85 -45.81
C GLU K 179 17.85 38.46 -45.42
N ILE K 180 18.60 37.67 -44.66
CA ILE K 180 18.15 36.39 -44.13
C ILE K 180 18.04 36.46 -42.60
N PHE K 181 16.89 36.10 -42.04
CA PHE K 181 16.67 36.30 -40.60
C PHE K 181 17.40 35.28 -39.70
N HIS K 182 17.42 34.00 -40.10
CA HIS K 182 18.18 32.89 -39.48
C HIS K 182 18.07 32.76 -37.94
N LEU K 183 17.12 31.97 -37.44
CA LEU K 183 16.90 31.80 -35.99
C LEU K 183 17.98 30.99 -35.25
N LYS K 184 18.85 30.26 -35.96
CA LYS K 184 20.15 29.75 -35.47
C LYS K 184 20.11 29.13 -34.06
N GLY K 185 19.67 27.88 -33.95
CA GLY K 185 19.54 27.17 -32.66
C GLY K 185 20.86 26.67 -32.06
N PHE K 186 20.73 25.76 -31.10
CA PHE K 186 21.78 25.14 -30.28
C PHE K 186 22.92 24.50 -31.09
N GLY K 187 24.18 24.94 -30.92
CA GLY K 187 25.34 24.33 -31.59
C GLY K 187 26.70 24.91 -31.21
N PHE K 188 27.78 24.12 -31.37
CA PHE K 188 29.12 24.47 -30.89
C PHE K 188 29.75 25.71 -31.55
N THR K 189 29.45 25.98 -32.82
CA THR K 189 30.09 27.08 -33.57
C THR K 189 29.57 28.46 -33.20
N GLY K 190 28.34 28.55 -32.69
CA GLY K 190 27.59 29.81 -32.61
C GLY K 190 27.14 30.37 -33.96
N LEU K 191 27.41 29.65 -35.05
CA LEU K 191 27.07 30.03 -36.43
C LEU K 191 25.88 29.26 -36.97
N VAL K 192 25.69 28.01 -36.59
CA VAL K 192 24.55 27.16 -36.98
C VAL K 192 24.18 26.19 -35.86
N GLY K 193 22.93 25.76 -35.81
CA GLY K 193 22.46 24.76 -34.85
C GLY K 193 22.71 23.33 -35.32
N LEU K 194 22.89 22.40 -34.40
CA LEU K 194 22.98 20.97 -34.65
C LEU K 194 21.59 20.42 -35.00
N SER K 195 21.44 19.83 -36.18
CA SER K 195 20.14 19.38 -36.66
C SER K 195 19.67 18.12 -35.91
N PRO K 196 18.67 18.17 -35.02
CA PRO K 196 18.45 17.09 -34.06
C PRO K 196 18.10 15.77 -34.70
N ILE K 197 17.34 15.83 -35.80
CA ILE K 197 17.00 14.70 -36.63
C ILE K 197 18.22 13.89 -37.05
N ALA K 198 19.35 14.54 -37.29
CA ALA K 198 20.58 13.86 -37.69
C ALA K 198 21.14 12.98 -36.58
N PHE K 199 20.99 13.40 -35.31
CA PHE K 199 21.51 12.65 -34.18
C PHE K 199 20.52 11.58 -33.72
N ALA K 200 19.23 11.90 -33.73
CA ALA K 200 18.17 10.99 -33.32
C ALA K 200 18.03 9.75 -34.23
N CYS K 201 18.63 9.74 -35.42
CA CYS K 201 18.40 8.71 -36.42
C CYS K 201 18.60 7.26 -35.91
N LYS K 202 19.53 7.02 -34.98
CA LYS K 202 19.80 5.66 -34.50
C LYS K 202 18.67 5.13 -33.63
N SER K 203 18.31 5.85 -32.57
CA SER K 203 17.19 5.43 -31.72
C SER K 203 15.90 5.38 -32.53
N ALA K 204 15.68 6.31 -33.44
CA ALA K 204 14.56 6.23 -34.37
C ALA K 204 14.63 4.96 -35.21
N GLY K 205 15.82 4.59 -35.67
CA GLY K 205 16.07 3.34 -36.38
C GLY K 205 15.62 2.13 -35.56
N VAL K 206 15.96 2.11 -34.28
CA VAL K 206 15.52 1.04 -33.37
C VAL K 206 14.00 1.01 -33.29
N ALA K 207 13.38 2.17 -33.11
CA ALA K 207 11.94 2.26 -32.98
C ALA K 207 11.24 1.74 -34.23
N VAL K 208 11.64 2.19 -35.42
CA VAL K 208 11.00 1.72 -36.64
C VAL K 208 11.28 0.24 -36.88
N ALA K 209 12.42 -0.31 -36.46
CA ALA K 209 12.63 -1.75 -36.54
C ALA K 209 11.57 -2.51 -35.73
N MET K 210 11.32 -2.06 -34.49
CA MET K 210 10.33 -2.69 -33.64
C MET K 210 8.92 -2.53 -34.19
N GLU K 211 8.57 -1.34 -34.66
CA GLU K 211 7.25 -1.06 -35.20
C GLU K 211 6.94 -1.95 -36.40
N ASP K 212 7.88 -2.07 -37.34
CA ASP K 212 7.70 -2.90 -38.51
C ASP K 212 7.53 -4.38 -38.11
N GLN K 213 8.35 -4.87 -37.19
CA GLN K 213 8.22 -6.23 -36.68
C GLN K 213 6.85 -6.47 -36.04
N GLN K 214 6.42 -5.53 -35.20
CA GLN K 214 5.18 -5.62 -34.44
C GLN K 214 3.99 -5.74 -35.39
N ARG K 215 3.97 -4.97 -36.48
CA ARG K 215 2.96 -5.12 -37.53
C ARG K 215 3.00 -6.53 -38.09
N ASP K 216 4.15 -6.91 -38.59
CA ASP K 216 4.22 -8.00 -39.53
C ASP K 216 3.88 -9.33 -38.88
N PHE K 217 4.11 -9.48 -37.59
CA PHE K 217 3.69 -10.68 -36.89
C PHE K 217 2.17 -10.90 -36.98
N PHE K 218 1.38 -9.86 -36.70
CA PHE K 218 -0.08 -9.96 -36.83
C PHE K 218 -0.52 -9.99 -38.28
N ALA K 219 0.21 -9.32 -39.18
CA ALA K 219 -0.07 -9.44 -40.61
C ALA K 219 0.06 -10.89 -41.08
N ASN K 220 1.03 -11.63 -40.55
CA ASN K 220 1.19 -13.07 -40.77
C ASN K 220 0.32 -13.92 -39.84
N GLY K 221 -0.82 -13.39 -39.38
CA GLY K 221 -1.80 -14.13 -38.60
C GLY K 221 -1.25 -14.74 -37.30
N ALA K 222 -0.16 -14.19 -36.76
CA ALA K 222 0.53 -14.72 -35.59
C ALA K 222 1.02 -16.18 -35.74
N LYS K 223 1.39 -16.59 -36.96
CA LYS K 223 2.08 -17.86 -37.22
C LYS K 223 3.58 -17.60 -37.34
N SER K 224 4.38 -18.31 -36.55
CA SER K 224 5.83 -18.08 -36.47
C SER K 224 6.60 -18.69 -37.65
N PRO K 225 7.80 -18.19 -38.00
CA PRO K 225 8.61 -18.77 -39.07
C PRO K 225 9.10 -20.19 -38.76
N GLN K 226 9.36 -20.97 -39.81
CA GLN K 226 9.56 -22.42 -39.72
C GLN K 226 10.70 -22.92 -40.60
N ILE K 227 11.24 -24.11 -40.31
CA ILE K 227 12.10 -24.89 -41.21
C ILE K 227 11.27 -26.01 -41.83
N LEU K 228 11.29 -26.07 -43.16
CA LEU K 228 10.75 -27.15 -43.93
C LEU K 228 11.82 -28.24 -44.11
N SER K 229 11.89 -29.13 -43.14
CA SER K 229 12.83 -30.23 -43.12
C SER K 229 12.39 -31.41 -44.00
N THR K 230 12.73 -31.32 -45.28
CA THR K 230 12.44 -32.18 -46.45
C THR K 230 12.62 -33.70 -46.35
N GLY K 231 13.00 -34.28 -45.21
CA GLY K 231 13.26 -35.73 -45.11
C GLY K 231 14.50 -36.18 -45.88
N GLU K 232 14.44 -37.36 -46.51
CA GLU K 232 15.57 -38.01 -47.21
C GLU K 232 15.18 -38.53 -48.61
N LYS K 233 14.62 -37.64 -49.44
CA LYS K 233 14.53 -37.83 -50.89
C LYS K 233 15.00 -36.57 -51.61
N VAL K 234 15.78 -36.72 -52.69
CA VAL K 234 16.09 -35.62 -53.60
C VAL K 234 14.82 -35.18 -54.35
N LEU K 235 14.64 -33.88 -54.55
CA LEU K 235 13.38 -33.31 -55.05
C LEU K 235 13.51 -32.76 -56.48
N THR K 236 12.53 -33.05 -57.31
CA THR K 236 12.37 -32.35 -58.59
C THR K 236 11.99 -30.88 -58.36
N GLU K 237 12.23 -30.03 -59.35
CA GLU K 237 11.82 -28.63 -59.26
C GLU K 237 10.29 -28.49 -59.19
N GLN K 238 9.55 -29.49 -59.66
CA GLN K 238 8.10 -29.53 -59.52
C GLN K 238 7.69 -29.92 -58.10
N GLN K 239 8.37 -30.89 -57.47
CA GLN K 239 8.15 -31.18 -56.05
C GLN K 239 8.44 -29.93 -55.20
N ARG K 240 9.55 -29.25 -55.50
CA ARG K 240 9.86 -27.93 -54.92
C ARG K 240 8.75 -26.91 -55.19
N SER K 241 8.20 -26.85 -56.40
CA SER K 241 7.05 -25.99 -56.70
C SER K 241 5.83 -26.33 -55.85
N GLN K 242 5.52 -27.61 -55.66
CA GLN K 242 4.36 -28.02 -54.86
C GLN K 242 4.56 -27.81 -53.36
N VAL K 243 5.76 -27.49 -52.89
CA VAL K 243 5.92 -26.93 -51.55
C VAL K 243 5.07 -25.67 -51.42
N GLU K 244 5.04 -24.87 -52.48
CA GLU K 244 4.26 -23.63 -52.54
C GLU K 244 2.76 -23.87 -52.72
N GLU K 245 2.32 -25.13 -52.63
CA GLU K 245 0.92 -25.55 -52.66
C GLU K 245 0.55 -26.30 -51.36
N ASN K 246 1.37 -27.26 -50.92
CA ASN K 246 1.19 -27.91 -49.63
C ASN K 246 1.44 -26.98 -48.43
N PHE K 247 2.23 -25.93 -48.63
CA PHE K 247 2.74 -25.07 -47.57
C PHE K 247 2.71 -23.59 -47.98
N LYS K 248 3.61 -22.77 -47.43
CA LYS K 248 3.65 -21.30 -47.49
C LYS K 248 2.41 -20.54 -47.00
N GLU K 249 1.31 -21.21 -46.65
CA GLU K 249 0.09 -20.62 -46.08
C GLU K 249 0.25 -20.16 -44.61
N ILE K 250 1.44 -19.67 -44.25
CA ILE K 250 1.74 -19.04 -42.96
C ILE K 250 1.45 -17.53 -42.97
N ALA K 251 1.44 -16.87 -44.13
CA ALA K 251 1.10 -15.44 -44.21
C ALA K 251 -0.41 -15.16 -44.03
N GLY K 252 -1.26 -15.70 -44.91
CA GLY K 252 -2.70 -15.44 -44.91
C GLY K 252 -3.45 -16.11 -43.75
N GLY K 253 -4.73 -15.78 -43.59
CA GLY K 253 -5.58 -16.29 -42.53
C GLY K 253 -6.21 -17.71 -42.70
N PRO K 254 -6.76 -18.10 -43.86
CA PRO K 254 -7.85 -19.09 -43.87
C PRO K 254 -7.49 -20.58 -43.83
N VAL K 255 -6.27 -21.00 -44.17
CA VAL K 255 -5.97 -22.41 -44.48
C VAL K 255 -5.69 -23.27 -43.23
N LYS K 256 -6.44 -23.04 -42.14
CA LYS K 256 -6.24 -23.62 -40.80
C LYS K 256 -6.12 -25.16 -40.80
N LYS K 257 -6.82 -25.76 -41.75
CA LYS K 257 -7.06 -27.20 -41.94
C LYS K 257 -5.90 -27.99 -42.57
N ARG K 258 -5.09 -27.40 -43.47
CA ARG K 258 -4.31 -28.17 -44.45
C ARG K 258 -2.91 -27.65 -44.82
N LEU K 259 -2.22 -26.97 -43.90
CA LEU K 259 -0.77 -27.04 -43.99
C LEU K 259 -0.45 -28.53 -43.80
N TRP K 260 0.18 -29.20 -44.77
CA TRP K 260 -0.01 -30.66 -44.93
C TRP K 260 1.21 -31.41 -45.46
N ILE K 261 1.77 -32.26 -44.61
CA ILE K 261 2.97 -33.07 -44.85
C ILE K 261 2.72 -34.25 -45.82
N LEU K 262 3.68 -34.47 -46.73
CA LEU K 262 3.69 -35.59 -47.67
C LEU K 262 4.36 -36.85 -47.08
N GLU K 263 4.34 -37.95 -47.82
CA GLU K 263 4.89 -39.25 -47.41
C GLU K 263 6.42 -39.25 -47.13
N ALA K 264 7.15 -38.18 -47.47
CA ALA K 264 8.52 -38.00 -47.02
C ALA K 264 8.65 -37.74 -45.50
N GLY K 265 7.53 -37.55 -44.79
CA GLY K 265 7.43 -37.57 -43.34
C GLY K 265 7.90 -36.28 -42.66
N PHE K 266 9.01 -35.71 -43.11
CA PHE K 266 9.58 -34.42 -42.67
C PHE K 266 9.84 -34.36 -41.15
N SER K 267 10.21 -33.20 -40.61
CA SER K 267 10.46 -33.01 -39.16
C SER K 267 10.27 -31.55 -38.72
N THR K 268 9.35 -30.85 -39.37
CA THR K 268 9.32 -29.38 -39.46
C THR K 268 9.14 -28.70 -38.11
N SER K 269 9.77 -27.53 -37.91
CA SER K 269 9.79 -26.85 -36.61
C SER K 269 9.92 -25.33 -36.70
N ALA K 270 9.53 -24.63 -35.64
CA ALA K 270 9.50 -23.17 -35.54
C ALA K 270 10.84 -22.56 -35.13
N ILE K 271 11.06 -21.28 -35.45
CA ILE K 271 12.33 -20.57 -35.16
C ILE K 271 12.20 -19.10 -34.71
N GLY K 272 11.00 -18.51 -34.69
CA GLY K 272 10.80 -17.17 -34.10
C GLY K 272 10.72 -17.24 -32.57
N VAL K 273 11.30 -16.29 -31.84
CA VAL K 273 11.32 -16.35 -30.36
C VAL K 273 9.96 -16.09 -29.70
N THR K 274 8.99 -15.57 -30.46
CA THR K 274 7.69 -15.07 -30.00
C THR K 274 7.77 -13.80 -29.18
N PRO K 275 6.94 -12.78 -29.44
CA PRO K 275 6.83 -11.56 -28.61
C PRO K 275 6.46 -11.79 -27.13
N GLN K 276 6.24 -13.03 -26.71
CA GLN K 276 6.30 -13.43 -25.31
C GLN K 276 7.67 -13.19 -24.69
N ASP K 277 8.71 -12.93 -25.48
CA ASP K 277 10.00 -12.50 -24.98
C ASP K 277 9.87 -11.26 -24.08
N ALA K 278 10.73 -11.17 -23.08
CA ALA K 278 10.64 -10.14 -22.04
C ALA K 278 10.96 -8.72 -22.53
N GLU K 279 11.47 -8.53 -23.75
CA GLU K 279 11.66 -7.20 -24.31
C GLU K 279 10.33 -6.63 -24.76
N MET K 280 9.59 -7.37 -25.60
CA MET K 280 8.66 -6.82 -26.58
C MET K 280 8.00 -5.48 -26.22
N MET K 281 6.98 -5.50 -25.38
CA MET K 281 6.20 -4.30 -25.08
C MET K 281 7.00 -3.28 -24.28
N ALA K 282 7.72 -3.72 -23.25
CA ALA K 282 8.59 -2.84 -22.47
C ALA K 282 9.57 -2.10 -23.38
N SER K 283 10.09 -2.75 -24.42
CA SER K 283 10.96 -2.14 -25.39
C SER K 283 10.31 -0.95 -26.08
N ARG K 284 9.08 -1.14 -26.55
CA ARG K 284 8.31 -0.09 -27.22
C ARG K 284 8.15 1.10 -26.28
N LYS K 285 7.70 0.84 -25.06
CA LYS K 285 7.53 1.86 -24.05
C LYS K 285 8.83 2.63 -23.81
N PHE K 286 9.92 1.91 -23.60
CA PHE K 286 11.19 2.50 -23.28
C PHE K 286 11.66 3.48 -24.35
N GLN K 287 11.54 3.09 -25.62
CA GLN K 287 11.93 3.88 -26.77
C GLN K 287 11.19 5.22 -26.86
N VAL K 288 10.00 5.34 -26.29
CA VAL K 288 9.33 6.65 -26.27
C VAL K 288 10.21 7.67 -25.55
N SER K 289 10.80 7.28 -24.42
CA SER K 289 11.65 8.19 -23.68
C SER K 289 12.87 8.62 -24.49
N GLU K 290 13.46 7.68 -25.24
CA GLU K 290 14.63 7.95 -26.04
C GLU K 290 14.37 9.05 -27.05
N LEU K 291 13.26 8.97 -27.76
CA LEU K 291 12.92 9.98 -28.73
C LEU K 291 12.56 11.30 -28.05
N ALA K 292 11.78 11.24 -26.98
CA ALA K 292 11.42 12.44 -26.23
C ALA K 292 12.64 13.22 -25.77
N ARG K 293 13.72 12.54 -25.37
CA ARG K 293 14.93 13.22 -24.91
C ARG K 293 15.60 14.09 -25.96
N PHE K 294 15.42 13.85 -27.25
CA PHE K 294 15.95 14.78 -28.23
C PHE K 294 15.27 16.15 -28.22
N PHE K 295 14.00 16.19 -27.79
CA PHE K 295 13.20 17.40 -27.71
C PHE K 295 13.08 17.96 -26.30
N GLY K 296 13.37 17.14 -25.27
CA GLY K 296 13.37 17.56 -23.88
C GLY K 296 11.97 17.79 -23.31
N VAL K 297 11.03 16.91 -23.62
CA VAL K 297 9.64 17.00 -23.16
C VAL K 297 9.38 15.97 -22.04
N PRO K 298 8.84 16.38 -20.88
CA PRO K 298 8.47 15.47 -19.81
C PRO K 298 7.48 14.38 -20.26
N PRO K 299 7.77 13.08 -20.12
CA PRO K 299 7.01 12.02 -20.79
C PRO K 299 5.54 11.91 -20.40
N HIS K 300 5.16 12.38 -19.21
CA HIS K 300 3.75 12.40 -18.84
C HIS K 300 2.96 13.37 -19.70
N LEU K 301 3.56 14.47 -20.17
CA LEU K 301 2.93 15.33 -21.16
C LEU K 301 2.82 14.63 -22.52
N VAL K 302 3.73 13.70 -22.80
CA VAL K 302 3.71 12.83 -23.99
C VAL K 302 2.70 11.68 -23.84
N GLY K 303 1.98 11.62 -22.71
CA GLY K 303 0.88 10.70 -22.49
C GLY K 303 1.31 9.32 -21.97
N ASP K 304 2.52 9.16 -21.48
CA ASP K 304 2.98 7.87 -20.96
C ASP K 304 2.63 7.62 -19.50
N VAL K 305 2.30 6.36 -19.19
CA VAL K 305 2.38 5.72 -17.87
C VAL K 305 1.79 6.56 -16.72
N GLU K 306 2.59 7.34 -16.00
CA GLU K 306 2.18 8.02 -14.78
C GLU K 306 2.74 9.45 -14.68
N LYS K 307 1.94 10.32 -14.06
CA LYS K 307 2.14 11.78 -14.02
C LYS K 307 2.95 12.19 -12.78
N SER K 308 3.49 13.42 -12.78
CA SER K 308 4.55 13.82 -11.84
C SER K 308 4.13 13.76 -10.37
N THR K 309 4.73 12.83 -9.62
CA THR K 309 4.41 12.57 -8.20
C THR K 309 5.01 13.59 -7.22
N SER K 310 6.15 14.20 -7.55
CA SER K 310 7.10 14.72 -6.54
C SER K 310 7.84 16.01 -6.94
N TRP K 311 7.17 16.90 -7.67
CA TRP K 311 7.65 18.28 -7.92
C TRP K 311 6.57 19.36 -7.78
N GLY K 312 5.47 19.03 -7.11
CA GLY K 312 4.23 19.84 -7.05
C GLY K 312 3.12 19.19 -7.86
N SER K 313 1.95 19.03 -7.25
CA SER K 313 0.78 18.40 -7.88
C SER K 313 -0.07 19.38 -8.69
N GLY K 314 -0.13 20.65 -8.30
CA GLY K 314 -0.99 21.64 -8.93
C GLY K 314 -0.60 21.96 -10.37
N ILE K 315 -1.60 22.19 -11.22
CA ILE K 315 -1.41 22.45 -12.65
C ILE K 315 -0.41 23.57 -12.92
N GLU K 316 -0.44 24.61 -12.10
CA GLU K 316 0.48 25.74 -12.20
C GLU K 316 1.94 25.29 -12.07
N GLN K 317 2.21 24.35 -11.17
CA GLN K 317 3.56 23.84 -11.02
C GLN K 317 3.95 22.96 -12.20
N GLN K 318 3.03 22.24 -12.82
CA GLN K 318 3.33 21.55 -14.07
C GLN K 318 3.75 22.56 -15.13
N ASN K 319 3.03 23.67 -15.22
CA ASN K 319 3.31 24.70 -16.21
C ASN K 319 4.65 25.38 -15.95
N LEU K 320 4.98 25.71 -14.70
CA LEU K 320 6.28 26.25 -14.37
C LEU K 320 7.39 25.28 -14.74
N GLY K 321 7.24 24.00 -14.40
CA GLY K 321 8.22 22.99 -14.77
C GLY K 321 8.44 22.97 -16.27
N PHE K 322 7.36 22.89 -17.03
CA PHE K 322 7.45 22.86 -18.48
C PHE K 322 8.06 24.14 -19.06
N LEU K 323 7.75 25.29 -18.46
CA LEU K 323 8.31 26.55 -18.89
C LEU K 323 9.81 26.57 -18.65
N GLN K 324 10.20 26.44 -17.39
CA GLN K 324 11.57 26.66 -16.95
C GLN K 324 12.54 25.65 -17.52
N TYR K 325 12.10 24.41 -17.76
CA TYR K 325 12.96 23.34 -18.24
C TYR K 325 12.78 23.01 -19.71
N THR K 326 11.79 23.57 -20.42
CA THR K 326 11.57 23.23 -21.83
C THR K 326 11.24 24.43 -22.70
N LEU K 327 10.24 25.24 -22.38
CA LEU K 327 9.80 26.29 -23.31
C LEU K 327 10.71 27.50 -23.35
N GLN K 328 11.20 27.95 -22.19
CA GLN K 328 11.91 29.21 -22.03
C GLN K 328 12.95 29.54 -23.14
N PRO K 329 13.78 28.60 -23.59
CA PRO K 329 14.87 28.95 -24.50
C PRO K 329 14.36 29.46 -25.83
N TYR K 330 13.25 28.92 -26.33
CA TYR K 330 12.66 29.35 -27.58
C TYR K 330 12.17 30.77 -27.48
N ILE K 331 11.58 31.11 -26.34
CA ILE K 331 11.10 32.45 -26.08
C ILE K 331 12.27 33.43 -26.19
N SER K 332 13.37 33.09 -25.53
CA SER K 332 14.60 33.86 -25.60
C SER K 332 15.07 34.00 -27.04
N ARG K 333 15.17 32.89 -27.80
CA ARG K 333 15.68 32.95 -29.18
C ARG K 333 14.86 33.89 -30.04
N TRP K 334 13.53 33.84 -29.99
CA TRP K 334 12.70 34.76 -30.75
C TRP K 334 12.98 36.20 -30.34
N GLU K 335 12.76 36.53 -29.08
CA GLU K 335 12.86 37.90 -28.60
C GLU K 335 14.25 38.48 -28.87
N ASN K 336 15.29 37.71 -28.60
CA ASN K 336 16.65 38.13 -28.86
C ASN K 336 16.92 38.32 -30.33
N SER K 337 16.49 37.41 -31.21
CA SER K 337 16.74 37.57 -32.64
C SER K 337 16.10 38.83 -33.19
N ILE K 338 14.89 39.10 -32.75
CA ILE K 338 14.17 40.30 -33.17
C ILE K 338 14.96 41.53 -32.75
N GLN K 339 15.41 41.57 -31.50
CA GLN K 339 16.19 42.68 -30.97
C GLN K 339 17.57 42.82 -31.63
N ARG K 340 18.17 41.73 -32.10
CA ARG K 340 19.52 41.72 -32.67
C ARG K 340 19.57 42.11 -34.13
N TRP K 341 18.52 41.82 -34.90
CA TRP K 341 18.54 41.98 -36.34
C TRP K 341 17.43 42.89 -36.88
N LEU K 342 16.25 42.91 -36.26
CA LEU K 342 15.10 43.62 -36.81
C LEU K 342 14.94 45.02 -36.24
N ILE K 343 15.05 45.17 -34.92
CA ILE K 343 15.05 46.48 -34.29
C ILE K 343 16.39 47.18 -34.64
N PRO K 344 16.37 48.38 -35.23
CA PRO K 344 17.60 49.13 -35.52
C PRO K 344 18.33 49.58 -34.25
N SER K 345 19.65 49.73 -34.33
CA SER K 345 20.52 50.03 -33.20
C SER K 345 20.10 51.28 -32.41
N LYS K 346 19.69 52.34 -33.10
CA LYS K 346 19.21 53.60 -32.51
C LYS K 346 17.95 53.44 -31.63
N ASP K 347 17.21 52.36 -31.79
CA ASP K 347 15.98 52.07 -31.06
C ASP K 347 16.15 51.00 -29.97
N VAL K 348 17.34 50.40 -29.87
CA VAL K 348 17.67 49.47 -28.79
C VAL K 348 17.50 50.14 -27.44
N GLY K 349 16.86 49.45 -26.50
CA GLY K 349 16.49 49.99 -25.18
C GLY K 349 15.25 50.87 -25.20
N ARG K 350 14.88 51.46 -26.35
CA ARG K 350 13.59 52.15 -26.50
C ARG K 350 12.49 51.17 -26.83
N LEU K 351 12.72 50.34 -27.84
CA LEU K 351 11.77 49.34 -28.30
C LEU K 351 12.15 47.97 -27.79
N HIS K 352 11.15 47.20 -27.38
CA HIS K 352 11.33 45.91 -26.74
C HIS K 352 10.17 44.96 -27.06
N ALA K 353 10.44 43.88 -27.78
CA ALA K 353 9.44 42.84 -28.03
C ALA K 353 9.40 41.80 -26.89
N GLU K 354 8.21 41.38 -26.47
CA GLU K 354 8.02 40.33 -25.48
C GLU K 354 6.77 39.49 -25.68
N HIS K 355 6.86 38.21 -25.38
CA HIS K 355 5.70 37.34 -25.17
C HIS K 355 5.01 37.60 -23.84
N ASN K 356 3.75 37.18 -23.71
CA ASN K 356 3.00 37.15 -22.46
C ASN K 356 2.89 35.71 -21.93
N LEU K 357 3.27 35.48 -20.68
CA LEU K 357 3.28 34.16 -20.03
C LEU K 357 1.96 33.77 -19.34
N ASP K 358 1.06 34.72 -19.11
CA ASP K 358 -0.10 34.51 -18.24
C ASP K 358 -1.04 33.42 -18.74
N GLY K 359 -1.12 33.23 -20.05
CA GLY K 359 -1.91 32.16 -20.66
C GLY K 359 -1.51 30.77 -20.17
N LEU K 360 -0.23 30.57 -19.79
CA LEU K 360 0.24 29.36 -19.13
C LEU K 360 0.17 29.51 -17.61
N LEU K 361 0.63 30.63 -17.06
CA LEU K 361 0.73 30.78 -15.60
C LEU K 361 -0.63 30.93 -14.92
N ARG K 362 -1.73 30.96 -15.67
CA ARG K 362 -3.11 30.98 -15.18
C ARG K 362 -3.35 29.93 -14.10
N GLY K 363 -3.72 30.39 -12.91
CA GLY K 363 -4.22 29.54 -11.82
C GLY K 363 -5.71 29.24 -11.91
N ASP K 364 -6.20 28.39 -11.01
CA ASP K 364 -7.64 28.17 -10.84
C ASP K 364 -8.35 29.35 -10.15
N SER K 365 -9.67 29.28 -10.13
CA SER K 365 -10.55 30.26 -9.52
C SER K 365 -10.16 30.58 -8.08
N ALA K 366 -9.95 29.56 -7.26
CA ALA K 366 -9.64 29.75 -5.85
C ALA K 366 -8.30 30.48 -5.68
N SER K 367 -7.26 30.01 -6.35
CA SER K 367 -5.94 30.60 -6.22
C SER K 367 -5.94 32.01 -6.76
N ARG K 368 -6.54 32.26 -7.93
CA ARG K 368 -6.54 33.61 -8.49
C ARG K 368 -7.34 34.59 -7.64
N ALA K 369 -8.47 34.17 -7.07
CA ALA K 369 -9.22 35.00 -6.14
C ALA K 369 -8.36 35.38 -4.93
N ALA K 370 -7.74 34.40 -4.28
CA ALA K 370 -6.88 34.65 -3.13
C ALA K 370 -5.73 35.60 -3.50
N PHE K 371 -5.09 35.36 -4.65
CA PHE K 371 -4.02 36.20 -5.14
C PHE K 371 -4.46 37.65 -5.30
N MET K 372 -5.56 37.90 -6.00
CA MET K 372 -6.04 39.27 -6.20
C MET K 372 -6.37 39.93 -4.86
N LYS K 373 -7.01 39.21 -3.94
CA LYS K 373 -7.30 39.75 -2.61
C LYS K 373 -6.04 40.15 -1.87
N ALA K 374 -4.98 39.34 -1.98
CA ALA K 374 -3.68 39.65 -1.42
C ALA K 374 -2.95 40.81 -2.12
N MET K 375 -3.39 41.26 -3.30
CA MET K 375 -2.90 42.52 -3.88
C MET K 375 -3.80 43.71 -3.56
N GLY K 376 -5.09 43.45 -3.34
CA GLY K 376 -6.08 44.44 -2.96
C GLY K 376 -5.78 44.99 -1.56
N GLU K 377 -5.84 44.14 -0.54
CA GLU K 377 -5.06 44.40 0.67
C GLU K 377 -3.58 44.27 0.34
N SER K 378 -2.70 44.84 1.15
CA SER K 378 -1.34 45.29 0.77
C SER K 378 -1.33 46.45 -0.24
N GLY K 379 -2.26 46.48 -1.19
CA GLY K 379 -2.39 47.59 -2.14
C GLY K 379 -1.36 47.54 -3.26
N LEU K 380 -0.88 46.35 -3.62
CA LEU K 380 0.00 46.15 -4.77
C LEU K 380 -0.68 46.39 -6.12
N ARG K 381 -2.01 46.46 -6.19
CA ARG K 381 -2.75 46.96 -7.37
C ARG K 381 -3.96 47.79 -6.97
N THR K 382 -4.33 48.68 -7.88
CA THR K 382 -5.67 49.27 -7.97
C THR K 382 -6.66 48.25 -8.50
N ILE K 383 -7.95 48.47 -8.21
CA ILE K 383 -9.02 47.68 -8.84
C ILE K 383 -8.96 47.83 -10.36
N ASN K 384 -8.64 49.02 -10.87
CA ASN K 384 -8.57 49.25 -12.30
C ASN K 384 -7.54 48.38 -12.99
N GLU K 385 -6.34 48.27 -12.45
CA GLU K 385 -5.32 47.37 -12.99
C GLU K 385 -5.84 45.94 -13.04
N MET K 386 -6.40 45.45 -11.94
CA MET K 386 -6.90 44.08 -11.90
C MET K 386 -8.06 43.89 -12.87
N ARG K 387 -8.99 44.83 -12.95
CA ARG K 387 -10.07 44.81 -13.94
C ARG K 387 -9.58 44.87 -15.37
N ARG K 388 -8.42 45.48 -15.62
CA ARG K 388 -7.84 45.48 -16.96
C ARG K 388 -7.42 44.07 -17.36
N THR K 389 -6.95 43.26 -16.40
CA THR K 389 -6.45 41.91 -16.71
C THR K 389 -7.51 41.03 -17.35
N ASP K 390 -8.76 41.18 -16.93
CA ASP K 390 -9.93 40.49 -17.46
C ASP K 390 -10.87 41.45 -18.21
N ASN K 391 -10.32 42.56 -18.71
CA ASN K 391 -10.97 43.55 -19.56
C ASN K 391 -12.33 44.08 -19.07
N MET K 392 -12.57 44.03 -17.76
CA MET K 392 -13.75 44.66 -17.15
C MET K 392 -13.70 46.19 -17.28
N PRO K 393 -14.85 46.87 -17.33
CA PRO K 393 -14.89 48.32 -17.30
C PRO K 393 -14.27 48.88 -16.01
N PRO K 394 -13.47 49.97 -16.09
CA PRO K 394 -12.87 50.61 -14.93
C PRO K 394 -13.89 51.36 -14.06
N LEU K 395 -13.47 51.73 -12.86
CA LEU K 395 -14.24 52.42 -11.80
C LEU K 395 -13.32 53.37 -11.01
N PRO K 396 -13.83 54.34 -10.23
CA PRO K 396 -12.99 55.16 -9.36
C PRO K 396 -12.09 54.33 -8.44
N GLY K 397 -10.77 54.52 -8.53
CA GLY K 397 -9.76 53.78 -7.77
C GLY K 397 -8.32 54.12 -8.18
N ILE L 52 -4.62 0.02 -47.02
CA ILE L 52 -5.29 0.82 -45.96
C ILE L 52 -5.97 2.05 -46.54
N ASN L 53 -7.06 2.53 -45.94
CA ASN L 53 -7.79 3.71 -46.39
C ASN L 53 -8.38 4.51 -45.23
N ASP L 54 -8.72 5.77 -45.50
CA ASP L 54 -9.13 6.74 -44.50
C ASP L 54 -10.36 6.30 -43.71
N GLU L 55 -11.32 5.66 -44.36
CA GLU L 55 -12.53 5.18 -43.68
C GLU L 55 -12.23 4.03 -42.74
N ARG L 56 -11.40 3.07 -43.16
CA ARG L 56 -10.96 1.99 -42.28
C ARG L 56 -10.19 2.55 -41.09
N ILE L 57 -9.41 3.60 -41.27
CA ILE L 57 -8.74 4.27 -40.16
C ILE L 57 -9.76 4.94 -39.24
N LEU L 58 -10.74 5.63 -39.81
CA LEU L 58 -11.78 6.28 -39.03
C LEU L 58 -12.62 5.29 -38.22
N GLN L 59 -12.72 4.04 -38.67
CA GLN L 59 -13.37 2.98 -37.89
C GLN L 59 -12.61 2.56 -36.62
N ILE L 60 -11.42 3.09 -36.33
CA ILE L 60 -10.76 2.86 -35.03
C ILE L 60 -11.38 3.74 -33.94
N SER L 61 -11.87 3.14 -32.85
CA SER L 61 -12.65 3.86 -31.82
C SER L 61 -11.91 5.09 -31.26
N THR L 62 -10.61 4.96 -31.06
CA THR L 62 -9.76 6.02 -30.53
C THR L 62 -9.77 7.24 -31.44
N VAL L 63 -9.63 7.00 -32.74
CA VAL L 63 -9.61 8.07 -33.74
C VAL L 63 -10.95 8.76 -33.77
N TRP L 64 -12.02 7.97 -33.85
CA TRP L 64 -13.38 8.45 -33.81
C TRP L 64 -13.61 9.35 -32.60
N ARG L 65 -13.22 8.89 -31.42
CA ARG L 65 -13.41 9.65 -30.18
C ARG L 65 -12.64 10.96 -30.22
N CYS L 66 -11.36 10.95 -30.58
CA CYS L 66 -10.55 12.17 -30.57
C CYS L 66 -11.16 13.24 -31.47
N VAL L 67 -11.47 12.86 -32.69
CA VAL L 67 -12.04 13.79 -33.66
C VAL L 67 -13.36 14.31 -33.14
N SER L 68 -14.22 13.41 -32.64
CA SER L 68 -15.49 13.80 -32.06
C SER L 68 -15.29 14.83 -30.97
N LEU L 69 -14.43 14.52 -30.01
CA LEU L 69 -14.26 15.35 -28.84
C LEU L 69 -13.83 16.76 -29.23
N ILE L 70 -12.70 16.88 -29.91
CA ILE L 70 -12.08 18.18 -30.17
C ILE L 70 -13.05 19.08 -30.92
N SER L 71 -13.55 18.58 -32.05
CA SER L 71 -14.44 19.35 -32.90
C SER L 71 -15.70 19.75 -32.16
N THR L 72 -16.30 18.82 -31.43
CA THR L 72 -17.56 19.09 -30.77
C THR L 72 -17.37 20.08 -29.64
N LEU L 73 -16.31 19.96 -28.86
CA LEU L 73 -16.05 20.88 -27.77
C LEU L 73 -15.90 22.28 -28.29
N THR L 74 -15.04 22.50 -29.28
CA THR L 74 -14.91 23.86 -29.81
C THR L 74 -16.20 24.33 -30.47
N ALA L 75 -17.05 23.43 -30.95
CA ALA L 75 -18.34 23.81 -31.49
C ALA L 75 -19.36 24.17 -30.39
N CYS L 76 -19.20 23.66 -29.17
CA CYS L 76 -20.08 23.99 -28.05
C CYS L 76 -19.82 25.38 -27.48
N LEU L 77 -18.60 25.92 -27.63
CA LEU L 77 -18.26 27.20 -27.01
C LEU L 77 -19.12 28.34 -27.55
N PRO L 78 -19.57 29.29 -26.72
CA PRO L 78 -20.11 30.54 -27.21
C PRO L 78 -19.03 31.31 -27.98
N LEU L 79 -19.39 31.88 -29.13
CA LEU L 79 -18.53 32.79 -29.88
C LEU L 79 -19.18 34.17 -29.94
N ASP L 80 -18.46 35.16 -29.46
CA ASP L 80 -18.93 36.53 -29.33
C ASP L 80 -18.11 37.49 -30.18
N VAL L 81 -18.76 38.56 -30.61
CA VAL L 81 -18.15 39.61 -31.43
C VAL L 81 -18.31 40.93 -30.72
N PHE L 82 -17.30 41.78 -30.82
CA PHE L 82 -17.16 42.99 -30.06
C PHE L 82 -16.80 44.15 -30.94
N GLU L 83 -17.41 45.29 -30.65
CA GLU L 83 -16.89 46.57 -31.02
C GLU L 83 -16.15 47.15 -29.83
N THR L 84 -14.98 47.68 -30.11
CA THR L 84 -14.02 48.12 -29.11
C THR L 84 -13.96 49.63 -29.21
N ASP L 85 -14.29 50.32 -28.13
CA ASP L 85 -14.22 51.77 -28.08
C ASP L 85 -12.75 52.25 -28.03
N GLN L 86 -12.51 53.50 -28.42
CA GLN L 86 -11.19 54.13 -28.37
C GLN L 86 -10.55 54.19 -26.96
N ASN L 87 -11.35 54.24 -25.90
CA ASN L 87 -10.89 54.13 -24.51
C ASN L 87 -10.64 52.66 -24.09
N ASP L 88 -10.70 51.72 -25.03
CA ASP L 88 -10.47 50.29 -24.86
C ASP L 88 -11.50 49.56 -23.98
N ASN L 89 -12.78 49.88 -24.17
CA ASN L 89 -13.92 49.14 -23.59
C ASN L 89 -14.59 48.26 -24.66
N ARG L 90 -14.88 47.00 -24.32
CA ARG L 90 -15.67 46.11 -25.17
C ARG L 90 -17.16 46.41 -25.07
N LYS L 91 -17.82 46.47 -26.22
CA LYS L 91 -19.26 46.27 -26.36
C LYS L 91 -19.47 44.99 -27.14
N LYS L 92 -20.18 44.02 -26.59
CA LYS L 92 -20.65 42.86 -27.36
C LYS L 92 -21.71 43.33 -28.36
N VAL L 93 -21.63 42.91 -29.62
CA VAL L 93 -22.55 43.34 -30.68
C VAL L 93 -23.74 42.38 -30.85
N ASP L 94 -24.81 42.85 -31.48
CA ASP L 94 -26.08 42.13 -31.66
C ASP L 94 -26.23 41.42 -33.01
N LEU L 95 -27.23 40.54 -33.13
CA LEU L 95 -27.61 39.85 -34.37
C LEU L 95 -28.13 40.77 -35.49
N SER L 96 -28.20 42.08 -35.24
CA SER L 96 -28.36 43.10 -36.27
C SER L 96 -27.10 43.29 -37.12
N ASN L 97 -25.91 43.06 -36.56
CA ASN L 97 -24.67 43.19 -37.31
C ASN L 97 -24.56 42.04 -38.32
N PRO L 98 -24.19 42.29 -39.60
CA PRO L 98 -24.19 41.25 -40.63
C PRO L 98 -23.25 40.09 -40.32
N LEU L 99 -22.01 40.39 -39.94
CA LEU L 99 -21.03 39.37 -39.61
C LEU L 99 -21.43 38.59 -38.36
N ALA L 100 -21.87 39.28 -37.32
CA ALA L 100 -22.33 38.63 -36.10
C ALA L 100 -23.50 37.68 -36.37
N ARG L 101 -24.44 38.07 -37.22
CA ARG L 101 -25.54 37.19 -37.63
C ARG L 101 -25.04 36.00 -38.43
N LEU L 102 -24.14 36.24 -39.38
CA LEU L 102 -23.56 35.19 -40.19
C LEU L 102 -22.88 34.13 -39.31
N LEU L 103 -22.13 34.59 -38.32
CA LEU L 103 -21.41 33.75 -37.38
C LEU L 103 -22.34 33.06 -36.39
N ARG L 104 -23.08 33.84 -35.61
CA ARG L 104 -23.78 33.35 -34.42
C ARG L 104 -25.14 32.77 -34.75
N TYR L 105 -25.83 33.28 -35.77
CA TYR L 105 -27.18 32.80 -36.11
C TYR L 105 -27.18 31.83 -37.29
N SER L 106 -26.63 32.22 -38.44
CA SER L 106 -26.74 31.40 -39.65
C SER L 106 -25.64 31.66 -40.68
N PRO L 107 -24.81 30.66 -41.01
CA PRO L 107 -23.76 30.78 -42.02
C PRO L 107 -24.29 30.70 -43.46
N ASN L 108 -25.42 30.03 -43.68
CA ASN L 108 -26.01 29.80 -44.99
C ASN L 108 -27.43 29.24 -44.85
N GLN L 109 -28.15 29.17 -45.95
CA GLN L 109 -29.52 28.67 -46.01
C GLN L 109 -29.71 27.16 -45.75
N TYR L 110 -28.72 26.44 -45.23
CA TYR L 110 -28.81 25.01 -44.93
C TYR L 110 -28.40 24.62 -43.52
N MET L 111 -27.69 25.49 -42.79
CA MET L 111 -26.96 25.07 -41.60
C MET L 111 -27.17 25.96 -40.39
N THR L 112 -26.91 25.36 -39.24
CA THR L 112 -26.73 26.00 -37.94
C THR L 112 -25.29 26.52 -37.82
N ALA L 113 -25.05 27.52 -36.98
CA ALA L 113 -23.70 27.95 -36.66
C ALA L 113 -22.85 26.84 -36.02
N GLN L 114 -23.38 26.19 -34.99
CA GLN L 114 -22.70 25.09 -34.27
C GLN L 114 -22.23 24.04 -35.27
N GLU L 115 -23.20 23.56 -36.03
CA GLU L 115 -23.04 22.57 -37.09
C GLU L 115 -21.93 22.94 -38.08
N PHE L 116 -21.91 24.20 -38.53
CA PHE L 116 -20.88 24.67 -39.43
C PHE L 116 -19.49 24.63 -38.77
N ARG L 117 -19.35 25.16 -37.55
CA ARG L 117 -18.04 25.18 -36.90
C ARG L 117 -17.51 23.78 -36.67
N GLU L 118 -18.38 22.88 -36.26
CA GLU L 118 -18.06 21.47 -36.09
C GLU L 118 -17.51 20.90 -37.40
N ALA L 119 -18.27 21.04 -38.49
CA ALA L 119 -17.91 20.49 -39.79
C ALA L 119 -16.55 20.99 -40.27
N MET L 120 -16.31 22.29 -40.15
CA MET L 120 -15.01 22.88 -40.49
C MET L 120 -13.90 22.24 -39.67
N THR L 121 -14.11 22.13 -38.37
CA THR L 121 -13.07 21.64 -37.47
C THR L 121 -12.75 20.18 -37.71
N MET L 122 -13.72 19.35 -38.05
CA MET L 122 -13.44 17.95 -38.42
C MET L 122 -12.42 17.88 -39.55
N GLN L 123 -12.64 18.63 -40.63
CA GLN L 123 -11.68 18.64 -41.72
C GLN L 123 -10.32 19.21 -41.29
N LEU L 124 -10.33 20.26 -40.48
CA LEU L 124 -9.10 20.84 -39.99
C LEU L 124 -8.26 19.81 -39.24
N CYS L 125 -8.87 19.03 -38.36
CA CYS L 125 -8.16 17.98 -37.64
C CYS L 125 -7.74 16.84 -38.58
N PHE L 126 -8.65 16.39 -39.43
CA PHE L 126 -8.44 15.16 -40.17
C PHE L 126 -7.45 15.35 -41.32
N TYR L 127 -7.57 16.45 -42.05
CA TYR L 127 -6.76 16.77 -43.22
C TYR L 127 -5.71 17.85 -42.95
N GLY L 128 -5.60 18.34 -41.72
CA GLY L 128 -4.75 19.49 -41.41
C GLY L 128 -5.24 20.80 -42.04
N ASN L 129 -6.34 20.79 -42.78
CA ASN L 129 -6.83 21.91 -43.57
C ASN L 129 -8.34 21.80 -43.74
N ALA L 130 -9.02 22.93 -43.81
CA ALA L 130 -10.43 23.03 -44.13
C ALA L 130 -10.66 24.27 -44.99
N TYR L 131 -11.63 24.22 -45.90
CA TYR L 131 -11.89 25.27 -46.87
C TYR L 131 -13.38 25.56 -46.92
N ALA L 132 -13.75 26.83 -47.01
CA ALA L 132 -15.12 27.24 -47.28
C ALA L 132 -15.14 28.27 -48.38
N LEU L 133 -16.13 28.16 -49.26
CA LEU L 133 -16.53 29.23 -50.14
C LEU L 133 -17.04 30.38 -49.29
N VAL L 134 -16.56 31.57 -49.61
CA VAL L 134 -16.99 32.85 -49.06
C VAL L 134 -17.84 33.57 -50.08
N ASP L 135 -18.99 34.08 -49.68
CA ASP L 135 -19.87 34.90 -50.51
C ASP L 135 -20.13 36.25 -49.86
N ARG L 136 -20.28 37.30 -50.67
CA ARG L 136 -20.39 38.70 -50.23
C ARG L 136 -21.31 39.53 -51.12
N ASN L 137 -21.93 40.56 -50.56
CA ASN L 137 -22.86 41.44 -51.25
C ASN L 137 -22.15 42.49 -52.13
N SER L 138 -22.93 43.35 -52.77
CA SER L 138 -22.43 44.48 -53.58
C SER L 138 -21.57 45.46 -52.78
N ALA L 139 -21.85 45.68 -51.50
CA ALA L 139 -21.03 46.48 -50.59
C ALA L 139 -19.73 45.76 -50.14
N GLY L 140 -19.54 44.51 -50.53
CA GLY L 140 -18.39 43.67 -50.21
C GLY L 140 -18.48 42.93 -48.88
N ASP L 141 -19.55 43.14 -48.11
CA ASP L 141 -19.78 42.46 -46.84
C ASP L 141 -20.19 41.01 -47.07
N VAL L 142 -19.62 40.09 -46.29
CA VAL L 142 -19.94 38.66 -46.42
C VAL L 142 -21.39 38.35 -46.05
N ILE L 143 -21.99 37.42 -46.77
CA ILE L 143 -23.40 37.03 -46.66
C ILE L 143 -23.62 35.51 -46.63
N SER L 144 -22.64 34.70 -47.04
CA SER L 144 -22.71 33.25 -46.87
C SER L 144 -21.33 32.61 -46.75
N LEU L 145 -21.28 31.48 -46.04
CA LEU L 145 -20.15 30.58 -45.97
C LEU L 145 -20.61 29.15 -46.23
N LEU L 146 -19.83 28.41 -46.99
CA LEU L 146 -20.16 27.05 -47.37
C LEU L 146 -18.92 26.15 -47.40
N PRO L 147 -18.80 25.15 -46.51
CA PRO L 147 -17.67 24.23 -46.48
C PRO L 147 -17.49 23.45 -47.78
N LEU L 148 -16.25 23.10 -48.07
CA LEU L 148 -15.81 22.38 -49.26
C LEU L 148 -14.97 21.18 -48.84
N GLN L 149 -15.15 20.01 -49.46
CA GLN L 149 -14.39 18.81 -49.10
C GLN L 149 -12.89 18.98 -49.40
N SER L 150 -12.05 18.93 -48.38
CA SER L 150 -10.61 19.17 -48.48
C SER L 150 -9.92 18.23 -49.45
N ALA L 151 -10.37 16.97 -49.54
CA ALA L 151 -9.77 15.98 -50.42
C ALA L 151 -9.83 16.37 -51.91
N ASN L 152 -10.81 17.18 -52.30
CA ASN L 152 -10.96 17.69 -53.66
C ASN L 152 -10.18 18.99 -53.93
N MET L 153 -9.66 19.63 -52.88
CA MET L 153 -8.94 20.89 -53.01
C MET L 153 -7.49 20.66 -53.41
N ASP L 154 -6.96 21.53 -54.26
CA ASP L 154 -5.54 21.83 -54.39
C ASP L 154 -5.31 23.33 -54.28
N VAL L 155 -4.17 23.74 -53.76
CA VAL L 155 -3.75 25.14 -53.76
C VAL L 155 -2.41 25.25 -54.47
N LYS L 156 -2.35 26.04 -55.55
CA LYS L 156 -1.13 26.24 -56.34
C LYS L 156 -0.85 27.72 -56.53
N LEU L 157 0.40 28.10 -56.30
CA LEU L 157 0.87 29.44 -56.58
C LEU L 157 1.00 29.67 -58.10
N VAL L 158 0.76 30.90 -58.53
CA VAL L 158 0.67 31.33 -59.93
C VAL L 158 1.38 32.67 -60.06
N GLY L 159 2.67 32.63 -60.40
CA GLY L 159 3.55 33.77 -60.15
C GLY L 159 3.53 34.14 -58.68
N LYS L 160 3.32 35.43 -58.37
CA LYS L 160 3.12 35.92 -57.00
C LYS L 160 1.75 35.54 -56.41
N LYS L 161 0.76 35.19 -57.24
CA LYS L 161 -0.63 34.91 -56.84
C LYS L 161 -0.81 33.48 -56.32
N VAL L 162 -2.00 33.16 -55.81
CA VAL L 162 -2.41 31.79 -55.42
C VAL L 162 -3.78 31.42 -55.99
N VAL L 163 -3.92 30.19 -56.46
CA VAL L 163 -5.17 29.63 -56.94
C VAL L 163 -5.54 28.40 -56.14
N TYR L 164 -6.71 28.47 -55.52
CA TYR L 164 -7.42 27.33 -54.99
C TYR L 164 -8.09 26.61 -56.16
N ARG L 165 -7.46 25.54 -56.61
CA ARG L 165 -7.89 24.62 -57.66
C ARG L 165 -8.82 23.58 -57.03
N TYR L 166 -10.12 23.75 -57.16
CA TYR L 166 -11.07 22.79 -56.61
C TYR L 166 -11.55 21.80 -57.66
N GLN L 167 -11.18 20.54 -57.51
CA GLN L 167 -11.64 19.47 -58.38
C GLN L 167 -13.06 19.05 -57.98
N ARG L 168 -14.07 19.70 -58.54
CA ARG L 168 -15.44 19.22 -58.47
C ARG L 168 -15.64 18.16 -59.55
N ASP L 169 -15.67 16.90 -59.16
CA ASP L 169 -15.85 15.73 -60.04
C ASP L 169 -14.77 15.63 -61.13
N SER L 170 -14.96 16.27 -62.28
CA SER L 170 -14.02 16.36 -63.40
C SER L 170 -13.88 17.79 -63.92
N GLU L 171 -14.29 18.76 -63.10
CA GLU L 171 -14.33 20.18 -63.38
C GLU L 171 -13.50 20.94 -62.34
N TYR L 172 -12.90 22.03 -62.78
CA TYR L 172 -11.82 22.68 -62.04
C TYR L 172 -12.23 24.11 -61.69
N ALA L 173 -12.91 24.22 -60.57
CA ALA L 173 -13.39 25.49 -60.06
C ALA L 173 -12.23 26.21 -59.35
N ASP L 174 -11.74 27.27 -59.97
CA ASP L 174 -10.50 27.92 -59.57
C ASP L 174 -10.77 29.26 -58.91
N PHE L 175 -10.15 29.51 -57.76
CA PHE L 175 -10.51 30.63 -56.90
C PHE L 175 -9.32 31.35 -56.29
N SER L 176 -9.54 32.61 -55.96
CA SER L 176 -8.60 33.50 -55.30
C SER L 176 -8.63 33.38 -53.78
N GLN L 177 -7.62 33.96 -53.13
CA GLN L 177 -7.59 34.14 -51.68
C GLN L 177 -8.77 34.95 -51.13
N LYS L 178 -9.48 35.71 -51.98
CA LYS L 178 -10.60 36.59 -51.57
C LYS L 178 -11.95 35.89 -51.46
N GLU L 179 -12.05 34.64 -51.88
CA GLU L 179 -13.33 33.90 -51.90
C GLU L 179 -13.25 32.48 -51.33
N ILE L 180 -12.07 32.05 -50.87
CA ILE L 180 -11.88 30.81 -50.11
C ILE L 180 -11.26 31.11 -48.75
N PHE L 181 -11.85 30.62 -47.67
CA PHE L 181 -11.43 31.01 -46.32
C PHE L 181 -10.12 30.34 -45.84
N HIS L 182 -9.99 29.02 -46.06
CA HIS L 182 -8.82 28.19 -45.74
C HIS L 182 -8.24 28.32 -44.32
N LEU L 183 -8.69 27.47 -43.38
CA LEU L 183 -8.25 27.52 -41.97
C LEU L 183 -6.82 27.03 -41.70
N LYS L 184 -6.20 26.29 -42.62
CA LYS L 184 -4.75 26.04 -42.70
C LYS L 184 -4.05 25.71 -41.37
N GLY L 185 -4.00 24.43 -41.02
CA GLY L 185 -3.40 23.94 -39.77
C GLY L 185 -1.86 23.89 -39.75
N PHE L 186 -1.33 23.18 -38.75
CA PHE L 186 0.10 22.96 -38.46
C PHE L 186 0.92 22.44 -39.65
N GLY L 187 1.97 23.15 -40.07
CA GLY L 187 2.83 22.73 -41.17
C GLY L 187 4.02 23.66 -41.47
N PHE L 188 5.09 23.12 -42.07
CA PHE L 188 6.36 23.82 -42.27
C PHE L 188 6.33 25.02 -43.22
N THR L 189 5.43 25.03 -44.21
CA THR L 189 5.46 26.01 -45.31
C THR L 189 4.73 27.31 -45.02
N GLY L 190 3.79 27.29 -44.06
CA GLY L 190 2.80 28.37 -43.91
C GLY L 190 1.77 28.43 -45.06
N LEU L 191 1.81 27.49 -46.00
CA LEU L 191 0.90 27.43 -47.15
C LEU L 191 -0.16 26.33 -47.03
N VAL L 192 0.13 25.25 -46.30
CA VAL L 192 -0.85 24.21 -45.92
C VAL L 192 -0.45 23.57 -44.59
N GLY L 193 -1.43 23.04 -43.87
CA GLY L 193 -1.16 22.12 -42.77
C GLY L 193 -0.80 20.72 -43.28
N LEU L 194 0.02 19.99 -42.52
CA LEU L 194 0.30 18.57 -42.73
C LEU L 194 -0.93 17.75 -42.37
N SER L 195 -1.33 16.83 -43.23
CA SER L 195 -2.56 16.06 -43.06
C SER L 195 -2.35 14.90 -42.08
N PRO L 196 -2.84 14.94 -40.82
CA PRO L 196 -2.35 14.04 -39.78
C PRO L 196 -2.63 12.57 -40.09
N ILE L 197 -3.76 12.31 -40.72
CA ILE L 197 -4.12 10.99 -41.24
C ILE L 197 -3.00 10.38 -42.09
N ALA L 198 -2.32 11.19 -42.91
CA ALA L 198 -1.27 10.70 -43.78
C ALA L 198 -0.06 10.19 -42.99
N PHE L 199 0.19 10.73 -41.80
CA PHE L 199 1.30 10.31 -40.97
C PHE L 199 0.91 9.14 -40.08
N ALA L 200 -0.30 9.15 -39.54
CA ALA L 200 -0.80 8.12 -38.65
C ALA L 200 -0.93 6.73 -39.30
N CYS L 201 -0.89 6.66 -40.63
CA CYS L 201 -1.13 5.45 -41.40
C CYS L 201 -0.38 4.20 -40.90
N LYS L 202 0.86 4.32 -40.42
CA LYS L 202 1.65 3.16 -40.00
C LYS L 202 1.18 2.58 -38.67
N SER L 203 1.07 3.40 -37.62
CA SER L 203 0.55 2.92 -36.34
C SER L 203 -0.88 2.40 -36.50
N ALA L 204 -1.69 3.08 -37.30
CA ALA L 204 -3.00 2.57 -37.66
C ALA L 204 -2.89 1.19 -38.31
N GLY L 205 -1.96 1.01 -39.25
CA GLY L 205 -1.69 -0.28 -39.88
C GLY L 205 -1.42 -1.38 -38.86
N VAL L 206 -0.59 -1.11 -37.87
CA VAL L 206 -0.34 -2.05 -36.76
C VAL L 206 -1.65 -2.36 -36.07
N ALA L 207 -2.41 -1.33 -35.71
CA ALA L 207 -3.63 -1.51 -34.95
C ALA L 207 -4.64 -2.39 -35.69
N VAL L 208 -4.89 -2.11 -36.97
CA VAL L 208 -5.83 -2.93 -37.72
C VAL L 208 -5.30 -4.34 -37.94
N ALA L 209 -4.00 -4.55 -38.05
CA ALA L 209 -3.48 -5.90 -38.17
C ALA L 209 -3.83 -6.72 -36.93
N MET L 210 -3.63 -6.15 -35.74
CA MET L 210 -4.03 -6.80 -34.50
C MET L 210 -5.54 -7.01 -34.47
N GLU L 211 -6.31 -5.99 -34.80
CA GLU L 211 -7.75 -6.04 -34.68
C GLU L 211 -8.36 -7.13 -35.57
N ASP L 212 -7.92 -7.22 -36.82
CA ASP L 212 -8.34 -8.28 -37.73
C ASP L 212 -7.96 -9.66 -37.19
N GLN L 213 -6.75 -9.81 -36.67
CA GLN L 213 -6.32 -11.07 -36.11
C GLN L 213 -7.19 -11.45 -34.91
N GLN L 214 -7.41 -10.50 -34.01
CA GLN L 214 -8.22 -10.71 -32.81
C GLN L 214 -9.62 -11.17 -33.19
N ARG L 215 -10.24 -10.52 -34.17
CA ARG L 215 -11.53 -10.95 -34.71
C ARG L 215 -11.44 -12.38 -35.18
N ASP L 216 -10.55 -12.62 -36.13
CA ASP L 216 -10.60 -13.83 -36.93
C ASP L 216 -10.26 -15.05 -36.09
N PHE L 217 -9.44 -14.90 -35.06
CA PHE L 217 -9.19 -15.96 -34.12
C PHE L 217 -10.47 -16.42 -33.41
N PHE L 218 -11.23 -15.48 -32.84
CA PHE L 218 -12.51 -15.82 -32.23
C PHE L 218 -13.57 -16.22 -33.25
N ALA L 219 -13.52 -15.70 -34.47
CA ALA L 219 -14.44 -16.10 -35.52
C ALA L 219 -14.25 -17.57 -35.92
N ASN L 220 -13.01 -18.06 -35.92
CA ASN L 220 -12.69 -19.47 -36.03
C ASN L 220 -12.85 -20.23 -34.70
N GLY L 221 -13.59 -19.68 -33.74
CA GLY L 221 -13.86 -20.31 -32.45
C GLY L 221 -12.61 -20.65 -31.63
N ALA L 222 -11.49 -19.97 -31.89
CA ALA L 222 -10.19 -20.30 -31.33
C ALA L 222 -9.75 -21.77 -31.54
N LYS L 223 -10.24 -22.41 -32.60
CA LYS L 223 -9.72 -23.70 -33.08
C LYS L 223 -8.33 -23.48 -33.65
N SER L 224 -7.31 -24.18 -33.15
CA SER L 224 -5.93 -23.95 -33.58
C SER L 224 -5.71 -24.36 -35.05
N PRO L 225 -4.90 -23.62 -35.83
CA PRO L 225 -4.41 -24.10 -37.11
C PRO L 225 -3.46 -25.27 -36.88
N GLN L 226 -3.61 -26.34 -37.66
CA GLN L 226 -2.84 -27.56 -37.49
C GLN L 226 -1.97 -27.86 -38.71
N ILE L 227 -0.70 -28.20 -38.49
CA ILE L 227 0.10 -28.91 -39.48
C ILE L 227 -0.37 -30.36 -39.50
N LEU L 228 -1.10 -30.69 -40.56
CA LEU L 228 -1.55 -32.02 -40.89
C LEU L 228 -0.34 -32.89 -41.25
N SER L 229 -0.24 -34.10 -40.70
CA SER L 229 0.92 -34.99 -40.89
C SER L 229 0.58 -36.44 -40.55
N THR L 230 1.37 -37.41 -41.05
CA THR L 230 1.12 -38.86 -40.88
C THR L 230 2.39 -39.70 -40.70
N GLY L 231 3.37 -39.54 -41.58
CA GLY L 231 4.47 -40.50 -41.75
C GLY L 231 4.73 -40.77 -43.23
N GLU L 232 4.71 -42.04 -43.64
CA GLU L 232 5.22 -42.50 -44.94
C GLU L 232 4.33 -43.52 -45.67
N LYS L 233 3.09 -43.73 -45.22
CA LYS L 233 2.13 -44.63 -45.90
C LYS L 233 1.80 -44.13 -47.31
N VAL L 234 1.72 -45.03 -48.28
CA VAL L 234 1.15 -44.73 -49.61
C VAL L 234 -0.26 -44.18 -49.47
N LEU L 235 -0.52 -43.00 -50.00
CA LEU L 235 -1.84 -42.41 -50.05
C LEU L 235 -2.36 -42.44 -51.48
N THR L 236 -3.55 -43.00 -51.69
CA THR L 236 -4.26 -42.78 -52.95
C THR L 236 -4.63 -41.29 -53.05
N GLU L 237 -4.75 -40.74 -54.25
CA GLU L 237 -5.20 -39.35 -54.41
C GLU L 237 -6.68 -39.19 -54.01
N GLN L 238 -7.46 -40.28 -54.09
CA GLN L 238 -8.79 -40.37 -53.50
C GLN L 238 -8.74 -40.14 -51.99
N GLN L 239 -7.82 -40.80 -51.28
CA GLN L 239 -7.61 -40.56 -49.84
C GLN L 239 -7.28 -39.08 -49.62
N ARG L 240 -6.30 -38.55 -50.36
CA ARG L 240 -5.88 -37.14 -50.25
C ARG L 240 -7.04 -36.16 -50.50
N SER L 241 -7.92 -36.45 -51.46
CA SER L 241 -9.10 -35.64 -51.75
C SER L 241 -10.04 -35.52 -50.55
N GLN L 242 -10.09 -36.52 -49.68
CA GLN L 242 -10.96 -36.44 -48.52
C GLN L 242 -10.49 -35.42 -47.49
N VAL L 243 -9.24 -34.97 -47.51
CA VAL L 243 -8.84 -33.79 -46.73
C VAL L 243 -9.76 -32.62 -47.07
N GLU L 244 -9.93 -32.36 -48.36
CA GLU L 244 -10.81 -31.30 -48.83
C GLU L 244 -12.26 -31.61 -48.52
N GLU L 245 -12.68 -32.84 -48.82
CA GLU L 245 -14.06 -33.26 -48.69
C GLU L 245 -14.52 -33.19 -47.22
N ASN L 246 -13.76 -33.80 -46.34
CA ASN L 246 -14.06 -33.92 -44.92
C ASN L 246 -14.02 -32.56 -44.22
N PHE L 247 -13.04 -31.71 -44.55
CA PHE L 247 -12.66 -30.61 -43.65
C PHE L 247 -13.45 -29.32 -43.90
N LYS L 248 -12.75 -28.20 -44.09
CA LYS L 248 -13.19 -26.79 -43.95
C LYS L 248 -13.82 -26.37 -42.61
N GLU L 249 -14.34 -27.30 -41.79
CA GLU L 249 -14.91 -26.97 -40.47
C GLU L 249 -13.87 -26.69 -39.36
N ILE L 250 -12.60 -27.07 -39.52
CA ILE L 250 -11.50 -26.67 -38.61
C ILE L 250 -11.42 -25.13 -38.52
N ALA L 251 -11.56 -24.44 -39.65
CA ALA L 251 -11.82 -23.00 -39.67
C ALA L 251 -13.31 -22.71 -39.33
N GLY L 252 -14.23 -23.21 -40.17
CA GLY L 252 -15.63 -22.80 -40.23
C GLY L 252 -16.50 -23.19 -39.02
N GLY L 253 -17.37 -24.18 -39.24
CA GLY L 253 -18.57 -24.41 -38.43
C GLY L 253 -18.37 -24.88 -36.99
N PRO L 254 -19.48 -25.14 -36.29
CA PRO L 254 -19.50 -25.51 -34.86
C PRO L 254 -19.07 -26.96 -34.60
N VAL L 255 -18.78 -27.74 -35.63
CA VAL L 255 -18.53 -29.19 -35.55
C VAL L 255 -17.32 -29.47 -34.64
N LYS L 256 -17.57 -29.90 -33.39
CA LYS L 256 -16.52 -29.99 -32.35
C LYS L 256 -15.64 -31.22 -32.51
N LYS L 257 -16.26 -32.39 -32.66
CA LYS L 257 -15.62 -33.70 -32.48
C LYS L 257 -15.15 -34.35 -33.77
N ARG L 258 -15.88 -34.09 -34.86
CA ARG L 258 -15.99 -35.06 -35.96
C ARG L 258 -14.83 -35.10 -36.95
N LEU L 259 -13.90 -34.15 -36.89
CA LEU L 259 -12.90 -33.86 -37.90
C LEU L 259 -12.07 -35.11 -38.26
N TRP L 260 -12.47 -35.75 -39.36
CA TRP L 260 -12.08 -37.09 -39.80
C TRP L 260 -10.56 -37.33 -39.94
N ILE L 261 -10.19 -38.59 -40.17
CA ILE L 261 -8.98 -38.94 -40.89
C ILE L 261 -9.24 -39.99 -41.98
N LEU L 262 -8.30 -40.06 -42.91
CA LEU L 262 -8.02 -41.25 -43.72
C LEU L 262 -7.29 -42.31 -42.90
N GLU L 263 -7.16 -43.52 -43.44
CA GLU L 263 -6.48 -44.71 -42.88
C GLU L 263 -4.95 -44.58 -42.65
N ALA L 264 -4.48 -43.50 -42.03
CA ALA L 264 -3.05 -43.18 -41.87
C ALA L 264 -2.67 -42.66 -40.46
N GLY L 265 -3.57 -42.75 -39.49
CA GLY L 265 -3.31 -42.47 -38.07
C GLY L 265 -3.17 -41.01 -37.69
N PHE L 266 -2.36 -40.26 -38.43
CA PHE L 266 -2.05 -38.84 -38.28
C PHE L 266 -1.30 -38.46 -36.98
N SER L 267 -0.57 -37.34 -37.03
CA SER L 267 0.45 -36.99 -36.04
C SER L 267 0.60 -35.46 -35.85
N THR L 268 -0.50 -34.72 -36.00
CA THR L 268 -0.50 -33.26 -36.21
C THR L 268 0.01 -32.44 -35.02
N SER L 269 0.27 -31.16 -35.24
CA SER L 269 0.53 -30.18 -34.19
C SER L 269 0.03 -28.78 -34.58
N ALA L 270 -0.12 -27.89 -33.59
CA ALA L 270 -0.59 -26.53 -33.80
C ALA L 270 0.49 -25.64 -34.46
N ILE L 271 0.07 -24.50 -35.03
CA ILE L 271 0.97 -23.55 -35.71
C ILE L 271 0.99 -22.15 -35.07
N GLY L 272 -0.18 -21.56 -34.78
CA GLY L 272 -0.27 -20.19 -34.23
C GLY L 272 0.15 -20.10 -32.77
N VAL L 273 0.73 -18.97 -32.34
CA VAL L 273 1.38 -18.88 -31.01
C VAL L 273 0.44 -18.78 -29.81
N THR L 274 -0.88 -18.64 -30.03
CA THR L 274 -1.91 -18.36 -29.00
C THR L 274 -1.78 -16.95 -28.41
N PRO L 275 -2.88 -16.25 -28.08
CA PRO L 275 -2.83 -15.00 -27.32
C PRO L 275 -2.33 -15.14 -25.87
N GLN L 276 -1.73 -16.26 -25.50
CA GLN L 276 -0.72 -16.27 -24.45
C GLN L 276 0.47 -15.38 -24.81
N ASP L 277 0.66 -15.05 -26.08
CA ASP L 277 1.32 -13.82 -26.48
C ASP L 277 0.62 -12.61 -25.88
N ALA L 278 1.28 -12.00 -24.89
CA ALA L 278 0.77 -10.87 -24.14
C ALA L 278 0.42 -9.67 -25.02
N GLU L 279 1.07 -9.48 -26.16
CA GLU L 279 0.75 -8.35 -27.03
C GLU L 279 -0.72 -8.34 -27.45
N MET L 280 -1.35 -9.51 -27.60
CA MET L 280 -2.75 -9.54 -27.99
C MET L 280 -3.68 -8.96 -26.91
N MET L 281 -3.14 -8.63 -25.74
CA MET L 281 -3.76 -7.66 -24.85
C MET L 281 -2.94 -6.38 -24.70
N ALA L 282 -1.72 -6.50 -24.20
CA ALA L 282 -0.88 -5.37 -23.85
C ALA L 282 -0.72 -4.40 -25.01
N SER L 283 -0.51 -4.89 -26.22
CA SER L 283 -0.33 -4.03 -27.37
C SER L 283 -1.61 -3.31 -27.75
N ARG L 284 -2.75 -3.98 -27.60
CA ARG L 284 -4.05 -3.37 -27.89
C ARG L 284 -4.20 -2.11 -27.07
N LYS L 285 -3.91 -2.20 -25.77
CA LYS L 285 -3.87 -1.04 -24.90
C LYS L 285 -2.83 -0.04 -25.38
N PHE L 286 -1.60 -0.47 -25.55
CA PHE L 286 -0.50 0.43 -25.86
C PHE L 286 -0.76 1.29 -27.09
N GLN L 287 -1.33 0.71 -28.15
CA GLN L 287 -1.60 1.43 -29.38
C GLN L 287 -2.53 2.62 -29.19
N VAL L 288 -3.39 2.60 -28.19
CA VAL L 288 -4.24 3.77 -27.91
C VAL L 288 -3.39 5.01 -27.73
N SER L 289 -2.26 4.91 -27.03
CA SER L 289 -1.38 6.06 -26.84
C SER L 289 -0.81 6.54 -28.17
N GLU L 290 -0.44 5.62 -29.05
CA GLU L 290 0.15 5.96 -30.32
C GLU L 290 -0.81 6.80 -31.15
N LEU L 291 -2.06 6.38 -31.19
CA LEU L 291 -3.07 7.08 -31.95
C LEU L 291 -3.40 8.42 -31.28
N ALA L 292 -3.57 8.44 -29.96
CA ALA L 292 -3.83 9.67 -29.23
C ALA L 292 -2.76 10.72 -29.49
N ARG L 293 -1.50 10.32 -29.60
CA ARG L 293 -0.40 11.25 -29.81
C ARG L 293 -0.50 12.02 -31.12
N PHE L 294 -1.18 11.53 -32.15
CA PHE L 294 -1.40 12.35 -33.34
C PHE L 294 -2.35 13.52 -33.12
N PHE L 295 -3.20 13.44 -32.10
CA PHE L 295 -4.17 14.49 -31.77
C PHE L 295 -3.82 15.26 -30.49
N GLY L 296 -2.92 14.72 -29.67
CA GLY L 296 -2.49 15.37 -28.43
C GLY L 296 -3.55 15.36 -27.34
N VAL L 297 -4.29 14.26 -27.19
CA VAL L 297 -5.38 14.14 -26.22
C VAL L 297 -4.92 13.41 -24.96
N PRO L 298 -5.12 13.97 -23.77
CA PRO L 298 -4.79 13.31 -22.52
C PRO L 298 -5.51 11.96 -22.36
N PRO L 299 -4.78 10.83 -22.28
CA PRO L 299 -5.39 9.51 -22.41
C PRO L 299 -6.40 9.14 -21.33
N HIS L 300 -6.40 9.79 -20.17
CA HIS L 300 -7.45 9.56 -19.17
C HIS L 300 -8.82 10.06 -19.63
N LEU L 301 -8.88 11.03 -20.54
CA LEU L 301 -10.13 11.43 -21.20
C LEU L 301 -10.59 10.36 -22.19
N VAL L 302 -9.67 9.58 -22.72
CA VAL L 302 -9.92 8.55 -23.74
C VAL L 302 -10.36 7.24 -23.10
N GLY L 303 -9.67 6.79 -22.05
CA GLY L 303 -10.09 5.61 -21.27
C GLY L 303 -9.00 4.84 -20.51
N ASP L 304 -7.74 5.24 -20.56
CA ASP L 304 -6.63 4.44 -20.02
C ASP L 304 -6.45 4.48 -18.51
N VAL L 305 -5.92 3.37 -17.96
CA VAL L 305 -5.61 3.16 -16.53
C VAL L 305 -6.85 3.39 -15.65
N GLU L 306 -6.95 4.56 -15.03
CA GLU L 306 -8.17 5.06 -14.38
C GLU L 306 -8.37 6.55 -14.71
N LYS L 307 -7.66 7.42 -13.98
CA LYS L 307 -7.87 8.87 -13.88
C LYS L 307 -6.52 9.59 -13.67
N SER L 308 -6.47 10.90 -13.85
CA SER L 308 -5.21 11.68 -13.93
C SER L 308 -4.43 11.75 -12.60
N THR L 309 -3.58 10.75 -12.37
CA THR L 309 -3.05 10.35 -11.04
C THR L 309 -2.30 11.42 -10.22
N SER L 310 -1.55 12.34 -10.84
CA SER L 310 -0.68 13.31 -10.12
C SER L 310 -0.34 14.49 -11.03
N TRP L 311 -1.25 15.46 -11.06
CA TRP L 311 -1.45 16.36 -12.22
C TRP L 311 -2.34 17.57 -11.91
N GLY L 312 -3.38 17.32 -11.11
CA GLY L 312 -4.33 18.30 -10.59
C GLY L 312 -5.49 17.54 -9.93
N SER L 313 -6.07 18.08 -8.87
CA SER L 313 -7.07 17.35 -8.06
C SER L 313 -8.49 17.46 -8.65
N GLY L 314 -9.06 18.66 -8.60
CA GLY L 314 -10.43 18.93 -8.99
C GLY L 314 -10.61 19.11 -10.49
N ILE L 315 -11.87 19.04 -10.90
CA ILE L 315 -12.28 19.08 -12.30
C ILE L 315 -11.73 20.31 -13.04
N GLU L 316 -11.69 21.46 -12.37
CA GLU L 316 -11.17 22.69 -12.95
C GLU L 316 -9.72 22.52 -13.40
N GLN L 317 -8.88 21.86 -12.61
CA GLN L 317 -7.50 21.64 -13.01
C GLN L 317 -7.42 20.76 -14.25
N GLN L 318 -8.29 19.77 -14.37
CA GLN L 318 -8.30 18.93 -15.56
C GLN L 318 -8.65 19.77 -16.77
N ASN L 319 -9.66 20.62 -16.63
CA ASN L 319 -10.11 21.47 -17.72
C ASN L 319 -9.02 22.45 -18.13
N LEU L 320 -8.38 23.10 -17.16
CA LEU L 320 -7.26 24.00 -17.41
C LEU L 320 -6.15 23.30 -18.19
N GLY L 321 -5.77 22.10 -17.76
CA GLY L 321 -4.76 21.31 -18.45
C GLY L 321 -5.19 21.01 -19.88
N PHE L 322 -6.41 20.52 -20.05
CA PHE L 322 -6.90 20.17 -21.38
C PHE L 322 -6.98 21.37 -22.31
N LEU L 323 -7.39 22.52 -21.79
CA LEU L 323 -7.37 23.76 -22.54
C LEU L 323 -5.95 24.09 -22.97
N GLN L 324 -5.04 24.26 -22.03
CA GLN L 324 -3.72 24.80 -22.31
C GLN L 324 -2.91 23.88 -23.22
N TYR L 325 -2.92 22.57 -22.96
CA TYR L 325 -2.07 21.64 -23.68
C TYR L 325 -2.71 21.04 -24.93
N THR L 326 -4.00 21.27 -25.18
CA THR L 326 -4.70 20.64 -26.32
C THR L 326 -5.68 21.58 -27.03
N LEU L 327 -6.59 22.23 -26.31
CA LEU L 327 -7.70 22.92 -26.98
C LEU L 327 -7.33 24.32 -27.49
N GLN L 328 -6.47 25.03 -26.78
CA GLN L 328 -6.11 26.42 -27.07
C GLN L 328 -5.78 26.74 -28.54
N PRO L 329 -5.05 25.90 -29.30
CA PRO L 329 -4.60 26.27 -30.64
C PRO L 329 -5.74 26.55 -31.58
N TYR L 330 -6.79 25.74 -31.52
CA TYR L 330 -7.94 25.86 -32.38
C TYR L 330 -8.65 27.18 -32.18
N ILE L 331 -8.75 27.62 -30.93
CA ILE L 331 -9.33 28.91 -30.58
C ILE L 331 -8.58 30.01 -31.33
N SER L 332 -7.26 30.00 -31.23
CA SER L 332 -6.42 30.97 -31.90
C SER L 332 -6.56 30.89 -33.41
N ARG L 333 -6.55 29.68 -33.99
CA ARG L 333 -6.69 29.50 -35.44
C ARG L 333 -7.98 30.13 -35.92
N TRP L 334 -9.11 29.83 -35.30
CA TRP L 334 -10.39 30.44 -35.65
C TRP L 334 -10.31 31.95 -35.52
N GLU L 335 -10.02 32.44 -34.32
CA GLU L 335 -10.10 33.87 -34.04
C GLU L 335 -9.17 34.68 -34.93
N ASN L 336 -7.93 34.23 -35.09
CA ASN L 336 -7.00 34.95 -35.95
C ASN L 336 -7.41 34.86 -37.41
N SER L 337 -7.91 33.73 -37.91
CA SER L 337 -8.35 33.66 -39.31
C SER L 337 -9.47 34.65 -39.59
N ILE L 338 -10.42 34.75 -38.68
CA ILE L 338 -11.51 35.71 -38.80
C ILE L 338 -10.93 37.11 -38.90
N GLN L 339 -10.02 37.45 -37.99
CA GLN L 339 -9.38 38.76 -37.98
C GLN L 339 -8.54 39.01 -39.26
N ARG L 340 -7.92 37.98 -39.80
CA ARG L 340 -6.98 38.08 -40.93
C ARG L 340 -7.67 38.22 -42.28
N TRP L 341 -8.88 37.70 -42.42
CA TRP L 341 -9.55 37.60 -43.72
C TRP L 341 -10.97 38.13 -43.75
N LEU L 342 -11.74 38.00 -42.67
CA LEU L 342 -13.17 38.31 -42.71
C LEU L 342 -13.45 39.74 -42.27
N ILE L 343 -12.79 40.22 -41.23
CA ILE L 343 -12.93 41.61 -40.80
C ILE L 343 -12.19 42.51 -41.81
N PRO L 344 -12.80 43.59 -42.33
CA PRO L 344 -12.12 44.54 -43.22
C PRO L 344 -10.98 45.28 -42.52
N SER L 345 -9.92 45.61 -43.25
CA SER L 345 -8.70 46.21 -42.70
C SER L 345 -8.95 47.52 -41.93
N LYS L 346 -9.89 48.35 -42.38
CA LYS L 346 -10.31 49.59 -41.68
C LYS L 346 -10.95 49.37 -40.30
N ASP L 347 -11.49 48.18 -40.06
CA ASP L 347 -12.19 47.81 -38.81
C ASP L 347 -11.31 47.01 -37.86
N VAL L 348 -10.10 46.63 -38.28
CA VAL L 348 -9.10 46.01 -37.41
C VAL L 348 -8.81 46.90 -36.20
N GLY L 349 -8.72 46.28 -35.03
CA GLY L 349 -8.64 46.98 -33.75
C GLY L 349 -9.99 47.44 -33.22
N ARG L 350 -10.90 47.94 -34.06
CA ARG L 350 -12.26 48.26 -33.62
C ARG L 350 -13.07 47.00 -33.38
N LEU L 351 -13.08 46.09 -34.34
CA LEU L 351 -13.90 44.90 -34.30
C LEU L 351 -13.05 43.70 -33.97
N HIS L 352 -13.58 42.86 -33.10
CA HIS L 352 -12.86 41.74 -32.52
C HIS L 352 -13.81 40.59 -32.19
N ALA L 353 -13.32 39.36 -32.10
CA ALA L 353 -14.15 38.20 -31.77
C ALA L 353 -13.46 37.27 -30.78
N GLU L 354 -14.22 36.74 -29.82
CA GLU L 354 -13.72 35.77 -28.84
C GLU L 354 -14.67 34.63 -28.57
N HIS L 355 -14.13 33.41 -28.47
CA HIS L 355 -14.81 32.34 -27.78
C HIS L 355 -14.87 32.62 -26.27
N ASN L 356 -15.91 32.13 -25.61
CA ASN L 356 -16.08 32.19 -24.17
C ASN L 356 -15.67 30.86 -23.53
N LEU L 357 -14.77 30.92 -22.56
CA LEU L 357 -14.17 29.76 -21.91
C LEU L 357 -14.89 29.33 -20.63
N ASP L 358 -15.79 30.15 -20.10
CA ASP L 358 -16.38 29.92 -18.78
C ASP L 358 -17.16 28.62 -18.70
N GLY L 359 -17.75 28.16 -19.80
CA GLY L 359 -18.43 26.87 -19.87
C GLY L 359 -17.50 25.69 -19.54
N LEU L 360 -16.19 25.81 -19.76
CA LEU L 360 -15.21 24.83 -19.28
C LEU L 360 -14.65 25.24 -17.92
N LEU L 361 -14.29 26.51 -17.75
CA LEU L 361 -13.62 26.97 -16.53
C LEU L 361 -14.54 27.00 -15.30
N ARG L 362 -15.84 26.76 -15.48
CA ARG L 362 -16.83 26.57 -14.42
C ARG L 362 -16.37 25.56 -13.37
N GLY L 363 -16.03 26.06 -12.19
CA GLY L 363 -15.85 25.24 -10.99
C GLY L 363 -17.18 24.83 -10.36
N ASP L 364 -17.12 24.07 -9.29
CA ASP L 364 -18.31 23.64 -8.55
C ASP L 364 -19.00 24.80 -7.79
N SER L 365 -20.18 24.53 -7.27
CA SER L 365 -20.95 25.44 -6.43
C SER L 365 -20.15 26.03 -5.28
N ALA L 366 -19.40 25.23 -4.53
CA ALA L 366 -18.66 25.72 -3.38
C ALA L 366 -17.57 26.68 -3.81
N SER L 367 -16.75 26.30 -4.80
CA SER L 367 -15.67 27.15 -5.27
C SER L 367 -16.21 28.43 -5.89
N ARG L 368 -17.26 28.37 -6.71
CA ARG L 368 -17.82 29.59 -7.30
C ARG L 368 -18.47 30.50 -6.25
N ALA L 369 -19.11 29.94 -5.23
CA ALA L 369 -19.59 30.74 -4.11
C ALA L 369 -18.44 31.44 -3.39
N ALA L 370 -17.39 30.69 -3.04
CA ALA L 370 -16.22 31.26 -2.39
C ALA L 370 -15.57 32.36 -3.25
N PHE L 371 -15.46 32.13 -4.56
CA PHE L 371 -14.96 33.11 -5.49
C PHE L 371 -15.78 34.39 -5.47
N MET L 372 -17.10 34.29 -5.65
CA MET L 372 -17.96 35.48 -5.66
C MET L 372 -17.88 36.21 -4.32
N LYS L 373 -17.84 35.49 -3.20
CA LYS L 373 -17.67 36.11 -1.88
C LYS L 373 -16.35 36.87 -1.79
N ALA L 374 -15.28 36.32 -2.37
CA ALA L 374 -13.99 37.01 -2.44
C ALA L 374 -14.03 38.28 -3.30
N MET L 375 -15.01 38.45 -4.19
CA MET L 375 -15.24 39.72 -4.88
C MET L 375 -15.97 40.75 -4.03
N GLY L 376 -16.61 40.33 -2.92
CA GLY L 376 -17.48 41.14 -2.07
C GLY L 376 -16.76 42.34 -1.47
N GLU L 377 -16.02 42.15 -0.38
CA GLU L 377 -14.86 43.03 -0.15
C GLU L 377 -13.83 42.75 -1.25
N SER L 378 -12.84 43.62 -1.42
CA SER L 378 -12.15 43.89 -2.70
C SER L 378 -13.02 44.63 -3.71
N GLY L 379 -14.32 44.34 -3.76
CA GLY L 379 -15.27 45.06 -4.61
C GLY L 379 -15.04 44.83 -6.10
N LEU L 380 -14.35 43.77 -6.48
CA LEU L 380 -14.01 43.47 -7.88
C LEU L 380 -15.24 43.25 -8.79
N ARG L 381 -16.44 43.08 -8.25
CA ARG L 381 -17.71 43.23 -8.97
C ARG L 381 -18.80 43.85 -8.11
N THR L 382 -19.73 44.51 -8.78
CA THR L 382 -21.09 44.79 -8.28
C THR L 382 -21.94 43.54 -8.30
N ILE L 383 -23.02 43.55 -7.52
CA ILE L 383 -24.00 42.47 -7.52
C ILE L 383 -24.60 42.33 -8.92
N ASN L 384 -24.87 43.42 -9.61
CA ASN L 384 -25.39 43.39 -10.97
C ASN L 384 -24.49 42.65 -11.94
N GLU L 385 -23.18 42.91 -11.91
CA GLU L 385 -22.26 42.19 -12.80
C GLU L 385 -22.27 40.69 -12.51
N MET L 386 -22.25 40.31 -11.24
CA MET L 386 -22.34 38.89 -10.89
C MET L 386 -23.68 38.29 -11.30
N ARG L 387 -24.80 38.98 -11.08
CA ARG L 387 -26.12 38.55 -11.56
C ARG L 387 -26.18 38.43 -13.07
N ARG L 388 -25.37 39.21 -13.81
CA ARG L 388 -25.32 39.08 -15.26
C ARG L 388 -24.66 37.76 -15.67
N THR L 389 -23.71 37.24 -14.89
CA THR L 389 -23.04 35.98 -15.21
C THR L 389 -23.97 34.78 -15.22
N ASP L 390 -25.09 34.85 -14.50
CA ASP L 390 -26.09 33.78 -14.41
C ASP L 390 -27.50 34.31 -14.75
N ASN L 391 -27.56 35.40 -15.51
CA ASN L 391 -28.77 36.05 -16.04
C ASN L 391 -29.88 36.31 -15.00
N MET L 392 -29.52 36.44 -13.72
CA MET L 392 -30.44 36.89 -12.68
C MET L 392 -30.86 38.35 -12.92
N PRO L 393 -32.10 38.75 -12.58
CA PRO L 393 -32.53 40.13 -12.74
C PRO L 393 -31.67 41.12 -11.95
N PRO L 394 -31.29 42.26 -12.53
CA PRO L 394 -30.51 43.29 -11.85
C PRO L 394 -31.29 43.90 -10.67
N LEU L 395 -30.56 44.49 -9.75
CA LEU L 395 -31.01 44.87 -8.41
C LEU L 395 -30.19 46.08 -7.92
N PRO L 396 -30.73 47.04 -7.14
CA PRO L 396 -30.03 48.29 -6.83
C PRO L 396 -28.66 48.09 -6.16
N GLY L 397 -27.59 48.49 -6.85
CA GLY L 397 -26.20 48.33 -6.42
C GLY L 397 -25.17 48.70 -7.49
#